data_7Z11
#
_entry.id   7Z11
#
_cell.length_a   1.00
_cell.length_b   1.00
_cell.length_c   1.00
_cell.angle_alpha   90.00
_cell.angle_beta   90.00
_cell.angle_gamma   90.00
#
_symmetry.space_group_name_H-M   'P 1'
#
loop_
_entity.id
_entity.type
_entity.pdbx_description
1 polymer 'ATPase family gene 2 protein'
2 polymer 'peptide substrate'
3 non-polymer 'PHOSPHOTHIOPHOSPHORIC ACID-ADENYLATE ESTER'
#
loop_
_entity_poly.entity_id
_entity_poly.type
_entity_poly.pdbx_seq_one_letter_code
_entity_poly.pdbx_strand_id
1 'polypeptide(L)'
;MAPKSSSSGSKKKSSASSNSADAKASKFKLPAEFITRPHPSKDHGKETCTAYIHPNVLSSLEINPGSFCTVGKIGENGIL
VIARAGDEEVHPVNVITLSTTIRSVGNLILGDRLELKKAQVQPPYATKVTVGSLQGYNILECMEEKVIQKLLDDSGVIMP
GMIFQNLKTKAGDESIDVVITDASDDSLPDVSQLDLNMDDMYGGLDNLFYLSPPFIFRKGSTHITFSKETQANRKYNLPE
PLSYAAVGGLDKEIESLKSAIEIPLHQPTLFSSFGVSPPRGILLHGPPGTGKTMLLRVVANTSNAHVLTINGPSIVSKYL
GETEAALRDIFNEARKYQPSIIFIDEIDSIAPNRANDDSGEVESRVVATLLTLMDGMGAAGKVVVIAATNRPNSVDPALR
RPGRFDQEVEIGIPDVDARFDILTKQFSRMSSDRHVLDSEAIKYIASKTHGYVGADLTALCRESVMKTIQRGLGTDANID
KFSLKVTLKDVESAMVDIRPSAMREIFLEMPKVYWSDIGGQEELKTKMKEMIQLPLEASETFARLGISAPKGVLLYGPPG
CSKTLTAKALATESGINFLAVKGPEIFNKYVGESERAIREIFRKARSAAPSIIFFDEIDALSPDRDGSSTSAANHVLTSL
LNEIDGVEELKGVVIVAATNRPDEIDAALLRPGRLDRHIYVGPPDVNARLEILKKCTKKFNTEESGVDLHELADRTEGYS
GAEVVLLCQEAGLAAIMEDLDVAKVELRHFEKAFKGIARGITPEMLSYYEEFALRSGSSS
;
A,B,C,D,E,F
2 'polypeptide(L)'
;(UNK)(UNK)(UNK)(UNK)(UNK)(UNK)(UNK)(UNK)(UNK)(UNK)(UNK)(UNK)(UNK)(UNK)(UNK)(UNK)
(UNK)(UNK)(UNK)(UNK)
;
G
#
# COMPACT_ATOMS: atom_id res chain seq x y z
N LYS A 29 6.48 -25.35 48.57
CA LYS A 29 5.99 -25.16 47.19
C LYS A 29 4.66 -25.91 47.02
N LEU A 30 3.75 -25.32 46.24
CA LEU A 30 2.41 -25.86 46.09
C LEU A 30 1.86 -25.51 44.71
N PRO A 31 1.70 -26.48 43.80
CA PRO A 31 1.23 -26.16 42.46
C PRO A 31 -0.17 -25.54 42.49
N ALA A 32 -0.44 -24.71 41.48
CA ALA A 32 -1.70 -23.98 41.43
C ALA A 32 -2.85 -24.84 40.90
N GLU A 33 -2.60 -25.66 39.88
CA GLU A 33 -3.64 -26.47 39.26
C GLU A 33 -3.03 -27.84 38.93
N PHE A 34 -3.50 -28.87 39.60
CA PHE A 34 -2.94 -30.20 39.46
C PHE A 34 -3.52 -30.92 38.25
N ILE A 35 -2.85 -31.98 37.83
CA ILE A 35 -3.19 -32.72 36.62
C ILE A 35 -3.82 -34.06 36.99
N THR A 36 -4.89 -34.41 36.29
CA THR A 36 -5.57 -35.68 36.56
C THR A 36 -4.87 -36.84 35.85
N ARG A 37 -4.77 -37.96 36.55
CA ARG A 37 -4.35 -39.24 36.01
C ARG A 37 -5.18 -40.33 36.68
N PRO A 38 -5.13 -41.57 36.21
CA PRO A 38 -5.86 -42.63 36.89
C PRO A 38 -4.99 -43.33 37.94
N HIS A 39 -5.63 -43.74 39.02
CA HIS A 39 -4.95 -44.63 39.95
C HIS A 39 -4.91 -46.03 39.34
N PRO A 40 -3.73 -46.67 39.28
CA PRO A 40 -3.55 -47.74 38.29
C PRO A 40 -4.54 -48.88 38.42
N SER A 41 -5.11 -49.10 39.60
CA SER A 41 -6.02 -50.22 39.79
C SER A 41 -7.42 -49.87 39.29
N LYS A 42 -8.07 -50.82 38.65
CA LYS A 42 -9.46 -50.72 38.23
C LYS A 42 -10.23 -51.97 38.62
N ASP A 43 -9.98 -52.47 39.83
CA ASP A 43 -10.71 -53.61 40.36
C ASP A 43 -11.92 -53.21 41.19
N HIS A 44 -12.21 -51.91 41.29
CA HIS A 44 -13.32 -51.42 42.11
C HIS A 44 -13.13 -51.78 43.58
N GLY A 45 -11.89 -51.70 44.06
CA GLY A 45 -11.59 -51.98 45.45
C GLY A 45 -12.18 -50.94 46.39
N LYS A 46 -11.68 -50.97 47.62
CA LYS A 46 -12.12 -50.01 48.63
C LYS A 46 -11.79 -48.58 48.24
N GLU A 47 -10.82 -48.38 47.35
CA GLU A 47 -10.31 -47.06 47.00
C GLU A 47 -11.24 -46.28 46.06
N THR A 48 -12.35 -46.88 45.62
CA THR A 48 -13.14 -46.36 44.51
C THR A 48 -13.54 -44.89 44.66
N CYS A 49 -13.47 -44.35 45.88
CA CYS A 49 -13.84 -42.95 46.11
C CYS A 49 -12.72 -42.16 46.77
N THR A 50 -11.49 -42.65 46.73
CA THR A 50 -10.36 -41.93 47.30
C THR A 50 -9.64 -41.15 46.21
N ALA A 51 -8.84 -40.17 46.64
CA ALA A 51 -8.03 -39.34 45.74
C ALA A 51 -6.57 -39.45 46.17
N TYR A 52 -5.81 -40.31 45.50
CA TYR A 52 -4.39 -40.45 45.78
C TYR A 52 -3.68 -39.15 45.40
N ILE A 53 -2.97 -38.56 46.37
CA ILE A 53 -2.36 -37.25 46.20
C ILE A 53 -0.95 -37.25 46.78
N HIS A 54 -0.14 -36.30 46.33
CA HIS A 54 1.23 -36.19 46.80
C HIS A 54 1.26 -35.56 48.19
N PRO A 55 2.16 -36.02 49.08
CA PRO A 55 2.08 -35.57 50.49
C PRO A 55 2.09 -34.06 50.68
N ASN A 56 2.94 -33.34 49.93
CA ASN A 56 3.05 -31.89 50.14
C ASN A 56 1.73 -31.18 49.89
N VAL A 57 0.93 -31.67 48.95
CA VAL A 57 -0.33 -31.00 48.63
C VAL A 57 -1.29 -31.08 49.82
N LEU A 58 -1.45 -32.26 50.39
CA LEU A 58 -2.28 -32.40 51.58
C LEU A 58 -1.70 -31.62 52.76
N SER A 59 -0.41 -31.84 53.05
CA SER A 59 0.18 -31.26 54.25
C SER A 59 0.20 -29.74 54.18
N SER A 60 0.62 -29.17 53.06
CA SER A 60 0.70 -27.72 52.94
C SER A 60 -0.64 -27.05 53.19
N LEU A 61 -1.75 -27.74 52.92
CA LEU A 61 -3.08 -27.26 53.26
C LEU A 61 -3.59 -27.85 54.55
N GLU A 62 -2.77 -28.63 55.26
CA GLU A 62 -3.13 -29.23 56.55
C GLU A 62 -4.24 -30.28 56.40
N ILE A 63 -4.43 -30.79 55.19
CA ILE A 63 -5.27 -31.98 55.02
C ILE A 63 -4.48 -33.21 55.41
N ASN A 64 -5.19 -34.27 55.75
CA ASN A 64 -4.59 -35.49 56.29
C ASN A 64 -5.14 -36.70 55.55
N PRO A 65 -4.42 -37.82 55.57
CA PRO A 65 -4.92 -39.03 54.90
C PRO A 65 -6.24 -39.48 55.51
N GLY A 66 -7.20 -39.77 54.64
CA GLY A 66 -8.54 -40.13 55.05
C GLY A 66 -9.50 -38.96 55.12
N SER A 67 -9.00 -37.74 55.31
CA SER A 67 -9.87 -36.58 55.35
C SER A 67 -10.47 -36.31 53.98
N PHE A 68 -11.66 -35.72 53.98
CA PHE A 68 -12.35 -35.40 52.74
C PHE A 68 -11.87 -34.06 52.18
N CYS A 69 -11.87 -33.97 50.85
CA CYS A 69 -11.37 -32.78 50.15
C CYS A 69 -12.16 -32.61 48.87
N THR A 70 -12.07 -31.40 48.31
CA THR A 70 -12.84 -31.02 47.12
C THR A 70 -11.92 -30.97 45.90
N VAL A 71 -12.39 -31.54 44.80
CA VAL A 71 -11.73 -31.48 43.51
C VAL A 71 -12.72 -30.96 42.48
N GLY A 72 -12.25 -30.10 41.58
CA GLY A 72 -13.14 -29.57 40.56
C GLY A 72 -12.34 -28.82 39.51
N LYS A 73 -12.98 -28.67 38.34
CA LYS A 73 -12.38 -27.90 37.26
C LYS A 73 -12.31 -26.43 37.65
N ILE A 74 -11.38 -25.72 37.02
CA ILE A 74 -11.11 -24.34 37.41
C ILE A 74 -12.36 -23.50 37.21
N GLY A 75 -12.76 -22.79 38.27
CA GLY A 75 -13.89 -21.88 38.20
C GLY A 75 -15.25 -22.53 38.27
N GLU A 76 -15.33 -23.82 38.57
CA GLU A 76 -16.60 -24.53 38.65
C GLU A 76 -16.84 -25.02 40.07
N ASN A 77 -18.05 -25.53 40.31
CA ASN A 77 -18.38 -26.13 41.58
C ASN A 77 -17.52 -27.37 41.83
N GLY A 78 -17.29 -27.67 43.10
CA GLY A 78 -16.36 -28.73 43.46
C GLY A 78 -17.00 -30.10 43.54
N ILE A 79 -16.16 -31.11 43.73
CA ILE A 79 -16.57 -32.50 43.90
C ILE A 79 -15.89 -33.03 45.15
N LEU A 80 -16.66 -33.62 46.04
CA LEU A 80 -16.12 -34.13 47.30
C LEU A 80 -15.50 -35.50 47.08
N VAL A 81 -14.30 -35.71 47.63
CA VAL A 81 -13.60 -36.98 47.55
C VAL A 81 -12.78 -37.17 48.82
N ILE A 82 -12.27 -38.38 49.00
CA ILE A 82 -11.48 -38.72 50.19
C ILE A 82 -10.01 -38.56 49.84
N ALA A 83 -9.32 -37.67 50.56
CA ALA A 83 -7.89 -37.48 50.33
C ALA A 83 -7.10 -38.70 50.81
N ARG A 84 -5.96 -38.93 50.16
CA ARG A 84 -5.11 -40.06 50.49
C ARG A 84 -3.69 -39.78 49.99
N ALA A 85 -2.69 -40.08 50.82
CA ALA A 85 -1.31 -39.81 50.46
C ALA A 85 -0.79 -40.89 49.51
N GLY A 86 -0.01 -40.47 48.51
CA GLY A 86 0.53 -41.38 47.53
C GLY A 86 2.00 -41.69 47.76
N ASP A 87 2.55 -42.48 46.84
CA ASP A 87 3.95 -42.90 46.89
C ASP A 87 4.81 -41.77 46.33
N GLU A 88 5.36 -40.95 47.23
CA GLU A 88 6.18 -39.82 46.80
C GLU A 88 7.39 -40.25 46.00
N GLU A 89 7.84 -41.50 46.15
CA GLU A 89 8.99 -41.97 45.38
C GLU A 89 8.72 -41.98 43.89
N VAL A 90 7.45 -42.14 43.49
CA VAL A 90 7.09 -42.24 42.07
C VAL A 90 6.07 -41.16 41.72
N HIS A 91 5.11 -40.95 42.61
CA HIS A 91 3.97 -40.10 42.31
C HIS A 91 4.40 -38.64 42.27
N PRO A 92 4.23 -37.94 41.14
CA PRO A 92 4.71 -36.55 41.06
C PRO A 92 3.92 -35.59 41.95
N VAL A 93 4.54 -34.43 42.18
CA VAL A 93 3.90 -33.41 43.02
C VAL A 93 2.63 -32.90 42.37
N ASN A 94 2.58 -32.89 41.04
CA ASN A 94 1.54 -32.17 40.31
C ASN A 94 0.35 -33.05 39.96
N VAL A 95 0.37 -34.34 40.30
CA VAL A 95 -0.63 -35.29 39.83
C VAL A 95 -1.60 -35.64 40.96
N ILE A 96 -2.89 -35.57 40.65
CA ILE A 96 -3.94 -36.10 41.52
C ILE A 96 -4.63 -37.22 40.74
N THR A 97 -4.61 -38.42 41.30
CA THR A 97 -5.17 -39.59 40.64
C THR A 97 -6.52 -39.92 41.24
N LEU A 98 -7.53 -40.06 40.39
CA LEU A 98 -8.90 -40.31 40.79
C LEU A 98 -9.38 -41.64 40.23
N SER A 99 -10.59 -42.03 40.61
CA SER A 99 -11.20 -43.27 40.16
C SER A 99 -12.19 -43.02 39.04
N THR A 100 -12.42 -44.06 38.23
CA THR A 100 -13.42 -43.96 37.18
C THR A 100 -14.80 -43.67 37.77
N THR A 101 -15.05 -44.09 39.01
CA THR A 101 -16.30 -43.74 39.67
C THR A 101 -16.37 -42.25 39.94
N ILE A 102 -15.33 -41.68 40.54
CA ILE A 102 -15.32 -40.25 40.83
C ILE A 102 -15.37 -39.45 39.53
N ARG A 103 -14.55 -39.84 38.55
CA ARG A 103 -14.45 -39.06 37.33
C ARG A 103 -15.78 -39.05 36.57
N SER A 104 -16.61 -40.07 36.76
CA SER A 104 -17.92 -40.08 36.14
C SER A 104 -18.76 -38.90 36.60
N VAL A 105 -18.62 -38.49 37.86
CA VAL A 105 -19.50 -37.46 38.42
C VAL A 105 -19.33 -36.15 37.67
N GLY A 106 -18.09 -35.69 37.51
CA GLY A 106 -17.80 -34.43 36.87
C GLY A 106 -17.40 -34.53 35.42
N ASN A 107 -17.38 -35.72 34.85
CA ASN A 107 -16.87 -35.93 33.50
C ASN A 107 -15.44 -35.44 33.39
N LEU A 108 -14.64 -35.78 34.40
CA LEU A 108 -13.23 -35.38 34.42
C LEU A 108 -12.47 -36.25 33.43
N ILE A 109 -12.06 -35.63 32.32
CA ILE A 109 -11.37 -36.33 31.24
C ILE A 109 -9.88 -36.20 31.49
N LEU A 110 -9.18 -37.33 31.39
CA LEU A 110 -7.80 -37.42 31.86
C LEU A 110 -6.96 -36.28 31.31
N GLY A 111 -6.47 -35.43 32.21
CA GLY A 111 -5.59 -34.35 31.86
C GLY A 111 -6.12 -32.96 32.07
N ASP A 112 -7.34 -32.81 32.60
CA ASP A 112 -7.85 -31.50 32.91
C ASP A 112 -7.25 -31.01 34.23
N ARG A 113 -7.18 -29.69 34.38
CA ARG A 113 -6.58 -29.08 35.55
C ARG A 113 -7.62 -28.96 36.66
N LEU A 114 -7.26 -29.37 37.86
CA LEU A 114 -8.16 -29.36 39.01
C LEU A 114 -7.77 -28.25 39.97
N GLU A 115 -8.78 -27.56 40.48
CA GLU A 115 -8.57 -26.53 41.50
C GLU A 115 -8.91 -27.11 42.87
N LEU A 116 -7.99 -27.94 43.38
CA LEU A 116 -8.22 -28.63 44.64
C LEU A 116 -8.26 -27.63 45.80
N LYS A 117 -9.01 -27.99 46.84
CA LYS A 117 -9.14 -27.16 48.02
C LYS A 117 -9.50 -28.04 49.20
N LYS A 118 -9.35 -27.49 50.40
CA LYS A 118 -9.79 -28.18 51.60
C LYS A 118 -11.28 -27.98 51.81
N ALA A 119 -11.87 -28.85 52.63
CA ALA A 119 -13.30 -28.82 52.94
C ALA A 119 -13.50 -28.84 54.44
N GLN A 120 -14.62 -28.29 54.89
CA GLN A 120 -14.84 -28.03 56.31
C GLN A 120 -16.16 -28.60 56.85
N VAL A 121 -16.96 -29.29 56.04
CA VAL A 121 -18.29 -29.73 56.45
C VAL A 121 -18.48 -31.18 56.06
N GLN A 122 -19.19 -31.94 56.91
CA GLN A 122 -19.46 -33.36 56.69
C GLN A 122 -20.86 -33.53 56.11
N PRO A 123 -21.03 -34.24 55.00
CA PRO A 123 -22.36 -34.41 54.43
C PRO A 123 -23.16 -35.44 55.22
N PRO A 124 -24.49 -35.35 55.20
CA PRO A 124 -25.32 -36.26 56.01
C PRO A 124 -25.39 -37.65 55.40
N TYR A 125 -26.23 -38.48 56.02
CA TYR A 125 -26.48 -39.82 55.52
C TYR A 125 -27.54 -39.80 54.44
N ALA A 126 -27.35 -40.61 53.41
CA ALA A 126 -28.18 -40.58 52.20
C ALA A 126 -29.54 -41.21 52.46
N THR A 127 -30.47 -40.45 53.04
CA THR A 127 -31.75 -41.02 53.45
C THR A 127 -32.42 -41.81 52.33
N LYS A 128 -32.46 -41.27 51.11
CA LYS A 128 -33.05 -41.98 49.98
C LYS A 128 -32.09 -41.92 48.80
N VAL A 129 -31.96 -43.05 48.10
CA VAL A 129 -31.04 -43.19 46.98
C VAL A 129 -31.67 -44.16 45.98
N THR A 130 -31.21 -44.08 44.73
CA THR A 130 -31.57 -45.06 43.71
C THR A 130 -30.34 -45.37 42.87
N VAL A 131 -30.27 -46.60 42.37
CA VAL A 131 -29.14 -47.07 41.58
C VAL A 131 -29.68 -47.76 40.34
N GLY A 132 -29.05 -47.50 39.20
CA GLY A 132 -29.47 -48.10 37.94
C GLY A 132 -28.30 -48.45 37.05
N SER A 133 -28.53 -48.53 35.74
CA SER A 133 -27.49 -48.89 34.79
C SER A 133 -27.50 -47.89 33.64
N LEU A 134 -26.31 -47.58 33.12
CA LEU A 134 -26.21 -46.70 31.96
C LEU A 134 -26.74 -47.38 30.71
N GLN A 135 -26.75 -48.71 30.68
CA GLN A 135 -27.16 -49.45 29.50
C GLN A 135 -28.67 -49.68 29.43
N GLY A 136 -29.43 -49.24 30.44
CA GLY A 136 -30.86 -49.20 30.36
C GLY A 136 -31.61 -50.35 31.03
N TYR A 137 -30.90 -51.28 31.66
CA TYR A 137 -31.57 -52.40 32.31
C TYR A 137 -31.87 -52.06 33.77
N ASN A 138 -32.55 -53.00 34.42
CA ASN A 138 -32.66 -52.98 35.87
C ASN A 138 -31.57 -53.87 36.48
N ILE A 139 -30.98 -53.39 37.57
CA ILE A 139 -30.02 -54.22 38.30
C ILE A 139 -30.70 -55.46 38.85
N LEU A 140 -32.04 -55.43 38.95
CA LEU A 140 -32.80 -56.60 39.34
C LEU A 140 -32.74 -57.72 38.31
N GLU A 141 -32.15 -57.47 37.14
CA GLU A 141 -32.14 -58.45 36.07
C GLU A 141 -31.07 -59.52 36.23
N CYS A 142 -29.86 -59.18 36.70
CA CYS A 142 -28.77 -60.14 36.70
C CYS A 142 -28.30 -60.55 38.09
N MET A 143 -27.89 -59.58 38.91
CA MET A 143 -27.14 -59.93 40.12
C MET A 143 -27.93 -59.65 41.38
N GLU A 144 -27.65 -60.44 42.42
CA GLU A 144 -28.27 -60.27 43.72
C GLU A 144 -27.76 -59.00 44.41
N GLU A 145 -28.42 -58.64 45.50
CA GLU A 145 -28.17 -57.35 46.14
C GLU A 145 -26.91 -57.34 46.99
N LYS A 146 -26.34 -58.49 47.34
CA LYS A 146 -25.24 -58.51 48.30
C LYS A 146 -23.98 -57.87 47.71
N VAL A 147 -23.61 -58.24 46.49
CA VAL A 147 -22.45 -57.62 45.86
C VAL A 147 -22.71 -56.14 45.61
N ILE A 148 -23.97 -55.77 45.32
CA ILE A 148 -24.31 -54.37 45.15
C ILE A 148 -24.05 -53.61 46.44
N GLN A 149 -24.47 -54.18 47.57
CA GLN A 149 -24.23 -53.54 48.86
C GLN A 149 -22.74 -53.39 49.11
N LYS A 150 -21.99 -54.48 48.97
CA LYS A 150 -20.54 -54.42 49.15
C LYS A 150 -19.93 -53.30 48.33
N LEU A 151 -20.26 -53.26 47.04
CA LEU A 151 -19.67 -52.27 46.14
C LEU A 151 -20.03 -50.86 46.56
N LEU A 152 -21.31 -50.59 46.79
CA LEU A 152 -21.73 -49.26 47.18
C LEU A 152 -21.40 -48.95 48.63
N ASP A 153 -20.84 -49.91 49.36
CA ASP A 153 -20.21 -49.62 50.65
C ASP A 153 -18.74 -49.26 50.48
N ASP A 154 -18.10 -49.80 49.44
CA ASP A 154 -16.76 -49.35 49.10
C ASP A 154 -16.76 -47.88 48.67
N SER A 155 -17.89 -47.40 48.15
CA SER A 155 -18.03 -46.00 47.78
C SER A 155 -17.96 -45.12 49.02
N GLY A 156 -18.77 -45.42 50.02
CA GLY A 156 -18.76 -44.66 51.25
C GLY A 156 -19.47 -43.32 51.15
N VAL A 157 -18.86 -42.38 50.44
CA VAL A 157 -19.42 -41.05 50.27
C VAL A 157 -20.34 -41.05 49.06
N ILE A 158 -21.60 -41.44 49.25
CA ILE A 158 -22.51 -41.59 48.13
C ILE A 158 -22.90 -40.23 47.57
N MET A 159 -22.96 -40.15 46.24
CA MET A 159 -23.57 -39.03 45.54
C MET A 159 -23.97 -39.52 44.16
N PRO A 160 -24.85 -38.80 43.47
CA PRO A 160 -25.24 -39.23 42.12
C PRO A 160 -24.05 -39.22 41.17
N GLY A 161 -24.10 -40.12 40.19
CA GLY A 161 -23.15 -40.10 39.11
C GLY A 161 -21.99 -41.07 39.20
N MET A 162 -21.83 -41.79 40.31
CA MET A 162 -20.75 -42.78 40.44
C MET A 162 -21.04 -44.00 39.57
N ILE A 163 -20.81 -43.85 38.27
CA ILE A 163 -20.81 -45.01 37.40
C ILE A 163 -19.66 -45.95 37.79
N PHE A 164 -19.92 -47.25 37.71
CA PHE A 164 -18.86 -48.25 37.77
C PHE A 164 -19.30 -49.44 36.93
N GLN A 165 -18.33 -50.04 36.24
CA GLN A 165 -18.65 -50.93 35.15
C GLN A 165 -17.68 -52.12 35.14
N ASN A 166 -17.99 -53.10 34.31
CA ASN A 166 -17.12 -54.25 34.07
C ASN A 166 -16.96 -55.11 35.32
N LEU A 167 -18.09 -55.40 35.97
CA LEU A 167 -18.11 -56.32 37.09
C LEU A 167 -18.20 -57.76 36.57
N LYS A 168 -18.33 -58.71 37.49
CA LYS A 168 -18.78 -60.04 37.11
C LYS A 168 -20.26 -60.01 36.77
N THR A 169 -20.67 -60.92 35.89
CA THR A 169 -22.07 -61.07 35.50
C THR A 169 -22.60 -62.43 35.97
N LYS A 170 -23.72 -62.41 36.68
CA LYS A 170 -24.34 -63.67 37.08
C LYS A 170 -24.78 -64.45 35.85
N ALA A 171 -25.40 -63.77 34.90
CA ALA A 171 -25.71 -64.35 33.59
C ALA A 171 -24.60 -64.02 32.60
N GLY A 172 -24.76 -64.52 31.39
CA GLY A 172 -23.79 -64.27 30.34
C GLY A 172 -24.04 -62.97 29.60
N ASP A 173 -24.38 -61.91 30.34
CA ASP A 173 -24.62 -60.62 29.72
C ASP A 173 -23.34 -60.09 29.07
N GLU A 174 -23.47 -59.65 27.81
CA GLU A 174 -22.28 -59.21 27.08
C GLU A 174 -21.64 -57.98 27.72
N SER A 175 -22.39 -57.23 28.53
CA SER A 175 -21.86 -56.04 29.16
C SER A 175 -22.78 -55.63 30.31
N ILE A 176 -22.28 -54.71 31.14
CA ILE A 176 -22.96 -54.31 32.37
C ILE A 176 -22.41 -52.96 32.83
N ASP A 177 -23.19 -52.29 33.66
CA ASP A 177 -22.72 -51.11 34.39
C ASP A 177 -23.75 -50.74 35.44
N VAL A 178 -23.33 -49.92 36.39
CA VAL A 178 -24.16 -49.48 37.51
C VAL A 178 -23.96 -47.99 37.70
N VAL A 179 -25.04 -47.28 38.04
CA VAL A 179 -24.99 -45.82 38.21
C VAL A 179 -25.94 -45.43 39.34
N ILE A 180 -25.46 -44.55 40.23
CA ILE A 180 -26.28 -44.00 41.29
C ILE A 180 -27.09 -42.85 40.68
N THR A 181 -28.36 -43.11 40.38
CA THR A 181 -29.13 -42.18 39.55
C THR A 181 -29.65 -40.98 40.33
N ASP A 182 -29.94 -41.12 41.62
CA ASP A 182 -30.37 -39.96 42.40
C ASP A 182 -30.22 -40.29 43.88
N ALA A 183 -30.19 -39.23 44.70
CA ALA A 183 -30.04 -39.39 46.14
C ALA A 183 -30.67 -38.20 46.84
N SER A 184 -31.05 -38.40 48.10
CA SER A 184 -31.62 -37.35 48.91
C SER A 184 -31.33 -37.58 50.39
N ASN A 207 -23.99 -29.16 48.29
CA ASN A 207 -24.32 -28.01 47.45
C ASN A 207 -23.58 -26.75 47.90
N LEU A 208 -22.64 -26.91 48.83
CA LEU A 208 -21.86 -25.79 49.32
C LEU A 208 -20.81 -25.42 48.28
N PHE A 209 -21.27 -24.91 47.14
CA PHE A 209 -20.44 -24.78 45.95
C PHE A 209 -19.98 -26.15 45.45
N TYR A 210 -20.76 -27.18 45.75
CA TYR A 210 -20.50 -28.54 45.28
C TYR A 210 -21.28 -28.79 44.00
N LEU A 211 -20.68 -29.56 43.10
CA LEU A 211 -21.34 -29.90 41.85
C LEU A 211 -22.49 -30.89 42.10
N SER A 212 -22.16 -32.06 42.63
CA SER A 212 -23.17 -33.01 43.05
C SER A 212 -23.48 -32.83 44.54
N PRO A 213 -24.67 -33.23 44.97
CA PRO A 213 -24.97 -33.22 46.40
C PRO A 213 -24.43 -34.45 47.08
N PRO A 214 -23.40 -34.32 47.91
CA PRO A 214 -22.78 -35.50 48.51
C PRO A 214 -23.57 -36.05 49.71
N PHE A 215 -23.36 -37.35 49.96
CA PHE A 215 -23.95 -38.01 51.11
C PHE A 215 -22.99 -39.10 51.58
N ILE A 216 -23.35 -39.74 52.68
CA ILE A 216 -22.55 -40.80 53.30
C ILE A 216 -23.40 -42.06 53.40
N PHE A 217 -22.79 -43.21 53.12
CA PHE A 217 -23.53 -44.46 53.13
C PHE A 217 -23.73 -44.97 54.56
N ARG A 218 -24.95 -45.43 54.84
CA ARG A 218 -25.27 -46.05 56.14
C ARG A 218 -26.38 -47.08 55.86
N LYS A 219 -25.97 -48.33 55.74
CA LYS A 219 -26.86 -49.41 55.32
C LYS A 219 -28.18 -49.37 56.09
N GLY A 220 -29.27 -49.63 55.37
CA GLY A 220 -30.59 -49.75 55.98
C GLY A 220 -31.31 -48.43 56.10
N SER A 221 -30.68 -47.44 56.76
CA SER A 221 -31.30 -46.13 56.88
C SER A 221 -31.39 -45.43 55.53
N THR A 222 -30.43 -45.67 54.65
CA THR A 222 -30.44 -45.09 53.31
C THR A 222 -31.35 -45.94 52.44
N HIS A 223 -32.53 -45.42 52.12
CA HIS A 223 -33.51 -46.17 51.32
C HIS A 223 -33.03 -46.18 49.87
N ILE A 224 -32.36 -47.26 49.49
CA ILE A 224 -31.80 -47.39 48.15
C ILE A 224 -32.75 -48.22 47.30
N THR A 225 -33.33 -47.59 46.29
CA THR A 225 -34.20 -48.25 45.32
C THR A 225 -33.43 -48.48 44.03
N PHE A 226 -34.07 -49.13 43.07
CA PHE A 226 -33.41 -49.55 41.84
C PHE A 226 -34.34 -49.32 40.66
N SER A 227 -33.77 -48.87 39.54
CA SER A 227 -34.56 -48.37 38.43
C SER A 227 -33.89 -48.70 37.10
N LYS A 228 -34.65 -48.51 36.02
CA LYS A 228 -34.14 -48.62 34.66
C LYS A 228 -33.26 -47.44 34.25
N GLU A 229 -33.22 -46.39 35.06
CA GLU A 229 -32.68 -45.11 34.60
C GLU A 229 -31.22 -45.23 34.20
N THR A 230 -30.84 -44.49 33.17
CA THR A 230 -29.46 -44.40 32.70
C THR A 230 -28.79 -43.10 33.10
N GLN A 231 -29.48 -41.97 32.96
CA GLN A 231 -28.94 -40.70 33.39
C GLN A 231 -29.06 -40.54 34.90
N ALA A 232 -28.45 -39.48 35.41
CA ALA A 232 -28.74 -39.01 36.76
C ALA A 232 -29.81 -37.92 36.70
N ASN A 233 -30.45 -37.67 37.84
CA ASN A 233 -31.57 -36.74 37.87
C ASN A 233 -31.16 -35.40 37.28
N ARG A 234 -31.90 -34.96 36.26
CA ARG A 234 -31.56 -33.72 35.57
C ARG A 234 -31.69 -32.52 36.49
N LYS A 235 -32.57 -32.59 37.49
CA LYS A 235 -32.75 -31.46 38.39
C LYS A 235 -31.48 -31.15 39.18
N TYR A 236 -30.55 -32.09 39.28
CA TYR A 236 -29.24 -31.78 39.81
C TYR A 236 -28.38 -31.02 38.81
N ASN A 237 -28.50 -31.37 37.51
CA ASN A 237 -27.68 -30.79 36.46
C ASN A 237 -26.21 -31.17 36.62
N LEU A 238 -25.96 -32.46 36.85
CA LEU A 238 -24.61 -32.97 36.70
C LEU A 238 -24.24 -32.98 35.22
N PRO A 239 -22.97 -32.77 34.89
CA PRO A 239 -22.57 -32.75 33.49
C PRO A 239 -22.75 -34.11 32.83
N GLU A 240 -23.06 -34.08 31.53
CA GLU A 240 -23.35 -35.29 30.78
C GLU A 240 -22.30 -35.49 29.70
N PRO A 241 -21.72 -36.69 29.58
CA PRO A 241 -20.68 -36.90 28.57
C PRO A 241 -21.29 -37.05 27.17
N LEU A 242 -20.65 -36.41 26.20
CA LEU A 242 -21.07 -36.58 24.81
C LEU A 242 -20.57 -37.91 24.26
N SER A 243 -21.20 -38.35 23.19
CA SER A 243 -20.86 -39.62 22.55
C SER A 243 -21.12 -39.51 21.06
N TYR A 244 -20.55 -40.44 20.31
CA TYR A 244 -20.68 -40.43 18.86
C TYR A 244 -22.13 -40.64 18.43
N ALA A 245 -22.98 -41.06 19.38
CA ALA A 245 -24.39 -41.21 19.07
C ALA A 245 -25.09 -39.86 18.91
N ALA A 246 -24.49 -38.79 19.45
CA ALA A 246 -25.08 -37.46 19.27
C ALA A 246 -24.70 -36.85 17.93
N VAL A 247 -23.50 -37.14 17.43
CA VAL A 247 -23.10 -36.67 16.11
C VAL A 247 -23.88 -37.44 15.06
N GLY A 248 -24.51 -36.73 14.13
CA GLY A 248 -25.32 -37.34 13.11
C GLY A 248 -24.92 -36.87 11.72
N GLY A 249 -25.10 -37.75 10.75
CA GLY A 249 -24.81 -37.43 9.37
C GLY A 249 -23.37 -37.68 8.98
N LEU A 250 -22.46 -37.58 9.94
CA LEU A 250 -21.03 -37.67 9.67
C LEU A 250 -20.53 -39.10 9.85
N ASP A 251 -21.40 -40.08 9.63
CA ASP A 251 -21.09 -41.47 9.98
C ASP A 251 -19.74 -41.90 9.42
N LYS A 252 -19.52 -41.69 8.12
CA LYS A 252 -18.28 -42.15 7.51
C LYS A 252 -17.07 -41.40 8.04
N GLU A 253 -17.19 -40.09 8.23
CA GLU A 253 -16.12 -39.33 8.83
C GLU A 253 -15.84 -39.82 10.25
N ILE A 254 -16.89 -40.14 11.00
CA ILE A 254 -16.72 -40.70 12.33
C ILE A 254 -15.94 -42.00 12.26
N GLU A 255 -16.28 -42.88 11.32
CA GLU A 255 -15.58 -44.14 11.19
C GLU A 255 -14.09 -43.92 10.91
N SER A 256 -13.79 -43.07 9.94
CA SER A 256 -12.40 -42.80 9.61
C SER A 256 -11.64 -42.25 10.81
N LEU A 257 -12.22 -41.25 11.49
CA LEU A 257 -11.53 -40.64 12.61
C LEU A 257 -11.36 -41.62 13.76
N LYS A 258 -12.38 -42.44 14.02
CA LYS A 258 -12.29 -43.43 15.08
C LYS A 258 -11.17 -44.41 14.81
N SER A 259 -11.04 -44.88 13.56
CA SER A 259 -9.94 -45.76 13.24
C SER A 259 -8.60 -45.06 13.43
N ALA A 260 -8.48 -43.85 12.89
CA ALA A 260 -7.22 -43.11 12.93
C ALA A 260 -6.80 -42.73 14.33
N ILE A 261 -7.71 -42.74 15.30
CA ILE A 261 -7.37 -42.47 16.69
C ILE A 261 -7.20 -43.76 17.48
N GLU A 262 -7.94 -44.80 17.12
CA GLU A 262 -7.82 -46.08 17.80
C GLU A 262 -6.45 -46.69 17.57
N ILE A 263 -6.02 -46.76 16.32
CA ILE A 263 -4.80 -47.51 16.03
C ILE A 263 -3.58 -46.85 16.66
N PRO A 264 -3.27 -45.58 16.38
CA PRO A 264 -2.04 -45.01 16.94
C PRO A 264 -1.95 -45.06 18.46
N LEU A 265 -3.03 -44.76 19.17
CA LEU A 265 -2.96 -44.70 20.62
C LEU A 265 -2.87 -46.08 21.25
N HIS A 266 -3.66 -47.04 20.74
CA HIS A 266 -3.86 -48.29 21.43
C HIS A 266 -3.40 -49.51 20.64
N GLN A 267 -2.85 -49.32 19.44
CA GLN A 267 -2.26 -50.44 18.71
C GLN A 267 -1.12 -49.95 17.83
N PRO A 268 -0.12 -49.26 18.39
CA PRO A 268 1.01 -48.81 17.57
C PRO A 268 1.91 -49.94 17.13
N THR A 269 2.24 -50.88 18.02
CA THR A 269 3.14 -51.97 17.68
C THR A 269 2.67 -52.71 16.43
N LEU A 270 1.36 -52.95 16.33
CA LEU A 270 0.82 -53.67 15.18
C LEU A 270 1.14 -52.93 13.88
N PHE A 271 0.97 -51.61 13.87
CA PHE A 271 1.15 -50.88 12.62
C PHE A 271 2.59 -50.97 12.14
N SER A 272 3.55 -50.79 13.06
CA SER A 272 4.95 -50.71 12.68
C SER A 272 5.41 -51.95 11.94
N SER A 273 4.79 -53.10 12.19
CA SER A 273 5.19 -54.32 11.51
C SER A 273 4.90 -54.26 10.01
N PHE A 274 4.03 -53.36 9.57
CA PHE A 274 3.72 -53.23 8.15
C PHE A 274 4.78 -52.44 7.39
N GLY A 275 5.82 -51.95 8.06
CA GLY A 275 6.91 -51.31 7.39
C GLY A 275 6.76 -49.83 7.10
N VAL A 276 5.80 -49.16 7.72
CA VAL A 276 5.63 -47.71 7.55
C VAL A 276 5.36 -47.08 8.90
N SER A 277 5.71 -45.81 9.03
CA SER A 277 5.52 -45.11 10.30
C SER A 277 4.07 -44.64 10.43
N PRO A 278 3.55 -44.54 11.66
CA PRO A 278 2.11 -44.28 11.84
C PRO A 278 1.76 -42.85 11.48
N PRO A 279 0.49 -42.59 11.16
CA PRO A 279 0.02 -41.21 11.12
C PRO A 279 0.13 -40.58 12.50
N ARG A 280 0.46 -39.29 12.52
CA ARG A 280 0.62 -38.56 13.77
C ARG A 280 -0.09 -37.21 13.81
N GLY A 281 -0.74 -36.80 12.73
CA GLY A 281 -1.56 -35.61 12.73
C GLY A 281 -2.84 -35.78 11.93
N ILE A 282 -3.95 -35.32 12.49
CA ILE A 282 -5.24 -35.34 11.82
C ILE A 282 -5.75 -33.90 11.72
N LEU A 283 -6.32 -33.56 10.59
CA LEU A 283 -6.82 -32.21 10.34
C LEU A 283 -8.29 -32.27 9.96
N LEU A 284 -9.16 -31.89 10.89
CA LEU A 284 -10.57 -31.72 10.59
C LEU A 284 -10.78 -30.34 9.96
N HIS A 285 -11.54 -30.28 8.88
CA HIS A 285 -11.87 -28.99 8.29
C HIS A 285 -13.23 -29.07 7.61
N GLY A 286 -13.79 -27.88 7.37
CA GLY A 286 -15.09 -27.75 6.74
C GLY A 286 -15.65 -26.37 7.03
N PRO A 287 -16.83 -26.07 6.47
CA PRO A 287 -17.45 -24.77 6.74
C PRO A 287 -17.92 -24.69 8.17
N PRO A 288 -18.03 -23.49 8.73
CA PRO A 288 -18.39 -23.36 10.14
C PRO A 288 -19.77 -23.94 10.42
N GLY A 289 -19.92 -24.54 11.60
CA GLY A 289 -21.18 -25.07 12.04
C GLY A 289 -21.47 -26.51 11.67
N THR A 290 -20.47 -27.25 11.20
CA THR A 290 -20.70 -28.62 10.75
C THR A 290 -20.41 -29.67 11.80
N GLY A 291 -19.68 -29.34 12.86
CA GLY A 291 -19.53 -30.27 13.98
C GLY A 291 -18.11 -30.69 14.28
N LYS A 292 -17.13 -29.85 13.95
CA LYS A 292 -15.73 -30.21 14.18
C LYS A 292 -15.42 -30.22 15.67
N THR A 293 -15.64 -29.08 16.35
CA THR A 293 -15.36 -29.02 17.78
C THR A 293 -16.17 -30.04 18.55
N MET A 294 -17.40 -30.34 18.10
CA MET A 294 -18.18 -31.39 18.72
C MET A 294 -17.46 -32.72 18.63
N LEU A 295 -16.89 -33.03 17.47
CA LEU A 295 -16.14 -34.27 17.32
C LEU A 295 -14.88 -34.27 18.16
N LEU A 296 -14.23 -33.12 18.31
CA LEU A 296 -13.05 -33.06 19.17
C LEU A 296 -13.41 -33.36 20.61
N ARG A 297 -14.50 -32.77 21.11
CA ARG A 297 -14.89 -33.04 22.49
C ARG A 297 -15.41 -34.46 22.65
N VAL A 298 -16.06 -35.02 21.64
CA VAL A 298 -16.48 -36.41 21.72
C VAL A 298 -15.28 -37.34 21.72
N VAL A 299 -14.25 -37.00 20.95
CA VAL A 299 -13.00 -37.77 20.97
C VAL A 299 -12.36 -37.69 22.34
N ALA A 300 -12.39 -36.51 22.95
CA ALA A 300 -11.85 -36.37 24.30
C ALA A 300 -12.60 -37.24 25.29
N ASN A 301 -13.92 -37.26 25.19
CA ASN A 301 -14.73 -38.06 26.12
C ASN A 301 -14.57 -39.56 25.87
N THR A 302 -14.47 -39.97 24.61
CA THR A 302 -14.52 -41.38 24.25
C THR A 302 -13.16 -42.03 24.17
N SER A 303 -12.15 -41.33 23.69
CA SER A 303 -10.79 -41.86 23.69
C SER A 303 -10.24 -41.79 25.10
N ASN A 304 -9.92 -42.95 25.68
CA ASN A 304 -9.52 -43.03 27.07
C ASN A 304 -8.05 -42.63 27.21
N ALA A 305 -7.71 -41.44 26.72
CA ALA A 305 -6.33 -40.99 26.64
C ALA A 305 -6.20 -39.62 27.28
N HIS A 306 -4.96 -39.27 27.63
CA HIS A 306 -4.67 -37.99 28.25
C HIS A 306 -4.81 -36.88 27.22
N VAL A 307 -5.56 -35.84 27.56
CA VAL A 307 -5.95 -34.80 26.61
C VAL A 307 -5.35 -33.47 27.03
N LEU A 308 -4.65 -32.82 26.10
CA LEU A 308 -4.16 -31.47 26.27
C LEU A 308 -4.71 -30.61 25.14
N THR A 309 -4.93 -29.33 25.42
CA THR A 309 -5.64 -28.45 24.51
C THR A 309 -4.85 -27.18 24.26
N ILE A 310 -4.73 -26.81 22.99
CA ILE A 310 -4.34 -25.46 22.60
C ILE A 310 -5.47 -24.90 21.74
N ASN A 311 -6.45 -24.28 22.38
CA ASN A 311 -7.59 -23.72 21.67
C ASN A 311 -7.31 -22.24 21.43
N GLY A 312 -7.05 -21.89 20.19
CA GLY A 312 -6.66 -20.54 19.84
C GLY A 312 -5.33 -20.18 20.48
N PRO A 313 -5.01 -18.90 20.51
CA PRO A 313 -3.73 -18.46 21.10
C PRO A 313 -3.79 -18.40 22.62
N SER A 314 -4.07 -19.55 23.24
CA SER A 314 -4.04 -19.65 24.70
C SER A 314 -2.62 -19.71 25.24
N ILE A 315 -1.62 -19.77 24.36
CA ILE A 315 -0.23 -20.00 24.78
C ILE A 315 0.64 -18.76 24.67
N VAL A 316 0.23 -17.74 23.91
CA VAL A 316 1.08 -16.58 23.70
C VAL A 316 1.33 -15.90 25.03
N SER A 317 2.52 -15.30 25.17
CA SER A 317 2.96 -14.73 26.44
C SER A 317 3.64 -13.40 26.20
N LYS A 318 3.59 -12.53 27.23
CA LYS A 318 4.28 -11.25 27.16
C LYS A 318 5.77 -11.47 26.93
N TYR A 319 6.36 -12.42 27.63
CA TYR A 319 7.80 -12.56 27.69
C TYR A 319 8.31 -13.22 26.41
N LEU A 320 9.51 -12.84 25.99
CA LEU A 320 9.98 -13.09 24.64
C LEU A 320 10.03 -14.57 24.29
N GLY A 321 10.49 -15.43 25.21
CA GLY A 321 10.73 -16.83 24.88
C GLY A 321 9.63 -17.79 25.29
N GLU A 322 8.67 -17.35 26.11
CA GLU A 322 7.86 -18.29 26.86
C GLU A 322 6.75 -18.95 26.03
N THR A 323 6.36 -18.36 24.89
CA THR A 323 5.33 -19.00 24.07
C THR A 323 5.83 -20.31 23.48
N GLU A 324 7.09 -20.35 23.05
CA GLU A 324 7.70 -21.60 22.61
C GLU A 324 7.73 -22.61 23.75
N ALA A 325 8.08 -22.14 24.95
CA ALA A 325 8.09 -23.02 26.11
C ALA A 325 6.72 -23.65 26.33
N ALA A 326 5.65 -22.96 25.97
CA ALA A 326 4.32 -23.52 26.16
C ALA A 326 4.10 -24.75 25.30
N LEU A 327 4.40 -24.65 24.01
CA LEU A 327 4.28 -25.81 23.12
C LEU A 327 5.18 -26.94 23.57
N ARG A 328 6.43 -26.61 23.92
CA ARG A 328 7.35 -27.67 24.32
C ARG A 328 6.87 -28.36 25.59
N ASP A 329 6.35 -27.59 26.56
CA ASP A 329 5.82 -28.18 27.78
C ASP A 329 4.63 -29.07 27.49
N ILE A 330 3.71 -28.61 26.64
CA ILE A 330 2.53 -29.42 26.31
C ILE A 330 2.96 -30.74 25.70
N PHE A 331 3.90 -30.69 24.75
CA PHE A 331 4.29 -31.92 24.08
C PHE A 331 5.07 -32.83 25.03
N ASN A 332 5.91 -32.26 25.89
CA ASN A 332 6.63 -33.05 26.87
C ASN A 332 5.66 -33.75 27.82
N GLU A 333 4.60 -33.05 28.25
CA GLU A 333 3.64 -33.67 29.15
C GLU A 333 2.82 -34.72 28.43
N ALA A 334 2.55 -34.51 27.14
CA ALA A 334 1.89 -35.56 26.36
C ALA A 334 2.76 -36.81 26.26
N ARG A 335 4.07 -36.62 26.19
CA ARG A 335 4.98 -37.77 26.19
C ARG A 335 5.09 -38.39 27.58
N LYS A 336 4.96 -37.60 28.64
CA LYS A 336 5.00 -38.14 29.99
C LYS A 336 4.01 -39.27 30.16
N TYR A 337 2.77 -39.06 29.73
CA TYR A 337 1.69 -40.03 29.86
C TYR A 337 1.33 -40.45 28.45
N GLN A 338 2.06 -41.45 27.95
CA GLN A 338 2.23 -41.63 26.50
C GLN A 338 0.91 -41.81 25.75
N PRO A 339 -0.09 -42.52 26.27
CA PRO A 339 -1.40 -42.51 25.60
C PRO A 339 -2.07 -41.17 25.81
N SER A 340 -2.07 -40.33 24.79
CA SER A 340 -2.51 -38.94 24.96
C SER A 340 -2.86 -38.36 23.60
N ILE A 341 -3.67 -37.29 23.64
CA ILE A 341 -4.07 -36.56 22.44
C ILE A 341 -3.89 -35.08 22.73
N ILE A 342 -3.38 -34.36 21.74
CA ILE A 342 -3.25 -32.91 21.80
C ILE A 342 -4.19 -32.32 20.75
N PHE A 343 -5.16 -31.53 21.20
CA PHE A 343 -6.08 -30.84 20.32
C PHE A 343 -5.58 -29.42 20.07
N ILE A 344 -5.47 -29.05 18.82
CA ILE A 344 -5.20 -27.66 18.46
C ILE A 344 -6.40 -27.14 17.66
N ASP A 345 -7.39 -26.60 18.35
CA ASP A 345 -8.57 -26.07 17.70
C ASP A 345 -8.28 -24.67 17.19
N GLU A 346 -8.88 -24.33 16.04
CA GLU A 346 -8.57 -23.08 15.34
C GLU A 346 -7.06 -22.96 15.15
N ILE A 347 -6.47 -23.94 14.46
CA ILE A 347 -5.02 -23.97 14.32
C ILE A 347 -4.52 -22.79 13.50
N ASP A 348 -5.32 -22.33 12.55
CA ASP A 348 -4.89 -21.22 11.70
C ASP A 348 -4.63 -19.95 12.51
N SER A 349 -5.17 -19.86 13.72
CA SER A 349 -4.94 -18.68 14.54
C SER A 349 -3.54 -18.63 15.12
N ILE A 350 -2.86 -19.77 15.20
CA ILE A 350 -1.50 -19.83 15.72
C ILE A 350 -0.49 -20.35 14.73
N ALA A 351 -0.91 -20.97 13.62
CA ALA A 351 0.01 -21.45 12.61
C ALA A 351 -0.34 -20.83 11.26
N PRO A 352 -0.26 -19.51 11.13
CA PRO A 352 -0.59 -18.87 9.85
C PRO A 352 0.44 -19.18 8.78
N ASN A 353 0.08 -18.83 7.55
CA ASN A 353 0.74 -19.40 6.39
C ASN A 353 2.18 -18.93 6.22
N ARG A 354 2.51 -17.72 6.68
CA ARG A 354 3.74 -16.94 6.39
C ARG A 354 3.91 -16.55 4.93
N ALA A 355 3.22 -17.18 3.97
CA ALA A 355 3.21 -16.60 2.64
C ALA A 355 2.23 -15.44 2.58
N ASN A 356 1.18 -15.51 3.38
CA ASN A 356 0.38 -14.36 3.75
C ASN A 356 1.21 -13.52 4.70
N ASP A 357 1.85 -12.47 4.19
CA ASP A 357 2.85 -11.75 4.96
C ASP A 357 2.29 -11.06 6.19
N ASP A 358 0.98 -11.18 6.47
CA ASP A 358 0.43 -10.66 7.71
C ASP A 358 0.87 -11.48 8.92
N SER A 359 1.46 -12.64 8.73
CA SER A 359 1.91 -13.48 9.85
C SER A 359 3.04 -12.79 10.59
N GLY A 360 2.92 -12.72 11.92
CA GLY A 360 3.92 -12.04 12.72
C GLY A 360 5.08 -12.95 13.09
N GLU A 361 6.09 -12.34 13.73
CA GLU A 361 7.25 -13.09 14.16
C GLU A 361 6.87 -14.15 15.20
N VAL A 362 5.97 -13.80 16.12
CA VAL A 362 5.51 -14.76 17.11
C VAL A 362 4.93 -15.99 16.42
N GLU A 363 4.13 -15.77 15.38
CA GLU A 363 3.50 -16.88 14.69
C GLU A 363 4.50 -17.72 13.90
N SER A 364 5.49 -17.08 13.29
CA SER A 364 6.53 -17.83 12.60
C SER A 364 7.32 -18.70 13.58
N ARG A 365 7.64 -18.18 14.78
CA ARG A 365 8.36 -18.90 15.83
C ARG A 365 7.51 -20.04 16.38
N VAL A 366 6.20 -19.84 16.44
CA VAL A 366 5.31 -20.91 16.85
C VAL A 366 5.27 -22.01 15.81
N VAL A 367 5.18 -21.64 14.53
CA VAL A 367 5.15 -22.64 13.46
C VAL A 367 6.45 -23.44 13.46
N ALA A 368 7.60 -22.79 13.58
CA ALA A 368 8.89 -23.45 13.58
C ALA A 368 9.01 -24.41 14.76
N THR A 369 8.59 -24.01 15.95
CA THR A 369 8.63 -24.90 17.11
C THR A 369 7.70 -26.08 16.92
N LEU A 370 6.51 -25.83 16.39
CA LEU A 370 5.54 -26.91 16.23
C LEU A 370 6.04 -27.92 15.19
N LEU A 371 6.68 -27.43 14.12
CA LEU A 371 7.26 -28.35 13.13
C LEU A 371 8.34 -29.21 13.76
N THR A 372 9.30 -28.60 14.46
CA THR A 372 10.38 -29.37 15.10
C THR A 372 9.85 -30.31 16.18
N LEU A 373 8.73 -30.00 16.84
CA LEU A 373 8.12 -30.92 17.80
C LEU A 373 7.45 -32.08 17.09
N MET A 374 6.62 -31.79 16.09
CA MET A 374 5.90 -32.86 15.39
C MET A 374 6.87 -33.84 14.76
N ASP A 375 7.91 -33.33 14.11
CA ASP A 375 8.97 -34.22 13.63
C ASP A 375 9.62 -34.97 14.78
N GLY A 376 9.68 -34.36 15.96
CA GLY A 376 10.38 -34.92 17.09
C GLY A 376 9.55 -35.82 17.97
N MET A 377 8.45 -36.36 17.45
CA MET A 377 7.68 -37.37 18.17
C MET A 377 8.34 -38.72 17.95
N GLY A 378 9.52 -38.87 18.55
CA GLY A 378 10.40 -39.98 18.23
C GLY A 378 9.94 -41.30 18.81
N ALA A 379 10.62 -42.36 18.35
CA ALA A 379 10.33 -43.73 18.76
C ALA A 379 8.94 -44.17 18.35
N ALA A 380 8.28 -43.41 17.47
CA ALA A 380 6.93 -43.74 17.05
C ALA A 380 6.06 -44.06 18.25
N GLY A 381 5.84 -43.07 19.11
CA GLY A 381 5.13 -43.28 20.36
C GLY A 381 3.63 -43.40 20.20
N LYS A 382 2.86 -42.78 21.11
CA LYS A 382 1.41 -42.93 21.11
C LYS A 382 0.67 -41.59 21.22
N VAL A 383 1.33 -40.47 20.97
CA VAL A 383 0.67 -39.18 21.01
C VAL A 383 0.07 -38.91 19.63
N VAL A 384 -1.12 -38.31 19.62
CA VAL A 384 -1.84 -38.00 18.39
C VAL A 384 -2.29 -36.56 18.48
N VAL A 385 -2.02 -35.78 17.44
CA VAL A 385 -2.36 -34.36 17.40
C VAL A 385 -3.50 -34.18 16.41
N ILE A 386 -4.66 -33.75 16.90
CA ILE A 386 -5.83 -33.49 16.07
C ILE A 386 -6.05 -31.98 16.03
N ALA A 387 -6.16 -31.43 14.84
CA ALA A 387 -6.45 -30.01 14.65
C ALA A 387 -7.78 -29.84 13.93
N ALA A 388 -8.34 -28.64 14.06
CA ALA A 388 -9.61 -28.32 13.43
C ALA A 388 -9.55 -26.88 12.92
N THR A 389 -9.98 -26.69 11.68
CA THR A 389 -9.90 -25.39 11.04
C THR A 389 -10.96 -25.29 9.97
N ASN A 390 -11.65 -24.14 9.93
CA ASN A 390 -12.66 -23.89 8.91
C ASN A 390 -12.05 -23.40 7.61
N ARG A 391 -10.78 -23.01 7.63
CA ARG A 391 -10.08 -22.53 6.43
C ARG A 391 -8.70 -23.18 6.38
N PRO A 392 -8.64 -24.46 6.04
CA PRO A 392 -7.36 -25.19 6.13
C PRO A 392 -6.27 -24.61 5.27
N ASN A 393 -6.61 -23.87 4.21
CA ASN A 393 -5.59 -23.30 3.35
C ASN A 393 -4.88 -22.11 3.97
N SER A 394 -5.35 -21.63 5.12
CA SER A 394 -4.63 -20.62 5.88
C SER A 394 -3.60 -21.23 6.82
N VAL A 395 -3.61 -22.55 6.99
CA VAL A 395 -2.57 -23.21 7.77
C VAL A 395 -1.29 -23.26 6.94
N ASP A 396 -0.15 -23.07 7.61
CA ASP A 396 1.12 -23.04 6.91
C ASP A 396 1.37 -24.38 6.24
N PRO A 397 1.67 -24.42 4.94
CA PRO A 397 1.84 -25.71 4.28
C PRO A 397 2.91 -26.58 4.91
N ALA A 398 3.84 -26.00 5.66
CA ALA A 398 4.84 -26.81 6.34
C ALA A 398 4.19 -27.81 7.29
N LEU A 399 2.99 -27.51 7.78
CA LEU A 399 2.32 -28.39 8.73
C LEU A 399 1.47 -29.45 8.05
N ARG A 400 1.20 -29.32 6.75
CA ARG A 400 0.40 -30.30 6.04
C ARG A 400 1.24 -31.26 5.19
N ARG A 401 2.56 -31.12 5.24
CA ARG A 401 3.41 -32.07 4.54
C ARG A 401 3.32 -33.43 5.21
N PRO A 402 3.44 -34.53 4.45
CA PRO A 402 3.57 -35.84 5.08
C PRO A 402 4.54 -35.81 6.26
N GLY A 403 4.20 -36.57 7.30
CA GLY A 403 4.90 -36.51 8.56
C GLY A 403 4.34 -35.49 9.53
N ARG A 404 3.91 -34.35 9.02
CA ARG A 404 3.09 -33.38 9.75
C ARG A 404 1.62 -33.74 9.53
N PHE A 405 0.66 -32.84 9.66
CA PHE A 405 -0.75 -33.22 9.65
C PHE A 405 -1.12 -33.77 8.27
N ASP A 406 -0.69 -35.00 8.04
CA ASP A 406 -0.84 -35.67 6.76
C ASP A 406 -2.25 -36.22 6.54
N GLN A 407 -2.98 -36.53 7.61
CA GLN A 407 -4.32 -37.11 7.51
C GLN A 407 -5.34 -36.01 7.73
N GLU A 408 -6.35 -35.96 6.86
CA GLU A 408 -7.35 -34.90 6.91
C GLU A 408 -8.73 -35.49 6.68
N VAL A 409 -9.69 -35.05 7.49
CA VAL A 409 -11.09 -35.45 7.38
C VAL A 409 -11.91 -34.21 7.07
N GLU A 410 -12.72 -34.27 6.02
CA GLU A 410 -13.50 -33.13 5.56
C GLU A 410 -14.93 -33.29 6.04
N ILE A 411 -15.41 -32.30 6.80
CA ILE A 411 -16.77 -32.32 7.35
C ILE A 411 -17.64 -31.49 6.41
N GLY A 412 -18.49 -32.16 5.64
CA GLY A 412 -19.27 -31.48 4.63
C GLY A 412 -20.60 -30.98 5.14
N ILE A 413 -21.20 -30.10 4.35
CA ILE A 413 -22.52 -29.56 4.70
C ILE A 413 -23.55 -30.67 4.63
N PRO A 414 -24.49 -30.76 5.55
CA PRO A 414 -25.48 -31.86 5.51
C PRO A 414 -26.26 -31.85 4.20
N ASP A 415 -26.53 -33.05 3.70
CA ASP A 415 -27.56 -33.23 2.68
C ASP A 415 -28.89 -33.51 3.38
N VAL A 416 -29.91 -33.84 2.60
CA VAL A 416 -31.23 -34.04 3.21
C VAL A 416 -31.19 -35.19 4.21
N ASP A 417 -30.54 -36.30 3.86
CA ASP A 417 -30.44 -37.42 4.78
C ASP A 417 -29.61 -37.06 6.01
N ALA A 418 -28.53 -36.31 5.82
CA ALA A 418 -27.73 -35.88 6.97
C ALA A 418 -28.55 -35.01 7.91
N ARG A 419 -29.33 -34.08 7.37
CA ARG A 419 -30.16 -33.24 8.22
C ARG A 419 -31.23 -34.06 8.90
N PHE A 420 -31.77 -35.07 8.22
CA PHE A 420 -32.73 -35.96 8.87
C PHE A 420 -32.09 -36.69 10.04
N ASP A 421 -30.87 -37.16 9.87
CA ASP A 421 -30.17 -37.83 10.97
C ASP A 421 -29.94 -36.88 12.13
N ILE A 422 -29.47 -35.67 11.84
CA ILE A 422 -29.20 -34.70 12.90
C ILE A 422 -30.47 -34.37 13.65
N LEU A 423 -31.56 -34.14 12.91
CA LEU A 423 -32.81 -33.76 13.56
C LEU A 423 -33.39 -34.91 14.35
N THR A 424 -33.27 -36.15 13.84
CA THR A 424 -33.74 -37.29 14.61
C THR A 424 -32.98 -37.42 15.91
N LYS A 425 -31.66 -37.24 15.87
CA LYS A 425 -30.86 -37.34 17.09
C LYS A 425 -31.20 -36.21 18.06
N GLN A 426 -31.35 -34.98 17.56
CA GLN A 426 -31.61 -33.84 18.43
C GLN A 426 -33.00 -33.95 19.04
N PHE A 427 -33.98 -34.43 18.27
CA PHE A 427 -35.33 -34.58 18.77
C PHE A 427 -35.48 -35.80 19.67
N SER A 428 -34.60 -36.79 19.52
CA SER A 428 -34.66 -37.95 20.40
C SER A 428 -34.19 -37.61 21.81
N ARG A 429 -33.58 -36.45 22.01
CA ARG A 429 -33.18 -36.01 23.35
C ARG A 429 -34.34 -35.43 24.14
N MET A 430 -35.51 -35.23 23.52
CA MET A 430 -36.65 -34.59 24.14
C MET A 430 -37.96 -35.30 23.83
N SER A 431 -37.97 -36.63 23.87
CA SER A 431 -39.10 -37.39 23.31
C SER A 431 -40.39 -37.24 24.12
N SER A 432 -40.31 -36.95 25.41
CA SER A 432 -41.52 -36.85 26.21
C SER A 432 -42.21 -35.48 26.06
N ASP A 433 -41.52 -34.52 25.45
CA ASP A 433 -42.07 -33.19 25.19
C ASP A 433 -42.20 -32.91 23.70
N ARG A 434 -42.11 -33.95 22.86
CA ARG A 434 -41.83 -33.72 21.45
C ARG A 434 -43.09 -33.38 20.66
N HIS A 435 -44.00 -34.34 20.53
CA HIS A 435 -45.27 -34.18 19.82
C HIS A 435 -45.08 -34.04 18.31
N VAL A 436 -43.83 -33.95 17.85
CA VAL A 436 -43.51 -33.98 16.43
C VAL A 436 -43.07 -35.41 16.16
N LEU A 437 -43.57 -36.32 17.00
CA LEU A 437 -43.08 -37.68 17.08
C LEU A 437 -43.04 -38.39 15.73
N ASP A 438 -43.89 -37.98 14.79
CA ASP A 438 -43.86 -38.58 13.47
C ASP A 438 -42.50 -38.36 12.83
N SER A 439 -41.81 -39.46 12.50
CA SER A 439 -40.58 -39.34 11.71
C SER A 439 -40.88 -38.71 10.35
N GLU A 440 -42.13 -38.80 9.89
CA GLU A 440 -42.52 -38.10 8.67
C GLU A 440 -42.42 -36.60 8.86
N ALA A 441 -42.83 -36.09 10.02
CA ALA A 441 -42.72 -34.65 10.28
C ALA A 441 -41.27 -34.20 10.34
N ILE A 442 -40.40 -35.00 10.95
CA ILE A 442 -38.99 -34.64 11.01
C ILE A 442 -38.37 -34.69 9.62
N LYS A 443 -38.80 -35.65 8.80
CA LYS A 443 -38.31 -35.70 7.42
C LYS A 443 -38.82 -34.50 6.62
N TYR A 444 -40.04 -34.05 6.88
CA TYR A 444 -40.52 -32.82 6.26
C TYR A 444 -39.66 -31.63 6.65
N ILE A 445 -39.34 -31.52 7.94
CA ILE A 445 -38.52 -30.39 8.39
C ILE A 445 -37.12 -30.48 7.78
N ALA A 446 -36.61 -31.70 7.60
CA ALA A 446 -35.32 -31.86 6.95
C ALA A 446 -35.40 -31.45 5.49
N SER A 447 -36.52 -31.75 4.84
CA SER A 447 -36.68 -31.36 3.44
C SER A 447 -36.79 -29.85 3.27
N LYS A 448 -37.43 -29.17 4.22
CA LYS A 448 -37.62 -27.73 4.11
C LYS A 448 -36.41 -26.91 4.56
N THR A 449 -35.46 -27.51 5.28
CA THR A 449 -34.36 -26.74 5.85
C THR A 449 -33.14 -26.71 4.94
N HIS A 450 -33.31 -26.18 3.73
CA HIS A 450 -32.18 -26.08 2.81
C HIS A 450 -31.17 -25.08 3.34
N GLY A 451 -29.91 -25.49 3.43
CA GLY A 451 -28.85 -24.61 3.88
C GLY A 451 -28.47 -24.76 5.34
N TYR A 452 -29.29 -25.44 6.13
CA TYR A 452 -29.00 -25.56 7.55
C TYR A 452 -27.80 -26.49 7.74
N VAL A 453 -26.90 -26.12 8.64
CA VAL A 453 -25.58 -26.72 8.67
C VAL A 453 -25.35 -27.65 9.86
N GLY A 454 -26.23 -27.62 10.86
CA GLY A 454 -26.06 -28.44 12.04
C GLY A 454 -26.07 -27.60 13.30
N ALA A 455 -25.42 -26.44 13.24
CA ALA A 455 -25.66 -25.43 14.27
C ALA A 455 -27.03 -24.79 14.07
N ASP A 456 -27.40 -24.54 12.81
CA ASP A 456 -28.68 -23.93 12.52
C ASP A 456 -29.84 -24.85 12.90
N LEU A 457 -29.66 -26.17 12.82
CA LEU A 457 -30.72 -27.08 13.21
C LEU A 457 -30.92 -27.08 14.73
N THR A 458 -29.83 -27.03 15.50
CA THR A 458 -29.97 -26.91 16.95
C THR A 458 -30.61 -25.59 17.32
N ALA A 459 -30.25 -24.51 16.60
CA ALA A 459 -30.91 -23.23 16.83
C ALA A 459 -32.39 -23.32 16.48
N LEU A 460 -32.73 -24.09 15.43
CA LEU A 460 -34.13 -24.30 15.07
C LEU A 460 -34.89 -24.97 16.20
N CYS A 461 -34.30 -26.01 16.79
CA CYS A 461 -34.96 -26.69 17.90
C CYS A 461 -35.12 -25.77 19.09
N ARG A 462 -34.09 -24.97 19.39
CA ARG A 462 -34.17 -24.01 20.48
C ARG A 462 -35.30 -23.01 20.25
N GLU A 463 -35.35 -22.44 19.05
CA GLU A 463 -36.41 -21.50 18.73
C GLU A 463 -37.78 -22.15 18.72
N SER A 464 -37.84 -23.45 18.40
CA SER A 464 -39.11 -24.17 18.50
C SER A 464 -39.56 -24.26 19.95
N VAL A 465 -38.63 -24.55 20.86
CA VAL A 465 -38.97 -24.56 22.29
C VAL A 465 -39.50 -23.19 22.69
N MET A 466 -38.81 -22.13 22.28
CA MET A 466 -39.25 -20.77 22.63
C MET A 466 -40.63 -20.47 22.05
N LYS A 467 -40.87 -20.89 20.80
CA LYS A 467 -42.16 -20.63 20.17
C LYS A 467 -43.28 -21.36 20.89
N THR A 468 -43.05 -22.62 21.28
CA THR A 468 -44.06 -23.36 22.01
C THR A 468 -44.34 -22.69 23.35
N ILE A 469 -43.30 -22.22 24.03
CA ILE A 469 -43.51 -21.51 25.29
C ILE A 469 -44.32 -20.24 25.07
N GLN A 470 -43.98 -19.48 24.03
CA GLN A 470 -44.74 -18.27 23.73
C GLN A 470 -46.21 -18.59 23.52
N ARG A 471 -46.50 -19.58 22.67
CA ARG A 471 -47.89 -19.90 22.38
C ARG A 471 -48.63 -20.38 23.61
N GLY A 472 -48.05 -21.31 24.37
CA GLY A 472 -48.70 -21.80 25.57
C GLY A 472 -48.94 -20.69 26.58
N LEU A 473 -47.88 -19.91 26.88
CA LEU A 473 -48.00 -18.80 27.81
C LEU A 473 -49.00 -17.76 27.34
N GLY A 474 -49.30 -17.72 26.03
CA GLY A 474 -50.33 -16.83 25.55
C GLY A 474 -51.72 -17.20 25.99
N THR A 475 -51.92 -18.42 26.50
CA THR A 475 -53.20 -18.86 27.02
C THR A 475 -53.34 -18.63 28.52
N ASP A 476 -52.22 -18.66 29.25
CA ASP A 476 -52.24 -18.41 30.69
C ASP A 476 -50.88 -17.87 31.08
N ALA A 477 -50.85 -16.72 31.75
CA ALA A 477 -49.59 -16.09 32.11
C ALA A 477 -48.74 -16.94 33.04
N ASN A 478 -49.33 -17.92 33.73
CA ASN A 478 -48.59 -18.79 34.64
C ASN A 478 -48.80 -20.26 34.28
N ILE A 479 -48.89 -20.58 32.99
CA ILE A 479 -49.01 -21.95 32.53
C ILE A 479 -47.79 -22.74 32.98
N ASP A 480 -47.94 -24.06 33.09
CA ASP A 480 -46.80 -24.92 33.40
C ASP A 480 -45.90 -25.02 32.18
N LYS A 481 -44.84 -24.20 32.14
CA LYS A 481 -44.00 -24.12 30.95
C LYS A 481 -43.29 -25.45 30.68
N PHE A 482 -42.93 -26.19 31.73
CA PHE A 482 -42.32 -27.49 31.55
C PHE A 482 -43.26 -28.50 30.91
N SER A 483 -44.56 -28.21 30.87
CA SER A 483 -45.53 -29.16 30.34
C SER A 483 -45.73 -29.02 28.84
N LEU A 484 -45.44 -27.84 28.28
CA LEU A 484 -45.66 -27.62 26.86
C LEU A 484 -44.81 -28.56 26.02
N LYS A 485 -45.35 -28.99 24.89
CA LYS A 485 -44.69 -29.92 23.98
C LYS A 485 -44.69 -29.36 22.57
N VAL A 486 -43.68 -29.75 21.79
CA VAL A 486 -43.31 -29.05 20.57
C VAL A 486 -44.05 -29.59 19.35
N THR A 487 -45.24 -29.05 19.08
CA THR A 487 -45.96 -29.43 17.87
C THR A 487 -45.25 -28.91 16.63
N LEU A 488 -45.46 -29.59 15.50
CA LEU A 488 -44.78 -29.24 14.26
C LEU A 488 -44.99 -27.79 13.88
N LYS A 489 -46.18 -27.25 14.18
CA LYS A 489 -46.47 -25.86 13.82
C LYS A 489 -45.41 -24.93 14.38
N ASP A 490 -44.91 -25.22 15.57
CA ASP A 490 -43.93 -24.34 16.20
C ASP A 490 -42.56 -24.44 15.55
N VAL A 491 -42.18 -25.62 15.06
CA VAL A 491 -40.92 -25.71 14.31
C VAL A 491 -41.06 -24.96 12.98
N GLU A 492 -42.23 -25.06 12.35
CA GLU A 492 -42.46 -24.31 11.13
C GLU A 492 -42.39 -22.81 11.39
N SER A 493 -42.95 -22.36 12.51
CA SER A 493 -42.88 -20.95 12.87
C SER A 493 -41.46 -20.53 13.20
N ALA A 494 -40.67 -21.44 13.78
CA ALA A 494 -39.29 -21.12 14.08
C ALA A 494 -38.45 -20.99 12.81
N MET A 495 -38.75 -21.79 11.78
CA MET A 495 -37.97 -21.68 10.54
C MET A 495 -38.05 -20.28 9.95
N VAL A 496 -39.13 -19.56 10.23
CA VAL A 496 -39.26 -18.20 9.68
C VAL A 496 -38.21 -17.28 10.26
N ASP A 497 -37.85 -17.48 11.54
CA ASP A 497 -36.86 -16.64 12.19
C ASP A 497 -35.44 -17.13 11.96
N ILE A 498 -35.23 -18.44 11.85
CA ILE A 498 -33.88 -19.01 11.78
C ILE A 498 -33.54 -19.13 10.30
N ARG A 499 -32.97 -18.06 9.76
CA ARG A 499 -32.36 -18.13 8.44
C ARG A 499 -30.98 -18.78 8.56
N PRO A 500 -30.52 -19.47 7.52
CA PRO A 500 -29.22 -20.15 7.62
C PRO A 500 -28.10 -19.18 7.97
N SER A 501 -27.17 -19.65 8.81
CA SER A 501 -26.06 -18.82 9.23
C SER A 501 -25.15 -18.43 8.07
N ALA A 502 -25.15 -19.22 7.00
CA ALA A 502 -24.35 -18.88 5.82
C ALA A 502 -24.93 -17.68 5.07
N MET A 503 -26.18 -17.31 5.36
CA MET A 503 -26.84 -16.22 4.67
C MET A 503 -26.84 -14.91 5.47
N ARG A 504 -26.15 -14.86 6.60
CA ARG A 504 -26.25 -13.67 7.46
C ARG A 504 -25.52 -12.47 6.88
N GLU A 505 -24.71 -12.65 5.83
CA GLU A 505 -24.10 -11.51 5.16
C GLU A 505 -24.97 -10.96 4.04
N ILE A 506 -26.12 -11.58 3.77
CA ILE A 506 -27.02 -11.11 2.70
C ILE A 506 -28.14 -10.34 3.38
N PHE A 507 -27.94 -9.03 3.50
CA PHE A 507 -29.01 -8.11 3.90
C PHE A 507 -29.80 -7.72 2.65
N LEU A 508 -31.09 -8.04 2.64
CA LEU A 508 -31.98 -7.61 1.57
C LEU A 508 -33.35 -7.31 2.16
N GLU A 509 -33.93 -6.17 1.78
CA GLU A 509 -35.25 -5.80 2.28
C GLU A 509 -36.31 -6.80 1.83
N MET A 510 -36.40 -7.06 0.53
CA MET A 510 -37.25 -8.07 -0.06
C MET A 510 -38.71 -7.98 0.39
N PRO A 511 -39.48 -7.02 -0.10
CA PRO A 511 -40.93 -7.07 0.12
C PRO A 511 -41.50 -8.43 -0.25
N LYS A 512 -42.64 -8.78 0.34
CA LYS A 512 -43.21 -10.12 0.19
C LYS A 512 -44.12 -10.15 -1.02
N VAL A 513 -43.76 -10.94 -2.03
CA VAL A 513 -44.50 -11.04 -3.28
C VAL A 513 -44.69 -12.51 -3.63
N TYR A 514 -45.92 -12.89 -3.94
CA TYR A 514 -46.28 -14.27 -4.23
C TYR A 514 -46.50 -14.45 -5.74
N TRP A 515 -46.54 -15.71 -6.17
CA TRP A 515 -46.75 -15.97 -7.60
C TRP A 515 -48.09 -15.41 -8.07
N SER A 516 -49.12 -15.48 -7.24
CA SER A 516 -50.43 -15.00 -7.63
C SER A 516 -50.42 -13.51 -7.98
N ASP A 517 -49.43 -12.76 -7.48
CA ASP A 517 -49.34 -11.35 -7.81
C ASP A 517 -48.85 -11.12 -9.23
N ILE A 518 -48.11 -12.08 -9.79
CA ILE A 518 -47.58 -11.96 -11.14
C ILE A 518 -48.61 -12.47 -12.12
N GLY A 519 -49.54 -11.61 -12.53
CA GLY A 519 -50.62 -12.00 -13.40
C GLY A 519 -50.20 -12.41 -14.80
N GLY A 520 -50.71 -13.55 -15.26
CA GLY A 520 -50.63 -13.93 -16.66
C GLY A 520 -49.24 -14.11 -17.23
N GLN A 521 -48.41 -14.91 -16.56
CA GLN A 521 -47.12 -15.33 -17.11
C GLN A 521 -46.95 -16.82 -16.88
N GLU A 522 -47.98 -17.59 -17.24
CA GLU A 522 -48.08 -18.98 -16.79
C GLU A 522 -46.93 -19.84 -17.30
N GLU A 523 -46.52 -19.67 -18.56
CA GLU A 523 -45.41 -20.47 -19.07
C GLU A 523 -44.13 -20.18 -18.29
N LEU A 524 -43.90 -18.91 -17.95
CA LEU A 524 -42.75 -18.56 -17.13
C LEU A 524 -42.82 -19.24 -15.77
N LYS A 525 -44.01 -19.24 -15.16
CA LYS A 525 -44.16 -19.87 -13.85
C LYS A 525 -43.89 -21.36 -13.92
N THR A 526 -44.38 -22.02 -14.97
CA THR A 526 -44.14 -23.45 -15.13
C THR A 526 -42.65 -23.74 -15.33
N LYS A 527 -42.00 -22.97 -16.20
CA LYS A 527 -40.58 -23.17 -16.45
C LYS A 527 -39.73 -22.81 -15.24
N MET A 528 -40.24 -22.00 -14.32
CA MET A 528 -39.50 -21.72 -13.10
C MET A 528 -39.73 -22.80 -12.05
N LYS A 529 -40.94 -23.34 -11.98
CA LYS A 529 -41.14 -24.58 -11.23
C LYS A 529 -40.14 -25.63 -11.67
N GLU A 530 -40.03 -25.84 -12.98
CA GLU A 530 -39.19 -26.90 -13.52
C GLU A 530 -37.75 -26.80 -13.02
N MET A 531 -37.28 -25.60 -12.73
CA MET A 531 -35.89 -25.41 -12.31
C MET A 531 -35.73 -25.30 -10.80
N ILE A 532 -36.74 -24.78 -10.09
CA ILE A 532 -36.57 -24.51 -8.67
C ILE A 532 -37.06 -25.68 -7.82
N GLN A 533 -38.22 -26.23 -8.13
CA GLN A 533 -38.78 -27.29 -7.29
C GLN A 533 -38.47 -28.68 -7.83
N LEU A 534 -38.74 -28.92 -9.10
CA LEU A 534 -38.64 -30.28 -9.63
C LEU A 534 -37.27 -30.90 -9.42
N PRO A 535 -36.15 -30.20 -9.62
CA PRO A 535 -34.84 -30.83 -9.40
C PRO A 535 -34.60 -31.28 -7.96
N LEU A 536 -35.35 -30.75 -7.00
CA LEU A 536 -35.23 -31.14 -5.60
C LEU A 536 -36.25 -32.19 -5.21
N GLU A 537 -37.48 -32.08 -5.68
CA GLU A 537 -38.52 -33.06 -5.37
C GLU A 537 -38.46 -34.30 -6.25
N ALA A 538 -37.64 -34.29 -7.31
CA ALA A 538 -37.57 -35.40 -8.24
C ALA A 538 -36.14 -35.78 -8.58
N SER A 539 -35.23 -35.72 -7.60
CA SER A 539 -33.83 -36.01 -7.88
C SER A 539 -33.66 -37.44 -8.41
N GLU A 540 -34.37 -38.40 -7.83
CA GLU A 540 -34.17 -39.79 -8.21
C GLU A 540 -34.59 -40.04 -9.66
N THR A 541 -35.65 -39.38 -10.14
CA THR A 541 -36.05 -39.57 -11.52
C THR A 541 -35.02 -39.01 -12.48
N PHE A 542 -34.45 -37.84 -12.16
CA PHE A 542 -33.34 -37.32 -12.96
C PHE A 542 -32.18 -38.30 -12.96
N ALA A 543 -31.84 -38.84 -11.80
CA ALA A 543 -30.72 -39.77 -11.72
C ALA A 543 -30.96 -41.00 -12.59
N ARG A 544 -32.15 -41.59 -12.49
CA ARG A 544 -32.43 -42.79 -13.27
C ARG A 544 -32.47 -42.50 -14.76
N LEU A 545 -33.03 -41.34 -15.15
CA LEU A 545 -33.02 -40.96 -16.55
C LEU A 545 -31.63 -40.53 -17.02
N GLY A 546 -30.78 -40.08 -16.11
CA GLY A 546 -29.40 -39.78 -16.45
C GLY A 546 -29.17 -38.39 -17.00
N ILE A 547 -29.84 -37.38 -16.44
CA ILE A 547 -29.73 -36.01 -16.91
C ILE A 547 -29.72 -35.06 -15.72
N SER A 548 -29.01 -33.95 -15.87
CA SER A 548 -29.11 -32.86 -14.90
C SER A 548 -30.09 -31.81 -15.41
N ALA A 549 -30.84 -31.23 -14.48
CA ALA A 549 -31.80 -30.22 -14.86
C ALA A 549 -31.09 -28.91 -15.20
N PRO A 550 -31.62 -28.12 -16.13
CA PRO A 550 -30.99 -26.84 -16.44
C PRO A 550 -30.93 -25.97 -15.20
N LYS A 551 -29.81 -25.26 -15.06
CA LYS A 551 -29.56 -24.46 -13.86
C LYS A 551 -29.29 -23.00 -14.19
N GLY A 552 -29.63 -22.55 -15.38
CA GLY A 552 -29.54 -21.14 -15.71
C GLY A 552 -30.69 -20.73 -16.60
N VAL A 553 -31.17 -19.51 -16.39
CA VAL A 553 -32.27 -18.95 -17.18
C VAL A 553 -32.04 -17.46 -17.34
N LEU A 554 -32.32 -16.95 -18.54
CA LEU A 554 -32.22 -15.52 -18.83
C LEU A 554 -33.62 -15.00 -19.12
N LEU A 555 -34.03 -13.97 -18.40
CA LEU A 555 -35.32 -13.33 -18.59
C LEU A 555 -35.09 -12.00 -19.31
N TYR A 556 -35.67 -11.88 -20.50
CA TYR A 556 -35.53 -10.66 -21.29
C TYR A 556 -36.92 -10.24 -21.78
N GLY A 557 -37.05 -8.94 -21.99
CA GLY A 557 -38.31 -8.38 -22.43
C GLY A 557 -38.36 -6.88 -22.28
N PRO A 558 -39.48 -6.27 -22.65
CA PRO A 558 -39.60 -4.83 -22.59
C PRO A 558 -39.60 -4.34 -21.15
N PRO A 559 -39.21 -3.09 -20.91
CA PRO A 559 -39.25 -2.57 -19.54
C PRO A 559 -40.69 -2.46 -19.04
N GLY A 560 -40.91 -2.94 -17.82
CA GLY A 560 -42.22 -2.99 -17.22
C GLY A 560 -42.76 -4.40 -17.05
N CYS A 561 -42.46 -5.28 -18.00
CA CYS A 561 -42.86 -6.66 -17.88
C CYS A 561 -42.12 -7.33 -16.72
N SER A 562 -42.77 -8.31 -16.11
CA SER A 562 -42.38 -8.80 -14.79
C SER A 562 -41.14 -9.71 -14.88
N LYS A 563 -39.96 -9.08 -14.78
CA LYS A 563 -38.72 -9.81 -14.58
C LYS A 563 -38.27 -9.72 -13.12
N THR A 564 -38.03 -8.50 -12.64
CA THR A 564 -37.68 -8.30 -11.23
C THR A 564 -38.82 -8.72 -10.32
N LEU A 565 -40.06 -8.61 -10.80
CA LEU A 565 -41.19 -9.10 -10.02
C LEU A 565 -41.12 -10.61 -9.87
N THR A 566 -40.74 -11.31 -10.94
CA THR A 566 -40.50 -12.75 -10.83
C THR A 566 -39.35 -13.04 -9.87
N ALA A 567 -38.34 -12.17 -9.84
CA ALA A 567 -37.26 -12.35 -8.88
C ALA A 567 -37.77 -12.26 -7.45
N LYS A 568 -38.60 -11.25 -7.17
CA LYS A 568 -39.16 -11.10 -5.82
C LYS A 568 -40.04 -12.29 -5.48
N ALA A 569 -40.82 -12.78 -6.45
CA ALA A 569 -41.65 -13.96 -6.22
C ALA A 569 -40.79 -15.17 -5.89
N LEU A 570 -39.68 -15.35 -6.61
CA LEU A 570 -38.78 -16.45 -6.31
C LEU A 570 -38.22 -16.33 -4.89
N ALA A 571 -37.82 -15.12 -4.52
CA ALA A 571 -37.30 -14.92 -3.17
C ALA A 571 -38.34 -15.27 -2.11
N THR A 572 -39.60 -14.92 -2.36
CA THR A 572 -40.66 -15.13 -1.37
C THR A 572 -41.14 -16.57 -1.30
N GLU A 573 -41.23 -17.26 -2.44
CA GLU A 573 -41.97 -18.51 -2.50
C GLU A 573 -41.18 -19.65 -3.12
N SER A 574 -39.91 -19.44 -3.47
CA SER A 574 -39.09 -20.58 -3.91
C SER A 574 -38.81 -21.54 -2.77
N GLY A 575 -38.65 -21.03 -1.55
CA GLY A 575 -38.32 -21.84 -0.41
C GLY A 575 -36.85 -22.09 -0.22
N ILE A 576 -36.03 -21.80 -1.22
CA ILE A 576 -34.60 -21.99 -1.14
C ILE A 576 -33.94 -20.62 -1.03
N ASN A 577 -32.65 -20.62 -0.69
CA ASN A 577 -31.94 -19.39 -0.43
C ASN A 577 -31.85 -18.54 -1.69
N PHE A 578 -31.78 -17.22 -1.50
CA PHE A 578 -31.82 -16.26 -2.60
C PHE A 578 -30.74 -15.22 -2.41
N LEU A 579 -29.83 -15.14 -3.36
CA LEU A 579 -28.82 -14.08 -3.41
C LEU A 579 -29.05 -13.24 -4.65
N ALA A 580 -28.82 -11.93 -4.54
CA ALA A 580 -28.98 -11.02 -5.64
C ALA A 580 -27.74 -10.17 -5.79
N VAL A 581 -27.36 -9.92 -7.04
CA VAL A 581 -26.24 -9.05 -7.38
C VAL A 581 -26.76 -8.02 -8.37
N LYS A 582 -26.88 -6.77 -7.93
CA LYS A 582 -27.47 -5.71 -8.73
C LYS A 582 -26.39 -5.07 -9.63
N GLY A 583 -25.76 -5.92 -10.46
CA GLY A 583 -24.73 -5.47 -11.35
C GLY A 583 -25.11 -4.14 -11.98
N PRO A 584 -24.15 -3.21 -12.10
CA PRO A 584 -22.71 -3.22 -11.83
C PRO A 584 -22.28 -3.01 -10.37
N GLU A 585 -23.07 -3.52 -9.42
CA GLU A 585 -22.73 -3.37 -8.01
C GLU A 585 -21.35 -3.94 -7.70
N ILE A 586 -20.91 -4.95 -8.46
CA ILE A 586 -19.69 -5.68 -8.11
C ILE A 586 -18.42 -4.88 -8.37
N PHE A 587 -18.46 -3.89 -9.24
CA PHE A 587 -17.24 -3.24 -9.70
C PHE A 587 -16.57 -2.47 -8.57
N ASN A 588 -15.23 -2.48 -8.57
CA ASN A 588 -14.44 -1.85 -7.53
C ASN A 588 -13.17 -1.27 -8.14
N LYS A 589 -12.61 -0.26 -7.48
CA LYS A 589 -11.43 0.43 -8.00
C LYS A 589 -10.29 -0.54 -8.28
N TYR A 590 -9.94 -1.34 -7.28
CA TYR A 590 -8.63 -1.96 -7.24
C TYR A 590 -8.59 -3.21 -8.11
N VAL A 591 -7.39 -3.54 -8.57
CA VAL A 591 -7.23 -4.67 -9.47
C VAL A 591 -7.54 -5.96 -8.72
N GLY A 592 -8.45 -6.75 -9.27
CA GLY A 592 -8.83 -8.02 -8.70
C GLY A 592 -10.02 -7.98 -7.76
N GLU A 593 -10.41 -6.79 -7.28
CA GLU A 593 -11.54 -6.72 -6.36
C GLU A 593 -12.87 -6.96 -7.07
N SER A 594 -12.98 -6.54 -8.33
CA SER A 594 -14.21 -6.78 -9.07
C SER A 594 -14.45 -8.28 -9.25
N GLU A 595 -13.38 -9.04 -9.52
CA GLU A 595 -13.51 -10.47 -9.69
C GLU A 595 -13.67 -11.18 -8.36
N ARG A 596 -13.06 -10.63 -7.30
CA ARG A 596 -13.24 -11.23 -5.98
C ARG A 596 -14.69 -11.12 -5.53
N ALA A 597 -15.40 -10.08 -5.98
CA ALA A 597 -16.81 -9.95 -5.63
C ALA A 597 -17.64 -11.06 -6.25
N ILE A 598 -17.38 -11.38 -7.53
CA ILE A 598 -18.07 -12.48 -8.18
C ILE A 598 -17.73 -13.79 -7.48
N ARG A 599 -16.45 -13.99 -7.19
CA ARG A 599 -16.06 -15.22 -6.49
C ARG A 599 -16.74 -15.31 -5.13
N GLU A 600 -16.87 -14.19 -4.43
CA GLU A 600 -17.47 -14.20 -3.10
C GLU A 600 -18.96 -14.50 -3.16
N ILE A 601 -19.68 -13.90 -4.10
CA ILE A 601 -21.11 -14.18 -4.19
C ILE A 601 -21.34 -15.63 -4.61
N PHE A 602 -20.55 -16.14 -5.55
CA PHE A 602 -20.72 -17.53 -5.93
C PHE A 602 -20.29 -18.47 -4.80
N ARG A 603 -19.33 -18.04 -3.98
CA ARG A 603 -18.94 -18.84 -2.82
C ARG A 603 -20.05 -18.90 -1.79
N LYS A 604 -20.73 -17.77 -1.55
CA LYS A 604 -21.83 -17.79 -0.59
C LYS A 604 -23.02 -18.56 -1.15
N ALA A 605 -23.24 -18.50 -2.45
CA ALA A 605 -24.28 -19.32 -3.07
C ALA A 605 -23.96 -20.80 -2.94
N ARG A 606 -22.64 -21.10 -2.96
CA ARG A 606 -22.12 -22.48 -2.75
C ARG A 606 -22.14 -22.84 -1.26
N SER A 607 -22.19 -21.87 -0.35
CA SER A 607 -22.29 -22.09 1.12
C SER A 607 -23.76 -22.25 1.50
N ALA A 608 -24.69 -21.79 0.65
CA ALA A 608 -26.15 -21.86 0.91
C ALA A 608 -26.71 -23.21 0.45
N ALA A 609 -25.94 -24.04 -0.27
CA ALA A 609 -26.44 -25.32 -0.83
C ALA A 609 -27.52 -24.93 -1.86
N PRO A 610 -28.77 -25.45 -1.95
CA PRO A 610 -29.76 -24.92 -2.91
C PRO A 610 -29.85 -23.39 -2.75
N SER A 611 -29.61 -22.62 -3.82
CA SER A 611 -29.66 -21.14 -3.78
C SER A 611 -30.21 -20.62 -5.13
N ILE A 612 -30.40 -19.30 -5.36
CA ILE A 612 -30.85 -18.60 -6.62
C ILE A 612 -30.12 -17.27 -6.75
N ILE A 613 -29.09 -17.15 -7.58
CA ILE A 613 -28.36 -15.90 -7.79
C ILE A 613 -29.08 -15.15 -8.90
N PHE A 614 -29.64 -13.99 -8.57
CA PHE A 614 -30.40 -13.20 -9.53
C PHE A 614 -29.53 -12.04 -9.99
N PHE A 615 -29.04 -12.14 -11.23
CA PHE A 615 -28.21 -11.11 -11.84
C PHE A 615 -29.14 -10.10 -12.50
N ASP A 616 -29.50 -9.05 -11.76
CA ASP A 616 -30.34 -8.01 -12.32
C ASP A 616 -29.52 -7.14 -13.24
N GLU A 617 -29.97 -6.98 -14.48
CA GLU A 617 -29.24 -6.24 -15.50
C GLU A 617 -27.86 -6.89 -15.74
N ILE A 618 -27.89 -8.15 -16.15
CA ILE A 618 -26.66 -8.89 -16.40
C ILE A 618 -25.83 -8.23 -17.49
N ASP A 619 -26.48 -7.47 -18.38
CA ASP A 619 -25.75 -6.82 -19.46
C ASP A 619 -24.74 -5.81 -18.95
N ALA A 620 -24.89 -5.33 -17.72
CA ALA A 620 -23.89 -4.42 -17.16
C ALA A 620 -22.54 -5.10 -16.99
N LEU A 621 -22.54 -6.42 -16.81
CA LEU A 621 -21.29 -7.16 -16.61
C LEU A 621 -20.70 -7.65 -17.92
N SER A 622 -21.51 -7.87 -18.95
CA SER A 622 -20.97 -8.32 -20.23
C SER A 622 -20.33 -7.15 -20.95
N PRO A 623 -19.06 -7.22 -21.32
CA PRO A 623 -18.37 -6.03 -21.85
C PRO A 623 -19.03 -5.48 -23.10
N ASP A 624 -18.55 -4.30 -23.51
CA ASP A 624 -19.09 -3.63 -24.68
C ASP A 624 -18.56 -4.25 -25.97
N ARG A 625 -19.20 -3.90 -27.08
CA ARG A 625 -18.81 -4.46 -28.38
C ARG A 625 -17.41 -4.01 -28.78
N ASP A 626 -17.11 -2.73 -28.63
CA ASP A 626 -15.84 -2.19 -29.12
C ASP A 626 -14.67 -2.48 -28.19
N GLY A 627 -14.91 -2.92 -26.96
CA GLY A 627 -13.84 -3.25 -26.05
C GLY A 627 -13.01 -2.05 -25.63
N SER A 628 -13.59 -0.86 -25.71
CA SER A 628 -12.88 0.36 -25.36
C SER A 628 -12.71 0.44 -23.84
N SER A 629 -11.46 0.29 -23.39
CA SER A 629 -11.12 0.40 -21.97
C SER A 629 -11.89 -0.58 -21.10
N THR A 630 -12.17 -1.78 -21.61
CA THR A 630 -12.92 -2.77 -20.88
C THR A 630 -12.00 -3.72 -20.11
N SER A 631 -10.84 -3.21 -19.68
CA SER A 631 -9.84 -4.06 -19.01
C SER A 631 -10.46 -4.79 -17.82
N ALA A 632 -11.21 -4.07 -16.99
CA ALA A 632 -11.81 -4.69 -15.82
C ALA A 632 -13.00 -5.56 -16.20
N ALA A 633 -13.82 -5.10 -17.13
CA ALA A 633 -15.04 -5.82 -17.48
C ALA A 633 -14.71 -7.20 -18.07
N ASN A 634 -13.66 -7.29 -18.88
CA ASN A 634 -13.29 -8.57 -19.46
C ASN A 634 -12.94 -9.59 -18.38
N HIS A 635 -12.16 -9.16 -17.39
CA HIS A 635 -11.86 -10.03 -16.26
C HIS A 635 -13.13 -10.40 -15.50
N VAL A 636 -14.07 -9.46 -15.37
CA VAL A 636 -15.32 -9.73 -14.68
C VAL A 636 -16.08 -10.85 -15.38
N LEU A 637 -16.22 -10.74 -16.69
CA LEU A 637 -16.97 -11.75 -17.43
C LEU A 637 -16.28 -13.10 -17.39
N THR A 638 -14.94 -13.10 -17.54
CA THR A 638 -14.23 -14.37 -17.48
C THR A 638 -14.37 -15.02 -16.11
N SER A 639 -14.29 -14.23 -15.04
CA SER A 639 -14.49 -14.77 -13.69
C SER A 639 -15.90 -15.33 -13.54
N LEU A 640 -16.89 -14.60 -14.04
CA LEU A 640 -18.27 -15.06 -13.95
C LEU A 640 -18.45 -16.40 -14.67
N LEU A 641 -17.84 -16.52 -15.86
CA LEU A 641 -17.93 -17.77 -16.60
C LEU A 641 -17.21 -18.90 -15.87
N ASN A 642 -16.04 -18.61 -15.31
CA ASN A 642 -15.32 -19.63 -14.54
C ASN A 642 -16.15 -20.12 -13.36
N GLU A 643 -16.88 -19.21 -12.71
CA GLU A 643 -17.68 -19.62 -11.56
C GLU A 643 -18.93 -20.39 -12.00
N ILE A 644 -19.57 -19.97 -13.08
CA ILE A 644 -20.72 -20.72 -13.59
C ILE A 644 -20.28 -22.11 -14.02
N ASP A 645 -19.04 -22.25 -14.49
CA ASP A 645 -18.50 -23.57 -14.78
C ASP A 645 -18.11 -24.32 -13.52
N GLY A 646 -17.75 -23.61 -12.46
CA GLY A 646 -17.49 -24.27 -11.18
C GLY A 646 -18.75 -24.90 -10.62
N VAL A 647 -19.87 -24.19 -10.67
CA VAL A 647 -21.14 -24.77 -10.25
C VAL A 647 -21.72 -25.71 -11.28
N GLU A 648 -21.20 -25.71 -12.51
CA GLU A 648 -21.74 -26.58 -13.55
C GLU A 648 -21.60 -28.05 -13.17
N GLU A 649 -20.55 -28.40 -12.42
CA GLU A 649 -20.33 -29.76 -11.97
C GLU A 649 -20.80 -29.92 -10.53
N LEU A 650 -21.49 -31.03 -10.26
CA LEU A 650 -21.72 -31.57 -8.93
C LEU A 650 -22.58 -30.71 -8.01
N LYS A 651 -23.00 -29.53 -8.45
CA LYS A 651 -23.76 -28.69 -7.55
C LYS A 651 -25.11 -28.30 -8.17
N GLY A 652 -26.01 -27.83 -7.32
CA GLY A 652 -27.34 -27.42 -7.73
C GLY A 652 -27.70 -25.97 -7.46
N VAL A 653 -26.77 -25.05 -7.75
CA VAL A 653 -27.10 -23.63 -7.73
C VAL A 653 -27.78 -23.26 -9.03
N VAL A 654 -28.75 -22.34 -8.96
CA VAL A 654 -29.52 -21.91 -10.12
C VAL A 654 -29.27 -20.42 -10.33
N ILE A 655 -28.93 -20.05 -11.56
CA ILE A 655 -28.60 -18.67 -11.91
C ILE A 655 -29.72 -18.09 -12.75
N VAL A 656 -30.29 -16.98 -12.29
CA VAL A 656 -31.32 -16.26 -13.02
C VAL A 656 -30.77 -14.88 -13.35
N ALA A 657 -30.97 -14.46 -14.60
CA ALA A 657 -30.49 -13.17 -15.07
C ALA A 657 -31.62 -12.44 -15.80
N ALA A 658 -31.70 -11.13 -15.58
CA ALA A 658 -32.70 -10.29 -16.20
C ALA A 658 -32.01 -9.17 -16.95
N THR A 659 -32.42 -8.96 -18.21
CA THR A 659 -31.79 -7.96 -19.05
C THR A 659 -32.82 -7.33 -19.96
N ASN A 660 -32.63 -6.04 -20.23
CA ASN A 660 -33.46 -5.29 -21.17
C ASN A 660 -32.89 -5.27 -22.57
N ARG A 661 -31.62 -5.65 -22.72
CA ARG A 661 -30.91 -5.60 -24.00
C ARG A 661 -30.36 -7.01 -24.25
N PRO A 662 -31.22 -7.93 -24.68
CA PRO A 662 -30.81 -9.34 -24.69
C PRO A 662 -29.61 -9.64 -25.57
N ASP A 663 -29.37 -8.88 -26.64
CA ASP A 663 -28.36 -9.26 -27.62
C ASP A 663 -27.03 -8.55 -27.42
N GLU A 664 -26.83 -7.82 -26.33
CA GLU A 664 -25.54 -7.20 -26.06
C GLU A 664 -24.78 -7.93 -24.97
N ILE A 665 -25.10 -9.19 -24.72
CA ILE A 665 -24.41 -10.01 -23.72
C ILE A 665 -23.71 -11.15 -24.44
N ASP A 666 -22.48 -11.44 -24.00
CA ASP A 666 -21.58 -12.27 -24.79
C ASP A 666 -22.17 -13.66 -25.04
N ALA A 667 -21.86 -14.21 -26.22
CA ALA A 667 -22.34 -15.53 -26.58
C ALA A 667 -21.79 -16.61 -25.66
N ALA A 668 -20.64 -16.36 -25.04
CA ALA A 668 -20.10 -17.34 -24.10
C ALA A 668 -20.98 -17.47 -22.87
N LEU A 669 -21.71 -16.41 -22.53
CA LEU A 669 -22.54 -16.39 -21.33
C LEU A 669 -23.96 -16.86 -21.60
N LEU A 670 -24.34 -17.01 -22.87
CA LEU A 670 -25.68 -17.47 -23.22
C LEU A 670 -25.73 -18.94 -23.64
N ARG A 671 -24.58 -19.57 -23.85
CA ARG A 671 -24.57 -20.95 -24.30
C ARG A 671 -25.10 -21.86 -23.18
N PRO A 672 -25.66 -23.02 -23.54
CA PRO A 672 -26.06 -23.98 -22.51
C PRO A 672 -24.87 -24.38 -21.66
N GLY A 673 -25.16 -24.74 -20.41
CA GLY A 673 -24.16 -24.89 -19.36
C GLY A 673 -24.01 -23.60 -18.60
N ARG A 674 -23.83 -22.51 -19.33
CA ARG A 674 -24.10 -21.17 -18.82
C ARG A 674 -25.60 -20.96 -18.98
N LEU A 675 -26.08 -19.73 -18.96
CA LEU A 675 -27.53 -19.48 -18.97
C LEU A 675 -28.14 -20.29 -20.11
N ASP A 676 -28.90 -21.32 -19.74
CA ASP A 676 -29.48 -22.23 -20.74
C ASP A 676 -30.73 -21.64 -21.38
N ARG A 677 -31.76 -21.44 -20.57
CA ARG A 677 -33.10 -21.13 -21.08
C ARG A 677 -33.27 -19.63 -21.24
N HIS A 678 -33.90 -19.22 -22.32
CA HIS A 678 -34.28 -17.83 -22.55
C HIS A 678 -35.80 -17.76 -22.63
N ILE A 679 -36.38 -16.86 -21.84
CA ILE A 679 -37.83 -16.69 -21.77
C ILE A 679 -38.17 -15.24 -22.08
N TYR A 680 -39.17 -15.03 -22.92
CA TYR A 680 -39.58 -13.69 -23.33
C TYR A 680 -40.70 -13.23 -22.41
N VAL A 681 -40.36 -12.36 -21.47
CA VAL A 681 -41.33 -11.84 -20.50
C VAL A 681 -41.97 -10.63 -21.18
N GLY A 682 -43.07 -10.87 -21.89
CA GLY A 682 -43.67 -9.87 -22.74
C GLY A 682 -44.85 -9.17 -22.10
N PRO A 683 -45.41 -8.19 -22.82
CA PRO A 683 -46.51 -7.40 -22.27
C PRO A 683 -47.72 -8.28 -21.98
N PRO A 684 -48.48 -7.96 -20.93
CA PRO A 684 -49.63 -8.81 -20.58
C PRO A 684 -50.70 -8.77 -21.66
N ASP A 685 -51.26 -9.94 -21.96
CA ASP A 685 -52.44 -10.01 -22.82
C ASP A 685 -53.68 -9.64 -22.02
N VAL A 686 -54.85 -9.83 -22.63
CA VAL A 686 -56.09 -9.33 -22.04
C VAL A 686 -56.30 -9.94 -20.65
N ASN A 687 -56.16 -11.26 -20.54
CA ASN A 687 -56.41 -11.92 -19.26
C ASN A 687 -55.40 -11.46 -18.20
N ALA A 688 -54.14 -11.29 -18.59
CA ALA A 688 -53.13 -10.84 -17.65
C ALA A 688 -53.46 -9.44 -17.13
N ARG A 689 -53.90 -8.55 -18.00
CA ARG A 689 -54.25 -7.21 -17.56
C ARG A 689 -55.49 -7.25 -16.67
N LEU A 690 -56.44 -8.13 -16.98
CA LEU A 690 -57.61 -8.28 -16.12
C LEU A 690 -57.20 -8.73 -14.72
N GLU A 691 -56.26 -9.68 -14.64
CA GLU A 691 -55.79 -10.15 -13.35
C GLU A 691 -55.10 -9.03 -12.58
N ILE A 692 -54.23 -8.27 -13.26
CA ILE A 692 -53.57 -7.16 -12.59
C ILE A 692 -54.59 -6.16 -12.08
N LEU A 693 -55.60 -5.85 -12.91
CA LEU A 693 -56.61 -4.88 -12.52
C LEU A 693 -57.38 -5.36 -11.29
N LYS A 694 -57.70 -6.65 -11.23
CA LYS A 694 -58.36 -7.17 -10.04
C LYS A 694 -57.45 -7.03 -8.82
N LYS A 695 -56.19 -7.47 -8.94
CA LYS A 695 -55.28 -7.40 -7.79
C LYS A 695 -55.18 -5.98 -7.27
N CYS A 696 -55.16 -5.00 -8.17
CA CYS A 696 -54.99 -3.62 -7.74
C CYS A 696 -56.29 -3.06 -7.18
N THR A 697 -57.38 -3.14 -7.92
CA THR A 697 -58.65 -2.51 -7.54
C THR A 697 -59.46 -3.34 -6.55
N LYS A 698 -58.91 -4.43 -6.00
CA LYS A 698 -59.71 -5.23 -5.08
C LYS A 698 -60.17 -4.43 -3.88
N LYS A 699 -59.35 -3.47 -3.40
CA LYS A 699 -59.75 -2.64 -2.28
C LYS A 699 -60.55 -1.41 -2.68
N PHE A 700 -60.60 -1.08 -3.97
CA PHE A 700 -61.62 -0.17 -4.45
C PHE A 700 -62.97 -0.88 -4.44
N ASN A 701 -64.04 -0.12 -4.19
CA ASN A 701 -65.39 -0.67 -4.24
C ASN A 701 -65.87 -0.71 -5.69
N THR A 702 -65.18 -1.52 -6.49
CA THR A 702 -65.47 -1.60 -7.91
C THR A 702 -66.88 -2.15 -8.16
N GLU A 703 -67.32 -3.10 -7.33
CA GLU A 703 -68.59 -3.77 -7.59
C GLU A 703 -69.75 -2.79 -7.58
N GLU A 704 -69.88 -2.01 -6.50
CA GLU A 704 -70.93 -1.00 -6.45
C GLU A 704 -70.60 0.22 -7.28
N SER A 705 -69.32 0.51 -7.47
CA SER A 705 -68.93 1.67 -8.27
C SER A 705 -69.35 1.51 -9.72
N GLY A 706 -69.41 0.28 -10.21
CA GLY A 706 -69.84 0.02 -11.56
C GLY A 706 -68.75 0.09 -12.60
N VAL A 707 -67.49 0.26 -12.20
CA VAL A 707 -66.39 0.24 -13.17
C VAL A 707 -66.17 -1.21 -13.59
N ASP A 708 -66.46 -1.52 -14.85
CA ASP A 708 -66.37 -2.88 -15.36
C ASP A 708 -64.94 -3.12 -15.83
N LEU A 709 -64.22 -3.98 -15.11
CA LEU A 709 -62.81 -4.16 -15.38
C LEU A 709 -62.54 -4.74 -16.76
N HIS A 710 -63.52 -5.42 -17.37
CA HIS A 710 -63.31 -5.97 -18.71
C HIS A 710 -63.14 -4.85 -19.73
N GLU A 711 -63.94 -3.80 -19.63
CA GLU A 711 -63.79 -2.67 -20.53
C GLU A 711 -62.42 -2.01 -20.35
N LEU A 712 -61.95 -1.92 -19.10
CA LEU A 712 -60.61 -1.40 -18.86
C LEU A 712 -59.55 -2.29 -19.51
N ALA A 713 -59.72 -3.61 -19.41
CA ALA A 713 -58.77 -4.51 -20.05
C ALA A 713 -58.76 -4.33 -21.55
N ASP A 714 -59.92 -4.04 -22.14
CA ASP A 714 -59.97 -3.78 -23.57
C ASP A 714 -59.28 -2.46 -23.92
N ARG A 715 -59.55 -1.41 -23.15
CA ARG A 715 -58.94 -0.10 -23.43
C ARG A 715 -57.43 -0.15 -23.25
N THR A 716 -56.94 -0.92 -22.29
CA THR A 716 -55.53 -0.92 -21.90
C THR A 716 -54.65 -1.75 -22.82
N GLU A 717 -55.10 -2.07 -24.03
CA GLU A 717 -54.29 -2.89 -24.93
C GLU A 717 -52.95 -2.22 -25.18
N GLY A 718 -51.87 -3.01 -25.10
CA GLY A 718 -50.53 -2.51 -25.30
C GLY A 718 -49.82 -2.05 -24.04
N TYR A 719 -50.53 -1.96 -22.92
CA TYR A 719 -49.90 -1.52 -21.69
C TYR A 719 -48.95 -2.58 -21.15
N SER A 720 -47.84 -2.13 -20.59
CA SER A 720 -47.04 -2.98 -19.72
C SER A 720 -47.71 -3.06 -18.36
N GLY A 721 -47.26 -4.03 -17.55
CA GLY A 721 -47.84 -4.19 -16.23
C GLY A 721 -47.67 -2.95 -15.37
N ALA A 722 -46.53 -2.28 -15.50
CA ALA A 722 -46.31 -1.04 -14.74
C ALA A 722 -47.37 0.00 -15.08
N GLU A 723 -47.73 0.12 -16.37
CA GLU A 723 -48.73 1.10 -16.75
C GLU A 723 -50.12 0.71 -16.24
N VAL A 724 -50.44 -0.57 -16.22
CA VAL A 724 -51.72 -1.00 -15.68
C VAL A 724 -51.79 -0.71 -14.18
N VAL A 725 -50.67 -0.85 -13.47
CA VAL A 725 -50.65 -0.51 -12.05
C VAL A 725 -50.78 0.99 -11.85
N LEU A 726 -50.09 1.76 -12.69
CA LEU A 726 -50.13 3.21 -12.56
C LEU A 726 -51.52 3.75 -12.87
N LEU A 727 -52.25 3.08 -13.76
CA LEU A 727 -53.62 3.51 -14.04
C LEU A 727 -54.47 3.45 -12.78
N CYS A 728 -54.36 2.37 -12.02
CA CYS A 728 -55.12 2.25 -10.78
C CYS A 728 -54.63 3.25 -9.74
N GLN A 729 -53.31 3.46 -9.65
CA GLN A 729 -52.81 4.44 -8.70
C GLN A 729 -53.32 5.84 -9.01
N GLU A 730 -53.31 6.22 -10.29
CA GLU A 730 -53.80 7.54 -10.69
C GLU A 730 -55.30 7.67 -10.46
N ALA A 731 -56.06 6.60 -10.73
CA ALA A 731 -57.49 6.64 -10.44
C ALA A 731 -57.75 6.87 -8.96
N GLY A 732 -57.02 6.17 -8.11
CA GLY A 732 -57.17 6.36 -6.68
C GLY A 732 -56.78 7.75 -6.23
N LEU A 733 -55.70 8.30 -6.81
CA LEU A 733 -55.34 9.68 -6.49
C LEU A 733 -56.43 10.65 -6.89
N ALA A 734 -57.03 10.47 -8.08
CA ALA A 734 -58.11 11.33 -8.48
C ALA A 734 -59.26 11.26 -7.48
N ALA A 735 -59.60 10.04 -7.05
CA ALA A 735 -60.67 9.88 -6.06
C ALA A 735 -60.33 10.61 -4.77
N ILE A 736 -59.11 10.43 -4.27
CA ILE A 736 -58.74 11.04 -2.98
C ILE A 736 -58.73 12.55 -3.09
N MET A 737 -58.18 13.09 -4.18
CA MET A 737 -58.14 14.53 -4.35
C MET A 737 -59.55 15.11 -4.50
N GLU A 738 -60.46 14.38 -5.13
CA GLU A 738 -61.84 14.83 -5.21
C GLU A 738 -62.47 14.89 -3.82
N ASP A 739 -62.22 13.90 -2.99
CA ASP A 739 -62.82 13.83 -1.65
C ASP A 739 -61.91 12.99 -0.77
N LEU A 740 -61.52 13.54 0.39
CA LEU A 740 -60.53 12.86 1.23
C LEU A 740 -61.11 11.65 1.94
N ASP A 741 -62.43 11.52 2.00
CA ASP A 741 -63.08 10.39 2.66
C ASP A 741 -63.55 9.33 1.68
N VAL A 742 -62.73 9.02 0.67
CA VAL A 742 -63.16 8.14 -0.41
C VAL A 742 -63.67 6.83 0.16
N ALA A 743 -64.74 6.32 -0.45
CA ALA A 743 -65.19 4.95 -0.24
C ALA A 743 -65.17 4.13 -1.53
N LYS A 744 -65.40 4.78 -2.67
CA LYS A 744 -65.52 4.13 -3.95
C LYS A 744 -64.77 4.93 -5.02
N VAL A 745 -64.14 4.21 -5.95
CA VAL A 745 -63.47 4.81 -7.11
C VAL A 745 -64.29 4.45 -8.33
N GLU A 746 -64.67 5.45 -9.11
CA GLU A 746 -65.66 5.28 -10.17
C GLU A 746 -65.10 5.75 -11.51
N LEU A 747 -65.86 5.43 -12.57
CA LEU A 747 -65.30 5.37 -13.91
C LEU A 747 -64.76 6.72 -14.38
N ARG A 748 -65.28 7.83 -13.85
CA ARG A 748 -64.71 9.13 -14.20
C ARG A 748 -63.25 9.21 -13.77
N HIS A 749 -62.93 8.66 -12.60
CA HIS A 749 -61.56 8.67 -12.12
C HIS A 749 -60.66 7.85 -13.04
N PHE A 750 -61.15 6.70 -13.50
CA PHE A 750 -60.35 5.88 -14.41
C PHE A 750 -60.18 6.56 -15.76
N GLU A 751 -61.19 7.28 -16.22
CA GLU A 751 -61.04 8.07 -17.44
C GLU A 751 -59.94 9.12 -17.27
N LYS A 752 -59.97 9.83 -16.13
CA LYS A 752 -58.96 10.84 -15.86
C LYS A 752 -57.57 10.21 -15.85
N ALA A 753 -57.42 9.08 -15.17
CA ALA A 753 -56.12 8.41 -15.12
C ALA A 753 -55.69 7.95 -16.51
N PHE A 754 -56.63 7.40 -17.29
CA PHE A 754 -56.31 6.87 -18.61
C PHE A 754 -55.80 7.97 -19.54
N LYS A 755 -56.42 9.16 -19.47
CA LYS A 755 -56.06 10.20 -20.42
C LYS A 755 -54.63 10.71 -20.23
N GLY A 756 -53.98 10.35 -19.11
CA GLY A 756 -52.65 10.86 -18.82
C GLY A 756 -51.53 9.85 -18.92
N ILE A 757 -51.81 8.61 -19.31
CA ILE A 757 -50.83 7.53 -19.29
C ILE A 757 -50.39 7.22 -20.72
N ALA A 758 -49.08 7.23 -20.95
CA ALA A 758 -48.52 6.90 -22.24
C ALA A 758 -48.33 5.39 -22.38
N ARG A 759 -48.16 4.94 -23.61
CA ARG A 759 -47.74 3.57 -23.89
C ARG A 759 -46.24 3.58 -24.14
N GLY A 760 -45.47 3.09 -23.17
CA GLY A 760 -44.03 3.07 -23.32
C GLY A 760 -43.55 2.08 -24.36
N ILE A 761 -44.30 0.99 -24.56
CA ILE A 761 -43.93 0.01 -25.56
C ILE A 761 -44.18 0.59 -26.95
N THR A 762 -43.29 0.26 -27.87
CA THR A 762 -43.37 0.70 -29.26
C THR A 762 -43.16 -0.51 -30.16
N PRO A 763 -43.64 -0.44 -31.41
CA PRO A 763 -43.39 -1.57 -32.33
C PRO A 763 -41.93 -1.94 -32.43
N GLU A 764 -41.03 -0.96 -32.37
CA GLU A 764 -39.60 -1.26 -32.55
C GLU A 764 -39.09 -2.17 -31.44
N MET A 765 -39.46 -1.89 -30.19
CA MET A 765 -38.99 -2.73 -29.09
C MET A 765 -39.49 -4.15 -29.22
N LEU A 766 -40.77 -4.31 -29.52
CA LEU A 766 -41.33 -5.65 -29.67
C LEU A 766 -40.68 -6.39 -30.83
N SER A 767 -40.43 -5.68 -31.93
CA SER A 767 -39.73 -6.30 -33.06
C SER A 767 -38.33 -6.75 -32.65
N TYR A 768 -37.64 -5.92 -31.86
CA TYR A 768 -36.29 -6.28 -31.41
C TYR A 768 -36.31 -7.53 -30.54
N TYR A 769 -37.26 -7.62 -29.61
CA TYR A 769 -37.29 -8.77 -28.70
C TYR A 769 -37.78 -10.02 -29.42
N GLU A 770 -38.60 -9.87 -30.47
CA GLU A 770 -38.97 -11.04 -31.25
C GLU A 770 -37.95 -11.36 -32.34
N GLU A 771 -36.97 -10.50 -32.56
CA GLU A 771 -35.83 -10.85 -33.41
C GLU A 771 -34.75 -11.57 -32.63
N PHE A 772 -34.58 -11.24 -31.35
CA PHE A 772 -33.57 -11.94 -30.56
C PHE A 772 -33.77 -13.45 -30.60
N ALA A 773 -35.01 -13.90 -30.69
CA ALA A 773 -35.28 -15.32 -30.78
C ALA A 773 -34.86 -15.91 -32.12
N LEU A 774 -34.53 -15.06 -33.10
CA LEU A 774 -34.26 -15.52 -34.45
C LEU A 774 -32.90 -15.08 -34.97
N ARG A 775 -31.97 -14.72 -34.08
CA ARG A 775 -30.67 -14.24 -34.53
C ARG A 775 -29.89 -15.30 -35.30
N SER A 776 -30.23 -16.57 -35.13
CA SER A 776 -29.54 -17.64 -35.84
C SER A 776 -30.00 -17.80 -37.27
N GLY A 777 -31.20 -17.34 -37.60
CA GLY A 777 -31.73 -17.47 -38.95
C GLY A 777 -32.59 -18.71 -39.11
N PHE B 28 0.75 -10.51 50.99
CA PHE B 28 -0.53 -9.80 50.72
C PHE B 28 -0.29 -8.46 50.03
N LYS B 29 -1.18 -8.11 49.10
CA LYS B 29 -1.10 -6.84 48.38
C LYS B 29 -2.48 -6.22 48.35
N LEU B 30 -2.53 -4.91 48.57
CA LEU B 30 -3.82 -4.20 48.60
C LEU B 30 -4.26 -3.89 47.17
N PRO B 31 -5.41 -4.37 46.72
CA PRO B 31 -5.85 -4.07 45.35
C PRO B 31 -6.41 -2.66 45.24
N ALA B 32 -6.33 -2.12 44.01
CA ALA B 32 -6.75 -0.74 43.76
C ALA B 32 -8.21 -0.63 43.37
N GLU B 33 -8.78 -1.67 42.76
CA GLU B 33 -10.17 -1.65 42.31
C GLU B 33 -10.89 -2.87 42.87
N PHE B 34 -12.10 -2.64 43.37
CA PHE B 34 -12.87 -3.68 44.04
C PHE B 34 -14.12 -4.02 43.23
N ILE B 35 -14.58 -5.26 43.37
CA ILE B 35 -15.69 -5.78 42.59
C ILE B 35 -16.93 -5.79 43.46
N THR B 36 -18.01 -5.17 42.98
CA THR B 36 -19.27 -5.19 43.70
C THR B 36 -19.96 -6.53 43.54
N ARG B 37 -20.46 -7.07 44.64
CA ARG B 37 -21.22 -8.30 44.65
C ARG B 37 -22.35 -8.18 45.66
N PRO B 38 -23.35 -9.04 45.58
CA PRO B 38 -24.52 -8.91 46.46
C PRO B 38 -24.30 -9.59 47.80
N HIS B 39 -25.16 -9.23 48.76
CA HIS B 39 -25.27 -10.00 49.98
C HIS B 39 -26.08 -11.27 49.71
N PRO B 40 -25.68 -12.41 50.29
CA PRO B 40 -26.49 -13.62 50.12
C PRO B 40 -27.89 -13.48 50.69
N SER B 41 -28.07 -12.67 51.74
CA SER B 41 -29.37 -12.46 52.37
C SER B 41 -30.08 -11.28 51.70
N LYS B 42 -30.82 -11.60 50.64
CA LYS B 42 -31.50 -10.58 49.86
C LYS B 42 -32.74 -10.08 50.60
N ASP B 43 -32.84 -8.76 50.73
CA ASP B 43 -34.07 -8.09 51.21
C ASP B 43 -34.46 -8.52 52.62
N HIS B 44 -33.47 -8.80 53.47
CA HIS B 44 -33.74 -8.93 54.90
C HIS B 44 -33.92 -7.56 55.52
N GLY B 45 -33.96 -7.52 56.86
CA GLY B 45 -34.12 -6.26 57.55
C GLY B 45 -32.92 -5.35 57.34
N LYS B 46 -32.74 -4.34 58.20
CA LYS B 46 -31.67 -3.39 57.96
C LYS B 46 -30.29 -3.93 58.33
N GLU B 47 -30.17 -5.23 58.61
CA GLU B 47 -28.85 -5.84 58.60
C GLU B 47 -28.21 -5.71 57.22
N THR B 48 -29.04 -5.50 56.19
CA THR B 48 -28.54 -5.36 54.83
C THR B 48 -27.65 -4.14 54.64
N CYS B 49 -27.86 -3.07 55.42
CA CYS B 49 -27.10 -1.84 55.22
C CYS B 49 -25.65 -1.96 55.66
N THR B 50 -25.17 -3.15 55.95
CA THR B 50 -23.76 -3.37 56.25
C THR B 50 -22.97 -3.59 54.96
N ALA B 51 -21.65 -3.39 55.07
CA ALA B 51 -20.73 -3.65 53.96
C ALA B 51 -19.65 -4.60 54.43
N TYR B 52 -19.37 -5.62 53.61
CA TYR B 52 -18.31 -6.58 53.90
C TYR B 52 -17.11 -6.32 53.00
N ILE B 53 -15.94 -6.28 53.61
CA ILE B 53 -14.67 -6.16 52.90
C ILE B 53 -13.68 -7.11 53.56
N HIS B 54 -12.74 -7.61 52.77
CA HIS B 54 -11.89 -8.71 53.22
C HIS B 54 -11.13 -8.30 54.48
N PRO B 55 -11.03 -9.18 55.49
CA PRO B 55 -10.34 -8.78 56.72
C PRO B 55 -8.93 -8.28 56.49
N ASN B 56 -8.17 -8.92 55.61
CA ASN B 56 -6.82 -8.43 55.33
C ASN B 56 -6.85 -7.02 54.77
N VAL B 57 -7.92 -6.65 54.07
CA VAL B 57 -8.03 -5.29 53.54
C VAL B 57 -8.45 -4.32 54.63
N LEU B 58 -9.25 -4.78 55.58
CA LEU B 58 -9.56 -3.96 56.76
C LEU B 58 -8.30 -3.67 57.55
N SER B 59 -7.47 -4.69 57.79
CA SER B 59 -6.24 -4.51 58.52
C SER B 59 -5.27 -3.61 57.74
N SER B 60 -5.03 -3.94 56.47
CA SER B 60 -4.16 -3.11 55.65
C SER B 60 -4.64 -1.67 55.62
N LEU B 61 -5.94 -1.45 55.55
CA LEU B 61 -6.51 -0.11 55.60
C LEU B 61 -6.69 0.42 57.01
N GLU B 62 -6.52 -0.42 58.02
CA GLU B 62 -6.70 -0.04 59.42
C GLU B 62 -8.13 0.41 59.66
N ILE B 63 -9.08 -0.35 59.12
CA ILE B 63 -10.50 -0.14 59.36
C ILE B 63 -10.98 -1.28 60.24
N ASN B 64 -11.54 -0.94 61.40
CA ASN B 64 -11.98 -1.99 62.30
C ASN B 64 -13.37 -2.48 61.90
N PRO B 65 -13.67 -3.76 62.10
CA PRO B 65 -15.05 -4.22 61.88
C PRO B 65 -16.01 -3.44 62.77
N GLY B 66 -17.11 -2.99 62.18
CA GLY B 66 -17.97 -2.05 62.86
C GLY B 66 -17.49 -0.62 62.79
N SER B 67 -16.60 -0.31 61.85
CA SER B 67 -16.11 1.04 61.62
C SER B 67 -16.45 1.45 60.19
N PHE B 68 -16.83 2.71 60.02
CA PHE B 68 -17.41 3.16 58.77
C PHE B 68 -16.34 3.35 57.70
N CYS B 69 -16.74 3.11 56.45
CA CYS B 69 -15.88 3.30 55.29
C CYS B 69 -16.72 3.79 54.12
N THR B 70 -16.06 4.43 53.15
CA THR B 70 -16.72 5.02 52.00
C THR B 70 -16.44 4.18 50.76
N VAL B 71 -17.48 3.87 50.01
CA VAL B 71 -17.40 3.09 48.78
C VAL B 71 -17.99 3.91 47.65
N GLY B 72 -17.26 4.01 46.54
CA GLY B 72 -17.71 4.84 45.43
C GLY B 72 -17.02 4.46 44.14
N LYS B 73 -17.71 4.70 43.03
CA LYS B 73 -17.18 4.35 41.72
C LYS B 73 -15.87 5.08 41.43
N ILE B 74 -15.22 4.65 40.35
CA ILE B 74 -13.92 5.20 39.99
C ILE B 74 -14.08 6.64 39.54
N GLY B 75 -13.28 7.54 40.12
CA GLY B 75 -13.34 8.94 39.77
C GLY B 75 -14.53 9.67 40.31
N GLU B 76 -15.43 8.98 41.00
CA GLU B 76 -16.69 9.54 41.46
C GLU B 76 -16.72 9.59 42.99
N ASN B 77 -17.61 10.44 43.51
CA ASN B 77 -17.73 10.60 44.95
C ASN B 77 -18.27 9.33 45.59
N GLY B 78 -18.10 9.23 46.91
CA GLY B 78 -18.39 7.99 47.60
C GLY B 78 -19.78 7.94 48.23
N ILE B 79 -20.07 6.78 48.81
CA ILE B 79 -21.27 6.56 49.61
C ILE B 79 -20.84 5.83 50.88
N LEU B 80 -21.40 6.24 52.01
CA LEU B 80 -20.97 5.72 53.31
C LEU B 80 -21.67 4.42 53.64
N VAL B 81 -20.91 3.49 54.21
CA VAL B 81 -21.42 2.17 54.61
C VAL B 81 -20.74 1.77 55.92
N ILE B 82 -21.39 0.87 56.65
CA ILE B 82 -20.82 0.32 57.88
C ILE B 82 -20.16 -1.01 57.53
N ALA B 83 -18.90 -1.17 57.95
CA ALA B 83 -18.05 -2.22 57.42
C ALA B 83 -18.13 -3.50 58.26
N ARG B 84 -17.47 -4.53 57.74
CA ARG B 84 -17.29 -5.79 58.45
C ARG B 84 -16.25 -6.61 57.70
N ALA B 85 -15.77 -7.66 58.38
CA ALA B 85 -14.85 -8.59 57.74
C ALA B 85 -15.60 -9.81 57.24
N GLY B 86 -15.36 -10.19 55.99
CA GLY B 86 -16.01 -11.36 55.43
C GLY B 86 -15.28 -12.64 55.76
N ASP B 87 -15.95 -13.77 55.50
CA ASP B 87 -15.35 -15.06 55.76
C ASP B 87 -14.16 -15.27 54.82
N GLU B 88 -13.01 -15.60 55.38
CA GLU B 88 -11.78 -15.65 54.60
C GLU B 88 -11.78 -16.81 53.60
N GLU B 89 -12.65 -17.80 53.78
CA GLU B 89 -12.71 -18.92 52.85
C GLU B 89 -13.71 -18.70 51.73
N VAL B 90 -14.50 -17.64 51.78
CA VAL B 90 -15.62 -17.45 50.86
C VAL B 90 -15.50 -16.13 50.11
N HIS B 91 -14.75 -15.19 50.68
CA HIS B 91 -14.75 -13.82 50.20
C HIS B 91 -13.44 -13.50 49.52
N PRO B 92 -13.37 -13.42 48.19
CA PRO B 92 -12.11 -13.09 47.53
C PRO B 92 -11.58 -11.74 47.97
N VAL B 93 -10.30 -11.52 47.69
CA VAL B 93 -9.59 -10.37 48.27
C VAL B 93 -10.22 -9.06 47.85
N ASN B 94 -10.55 -8.90 46.57
CA ASN B 94 -11.03 -7.64 46.03
C ASN B 94 -12.53 -7.66 45.75
N VAL B 95 -13.31 -8.37 46.56
CA VAL B 95 -14.76 -8.32 46.46
C VAL B 95 -15.30 -7.48 47.62
N ILE B 96 -16.18 -6.54 47.29
CA ILE B 96 -16.94 -5.79 48.28
C ILE B 96 -18.42 -6.10 48.05
N THR B 97 -19.10 -6.58 49.09
CA THR B 97 -20.49 -6.98 48.98
C THR B 97 -21.35 -5.87 49.57
N LEU B 98 -22.23 -5.30 48.74
CA LEU B 98 -23.18 -4.30 49.18
C LEU B 98 -24.60 -4.79 48.90
N SER B 99 -25.52 -4.45 49.78
CA SER B 99 -26.87 -4.97 49.72
C SER B 99 -27.68 -4.26 48.65
N THR B 100 -28.74 -4.92 48.20
CA THR B 100 -29.65 -4.32 47.21
C THR B 100 -30.06 -2.91 47.61
N THR B 101 -30.06 -2.62 48.91
CA THR B 101 -30.50 -1.30 49.37
C THR B 101 -29.41 -0.25 49.14
N ILE B 102 -28.18 -0.54 49.54
CA ILE B 102 -27.11 0.45 49.42
C ILE B 102 -26.83 0.75 47.95
N ARG B 103 -26.78 -0.29 47.11
CA ARG B 103 -26.45 -0.10 45.71
C ARG B 103 -27.37 0.92 45.05
N SER B 104 -28.64 0.95 45.47
CA SER B 104 -29.62 1.81 44.81
C SER B 104 -29.24 3.28 44.93
N VAL B 105 -28.41 3.63 45.91
CA VAL B 105 -28.09 5.03 46.14
C VAL B 105 -27.31 5.61 44.96
N GLY B 106 -26.45 4.81 44.32
CA GLY B 106 -25.61 5.31 43.26
C GLY B 106 -25.74 4.51 41.99
N ASN B 107 -26.80 3.72 41.89
CA ASN B 107 -27.01 2.86 40.73
C ASN B 107 -25.81 1.94 40.51
N LEU B 108 -25.28 1.42 41.60
CA LEU B 108 -24.15 0.50 41.52
C LEU B 108 -24.64 -0.84 40.99
N ILE B 109 -24.15 -1.23 39.84
CA ILE B 109 -24.48 -2.51 39.23
C ILE B 109 -23.45 -3.54 39.71
N LEU B 110 -23.87 -4.79 39.81
CA LEU B 110 -22.92 -5.84 40.15
C LEU B 110 -21.78 -5.84 39.14
N GLY B 111 -20.55 -5.89 39.65
CA GLY B 111 -19.38 -5.87 38.82
C GLY B 111 -18.82 -4.50 38.51
N ASP B 112 -19.42 -3.43 39.03
CA ASP B 112 -18.85 -2.11 38.85
C ASP B 112 -17.62 -1.96 39.73
N ARG B 113 -16.52 -1.51 39.13
CA ARG B 113 -15.28 -1.33 39.87
C ARG B 113 -15.34 -0.05 40.67
N LEU B 114 -14.80 -0.10 41.89
CA LEU B 114 -14.92 1.01 42.82
C LEU B 114 -13.70 1.06 43.73
N GLU B 115 -13.47 2.24 44.31
CA GLU B 115 -12.33 2.49 45.18
C GLU B 115 -12.82 2.76 46.59
N LEU B 116 -12.07 2.28 47.58
CA LEU B 116 -12.49 2.26 48.98
C LEU B 116 -11.61 3.20 49.79
N LYS B 117 -12.23 3.84 50.80
CA LYS B 117 -11.55 4.75 51.71
C LYS B 117 -12.18 4.60 53.09
N LYS B 118 -11.53 5.17 54.10
CA LYS B 118 -12.07 5.12 55.45
C LYS B 118 -12.94 6.34 55.73
N ALA B 119 -13.94 6.14 56.58
CA ALA B 119 -14.83 7.23 56.96
C ALA B 119 -14.15 8.17 57.95
N GLN B 120 -14.06 9.44 57.58
CA GLN B 120 -13.39 10.44 58.41
C GLN B 120 -14.34 11.55 58.83
N VAL B 121 -15.07 12.12 57.87
CA VAL B 121 -15.98 13.23 58.14
C VAL B 121 -17.33 12.68 58.57
N GLN B 122 -17.53 12.51 59.86
CA GLN B 122 -18.78 11.96 60.38
C GLN B 122 -19.87 13.02 60.32
N PRO B 123 -21.02 12.75 59.69
CA PRO B 123 -22.01 13.81 59.48
C PRO B 123 -22.90 13.98 60.70
N PRO B 124 -23.59 15.12 60.81
CA PRO B 124 -24.53 15.31 61.91
C PRO B 124 -25.79 14.46 61.72
N TYR B 125 -26.71 14.63 62.66
CA TYR B 125 -27.91 13.80 62.69
C TYR B 125 -28.90 14.20 61.59
N ALA B 126 -29.58 13.19 61.04
CA ALA B 126 -30.68 13.41 60.12
C ALA B 126 -31.96 13.71 60.89
N THR B 127 -31.94 14.78 61.70
CA THR B 127 -33.09 15.08 62.54
C THR B 127 -34.34 15.39 61.72
N LYS B 128 -34.21 15.64 60.42
CA LYS B 128 -35.34 15.63 59.50
C LYS B 128 -35.05 14.64 58.37
N VAL B 129 -36.08 13.94 57.95
CA VAL B 129 -36.00 12.99 56.84
C VAL B 129 -37.31 13.01 56.06
N THR B 130 -37.21 12.93 54.74
CA THR B 130 -38.37 12.84 53.86
C THR B 130 -38.37 11.47 53.19
N VAL B 131 -39.52 10.81 53.21
CA VAL B 131 -39.63 9.43 52.75
C VAL B 131 -40.65 9.36 51.62
N GLY B 132 -40.34 8.55 50.62
CA GLY B 132 -41.26 8.35 49.50
C GLY B 132 -41.44 6.88 49.17
N SER B 133 -41.94 6.59 47.98
CA SER B 133 -42.10 5.22 47.51
C SER B 133 -42.07 5.20 45.99
N LEU B 134 -41.50 4.13 45.43
CA LEU B 134 -41.42 4.02 43.98
C LEU B 134 -42.80 3.89 43.35
N GLN B 135 -43.72 3.23 44.05
CA GLN B 135 -45.01 2.87 43.47
C GLN B 135 -46.01 4.00 43.45
N GLY B 136 -45.74 5.10 44.16
CA GLY B 136 -46.63 6.24 44.19
C GLY B 136 -47.73 6.16 45.22
N TYR B 137 -47.80 5.09 45.99
CA TYR B 137 -48.85 4.92 46.97
C TYR B 137 -48.57 5.76 48.21
N ASN B 138 -49.62 6.02 48.98
CA ASN B 138 -49.49 6.75 50.24
C ASN B 138 -48.90 5.83 51.29
N ILE B 139 -47.75 6.23 51.85
CA ILE B 139 -46.96 5.32 52.68
C ILE B 139 -47.73 4.89 53.91
N LEU B 140 -48.29 5.85 54.66
CA LEU B 140 -48.90 5.56 55.94
C LEU B 140 -50.21 4.81 55.83
N GLU B 141 -50.81 4.72 54.64
CA GLU B 141 -52.08 4.04 54.48
C GLU B 141 -51.91 2.54 54.29
N CYS B 142 -51.01 2.13 53.40
CA CYS B 142 -50.91 0.74 52.98
C CYS B 142 -50.11 -0.13 53.95
N MET B 143 -49.46 0.46 54.95
CA MET B 143 -48.65 -0.32 55.89
C MET B 143 -48.70 0.33 57.26
N GLU B 144 -48.52 -0.49 58.28
CA GLU B 144 -48.41 0.03 59.64
C GLU B 144 -47.10 0.78 59.78
N GLU B 145 -47.18 2.00 60.31
CA GLU B 145 -45.99 2.86 60.37
C GLU B 145 -44.88 2.21 61.19
N LYS B 146 -45.24 1.41 62.19
CA LYS B 146 -44.23 0.79 63.04
C LYS B 146 -43.34 -0.17 62.25
N VAL B 147 -43.90 -0.86 61.26
CA VAL B 147 -43.07 -1.76 60.44
C VAL B 147 -42.01 -0.96 59.70
N ILE B 148 -42.42 0.11 59.02
CA ILE B 148 -41.47 0.93 58.29
C ILE B 148 -40.44 1.54 59.25
N GLN B 149 -40.89 1.93 60.45
CA GLN B 149 -39.95 2.45 61.43
C GLN B 149 -38.90 1.41 61.79
N LYS B 150 -39.35 0.16 62.02
CA LYS B 150 -38.43 -0.93 62.26
C LYS B 150 -37.50 -1.17 61.08
N LEU B 151 -37.94 -0.80 59.87
CA LEU B 151 -37.11 -0.93 58.68
C LEU B 151 -36.33 0.34 58.36
N LEU B 152 -36.51 1.43 59.11
CA LEU B 152 -35.89 2.70 58.77
C LEU B 152 -34.79 3.14 59.72
N ASP B 153 -34.80 2.67 60.98
CA ASP B 153 -34.08 3.39 62.02
C ASP B 153 -32.63 2.92 62.17
N ASP B 154 -32.35 1.64 61.89
CA ASP B 154 -31.18 1.00 62.47
C ASP B 154 -29.87 1.28 61.75
N SER B 155 -29.86 2.04 60.66
CA SER B 155 -28.62 2.18 59.90
C SER B 155 -27.55 2.99 60.63
N GLY B 156 -27.94 3.87 61.54
CA GLY B 156 -27.00 4.84 62.08
C GLY B 156 -26.89 6.04 61.17
N VAL B 157 -26.81 5.80 59.86
CA VAL B 157 -26.75 6.85 58.86
C VAL B 157 -27.78 6.57 57.78
N ILE B 158 -28.31 7.64 57.19
CA ILE B 158 -29.25 7.54 56.08
C ILE B 158 -28.92 8.67 55.11
N MET B 159 -29.22 8.44 53.83
CA MET B 159 -28.95 9.43 52.80
C MET B 159 -30.07 9.38 51.77
N PRO B 160 -30.21 10.42 50.95
CA PRO B 160 -31.21 10.39 49.88
C PRO B 160 -30.93 9.28 48.88
N GLY B 161 -32.01 8.70 48.36
CA GLY B 161 -31.90 7.72 47.29
C GLY B 161 -31.92 6.28 47.72
N MET B 162 -31.82 6.00 49.02
CA MET B 162 -31.85 4.61 49.47
C MET B 162 -33.23 4.02 49.24
N ILE B 163 -33.26 2.77 48.77
CA ILE B 163 -34.49 2.09 48.39
C ILE B 163 -34.56 0.74 49.08
N PHE B 164 -35.72 0.41 49.61
CA PHE B 164 -35.99 -0.89 50.21
C PHE B 164 -37.04 -1.60 49.36
N GLN B 165 -36.73 -2.81 48.94
CA GLN B 165 -37.53 -3.51 47.93
C GLN B 165 -38.38 -4.61 48.54
N ASN B 166 -39.46 -4.94 47.83
CA ASN B 166 -40.27 -6.12 48.09
C ASN B 166 -40.86 -6.13 49.51
N LEU B 167 -41.46 -5.00 49.93
CA LEU B 167 -42.31 -5.00 51.11
C LEU B 167 -43.77 -5.19 50.69
N LYS B 168 -44.49 -5.99 51.46
CA LYS B 168 -45.85 -6.41 51.11
C LYS B 168 -46.85 -5.67 51.99
N THR B 169 -47.91 -5.16 51.37
CA THR B 169 -48.84 -4.25 52.02
C THR B 169 -49.85 -5.00 52.87
N LYS B 170 -50.78 -4.24 53.47
CA LYS B 170 -51.88 -4.84 54.21
C LYS B 170 -52.65 -5.83 53.37
N ALA B 171 -52.76 -5.56 52.06
CA ALA B 171 -53.48 -6.46 51.16
C ALA B 171 -52.76 -7.78 50.96
N GLY B 172 -51.52 -7.90 51.38
CA GLY B 172 -50.75 -9.13 51.18
C GLY B 172 -50.23 -9.31 49.78
N ASP B 173 -51.11 -9.24 48.78
CA ASP B 173 -50.66 -9.40 47.39
C ASP B 173 -49.90 -8.17 46.91
N GLU B 174 -50.42 -6.98 47.23
CA GLU B 174 -49.83 -5.74 46.74
C GLU B 174 -48.57 -5.39 47.52
N SER B 175 -47.58 -4.85 46.83
CA SER B 175 -46.27 -4.58 47.39
C SER B 175 -45.96 -3.08 47.38
N ILE B 176 -44.87 -2.72 48.06
CA ILE B 176 -44.37 -1.35 48.11
C ILE B 176 -42.85 -1.39 48.13
N ASP B 177 -42.24 -0.31 47.66
CA ASP B 177 -40.78 -0.14 47.66
C ASP B 177 -40.49 1.26 48.20
N VAL B 178 -40.34 1.36 49.52
CA VAL B 178 -40.08 2.65 50.13
C VAL B 178 -38.77 3.23 49.57
N VAL B 179 -38.68 4.55 49.59
CA VAL B 179 -37.50 5.27 49.10
C VAL B 179 -37.20 6.41 50.07
N ILE B 180 -35.92 6.63 50.34
CA ILE B 180 -35.48 7.79 51.11
C ILE B 180 -35.41 8.97 50.16
N THR B 181 -36.31 9.94 50.33
CA THR B 181 -36.39 11.03 49.38
C THR B 181 -35.46 12.18 49.74
N ASP B 182 -35.29 12.45 51.03
CA ASP B 182 -34.38 13.51 51.46
C ASP B 182 -34.14 13.38 52.96
N ALA B 183 -33.04 13.98 53.42
CA ALA B 183 -32.68 13.96 54.82
C ALA B 183 -31.78 15.15 55.13
N SER B 184 -31.88 15.65 56.36
CA SER B 184 -31.06 16.77 56.79
C SER B 184 -31.28 17.00 58.29
N ASP B 185 -30.33 17.69 58.91
CA ASP B 185 -30.42 18.05 60.31
C ASP B 185 -31.29 19.29 60.47
N ASP B 186 -31.60 19.61 61.73
CA ASP B 186 -32.39 20.79 62.04
C ASP B 186 -31.56 22.06 61.91
N ASN B 207 -21.34 18.01 54.43
CA ASN B 207 -21.28 16.92 53.47
C ASN B 207 -20.15 17.18 52.48
N LEU B 208 -19.07 16.39 52.57
CA LEU B 208 -17.86 16.63 51.79
C LEU B 208 -17.60 15.45 50.86
N PHE B 209 -17.45 15.74 49.57
CA PHE B 209 -17.02 14.75 48.58
C PHE B 209 -17.85 13.47 48.67
N TYR B 210 -19.14 13.61 48.91
CA TYR B 210 -20.08 12.50 48.96
C TYR B 210 -21.12 12.66 47.88
N LEU B 211 -21.26 11.63 47.04
CA LEU B 211 -22.30 11.63 46.01
C LEU B 211 -23.66 11.94 46.62
N SER B 212 -24.00 11.27 47.72
CA SER B 212 -25.25 11.47 48.44
C SER B 212 -24.92 11.97 49.84
N PRO B 213 -25.59 13.00 50.35
CA PRO B 213 -25.29 13.47 51.71
C PRO B 213 -25.76 12.48 52.75
N PRO B 214 -24.87 11.96 53.58
CA PRO B 214 -25.31 11.12 54.69
C PRO B 214 -25.55 11.93 55.96
N PHE B 215 -26.47 11.43 56.77
CA PHE B 215 -26.79 12.04 58.05
C PHE B 215 -27.21 10.96 59.04
N ILE B 216 -26.89 11.18 60.31
CA ILE B 216 -27.03 10.16 61.33
C ILE B 216 -28.49 10.10 61.77
N PHE B 217 -29.06 8.90 61.77
CA PHE B 217 -30.46 8.68 62.08
C PHE B 217 -30.61 7.99 63.43
N ARG B 218 -31.59 8.47 64.21
CA ARG B 218 -31.94 7.82 65.47
C ARG B 218 -33.41 8.14 65.75
N LYS B 219 -34.22 7.10 65.90
CA LYS B 219 -35.66 7.27 66.09
C LYS B 219 -35.95 8.31 67.16
N GLY B 220 -37.01 9.08 66.96
CA GLY B 220 -37.37 10.16 67.88
C GLY B 220 -36.65 11.45 67.61
N SER B 221 -35.33 11.39 67.43
CA SER B 221 -34.57 12.59 67.11
C SER B 221 -34.76 13.03 65.67
N THR B 222 -35.43 12.21 64.85
CA THR B 222 -35.53 12.44 63.41
C THR B 222 -36.99 12.60 63.02
N HIS B 223 -37.28 13.68 62.30
CA HIS B 223 -38.63 13.91 61.80
C HIS B 223 -38.81 13.23 60.45
N ILE B 224 -39.88 12.45 60.31
CA ILE B 224 -40.19 11.72 59.08
C ILE B 224 -41.41 12.38 58.44
N THR B 225 -41.21 12.97 57.27
CA THR B 225 -42.28 13.59 56.51
C THR B 225 -42.48 12.79 55.22
N PHE B 226 -43.66 12.19 55.09
CA PHE B 226 -43.93 11.26 54.00
C PHE B 226 -44.49 12.01 52.80
N SER B 227 -44.37 11.39 51.63
CA SER B 227 -44.69 12.06 50.37
C SER B 227 -45.17 11.05 49.33
N LYS B 228 -45.69 11.58 48.23
CA LYS B 228 -46.05 10.77 47.07
C LYS B 228 -44.90 10.63 46.08
N GLU B 229 -43.77 11.29 46.33
CA GLU B 229 -42.67 11.29 45.36
C GLU B 229 -42.12 9.89 45.17
N THR B 230 -41.50 9.68 44.01
CA THR B 230 -40.89 8.40 43.66
C THR B 230 -39.42 8.56 43.27
N GLN B 231 -38.76 9.61 43.76
CA GLN B 231 -37.37 9.87 43.43
C GLN B 231 -36.71 10.58 44.61
N ALA B 232 -35.40 10.73 44.53
CA ALA B 232 -34.69 11.55 45.49
C ALA B 232 -34.82 13.03 45.11
N ASN B 233 -34.42 13.90 46.04
CA ASN B 233 -34.40 15.33 45.74
C ASN B 233 -33.70 15.57 44.41
N ARG B 234 -34.42 16.19 43.48
CA ARG B 234 -33.91 16.32 42.13
C ARG B 234 -32.67 17.20 42.06
N LYS B 235 -32.38 17.97 43.12
CA LYS B 235 -31.28 18.91 43.08
C LYS B 235 -29.93 18.26 43.37
N TYR B 236 -29.91 17.05 43.92
CA TYR B 236 -28.64 16.38 44.25
C TYR B 236 -27.95 15.79 43.03
N ASN B 237 -28.59 15.76 41.88
CA ASN B 237 -28.09 15.04 40.72
C ASN B 237 -27.90 13.55 41.00
N LEU B 238 -28.65 13.03 41.95
CA LEU B 238 -28.53 11.62 42.32
C LEU B 238 -28.89 10.78 41.10
N PRO B 239 -28.17 9.69 40.83
CA PRO B 239 -28.34 8.99 39.54
C PRO B 239 -29.71 8.33 39.47
N GLU B 240 -30.46 8.66 38.41
CA GLU B 240 -31.73 8.01 38.15
C GLU B 240 -31.52 6.84 37.21
N PRO B 241 -31.79 5.61 37.63
CA PRO B 241 -31.55 4.46 36.73
C PRO B 241 -32.52 4.45 35.57
N LEU B 242 -32.06 3.93 34.43
CA LEU B 242 -32.91 3.82 33.26
C LEU B 242 -33.69 2.51 33.30
N SER B 243 -34.89 2.55 32.75
CA SER B 243 -35.76 1.37 32.67
C SER B 243 -36.28 1.26 31.25
N TYR B 244 -36.94 0.13 30.97
CA TYR B 244 -37.45 -0.11 29.62
C TYR B 244 -38.51 0.90 29.22
N ALA B 245 -39.10 1.61 30.19
CA ALA B 245 -40.15 2.57 29.87
C ALA B 245 -39.62 3.82 29.18
N ALA B 246 -38.30 4.00 29.12
CA ALA B 246 -37.71 5.13 28.41
C ALA B 246 -37.36 4.82 26.96
N VAL B 247 -37.64 3.61 26.48
CA VAL B 247 -37.14 3.13 25.20
C VAL B 247 -38.32 2.86 24.27
N GLY B 248 -39.37 3.67 24.40
CA GLY B 248 -40.68 3.27 23.91
C GLY B 248 -40.70 2.84 22.45
N GLY B 249 -39.88 3.46 21.61
CA GLY B 249 -39.97 3.18 20.19
C GLY B 249 -39.80 1.72 19.85
N LEU B 250 -39.00 1.00 20.64
CA LEU B 250 -38.51 -0.33 20.30
C LEU B 250 -39.33 -1.44 20.98
N ASP B 251 -40.61 -1.23 21.20
CA ASP B 251 -41.38 -2.16 22.05
C ASP B 251 -41.36 -3.58 21.49
N LYS B 252 -41.19 -3.74 20.18
CA LYS B 252 -41.22 -5.08 19.61
C LYS B 252 -39.89 -5.80 19.79
N GLU B 253 -38.78 -5.08 19.62
CA GLU B 253 -37.47 -5.70 19.79
C GLU B 253 -37.12 -5.89 21.27
N ILE B 254 -37.58 -4.99 22.13
CA ILE B 254 -37.29 -5.12 23.56
C ILE B 254 -37.84 -6.44 24.08
N GLU B 255 -38.97 -6.89 23.53
CA GLU B 255 -39.54 -8.18 23.91
C GLU B 255 -38.57 -9.31 23.60
N SER B 256 -38.04 -9.33 22.38
CA SER B 256 -37.09 -10.36 22.00
C SER B 256 -35.86 -10.32 22.90
N LEU B 257 -35.37 -9.11 23.18
CA LEU B 257 -34.18 -8.97 24.02
C LEU B 257 -34.46 -9.49 25.43
N LYS B 258 -35.61 -9.15 26.00
CA LYS B 258 -35.93 -9.67 27.33
C LYS B 258 -36.02 -11.18 27.30
N SER B 259 -36.65 -11.72 26.26
CA SER B 259 -36.79 -13.18 26.17
C SER B 259 -35.43 -13.85 26.10
N ALA B 260 -34.50 -13.25 25.35
CA ALA B 260 -33.17 -13.83 25.19
C ALA B 260 -32.25 -13.57 26.38
N ILE B 261 -32.63 -12.70 27.32
CA ILE B 261 -31.83 -12.50 28.51
C ILE B 261 -32.45 -13.10 29.78
N GLU B 262 -33.75 -13.34 29.83
CA GLU B 262 -34.37 -13.89 31.03
C GLU B 262 -34.08 -15.37 31.18
N ILE B 263 -34.50 -16.18 30.22
CA ILE B 263 -34.48 -17.63 30.37
C ILE B 263 -33.06 -18.18 30.38
N PRO B 264 -32.10 -17.61 29.65
CA PRO B 264 -30.75 -18.18 29.72
C PRO B 264 -30.01 -17.89 31.01
N LEU B 265 -30.33 -16.79 31.70
CA LEU B 265 -29.59 -16.41 32.89
C LEU B 265 -30.27 -16.87 34.19
N HIS B 266 -31.60 -16.76 34.28
CA HIS B 266 -32.28 -16.87 35.56
C HIS B 266 -33.12 -18.13 35.69
N GLN B 267 -33.33 -18.89 34.62
CA GLN B 267 -34.00 -20.18 34.70
C GLN B 267 -33.51 -21.07 33.55
N PRO B 268 -32.24 -21.47 33.57
CA PRO B 268 -31.76 -22.39 32.53
C PRO B 268 -32.29 -23.81 32.65
N THR B 269 -32.86 -24.20 33.79
CA THR B 269 -33.31 -25.57 33.94
C THR B 269 -34.38 -25.91 32.93
N LEU B 270 -35.09 -24.90 32.44
CA LEU B 270 -36.08 -25.11 31.38
C LEU B 270 -35.42 -25.70 30.13
N PHE B 271 -34.35 -25.06 29.65
CA PHE B 271 -33.74 -25.50 28.39
C PHE B 271 -33.21 -26.92 28.50
N SER B 272 -32.56 -27.25 29.61
CA SER B 272 -32.02 -28.59 29.77
C SER B 272 -33.11 -29.64 29.68
N SER B 273 -34.33 -29.31 30.09
CA SER B 273 -35.42 -30.27 29.99
C SER B 273 -35.69 -30.64 28.55
N PHE B 274 -35.68 -29.67 27.65
CA PHE B 274 -35.95 -29.91 26.24
C PHE B 274 -34.72 -30.37 25.46
N GLY B 275 -33.57 -30.49 26.10
CA GLY B 275 -32.41 -31.04 25.43
C GLY B 275 -31.67 -30.07 24.54
N VAL B 276 -31.89 -28.77 24.70
CA VAL B 276 -31.27 -27.74 23.85
C VAL B 276 -30.44 -26.83 24.73
N SER B 277 -29.28 -26.45 24.24
CA SER B 277 -28.41 -25.56 25.00
C SER B 277 -28.94 -24.13 24.95
N PRO B 278 -28.81 -23.36 26.04
CA PRO B 278 -29.33 -22.00 26.01
C PRO B 278 -28.59 -21.15 25.01
N PRO B 279 -29.25 -20.12 24.46
CA PRO B 279 -28.54 -19.19 23.57
C PRO B 279 -27.50 -18.41 24.36
N ARG B 280 -26.46 -17.95 23.66
CA ARG B 280 -25.33 -17.34 24.32
C ARG B 280 -25.02 -15.92 23.86
N GLY B 281 -25.71 -15.41 22.84
CA GLY B 281 -25.36 -14.09 22.34
C GLY B 281 -26.54 -13.38 21.71
N ILE B 282 -26.46 -12.05 21.71
CA ILE B 282 -27.41 -11.18 21.03
C ILE B 282 -26.61 -10.05 20.40
N LEU B 283 -26.90 -9.74 19.14
CA LEU B 283 -26.21 -8.68 18.42
C LEU B 283 -27.23 -7.64 18.00
N LEU B 284 -27.06 -6.41 18.50
CA LEU B 284 -27.91 -5.29 18.10
C LEU B 284 -27.19 -4.51 17.01
N HIS B 285 -27.93 -4.12 15.96
CA HIS B 285 -27.36 -3.33 14.90
C HIS B 285 -28.41 -2.40 14.31
N GLY B 286 -27.94 -1.30 13.75
CA GLY B 286 -28.80 -0.30 13.18
C GLY B 286 -28.09 1.04 13.03
N PRO B 287 -28.75 2.01 12.41
CA PRO B 287 -28.11 3.31 12.18
C PRO B 287 -27.80 4.02 13.49
N PRO B 288 -26.92 5.02 13.46
CA PRO B 288 -26.61 5.75 14.70
C PRO B 288 -27.82 6.44 15.29
N GLY B 289 -27.86 6.51 16.62
CA GLY B 289 -28.89 7.26 17.29
C GLY B 289 -30.23 6.56 17.39
N THR B 290 -30.24 5.23 17.47
CA THR B 290 -31.48 4.48 17.42
C THR B 290 -31.83 3.76 18.72
N GLY B 291 -30.87 3.47 19.59
CA GLY B 291 -31.20 2.89 20.88
C GLY B 291 -30.35 1.73 21.37
N LYS B 292 -29.29 1.39 20.65
CA LYS B 292 -28.53 0.18 20.99
C LYS B 292 -27.82 0.34 22.34
N THR B 293 -26.94 1.33 22.48
CA THR B 293 -26.26 1.53 23.74
C THR B 293 -27.23 1.87 24.85
N MET B 294 -28.34 2.54 24.53
CA MET B 294 -29.38 2.76 25.52
C MET B 294 -29.95 1.44 26.03
N LEU B 295 -30.22 0.51 25.13
CA LEU B 295 -30.72 -0.79 25.55
C LEU B 295 -29.68 -1.53 26.37
N LEU B 296 -28.39 -1.38 26.03
CA LEU B 296 -27.36 -1.99 26.85
C LEU B 296 -27.39 -1.44 28.28
N ARG B 297 -27.50 -0.11 28.43
CA ARG B 297 -27.57 0.46 29.76
C ARG B 297 -28.83 0.02 30.49
N VAL B 298 -29.96 -0.04 29.78
CA VAL B 298 -31.21 -0.43 30.41
C VAL B 298 -31.15 -1.89 30.87
N VAL B 299 -30.51 -2.76 30.08
CA VAL B 299 -30.36 -4.15 30.48
C VAL B 299 -29.43 -4.25 31.68
N ALA B 300 -28.37 -3.46 31.69
CA ALA B 300 -27.45 -3.48 32.83
C ALA B 300 -28.16 -3.06 34.10
N ASN B 301 -28.99 -2.01 34.02
CA ASN B 301 -29.69 -1.53 35.21
C ASN B 301 -30.81 -2.47 35.62
N THR B 302 -31.50 -3.08 34.66
CA THR B 302 -32.69 -3.86 34.96
C THR B 302 -32.34 -5.28 35.37
N SER B 303 -31.64 -6.01 34.51
CA SER B 303 -31.27 -7.39 34.79
C SER B 303 -30.33 -7.42 35.99
N ASN B 304 -30.67 -8.22 36.99
CA ASN B 304 -29.85 -8.34 38.20
C ASN B 304 -28.82 -9.44 37.94
N ALA B 305 -27.68 -9.06 37.39
CA ALA B 305 -26.63 -10.00 37.05
C ALA B 305 -25.30 -9.26 36.97
N HIS B 306 -24.22 -10.03 37.01
CA HIS B 306 -22.87 -9.47 37.00
C HIS B 306 -22.62 -8.85 35.63
N VAL B 307 -22.47 -7.53 35.59
CA VAL B 307 -22.32 -6.78 34.34
C VAL B 307 -20.84 -6.54 34.09
N LEU B 308 -20.36 -7.02 32.94
CA LEU B 308 -19.01 -6.78 32.47
C LEU B 308 -19.09 -6.03 31.15
N THR B 309 -18.14 -5.12 30.92
CA THR B 309 -18.19 -4.21 29.78
C THR B 309 -16.85 -4.18 29.08
N ILE B 310 -16.81 -4.71 27.85
CA ILE B 310 -15.73 -4.41 26.91
C ILE B 310 -16.25 -3.26 26.05
N ASN B 311 -15.97 -2.03 26.48
CA ASN B 311 -16.53 -0.84 25.85
C ASN B 311 -15.62 -0.39 24.72
N GLY B 312 -15.72 -1.10 23.60
CA GLY B 312 -14.88 -0.86 22.46
C GLY B 312 -13.53 -1.54 22.62
N PRO B 313 -12.48 -0.96 22.05
CA PRO B 313 -11.15 -1.54 22.23
C PRO B 313 -10.50 -1.14 23.54
N SER B 314 -11.23 -1.30 24.65
CA SER B 314 -10.67 -0.95 25.95
C SER B 314 -9.68 -2.00 26.45
N ILE B 315 -9.68 -3.18 25.84
CA ILE B 315 -8.80 -4.26 26.28
C ILE B 315 -7.45 -4.24 25.57
N VAL B 316 -7.37 -3.63 24.39
CA VAL B 316 -6.15 -3.72 23.58
C VAL B 316 -4.99 -3.15 24.38
N SER B 317 -3.89 -3.90 24.44
CA SER B 317 -2.72 -3.52 25.20
C SER B 317 -1.46 -3.70 24.36
N LYS B 318 -0.42 -2.93 24.69
CA LYS B 318 0.83 -2.98 23.94
C LYS B 318 1.40 -4.38 23.91
N TYR B 319 1.46 -5.03 25.07
CA TYR B 319 2.24 -6.25 25.21
C TYR B 319 1.59 -7.39 24.44
N LEU B 320 2.39 -8.41 24.16
CA LEU B 320 2.11 -9.28 23.02
C LEU B 320 0.80 -10.05 23.17
N GLY B 321 0.48 -10.51 24.38
CA GLY B 321 -0.67 -11.36 24.57
C GLY B 321 -1.67 -10.83 25.58
N GLU B 322 -1.60 -9.53 25.89
CA GLU B 322 -2.43 -8.99 26.95
C GLU B 322 -3.88 -8.76 26.52
N THR B 323 -4.15 -8.57 25.23
CA THR B 323 -5.53 -8.43 24.78
C THR B 323 -6.32 -9.71 25.00
N GLU B 324 -5.78 -10.83 24.52
CA GLU B 324 -6.43 -12.12 24.75
C GLU B 324 -6.46 -12.45 26.24
N ALA B 325 -5.45 -12.00 26.98
CA ALA B 325 -5.45 -12.21 28.42
C ALA B 325 -6.59 -11.46 29.09
N ALA B 326 -6.86 -10.24 28.65
CA ALA B 326 -7.97 -9.48 29.21
C ALA B 326 -9.31 -10.11 28.85
N LEU B 327 -9.45 -10.58 27.61
CA LEU B 327 -10.68 -11.29 27.25
C LEU B 327 -10.86 -12.54 28.11
N ARG B 328 -9.80 -13.31 28.30
CA ARG B 328 -9.89 -14.50 29.13
C ARG B 328 -10.26 -14.15 30.55
N ASP B 329 -9.68 -13.07 31.09
CA ASP B 329 -10.03 -12.65 32.44
C ASP B 329 -11.49 -12.26 32.55
N ILE B 330 -12.00 -11.51 31.56
CA ILE B 330 -13.39 -11.09 31.60
C ILE B 330 -14.31 -12.30 31.56
N PHE B 331 -14.06 -13.23 30.64
CA PHE B 331 -14.94 -14.38 30.53
C PHE B 331 -14.81 -15.30 31.74
N ASN B 332 -13.62 -15.40 32.34
CA ASN B 332 -13.45 -16.22 33.53
C ASN B 332 -14.18 -15.61 34.71
N GLU B 333 -14.16 -14.29 34.84
CA GLU B 333 -14.93 -13.64 35.89
C GLU B 333 -16.42 -13.83 35.67
N ALA B 334 -16.85 -13.79 34.41
CA ALA B 334 -18.27 -14.03 34.12
C ALA B 334 -18.68 -15.45 34.48
N ARG B 335 -17.81 -16.43 34.17
CA ARG B 335 -18.07 -17.79 34.61
C ARG B 335 -18.08 -17.90 36.12
N LYS B 336 -17.24 -17.12 36.80
CA LYS B 336 -17.14 -17.24 38.24
C LYS B 336 -18.38 -16.72 38.93
N TYR B 337 -18.76 -15.48 38.66
CA TYR B 337 -19.89 -14.84 39.33
C TYR B 337 -21.18 -14.96 38.54
N GLN B 338 -21.56 -16.18 38.17
CA GLN B 338 -22.80 -16.37 37.43
C GLN B 338 -23.99 -15.95 38.28
N PRO B 339 -25.06 -15.41 37.67
CA PRO B 339 -25.25 -15.05 36.26
C PRO B 339 -24.52 -13.76 35.87
N SER B 340 -24.11 -13.64 34.62
CA SER B 340 -23.30 -12.51 34.20
C SER B 340 -23.61 -12.15 32.75
N ILE B 341 -23.51 -10.86 32.45
CA ILE B 341 -23.69 -10.32 31.11
C ILE B 341 -22.41 -9.59 30.71
N ILE B 342 -21.92 -9.86 29.51
CA ILE B 342 -20.74 -9.19 28.97
C ILE B 342 -21.19 -8.31 27.82
N PHE B 343 -21.05 -7.00 27.98
CA PHE B 343 -21.51 -6.01 27.00
C PHE B 343 -20.32 -5.61 26.13
N ILE B 344 -20.24 -6.16 24.92
CA ILE B 344 -19.22 -5.76 23.96
C ILE B 344 -19.78 -4.66 23.07
N ASP B 345 -19.71 -3.42 23.52
CA ASP B 345 -20.15 -2.31 22.70
C ASP B 345 -19.10 -2.00 21.62
N GLU B 346 -19.59 -1.73 20.42
CA GLU B 346 -18.74 -1.50 19.26
C GLU B 346 -17.86 -2.73 18.99
N ILE B 347 -18.52 -3.85 18.72
CA ILE B 347 -17.81 -5.10 18.49
C ILE B 347 -16.99 -5.07 17.21
N ASP B 348 -17.36 -4.22 16.25
CA ASP B 348 -16.64 -4.17 14.99
C ASP B 348 -15.20 -3.68 15.17
N SER B 349 -14.89 -3.09 16.33
CA SER B 349 -13.56 -2.54 16.55
C SER B 349 -12.59 -3.53 17.17
N ILE B 350 -13.11 -4.54 17.90
CA ILE B 350 -12.26 -5.57 18.47
C ILE B 350 -12.41 -6.91 17.74
N ALA B 351 -13.38 -7.07 16.86
CA ALA B 351 -13.59 -8.31 16.12
C ALA B 351 -13.86 -8.01 14.65
N PRO B 352 -12.83 -7.62 13.90
CA PRO B 352 -13.01 -7.40 12.46
C PRO B 352 -13.12 -8.71 11.70
N ASN B 353 -13.33 -8.58 10.39
CA ASN B 353 -13.80 -9.69 9.56
C ASN B 353 -12.73 -10.74 9.26
N ARG B 354 -11.44 -10.36 9.28
CA ARG B 354 -10.33 -11.27 9.04
C ARG B 354 -10.22 -11.67 7.58
N ALA B 355 -11.19 -11.29 6.76
CA ALA B 355 -11.05 -11.39 5.32
C ALA B 355 -10.79 -10.04 4.68
N ASN B 356 -11.06 -8.96 5.41
CA ASN B 356 -10.59 -7.64 5.01
C ASN B 356 -9.07 -7.65 4.99
N ASP B 357 -8.48 -7.04 3.96
CA ASP B 357 -7.03 -7.04 3.84
C ASP B 357 -6.36 -6.11 4.83
N ASP B 358 -7.13 -5.31 5.57
CA ASP B 358 -6.57 -4.41 6.57
C ASP B 358 -6.44 -5.04 7.94
N SER B 359 -6.86 -6.30 8.12
CA SER B 359 -6.82 -6.98 9.40
C SER B 359 -5.64 -7.93 9.43
N GLY B 360 -4.80 -7.78 10.46
CA GLY B 360 -3.56 -8.53 10.57
C GLY B 360 -3.57 -9.54 11.69
N GLU B 361 -2.37 -9.86 12.18
CA GLU B 361 -2.21 -10.92 13.18
C GLU B 361 -2.95 -10.60 14.47
N VAL B 362 -2.84 -9.35 14.95
CA VAL B 362 -3.43 -9.00 16.24
C VAL B 362 -4.94 -9.17 16.20
N GLU B 363 -5.57 -8.63 15.16
CA GLU B 363 -7.01 -8.74 15.02
C GLU B 363 -7.44 -10.20 14.91
N SER B 364 -6.71 -11.00 14.15
CA SER B 364 -7.04 -12.40 14.01
C SER B 364 -6.97 -13.12 15.35
N ARG B 365 -5.92 -12.83 16.13
CA ARG B 365 -5.80 -13.48 17.43
C ARG B 365 -6.92 -13.09 18.37
N VAL B 366 -7.31 -11.81 18.38
CA VAL B 366 -8.42 -11.38 19.24
C VAL B 366 -9.72 -12.04 18.81
N VAL B 367 -9.98 -12.10 17.50
CA VAL B 367 -11.21 -12.71 17.01
C VAL B 367 -11.23 -14.19 17.38
N ALA B 368 -10.10 -14.87 17.21
CA ALA B 368 -10.04 -16.29 17.58
C ALA B 368 -10.24 -16.49 19.07
N THR B 369 -9.72 -15.59 19.90
CA THR B 369 -9.96 -15.70 21.34
C THR B 369 -11.44 -15.57 21.66
N LEU B 370 -12.12 -14.59 21.04
CA LEU B 370 -13.56 -14.49 21.24
C LEU B 370 -14.27 -15.76 20.79
N LEU B 371 -13.97 -16.25 19.59
CA LEU B 371 -14.56 -17.49 19.10
C LEU B 371 -14.41 -18.61 20.11
N THR B 372 -13.18 -18.82 20.60
CA THR B 372 -12.90 -19.97 21.44
C THR B 372 -13.51 -19.85 22.82
N LEU B 373 -13.51 -18.65 23.40
CA LEU B 373 -14.03 -18.50 24.75
C LEU B 373 -15.53 -18.78 24.79
N MET B 374 -16.28 -18.28 23.82
CA MET B 374 -17.72 -18.37 23.81
C MET B 374 -18.25 -19.46 22.87
N ASP B 375 -17.39 -20.41 22.48
CA ASP B 375 -17.82 -21.43 21.53
C ASP B 375 -18.93 -22.32 22.09
N GLY B 376 -18.91 -22.57 23.39
CA GLY B 376 -19.96 -23.39 23.99
C GLY B 376 -19.49 -24.31 25.11
N MET B 377 -18.18 -24.47 25.27
CA MET B 377 -17.64 -25.19 26.41
C MET B 377 -16.51 -24.41 27.06
N GLY B 378 -15.91 -23.47 26.31
CA GLY B 378 -14.86 -22.64 26.87
C GLY B 378 -15.36 -21.75 27.99
N ALA B 379 -16.46 -21.01 27.74
CA ALA B 379 -17.04 -20.10 28.71
C ALA B 379 -18.56 -20.25 28.69
N ALA B 380 -19.02 -21.50 28.67
CA ALA B 380 -20.45 -21.76 28.54
C ALA B 380 -21.25 -21.10 29.67
N GLY B 381 -21.09 -21.61 30.89
CA GLY B 381 -21.67 -21.00 32.07
C GLY B 381 -23.12 -20.60 31.93
N LYS B 382 -23.61 -19.77 32.85
CA LYS B 382 -24.80 -18.95 32.62
C LYS B 382 -24.40 -17.52 32.31
N VAL B 383 -23.64 -17.36 31.24
CA VAL B 383 -23.16 -16.05 30.79
C VAL B 383 -23.70 -15.77 29.40
N VAL B 384 -24.17 -14.55 29.20
CA VAL B 384 -24.75 -14.12 27.94
C VAL B 384 -24.02 -12.87 27.47
N VAL B 385 -23.62 -12.86 26.21
CA VAL B 385 -22.89 -11.75 25.62
C VAL B 385 -23.87 -10.93 24.80
N ILE B 386 -23.84 -9.61 24.97
CA ILE B 386 -24.65 -8.69 24.19
C ILE B 386 -23.71 -7.70 23.51
N ALA B 387 -23.87 -7.54 22.20
CA ALA B 387 -23.03 -6.67 21.40
C ALA B 387 -23.88 -5.71 20.59
N ALA B 388 -23.35 -4.50 20.39
CA ALA B 388 -23.98 -3.48 19.57
C ALA B 388 -23.01 -3.02 18.51
N THR B 389 -23.49 -2.89 17.29
CA THR B 389 -22.62 -2.56 16.16
C THR B 389 -23.41 -1.80 15.11
N ASN B 390 -22.83 -0.71 14.62
CA ASN B 390 -23.39 0.00 13.49
C ASN B 390 -23.07 -0.68 12.16
N ARG B 391 -22.15 -1.64 12.17
CA ARG B 391 -21.65 -2.28 10.96
C ARG B 391 -21.66 -3.78 11.14
N PRO B 392 -22.83 -4.42 11.01
CA PRO B 392 -22.89 -5.87 11.26
C PRO B 392 -21.96 -6.68 10.39
N ASN B 393 -21.77 -6.29 9.13
CA ASN B 393 -20.91 -7.06 8.22
C ASN B 393 -19.43 -6.88 8.52
N SER B 394 -19.05 -5.89 9.32
CA SER B 394 -17.64 -5.75 9.70
C SER B 394 -17.26 -6.75 10.78
N VAL B 395 -18.24 -7.31 11.48
CA VAL B 395 -17.95 -8.35 12.46
C VAL B 395 -17.73 -9.67 11.73
N ASP B 396 -16.82 -10.48 12.27
CA ASP B 396 -16.41 -11.69 11.57
C ASP B 396 -17.59 -12.66 11.47
N PRO B 397 -17.77 -13.34 10.33
CA PRO B 397 -18.88 -14.29 10.23
C PRO B 397 -18.84 -15.41 11.24
N ALA B 398 -17.64 -15.86 11.62
CA ALA B 398 -17.55 -16.93 12.61
C ALA B 398 -18.19 -16.55 13.93
N LEU B 399 -18.22 -15.26 14.26
CA LEU B 399 -18.93 -14.82 15.45
C LEU B 399 -20.44 -14.77 15.19
N ARG B 400 -20.84 -14.48 13.96
CA ARG B 400 -22.25 -14.44 13.58
C ARG B 400 -22.73 -15.82 13.16
N ARG B 401 -22.74 -16.73 14.13
CA ARG B 401 -23.13 -18.11 13.91
C ARG B 401 -23.92 -18.54 15.14
N PRO B 402 -24.96 -19.35 14.99
CA PRO B 402 -25.69 -19.81 16.17
C PRO B 402 -24.77 -20.53 17.14
N GLY B 403 -24.95 -20.22 18.42
CA GLY B 403 -24.05 -20.67 19.46
C GLY B 403 -23.02 -19.64 19.89
N ARG B 404 -22.73 -18.64 19.05
CA ARG B 404 -21.85 -17.56 19.43
C ARG B 404 -22.69 -16.28 19.48
N PHE B 405 -23.29 -15.86 18.37
CA PHE B 405 -24.25 -14.76 18.38
C PHE B 405 -25.56 -15.29 17.79
N ASP B 406 -26.35 -15.92 18.66
CA ASP B 406 -27.52 -16.65 18.20
C ASP B 406 -28.50 -15.76 17.49
N GLN B 407 -28.83 -14.61 18.08
CA GLN B 407 -29.94 -13.78 17.65
C GLN B 407 -29.45 -12.38 17.34
N GLU B 408 -29.79 -11.87 16.17
CA GLU B 408 -29.47 -10.50 15.77
C GLU B 408 -30.76 -9.69 15.79
N VAL B 409 -30.73 -8.57 16.50
CA VAL B 409 -31.89 -7.69 16.65
C VAL B 409 -31.59 -6.40 15.91
N GLU B 410 -32.50 -6.00 15.03
CA GLU B 410 -32.33 -4.80 14.22
C GLU B 410 -33.03 -3.62 14.90
N ILE B 411 -32.25 -2.65 15.35
CA ILE B 411 -32.80 -1.44 15.97
C ILE B 411 -32.84 -0.40 14.86
N GLY B 412 -33.96 -0.39 14.13
CA GLY B 412 -34.09 0.42 12.94
C GLY B 412 -34.51 1.84 13.22
N ILE B 413 -34.74 2.58 12.13
CA ILE B 413 -35.12 3.99 12.25
C ILE B 413 -36.61 4.05 12.59
N PRO B 414 -37.01 4.83 13.61
CA PRO B 414 -38.43 4.84 14.02
C PRO B 414 -39.32 5.40 12.92
N ASP B 415 -40.50 4.81 12.79
CA ASP B 415 -41.56 5.37 11.97
C ASP B 415 -42.41 6.32 12.81
N VAL B 416 -43.55 6.76 12.26
CA VAL B 416 -44.32 7.82 12.91
C VAL B 416 -44.76 7.39 14.31
N ASP B 417 -45.22 6.14 14.45
CA ASP B 417 -45.70 5.68 15.75
C ASP B 417 -44.56 5.56 16.75
N ALA B 418 -43.41 5.06 16.32
CA ALA B 418 -42.25 4.99 17.20
C ALA B 418 -41.81 6.39 17.60
N ARG B 419 -41.84 7.33 16.66
CA ARG B 419 -41.53 8.72 16.96
C ARG B 419 -42.45 9.26 18.04
N PHE B 420 -43.75 8.98 17.90
CA PHE B 420 -44.72 9.51 18.85
C PHE B 420 -44.53 8.88 20.22
N ASP B 421 -44.21 7.60 20.27
CA ASP B 421 -43.94 6.95 21.55
C ASP B 421 -42.70 7.56 22.22
N ILE B 422 -41.63 7.74 21.44
CA ILE B 422 -40.42 8.36 21.97
C ILE B 422 -40.74 9.73 22.51
N LEU B 423 -41.46 10.54 21.75
CA LEU B 423 -41.74 11.90 22.17
C LEU B 423 -42.64 11.92 23.40
N THR B 424 -43.60 11.01 23.47
CA THR B 424 -44.46 10.92 24.65
C THR B 424 -43.63 10.63 25.90
N LYS B 425 -42.66 9.73 25.78
CA LYS B 425 -41.86 9.38 26.95
C LYS B 425 -40.83 10.45 27.30
N GLN B 426 -40.29 11.14 26.29
CA GLN B 426 -39.33 12.20 26.59
C GLN B 426 -40.03 13.45 27.12
N PHE B 427 -41.29 13.65 26.73
CA PHE B 427 -42.09 14.73 27.29
C PHE B 427 -42.81 14.31 28.56
N SER B 428 -42.77 13.02 28.91
CA SER B 428 -43.30 12.58 30.19
C SER B 428 -42.33 12.85 31.34
N ARG B 429 -41.03 12.80 31.07
CA ARG B 429 -40.05 13.15 32.09
C ARG B 429 -40.15 14.61 32.48
N MET B 430 -40.70 15.45 31.61
CA MET B 430 -40.82 16.87 31.92
C MET B 430 -42.05 17.14 32.79
N SER B 431 -43.24 16.89 32.24
CA SER B 431 -44.47 16.63 32.98
C SER B 431 -45.11 17.83 33.68
N SER B 432 -44.42 18.96 33.75
CA SER B 432 -45.03 20.14 34.34
C SER B 432 -44.48 21.44 33.76
N ASP B 433 -43.28 21.42 33.21
CA ASP B 433 -42.71 22.58 32.53
C ASP B 433 -42.97 22.55 31.04
N ARG B 434 -44.09 21.91 30.64
CA ARG B 434 -44.23 21.44 29.28
C ARG B 434 -45.37 22.16 28.58
N HIS B 435 -46.61 22.02 29.05
CA HIS B 435 -47.77 22.67 28.44
C HIS B 435 -48.05 22.14 27.04
N VAL B 436 -47.21 21.24 26.53
CA VAL B 436 -47.38 20.67 25.19
C VAL B 436 -48.33 19.49 25.29
N LEU B 437 -48.82 19.22 26.49
CA LEU B 437 -49.45 17.95 26.85
C LEU B 437 -50.73 17.67 26.11
N ASP B 438 -51.22 18.47 25.16
CA ASP B 438 -52.46 18.11 24.48
C ASP B 438 -52.43 16.68 23.96
N SER B 439 -51.25 16.13 23.68
CA SER B 439 -51.10 14.80 23.09
C SER B 439 -51.51 14.81 21.62
N GLU B 440 -52.08 15.92 21.17
CA GLU B 440 -52.22 16.14 19.74
C GLU B 440 -51.05 16.98 19.23
N ALA B 441 -50.51 17.83 20.10
CA ALA B 441 -49.30 18.57 19.76
C ALA B 441 -48.12 17.62 19.54
N ILE B 442 -48.02 16.58 20.37
CA ILE B 442 -46.92 15.64 20.20
C ILE B 442 -47.11 14.82 18.93
N LYS B 443 -48.35 14.46 18.60
CA LYS B 443 -48.58 13.77 17.33
C LYS B 443 -48.25 14.68 16.15
N TYR B 444 -48.57 15.96 16.27
CA TYR B 444 -48.21 16.95 15.24
C TYR B 444 -46.69 17.00 15.05
N ILE B 445 -45.95 17.16 16.16
CA ILE B 445 -44.50 17.20 16.09
C ILE B 445 -43.96 15.91 15.47
N ALA B 446 -44.47 14.77 15.92
CA ALA B 446 -44.02 13.49 15.37
C ALA B 446 -44.28 13.43 13.88
N SER B 447 -45.41 13.98 13.44
CA SER B 447 -45.74 13.96 12.02
C SER B 447 -44.79 14.83 11.22
N LYS B 448 -44.22 15.88 11.82
CA LYS B 448 -43.28 16.70 11.06
C LYS B 448 -41.81 16.33 11.27
N THR B 449 -41.48 15.39 12.14
CA THR B 449 -40.08 15.08 12.40
C THR B 449 -39.57 14.03 11.42
N HIS B 450 -39.52 14.39 10.14
CA HIS B 450 -39.08 13.45 9.10
C HIS B 450 -37.59 13.19 9.21
N GLY B 451 -37.22 11.91 9.15
CA GLY B 451 -35.83 11.50 9.23
C GLY B 451 -35.25 11.48 10.62
N TYR B 452 -36.01 11.83 11.65
CA TYR B 452 -35.47 11.91 13.00
C TYR B 452 -35.23 10.49 13.52
N VAL B 453 -34.04 10.25 14.07
CA VAL B 453 -33.60 8.88 14.33
C VAL B 453 -33.79 8.45 15.78
N GLY B 454 -34.10 9.37 16.69
CA GLY B 454 -34.27 9.04 18.08
C GLY B 454 -33.40 9.87 19.00
N ALA B 455 -32.16 10.12 18.59
CA ALA B 455 -31.33 11.10 19.29
C ALA B 455 -31.69 12.51 18.85
N ASP B 456 -32.07 12.68 17.58
CA ASP B 456 -32.51 13.98 17.11
C ASP B 456 -33.71 14.47 17.89
N LEU B 457 -34.56 13.56 18.37
CA LEU B 457 -35.71 13.97 19.16
C LEU B 457 -35.27 14.50 20.53
N THR B 458 -34.25 13.87 21.13
CA THR B 458 -33.68 14.39 22.37
C THR B 458 -33.10 15.79 22.14
N ALA B 459 -32.34 15.96 21.06
CA ALA B 459 -31.83 17.29 20.74
C ALA B 459 -32.98 18.27 20.53
N LEU B 460 -34.08 17.80 19.96
CA LEU B 460 -35.23 18.66 19.72
C LEU B 460 -35.83 19.16 21.02
N CYS B 461 -36.05 18.24 21.97
CA CYS B 461 -36.58 18.65 23.28
C CYS B 461 -35.62 19.61 23.98
N ARG B 462 -34.32 19.33 23.92
CA ARG B 462 -33.34 20.20 24.56
C ARG B 462 -33.38 21.60 23.96
N GLU B 463 -33.36 21.69 22.63
CA GLU B 463 -33.41 23.00 22.01
C GLU B 463 -34.75 23.69 22.24
N SER B 464 -35.82 22.92 22.46
CA SER B 464 -37.07 23.53 22.86
C SER B 464 -36.94 24.19 24.22
N VAL B 465 -36.29 23.52 25.17
CA VAL B 465 -36.01 24.12 26.46
C VAL B 465 -35.23 25.42 26.28
N MET B 466 -34.20 25.37 25.43
CA MET B 466 -33.37 26.56 25.24
C MET B 466 -34.17 27.70 24.61
N LYS B 467 -35.04 27.38 23.65
CA LYS B 467 -35.81 28.41 22.98
C LYS B 467 -36.81 29.06 23.93
N THR B 468 -37.48 28.26 24.77
CA THR B 468 -38.37 28.85 25.75
C THR B 468 -37.58 29.68 26.76
N ILE B 469 -36.37 29.24 27.12
CA ILE B 469 -35.53 30.02 28.01
C ILE B 469 -35.26 31.40 27.40
N GLN B 470 -34.82 31.43 26.15
CA GLN B 470 -34.43 32.70 25.55
C GLN B 470 -35.66 33.57 25.28
N ARG B 471 -36.81 32.97 25.00
CA ARG B 471 -38.04 33.75 24.91
C ARG B 471 -38.35 34.43 26.23
N GLY B 472 -38.25 33.68 27.34
CA GLY B 472 -38.46 34.28 28.64
C GLY B 472 -37.52 35.43 28.91
N LEU B 473 -36.23 35.23 28.61
CA LEU B 473 -35.28 36.32 28.77
C LEU B 473 -35.61 37.50 27.86
N GLY B 474 -36.20 37.24 26.70
CA GLY B 474 -36.58 38.33 25.82
C GLY B 474 -37.75 39.13 26.32
N THR B 475 -38.69 38.49 27.03
CA THR B 475 -39.81 39.21 27.61
C THR B 475 -39.42 39.94 28.89
N ASP B 476 -38.57 39.34 29.72
CA ASP B 476 -38.11 39.96 30.95
C ASP B 476 -36.64 39.64 31.14
N ALA B 477 -35.89 40.59 31.70
CA ALA B 477 -34.44 40.48 31.73
C ALA B 477 -33.95 39.36 32.65
N ASN B 478 -34.62 39.16 33.79
CA ASN B 478 -34.15 38.20 34.79
C ASN B 478 -35.25 37.24 35.21
N ILE B 479 -36.09 36.81 34.27
CA ILE B 479 -37.13 35.85 34.59
C ILE B 479 -36.48 34.54 35.05
N ASP B 480 -37.05 33.93 36.08
CA ASP B 480 -36.52 32.68 36.62
C ASP B 480 -36.55 31.62 35.55
N LYS B 481 -35.37 31.19 35.09
CA LYS B 481 -35.30 30.23 34.00
C LYS B 481 -35.93 28.90 34.38
N PHE B 482 -35.96 28.56 35.67
CA PHE B 482 -36.57 27.32 36.12
C PHE B 482 -38.08 27.36 36.11
N SER B 483 -38.69 28.54 35.98
CA SER B 483 -40.14 28.67 36.04
C SER B 483 -40.82 28.64 34.68
N LEU B 484 -40.06 28.60 33.59
CA LEU B 484 -40.66 28.66 32.26
C LEU B 484 -41.21 27.31 31.84
N LYS B 485 -42.04 27.33 30.80
CA LYS B 485 -42.67 26.14 30.25
C LYS B 485 -42.40 26.08 28.75
N VAL B 486 -42.41 24.87 28.20
CA VAL B 486 -42.00 24.64 26.81
C VAL B 486 -43.25 24.69 25.94
N THR B 487 -43.57 25.86 25.37
CA THR B 487 -44.72 25.96 24.50
C THR B 487 -44.46 25.25 23.18
N LEU B 488 -45.55 24.87 22.49
CA LEU B 488 -45.41 24.22 21.20
C LEU B 488 -44.65 25.09 20.21
N LYS B 489 -44.85 26.41 20.28
CA LYS B 489 -44.09 27.31 19.43
C LYS B 489 -42.60 27.10 19.62
N ASP B 490 -42.19 26.71 20.82
CA ASP B 490 -40.77 26.48 21.09
C ASP B 490 -40.26 25.26 20.34
N VAL B 491 -41.04 24.18 20.32
CA VAL B 491 -40.63 23.00 19.57
C VAL B 491 -40.61 23.31 18.08
N GLU B 492 -41.59 24.08 17.60
CA GLU B 492 -41.60 24.44 16.19
C GLU B 492 -40.39 25.29 15.83
N SER B 493 -39.99 26.21 16.73
CA SER B 493 -38.84 27.06 16.46
C SER B 493 -37.53 26.29 16.62
N ALA B 494 -37.54 25.20 17.39
CA ALA B 494 -36.38 24.34 17.46
C ALA B 494 -36.23 23.47 16.22
N MET B 495 -37.33 22.99 15.66
CA MET B 495 -37.26 22.16 14.46
C MET B 495 -36.56 22.87 13.31
N VAL B 496 -36.59 24.20 13.28
CA VAL B 496 -35.95 24.93 12.19
C VAL B 496 -34.43 24.82 12.29
N ASP B 497 -33.91 24.45 13.45
CA ASP B 497 -32.48 24.32 13.67
C ASP B 497 -31.98 22.88 13.59
N ILE B 498 -32.74 21.93 14.11
CA ILE B 498 -32.32 20.53 14.16
C ILE B 498 -32.73 19.85 12.85
N ARG B 499 -31.76 19.57 12.00
CA ARG B 499 -31.98 18.69 10.87
C ARG B 499 -31.50 17.28 11.22
N PRO B 500 -32.13 16.24 10.69
CA PRO B 500 -31.81 14.88 11.14
C PRO B 500 -30.34 14.54 10.96
N SER B 501 -29.84 13.67 11.83
CA SER B 501 -28.44 13.24 11.74
C SER B 501 -28.17 12.55 10.41
N ALA B 502 -29.14 11.81 9.89
CA ALA B 502 -28.98 11.18 8.58
C ALA B 502 -28.83 12.21 7.47
N MET B 503 -29.19 13.46 7.74
CA MET B 503 -29.26 14.51 6.73
C MET B 503 -28.14 15.53 6.91
N ARG B 504 -27.11 15.21 7.70
CA ARG B 504 -26.07 16.17 8.05
C ARG B 504 -24.91 16.19 7.06
N GLU B 505 -24.79 15.18 6.20
CA GLU B 505 -23.75 15.20 5.19
C GLU B 505 -24.13 16.04 3.98
N ILE B 506 -25.41 16.36 3.83
CA ILE B 506 -25.92 17.08 2.66
C ILE B 506 -25.78 18.57 2.88
N PHE B 507 -24.73 19.17 2.33
CA PHE B 507 -24.51 20.61 2.40
C PHE B 507 -25.07 21.24 1.14
N LEU B 508 -26.23 21.89 1.25
CA LEU B 508 -26.87 22.57 0.14
C LEU B 508 -27.23 23.99 0.58
N GLU B 509 -26.78 24.99 -0.19
CA GLU B 509 -26.98 26.37 0.21
C GLU B 509 -28.44 26.80 0.04
N MET B 510 -28.92 26.85 -1.20
CA MET B 510 -30.35 26.92 -1.49
C MET B 510 -31.11 27.99 -0.71
N PRO B 511 -30.99 29.27 -1.09
CA PRO B 511 -31.84 30.29 -0.46
C PRO B 511 -33.32 29.95 -0.57
N LYS B 512 -34.13 30.65 0.20
CA LYS B 512 -35.56 30.33 0.29
C LYS B 512 -36.28 30.72 -0.98
N VAL B 513 -37.19 29.84 -1.42
CA VAL B 513 -38.10 30.11 -2.53
C VAL B 513 -39.44 29.48 -2.22
N TYR B 514 -40.52 30.19 -2.53
CA TYR B 514 -41.87 29.77 -2.14
C TYR B 514 -42.72 29.54 -3.38
N TRP B 515 -43.79 28.76 -3.20
CA TRP B 515 -44.72 28.51 -4.30
C TRP B 515 -45.34 29.81 -4.83
N SER B 516 -45.36 30.86 -4.01
CA SER B 516 -45.87 32.14 -4.48
C SER B 516 -44.89 32.84 -5.40
N ASP B 517 -43.61 32.47 -5.35
CA ASP B 517 -42.63 33.07 -6.25
C ASP B 517 -42.77 32.53 -7.66
N ILE B 518 -43.27 31.30 -7.80
CA ILE B 518 -43.41 30.67 -9.11
C ILE B 518 -44.76 31.06 -9.72
N GLY B 519 -44.79 32.20 -10.39
CA GLY B 519 -46.01 32.59 -11.10
C GLY B 519 -46.39 31.54 -12.12
N GLY B 520 -47.68 31.20 -12.14
CA GLY B 520 -48.15 30.19 -13.08
C GLY B 520 -47.82 28.79 -12.61
N GLN B 521 -47.86 27.85 -13.55
CA GLN B 521 -47.54 26.46 -13.28
C GLN B 521 -48.47 25.86 -12.24
N GLU B 522 -49.76 26.20 -12.29
CA GLU B 522 -50.69 25.70 -11.29
C GLU B 522 -50.85 24.19 -11.36
N GLU B 523 -50.93 23.63 -12.57
CA GLU B 523 -51.03 22.18 -12.71
C GLU B 523 -49.82 21.51 -12.08
N LEU B 524 -48.64 22.08 -12.29
CA LEU B 524 -47.43 21.51 -11.70
C LEU B 524 -47.51 21.54 -10.18
N LYS B 525 -47.99 22.64 -9.61
CA LYS B 525 -48.11 22.72 -8.16
C LYS B 525 -49.06 21.67 -7.62
N THR B 526 -50.21 21.50 -8.28
CA THR B 526 -51.17 20.49 -7.85
C THR B 526 -50.56 19.09 -7.91
N LYS B 527 -49.88 18.78 -9.01
CA LYS B 527 -49.31 17.45 -9.16
C LYS B 527 -48.16 17.20 -8.19
N MET B 528 -47.37 18.24 -7.89
CA MET B 528 -46.30 18.08 -6.91
C MET B 528 -46.86 17.88 -5.51
N LYS B 529 -47.94 18.58 -5.17
CA LYS B 529 -48.57 18.32 -3.87
C LYS B 529 -49.09 16.90 -3.81
N GLU B 530 -49.79 16.45 -4.85
CA GLU B 530 -50.33 15.09 -4.86
C GLU B 530 -49.28 14.03 -4.57
N MET B 531 -48.00 14.34 -4.77
CA MET B 531 -46.93 13.38 -4.55
C MET B 531 -46.15 13.63 -3.27
N ILE B 532 -46.00 14.88 -2.86
CA ILE B 532 -45.12 15.20 -1.74
C ILE B 532 -45.89 15.33 -0.43
N GLN B 533 -47.15 15.77 -0.48
CA GLN B 533 -47.89 16.08 0.75
C GLN B 533 -49.12 15.20 0.93
N LEU B 534 -49.92 15.00 -0.11
CA LEU B 534 -51.09 14.14 0.04
C LEU B 534 -50.72 12.74 0.52
N PRO B 535 -49.66 12.10 0.02
CA PRO B 535 -49.31 10.76 0.51
C PRO B 535 -48.91 10.75 1.98
N LEU B 536 -48.59 11.89 2.57
CA LEU B 536 -48.28 11.97 4.00
C LEU B 536 -49.44 12.52 4.82
N GLU B 537 -50.26 13.38 4.23
CA GLU B 537 -51.44 13.88 4.94
C GLU B 537 -52.54 12.84 4.97
N ALA B 538 -52.71 12.07 3.89
CA ALA B 538 -53.80 11.13 3.74
C ALA B 538 -53.34 9.68 3.72
N SER B 539 -52.36 9.33 4.56
CA SER B 539 -51.77 7.98 4.49
C SER B 539 -52.83 6.91 4.73
N GLU B 540 -53.69 7.10 5.72
CA GLU B 540 -54.68 6.09 6.05
C GLU B 540 -55.65 5.86 4.90
N THR B 541 -56.02 6.92 4.18
CA THR B 541 -56.89 6.75 3.02
C THR B 541 -56.21 5.93 1.94
N PHE B 542 -54.92 6.18 1.70
CA PHE B 542 -54.18 5.37 0.74
C PHE B 542 -54.13 3.92 1.16
N ALA B 543 -53.91 3.66 2.45
CA ALA B 543 -53.90 2.28 2.93
C ALA B 543 -55.25 1.62 2.77
N ARG B 544 -56.33 2.39 2.98
CA ARG B 544 -57.67 1.85 2.81
C ARG B 544 -57.94 1.48 1.35
N LEU B 545 -57.59 2.37 0.42
CA LEU B 545 -57.77 2.07 -0.99
C LEU B 545 -56.70 1.14 -1.53
N GLY B 546 -55.62 0.92 -0.79
CA GLY B 546 -54.62 -0.05 -1.18
C GLY B 546 -53.72 0.37 -2.32
N ILE B 547 -53.33 1.64 -2.37
CA ILE B 547 -52.51 2.17 -3.44
C ILE B 547 -51.37 2.98 -2.85
N SER B 548 -50.22 2.93 -3.51
CA SER B 548 -49.10 3.82 -3.22
C SER B 548 -49.07 4.94 -4.26
N ALA B 549 -48.79 6.15 -3.79
CA ALA B 549 -48.73 7.28 -4.69
C ALA B 549 -47.51 7.16 -5.60
N PRO B 550 -47.58 7.69 -6.82
CA PRO B 550 -46.40 7.67 -7.68
C PRO B 550 -45.24 8.42 -7.05
N LYS B 551 -44.03 7.91 -7.28
CA LYS B 551 -42.83 8.44 -6.67
C LYS B 551 -41.81 8.88 -7.71
N GLY B 552 -42.27 9.45 -8.81
CA GLY B 552 -41.37 9.94 -9.83
C GLY B 552 -42.10 10.92 -10.74
N VAL B 553 -41.39 11.97 -11.13
CA VAL B 553 -41.92 12.96 -12.07
C VAL B 553 -40.76 13.52 -12.88
N LEU B 554 -40.96 13.59 -14.20
CA LEU B 554 -39.97 14.17 -15.10
C LEU B 554 -40.47 15.54 -15.55
N LEU B 555 -39.79 16.59 -15.10
CA LEU B 555 -40.11 17.95 -15.52
C LEU B 555 -39.29 18.27 -16.77
N TYR B 556 -39.98 18.59 -17.86
CA TYR B 556 -39.32 18.88 -19.12
C TYR B 556 -39.95 20.11 -19.75
N GLY B 557 -39.16 20.81 -20.54
CA GLY B 557 -39.60 22.03 -21.16
C GLY B 557 -38.43 22.90 -21.58
N PRO B 558 -38.72 23.99 -22.28
CA PRO B 558 -37.66 24.84 -22.81
C PRO B 558 -36.91 25.54 -21.69
N PRO B 559 -35.67 25.94 -21.93
CA PRO B 559 -34.90 26.60 -20.87
C PRO B 559 -35.52 27.93 -20.46
N GLY B 560 -35.43 28.22 -19.17
CA GLY B 560 -35.93 29.46 -18.63
C GLY B 560 -37.24 29.38 -17.89
N CYS B 561 -37.94 28.26 -17.97
CA CYS B 561 -39.14 28.06 -17.18
C CYS B 561 -38.73 27.49 -15.82
N SER B 562 -39.71 27.14 -14.98
CA SER B 562 -39.46 26.85 -13.58
C SER B 562 -39.25 25.37 -13.30
N LYS B 563 -38.20 24.77 -13.88
CA LYS B 563 -37.86 23.39 -13.51
C LYS B 563 -37.02 23.36 -12.24
N THR B 564 -35.82 23.93 -12.30
CA THR B 564 -34.97 23.98 -11.10
C THR B 564 -35.58 24.90 -10.05
N LEU B 565 -36.29 25.94 -10.47
CA LEU B 565 -37.00 26.78 -9.52
C LEU B 565 -37.99 25.96 -8.69
N THR B 566 -38.64 24.98 -9.33
CA THR B 566 -39.51 24.08 -8.58
C THR B 566 -38.71 23.23 -7.60
N ALA B 567 -37.48 22.86 -7.95
CA ALA B 567 -36.65 22.12 -7.02
C ALA B 567 -36.33 22.96 -5.78
N LYS B 568 -35.97 24.21 -5.99
CA LYS B 568 -35.69 25.10 -4.86
C LYS B 568 -36.94 25.34 -4.03
N ALA B 569 -38.09 25.49 -4.69
CA ALA B 569 -39.34 25.65 -3.97
C ALA B 569 -39.65 24.42 -3.12
N LEU B 570 -39.43 23.22 -3.68
CA LEU B 570 -39.63 22.00 -2.91
C LEU B 570 -38.69 21.95 -1.71
N ALA B 571 -37.43 22.32 -1.93
CA ALA B 571 -36.48 22.34 -0.82
C ALA B 571 -36.95 23.26 0.29
N THR B 572 -37.50 24.42 -0.06
CA THR B 572 -37.93 25.39 0.93
C THR B 572 -39.26 25.05 1.59
N GLU B 573 -40.18 24.39 0.87
CA GLU B 573 -41.57 24.35 1.26
C GLU B 573 -42.18 22.95 1.35
N SER B 574 -41.42 21.89 1.05
CA SER B 574 -42.01 20.56 1.05
C SER B 574 -42.19 20.00 2.46
N GLY B 575 -41.34 20.40 3.40
CA GLY B 575 -41.37 19.83 4.72
C GLY B 575 -40.50 18.61 4.84
N ILE B 576 -40.63 17.68 3.89
CA ILE B 576 -39.80 16.49 3.90
C ILE B 576 -38.39 16.83 3.48
N ASN B 577 -37.48 15.88 3.70
CA ASN B 577 -36.06 16.11 3.45
C ASN B 577 -35.79 16.23 1.95
N PHE B 578 -34.69 16.91 1.61
CA PHE B 578 -34.35 17.22 0.23
C PHE B 578 -32.91 16.83 -0.05
N LEU B 579 -32.72 15.92 -1.00
CA LEU B 579 -31.41 15.66 -1.59
C LEU B 579 -31.43 16.12 -3.05
N ALA B 580 -30.24 16.32 -3.60
CA ALA B 580 -30.11 16.76 -4.98
C ALA B 580 -28.83 16.21 -5.59
N VAL B 581 -28.91 15.83 -6.86
CA VAL B 581 -27.77 15.45 -7.66
C VAL B 581 -27.72 16.39 -8.86
N LYS B 582 -26.60 17.08 -9.04
CA LYS B 582 -26.50 18.15 -10.03
C LYS B 582 -25.92 17.63 -11.36
N GLY B 583 -26.55 16.62 -11.93
CA GLY B 583 -26.19 16.14 -13.24
C GLY B 583 -24.95 15.25 -13.23
N PRO B 584 -23.93 15.61 -14.03
CA PRO B 584 -22.72 14.77 -14.09
C PRO B 584 -21.85 14.85 -12.85
N GLU B 585 -22.37 15.43 -11.77
CA GLU B 585 -21.59 15.59 -10.56
C GLU B 585 -21.04 14.26 -10.05
N ILE B 586 -21.71 13.15 -10.33
CA ILE B 586 -21.35 11.88 -9.71
C ILE B 586 -20.24 11.14 -10.42
N PHE B 587 -20.01 11.41 -11.70
CA PHE B 587 -19.01 10.65 -12.45
C PHE B 587 -17.64 10.81 -11.82
N ASN B 588 -16.94 9.69 -11.65
CA ASN B 588 -15.58 9.67 -11.12
C ASN B 588 -14.75 8.76 -11.99
N LYS B 589 -13.46 9.11 -12.12
CA LYS B 589 -12.63 8.46 -13.13
C LYS B 589 -12.38 6.99 -12.81
N TYR B 590 -12.53 6.59 -11.55
CA TYR B 590 -12.19 5.24 -11.13
C TYR B 590 -13.35 4.29 -11.37
N VAL B 591 -13.01 3.00 -11.51
CA VAL B 591 -14.03 1.98 -11.77
C VAL B 591 -14.89 1.80 -10.55
N GLY B 592 -16.21 1.87 -10.74
CA GLY B 592 -17.16 1.60 -9.68
C GLY B 592 -17.47 2.78 -8.78
N GLU B 593 -16.73 3.88 -8.90
CA GLU B 593 -17.01 5.04 -8.06
C GLU B 593 -18.25 5.78 -8.55
N SER B 594 -18.42 5.90 -9.87
CA SER B 594 -19.59 6.58 -10.40
C SER B 594 -20.88 5.88 -9.98
N GLU B 595 -20.82 4.58 -9.71
CA GLU B 595 -21.99 3.85 -9.26
C GLU B 595 -22.14 3.93 -7.74
N ARG B 596 -21.02 3.96 -7.02
CA ARG B 596 -21.07 4.09 -5.57
C ARG B 596 -21.66 5.43 -5.17
N ALA B 597 -21.43 6.47 -5.98
CA ALA B 597 -22.08 7.75 -5.72
C ALA B 597 -23.60 7.62 -5.77
N ILE B 598 -24.12 6.96 -6.80
CA ILE B 598 -25.57 6.76 -6.90
C ILE B 598 -26.06 5.97 -5.70
N ARG B 599 -25.35 4.90 -5.36
CA ARG B 599 -25.80 4.04 -4.27
C ARG B 599 -25.77 4.77 -2.94
N GLU B 600 -24.80 5.67 -2.74
CA GLU B 600 -24.75 6.43 -1.50
C GLU B 600 -25.84 7.49 -1.44
N ILE B 601 -26.12 8.16 -2.56
CA ILE B 601 -27.24 9.11 -2.57
C ILE B 601 -28.54 8.40 -2.21
N PHE B 602 -28.77 7.22 -2.80
CA PHE B 602 -30.01 6.52 -2.52
C PHE B 602 -30.02 5.95 -1.10
N ARG B 603 -28.87 5.54 -0.58
CA ARG B 603 -28.81 5.10 0.81
C ARG B 603 -29.20 6.24 1.75
N LYS B 604 -28.61 7.41 1.54
CA LYS B 604 -28.91 8.55 2.41
C LYS B 604 -30.38 8.94 2.28
N ALA B 605 -30.93 8.87 1.07
CA ALA B 605 -32.35 9.17 0.89
C ALA B 605 -33.22 8.18 1.67
N ARG B 606 -32.90 6.89 1.58
CA ARG B 606 -33.67 5.88 2.29
C ARG B 606 -33.57 6.06 3.79
N SER B 607 -32.40 6.46 4.29
CA SER B 607 -32.24 6.67 5.72
C SER B 607 -33.11 7.83 6.20
N ALA B 608 -33.02 8.98 5.53
CA ALA B 608 -33.95 10.06 5.74
C ALA B 608 -35.23 9.78 4.96
N ALA B 609 -35.98 8.77 5.40
CA ALA B 609 -36.92 8.04 4.55
C ALA B 609 -37.81 8.95 3.71
N PRO B 610 -38.70 9.76 4.29
CA PRO B 610 -39.49 10.66 3.44
C PRO B 610 -38.65 11.82 2.91
N SER B 611 -38.28 11.77 1.63
CA SER B 611 -37.33 12.73 1.10
C SER B 611 -37.51 12.89 -0.40
N ILE B 612 -36.92 13.96 -0.92
CA ILE B 612 -36.82 14.22 -2.36
C ILE B 612 -35.41 13.91 -2.81
N ILE B 613 -35.28 13.37 -4.01
CA ILE B 613 -34.02 13.35 -4.74
C ILE B 613 -34.27 14.10 -6.04
N PHE B 614 -33.65 15.26 -6.19
CA PHE B 614 -33.80 16.07 -7.39
C PHE B 614 -32.61 15.82 -8.30
N PHE B 615 -32.86 15.13 -9.41
CA PHE B 615 -31.86 14.91 -10.45
C PHE B 615 -31.95 16.05 -11.45
N ASP B 616 -30.88 16.82 -11.56
CA ASP B 616 -30.86 17.99 -12.43
C ASP B 616 -30.11 17.61 -13.69
N GLU B 617 -30.75 17.82 -14.85
CA GLU B 617 -30.21 17.35 -16.12
C GLU B 617 -29.99 15.85 -16.08
N ILE B 618 -31.09 15.12 -15.89
CA ILE B 618 -31.04 13.67 -15.80
C ILE B 618 -30.52 13.04 -17.07
N ASP B 619 -30.71 13.71 -18.22
CA ASP B 619 -30.23 13.15 -19.48
C ASP B 619 -28.74 12.88 -19.46
N ALA B 620 -27.97 13.61 -18.64
CA ALA B 620 -26.54 13.36 -18.57
C ALA B 620 -26.24 11.96 -18.04
N LEU B 621 -26.94 11.55 -16.98
CA LEU B 621 -26.74 10.22 -16.40
C LEU B 621 -27.45 9.12 -17.16
N SER B 622 -28.34 9.47 -18.09
CA SER B 622 -29.19 8.50 -18.77
C SER B 622 -29.03 8.61 -20.27
N PRO B 623 -27.98 8.06 -20.86
CA PRO B 623 -27.92 7.96 -22.32
C PRO B 623 -28.99 7.01 -22.82
N ASP B 624 -29.35 7.19 -24.10
CA ASP B 624 -30.44 6.43 -24.68
C ASP B 624 -30.12 4.96 -24.87
N ARG B 625 -28.88 4.55 -24.60
CA ARG B 625 -28.46 3.16 -24.81
C ARG B 625 -28.70 2.73 -26.26
N ASP B 626 -28.31 3.60 -27.18
CA ASP B 626 -28.41 3.31 -28.60
C ASP B 626 -27.06 3.57 -29.28
N GLY B 627 -26.00 3.07 -28.66
CA GLY B 627 -24.66 3.29 -29.20
C GLY B 627 -24.20 4.73 -29.10
N SER B 628 -24.53 5.40 -28.01
CA SER B 628 -24.12 6.79 -27.79
C SER B 628 -23.74 6.99 -26.32
N SER B 629 -22.96 6.07 -25.78
CA SER B 629 -22.61 6.11 -24.36
C SER B 629 -21.28 5.43 -24.14
N THR B 630 -20.63 5.80 -23.03
CA THR B 630 -19.42 5.14 -22.57
C THR B 630 -19.78 4.03 -21.58
N SER B 631 -18.75 3.34 -21.09
CA SER B 631 -18.96 2.26 -20.14
C SER B 631 -19.17 2.77 -18.71
N ALA B 632 -19.01 4.06 -18.46
CA ALA B 632 -19.32 4.64 -17.16
C ALA B 632 -20.78 5.09 -17.09
N ALA B 633 -21.27 5.71 -18.16
CA ALA B 633 -22.66 6.16 -18.19
C ALA B 633 -23.63 4.98 -18.20
N ASN B 634 -23.26 3.86 -18.84
CA ASN B 634 -24.11 2.69 -18.80
C ASN B 634 -24.26 2.15 -17.38
N HIS B 635 -23.15 2.06 -16.65
CA HIS B 635 -23.21 1.58 -15.28
C HIS B 635 -23.95 2.56 -14.38
N VAL B 636 -23.77 3.86 -14.60
CA VAL B 636 -24.53 4.84 -13.82
C VAL B 636 -26.02 4.68 -14.08
N LEU B 637 -26.40 4.53 -15.34
CA LEU B 637 -27.81 4.35 -15.67
C LEU B 637 -28.38 3.09 -15.03
N THR B 638 -27.65 1.98 -15.12
CA THR B 638 -28.15 0.73 -14.54
C THR B 638 -28.25 0.81 -13.03
N SER B 639 -27.27 1.42 -12.37
CA SER B 639 -27.35 1.59 -10.92
C SER B 639 -28.55 2.45 -10.55
N LEU B 640 -28.77 3.53 -11.30
CA LEU B 640 -29.91 4.39 -11.04
C LEU B 640 -31.22 3.63 -11.20
N LEU B 641 -31.33 2.82 -12.26
CA LEU B 641 -32.53 2.04 -12.48
C LEU B 641 -32.77 1.08 -11.32
N ASN B 642 -31.73 0.32 -10.94
CA ASN B 642 -31.92 -0.67 -9.89
C ASN B 642 -32.14 -0.04 -8.53
N GLU B 643 -31.67 1.17 -8.29
CA GLU B 643 -31.99 1.87 -7.06
C GLU B 643 -33.43 2.35 -7.06
N ILE B 644 -33.88 2.95 -8.16
CA ILE B 644 -35.25 3.47 -8.21
C ILE B 644 -36.25 2.33 -8.13
N ASP B 645 -36.04 1.26 -8.87
CA ASP B 645 -36.96 0.14 -8.86
C ASP B 645 -36.16 -1.11 -9.24
N GLY B 646 -36.09 -2.05 -8.33
CA GLY B 646 -35.30 -3.26 -8.54
C GLY B 646 -35.65 -4.30 -7.51
N VAL B 647 -34.63 -5.06 -7.09
CA VAL B 647 -34.84 -6.12 -6.12
C VAL B 647 -35.29 -5.55 -4.78
N GLU B 648 -34.81 -4.36 -4.44
CA GLU B 648 -35.20 -3.67 -3.21
C GLU B 648 -36.10 -2.49 -3.57
N GLU B 649 -36.96 -2.12 -2.62
CA GLU B 649 -38.21 -1.47 -2.99
C GLU B 649 -38.14 0.06 -3.03
N LEU B 650 -37.31 0.68 -2.20
CA LEU B 650 -37.23 2.14 -2.19
C LEU B 650 -38.58 2.77 -1.87
N LYS B 651 -39.05 2.62 -0.63
CA LYS B 651 -40.44 2.94 -0.30
C LYS B 651 -40.71 4.44 -0.29
N GLY B 652 -40.07 5.18 0.62
CA GLY B 652 -40.52 6.52 0.94
C GLY B 652 -39.96 7.66 0.11
N VAL B 653 -39.01 7.39 -0.78
CA VAL B 653 -38.33 8.45 -1.51
C VAL B 653 -39.17 8.88 -2.70
N VAL B 654 -39.10 10.17 -3.04
CA VAL B 654 -39.74 10.71 -4.24
C VAL B 654 -38.64 11.24 -5.15
N ILE B 655 -38.69 10.84 -6.41
CA ILE B 655 -37.67 11.18 -7.40
C ILE B 655 -38.23 12.27 -8.31
N VAL B 656 -37.51 13.38 -8.42
CA VAL B 656 -37.85 14.46 -9.34
C VAL B 656 -36.67 14.66 -10.28
N ALA B 657 -36.93 14.70 -11.58
CA ALA B 657 -35.89 14.82 -12.59
C ALA B 657 -36.26 15.92 -13.56
N ALA B 658 -35.29 16.76 -13.90
CA ALA B 658 -35.46 17.83 -14.87
C ALA B 658 -34.60 17.56 -16.10
N THR B 659 -35.15 17.87 -17.27
CA THR B 659 -34.42 17.67 -18.52
C THR B 659 -34.95 18.62 -19.58
N ASN B 660 -34.04 19.27 -20.30
CA ASN B 660 -34.40 20.01 -21.49
C ASN B 660 -34.44 19.12 -22.74
N ARG B 661 -34.06 17.85 -22.61
CA ARG B 661 -33.94 16.94 -23.74
C ARG B 661 -34.68 15.66 -23.40
N PRO B 662 -36.02 15.70 -23.38
CA PRO B 662 -36.77 14.55 -22.86
C PRO B 662 -36.59 13.27 -23.65
N ASP B 663 -36.25 13.36 -24.95
CA ASP B 663 -36.17 12.16 -25.77
C ASP B 663 -34.90 11.36 -25.52
N GLU B 664 -33.84 11.99 -25.02
CA GLU B 664 -32.56 11.30 -24.85
C GLU B 664 -32.52 10.44 -23.60
N ILE B 665 -33.57 10.45 -22.77
CA ILE B 665 -33.59 9.64 -21.56
C ILE B 665 -34.01 8.23 -21.93
N ASP B 666 -33.34 7.25 -21.33
CA ASP B 666 -33.63 5.85 -21.63
C ASP B 666 -35.08 5.53 -21.29
N ALA B 667 -35.72 4.77 -22.17
CA ALA B 667 -37.13 4.44 -21.99
C ALA B 667 -37.37 3.71 -20.67
N ALA B 668 -36.36 3.00 -20.16
CA ALA B 668 -36.53 2.28 -18.90
C ALA B 668 -36.55 3.21 -17.71
N LEU B 669 -36.01 4.43 -17.84
CA LEU B 669 -36.07 5.39 -16.75
C LEU B 669 -37.38 6.17 -16.77
N LEU B 670 -38.03 6.27 -17.92
CA LEU B 670 -39.34 6.89 -18.03
C LEU B 670 -40.47 5.89 -17.79
N ARG B 671 -40.14 4.64 -17.50
CA ARG B 671 -41.16 3.65 -17.25
C ARG B 671 -41.97 4.04 -16.01
N PRO B 672 -43.26 3.74 -15.98
CA PRO B 672 -43.99 3.83 -14.71
C PRO B 672 -43.35 2.93 -13.67
N GLY B 673 -43.28 3.45 -12.45
CA GLY B 673 -42.49 2.86 -11.40
C GLY B 673 -41.21 3.60 -11.09
N ARG B 674 -40.54 4.15 -12.11
CA ARG B 674 -39.36 4.98 -11.86
C ARG B 674 -39.70 6.46 -11.99
N LEU B 675 -40.14 6.89 -13.18
CA LEU B 675 -40.60 8.26 -13.40
C LEU B 675 -42.01 8.19 -13.95
N ASP B 676 -42.97 8.13 -13.03
CA ASP B 676 -44.36 7.90 -13.42
C ASP B 676 -44.92 9.06 -14.23
N ARG B 677 -44.79 10.28 -13.73
CA ARG B 677 -45.39 11.45 -14.35
C ARG B 677 -44.41 12.16 -15.26
N HIS B 678 -44.93 12.69 -16.37
CA HIS B 678 -44.20 13.59 -17.23
C HIS B 678 -44.97 14.91 -17.30
N ILE B 679 -44.34 15.99 -16.88
CA ILE B 679 -44.97 17.31 -16.81
C ILE B 679 -44.23 18.26 -17.72
N TYR B 680 -44.98 19.08 -18.45
CA TYR B 680 -44.41 20.05 -19.38
C TYR B 680 -44.36 21.40 -18.68
N VAL B 681 -43.16 21.81 -18.26
CA VAL B 681 -42.96 23.13 -17.64
C VAL B 681 -42.66 24.08 -18.78
N GLY B 682 -43.73 24.61 -19.38
CA GLY B 682 -43.61 25.44 -20.56
C GLY B 682 -43.52 26.92 -20.24
N PRO B 683 -43.49 27.75 -21.27
CA PRO B 683 -43.37 29.18 -21.05
C PRO B 683 -44.61 29.73 -20.36
N PRO B 684 -44.47 30.80 -19.60
CA PRO B 684 -45.62 31.32 -18.84
C PRO B 684 -46.65 31.96 -19.75
N ASP B 685 -47.92 31.79 -19.39
CA ASP B 685 -49.01 32.47 -20.08
C ASP B 685 -49.10 33.92 -19.61
N VAL B 686 -50.15 34.62 -20.07
CA VAL B 686 -50.27 36.03 -19.77
C VAL B 686 -50.35 36.27 -18.27
N ASN B 687 -51.16 35.48 -17.56
CA ASN B 687 -51.32 35.70 -16.13
C ASN B 687 -50.05 35.33 -15.37
N ALA B 688 -49.36 34.29 -15.81
CA ALA B 688 -48.09 33.93 -15.19
C ALA B 688 -47.08 35.06 -15.36
N ARG B 689 -47.02 35.66 -16.54
CA ARG B 689 -46.12 36.77 -16.76
C ARG B 689 -46.51 37.97 -15.91
N LEU B 690 -47.80 38.21 -15.75
CA LEU B 690 -48.24 39.31 -14.89
C LEU B 690 -47.85 39.06 -13.44
N GLU B 691 -47.94 37.82 -12.99
CA GLU B 691 -47.51 37.50 -11.63
C GLU B 691 -46.01 37.70 -11.47
N ILE B 692 -45.23 37.25 -12.45
CA ILE B 692 -43.79 37.46 -12.39
C ILE B 692 -43.47 38.95 -12.30
N LEU B 693 -44.13 39.75 -13.14
CA LEU B 693 -43.89 41.19 -13.14
C LEU B 693 -44.28 41.81 -11.80
N LYS B 694 -45.44 41.42 -11.26
CA LYS B 694 -45.89 41.99 -10.00
C LYS B 694 -44.93 41.66 -8.87
N LYS B 695 -44.44 40.42 -8.82
CA LYS B 695 -43.50 40.04 -7.78
C LYS B 695 -42.19 40.80 -7.92
N CYS B 696 -41.62 40.80 -9.14
CA CYS B 696 -40.30 41.38 -9.32
C CYS B 696 -40.31 42.89 -9.15
N THR B 697 -41.44 43.55 -9.45
CA THR B 697 -41.53 44.99 -9.42
C THR B 697 -42.18 45.53 -8.15
N LYS B 698 -42.33 44.73 -7.10
CA LYS B 698 -43.10 45.17 -5.95
C LYS B 698 -42.41 46.33 -5.22
N LYS B 699 -41.09 46.39 -5.26
CA LYS B 699 -40.38 47.52 -4.65
C LYS B 699 -40.13 48.66 -5.63
N PHE B 700 -40.43 48.49 -6.91
CA PHE B 700 -40.58 49.62 -7.80
C PHE B 700 -41.88 50.34 -7.48
N ASN B 701 -41.86 51.66 -7.60
CA ASN B 701 -43.08 52.45 -7.43
C ASN B 701 -43.84 52.53 -8.75
N THR B 702 -44.40 51.38 -9.13
CA THR B 702 -45.11 51.30 -10.40
C THR B 702 -46.38 52.14 -10.39
N GLU B 703 -47.07 52.20 -9.24
CA GLU B 703 -48.33 52.93 -9.19
C GLU B 703 -48.12 54.43 -9.36
N GLU B 704 -47.07 54.98 -8.76
CA GLU B 704 -46.82 56.41 -8.81
C GLU B 704 -46.21 56.84 -10.14
N SER B 705 -45.44 55.96 -10.78
CA SER B 705 -44.88 56.25 -12.10
C SER B 705 -45.83 55.91 -13.23
N GLY B 706 -46.98 55.29 -12.94
CA GLY B 706 -47.96 55.02 -13.96
C GLY B 706 -47.67 53.82 -14.83
N VAL B 707 -46.82 52.91 -14.38
CA VAL B 707 -46.48 51.73 -15.17
C VAL B 707 -47.68 50.78 -15.17
N ASP B 708 -48.06 50.32 -16.35
CA ASP B 708 -49.17 49.37 -16.52
C ASP B 708 -48.57 47.98 -16.70
N LEU B 709 -48.54 47.19 -15.63
CA LEU B 709 -47.95 45.86 -15.72
C LEU B 709 -48.77 44.96 -16.64
N HIS B 710 -50.05 45.24 -16.83
CA HIS B 710 -50.85 44.47 -17.77
C HIS B 710 -50.34 44.67 -19.19
N GLU B 711 -49.98 45.91 -19.54
CA GLU B 711 -49.43 46.18 -20.87
C GLU B 711 -48.10 45.45 -21.06
N LEU B 712 -47.25 45.46 -20.05
CA LEU B 712 -46.00 44.72 -20.13
C LEU B 712 -46.25 43.23 -20.32
N ALA B 713 -47.23 42.69 -19.58
CA ALA B 713 -47.56 41.27 -19.72
C ALA B 713 -47.99 40.95 -21.14
N ASP B 714 -48.90 41.75 -21.69
CA ASP B 714 -49.34 41.55 -23.07
C ASP B 714 -48.18 41.67 -24.04
N ARG B 715 -47.27 42.61 -23.79
CA ARG B 715 -46.14 42.81 -24.70
C ARG B 715 -45.19 41.62 -24.68
N THR B 716 -44.88 41.10 -23.50
CA THR B 716 -43.82 40.10 -23.35
C THR B 716 -44.31 38.72 -23.74
N GLU B 717 -44.87 38.59 -24.95
CA GLU B 717 -45.33 37.30 -25.42
C GLU B 717 -44.15 36.41 -25.79
N GLY B 718 -44.27 35.13 -25.47
CA GLY B 718 -43.22 34.17 -25.77
C GLY B 718 -42.01 34.24 -24.89
N TYR B 719 -41.94 35.20 -23.97
CA TYR B 719 -40.84 35.26 -23.03
C TYR B 719 -40.87 34.06 -22.11
N SER B 720 -39.69 33.50 -21.83
CA SER B 720 -39.60 32.54 -20.75
C SER B 720 -39.73 33.28 -19.42
N GLY B 721 -39.78 32.51 -18.33
CA GLY B 721 -39.78 33.12 -17.03
C GLY B 721 -38.55 33.98 -16.80
N ALA B 722 -37.42 33.57 -17.37
CA ALA B 722 -36.16 34.30 -17.15
C ALA B 722 -36.17 35.66 -17.83
N GLU B 723 -36.74 35.76 -19.04
CA GLU B 723 -36.74 37.04 -19.72
C GLU B 723 -37.60 38.06 -18.99
N VAL B 724 -38.71 37.63 -18.39
CA VAL B 724 -39.55 38.56 -17.65
C VAL B 724 -38.80 39.13 -16.45
N VAL B 725 -37.98 38.30 -15.80
CA VAL B 725 -37.18 38.78 -14.68
C VAL B 725 -36.08 39.71 -15.17
N LEU B 726 -35.41 39.34 -16.26
CA LEU B 726 -34.33 40.16 -16.77
C LEU B 726 -34.85 41.52 -17.24
N LEU B 727 -36.08 41.57 -17.72
CA LEU B 727 -36.67 42.84 -18.10
C LEU B 727 -36.70 43.80 -16.92
N CYS B 728 -37.14 43.31 -15.76
CA CYS B 728 -37.21 44.16 -14.58
C CYS B 728 -35.82 44.53 -14.08
N GLN B 729 -34.88 43.57 -14.10
CA GLN B 729 -33.52 43.90 -13.69
C GLN B 729 -32.92 44.99 -14.57
N GLU B 730 -33.09 44.87 -15.88
CA GLU B 730 -32.57 45.89 -16.80
C GLU B 730 -33.26 47.22 -16.61
N ALA B 731 -34.58 47.22 -16.36
CA ALA B 731 -35.28 48.46 -16.11
C ALA B 731 -34.73 49.15 -14.88
N GLY B 732 -34.47 48.38 -13.83
CA GLY B 732 -33.93 48.97 -12.61
C GLY B 732 -32.52 49.49 -12.79
N LEU B 733 -31.70 48.80 -13.58
CA LEU B 733 -30.37 49.34 -13.89
C LEU B 733 -30.50 50.63 -14.70
N ALA B 734 -31.43 50.68 -15.64
CA ALA B 734 -31.64 51.91 -16.40
C ALA B 734 -32.02 53.05 -15.46
N ALA B 735 -32.83 52.75 -14.45
CA ALA B 735 -33.20 53.76 -13.47
C ALA B 735 -32.00 54.20 -12.63
N ILE B 736 -31.23 53.24 -12.12
CA ILE B 736 -30.14 53.57 -11.21
C ILE B 736 -29.07 54.41 -11.91
N MET B 737 -28.75 54.07 -13.16
CA MET B 737 -27.72 54.81 -13.88
C MET B 737 -28.07 56.28 -14.04
N GLU B 738 -29.36 56.61 -13.97
CA GLU B 738 -29.79 58.00 -14.10
C GLU B 738 -29.79 58.73 -12.78
N ASP B 739 -30.12 58.05 -11.68
CA ASP B 739 -30.12 58.65 -10.36
C ASP B 739 -29.82 57.54 -9.36
N LEU B 740 -28.61 57.54 -8.80
CA LEU B 740 -28.21 56.49 -7.89
C LEU B 740 -29.02 56.47 -6.60
N ASP B 741 -29.92 57.42 -6.41
CA ASP B 741 -30.86 57.44 -5.29
C ASP B 741 -32.28 57.53 -5.81
N VAL B 742 -32.61 56.71 -6.81
CA VAL B 742 -33.90 56.81 -7.46
C VAL B 742 -35.01 56.31 -6.53
N ALA B 743 -36.24 56.74 -6.83
CA ALA B 743 -37.41 56.33 -6.07
C ALA B 743 -38.51 55.75 -6.95
N LYS B 744 -38.23 55.49 -8.22
CA LYS B 744 -39.25 55.06 -9.15
C LYS B 744 -38.58 54.33 -10.31
N VAL B 745 -39.41 53.74 -11.17
CA VAL B 745 -39.00 53.36 -12.51
C VAL B 745 -40.15 53.71 -13.45
N GLU B 746 -39.83 54.25 -14.61
CA GLU B 746 -40.80 54.80 -15.52
C GLU B 746 -40.81 54.01 -16.82
N LEU B 747 -41.91 54.16 -17.57
CA LEU B 747 -42.14 53.31 -18.73
C LEU B 747 -41.00 53.41 -19.74
N ARG B 748 -40.29 54.54 -19.77
CA ARG B 748 -39.14 54.67 -20.65
C ARG B 748 -38.02 53.72 -20.25
N HIS B 749 -37.80 53.53 -18.94
CA HIS B 749 -36.83 52.55 -18.49
C HIS B 749 -37.21 51.16 -18.98
N PHE B 750 -38.48 50.80 -18.85
CA PHE B 750 -38.93 49.48 -19.29
C PHE B 750 -38.78 49.34 -20.81
N GLU B 751 -39.03 50.41 -21.57
CA GLU B 751 -38.85 50.33 -23.01
C GLU B 751 -37.39 50.11 -23.39
N LYS B 752 -36.48 50.83 -22.73
CA LYS B 752 -35.06 50.62 -23.00
C LYS B 752 -34.63 49.21 -22.64
N ALA B 753 -35.12 48.68 -21.52
CA ALA B 753 -34.83 47.29 -21.18
C ALA B 753 -35.43 46.34 -22.21
N PHE B 754 -36.64 46.63 -22.69
CA PHE B 754 -37.35 45.74 -23.60
C PHE B 754 -36.61 45.61 -24.92
N LYS B 755 -36.09 46.72 -25.45
CA LYS B 755 -35.48 46.66 -26.78
C LYS B 755 -34.27 45.75 -26.83
N GLY B 756 -33.69 45.40 -25.68
CA GLY B 756 -32.46 44.63 -25.64
C GLY B 756 -32.58 43.17 -25.27
N ILE B 757 -33.78 42.60 -25.29
CA ILE B 757 -34.00 41.21 -24.89
C ILE B 757 -34.55 40.46 -26.10
N ALA B 758 -33.95 39.30 -26.40
CA ALA B 758 -34.38 38.45 -27.50
C ALA B 758 -35.15 37.25 -26.96
N ARG B 759 -36.08 36.75 -27.77
CA ARG B 759 -36.85 35.56 -27.42
C ARG B 759 -35.98 34.33 -27.70
N GLY B 760 -35.55 33.66 -26.62
CA GLY B 760 -34.73 32.47 -26.79
C GLY B 760 -35.50 31.22 -27.15
N ILE B 761 -36.80 31.20 -26.87
CA ILE B 761 -37.64 30.02 -27.12
C ILE B 761 -38.18 30.15 -28.54
N THR B 762 -37.62 29.38 -29.46
CA THR B 762 -38.05 29.38 -30.85
C THR B 762 -39.09 28.30 -31.09
N PRO B 763 -39.92 28.45 -32.12
CA PRO B 763 -41.00 27.47 -32.34
C PRO B 763 -40.52 26.05 -32.57
N GLU B 764 -39.26 25.83 -32.97
CA GLU B 764 -38.77 24.47 -33.09
C GLU B 764 -38.71 23.79 -31.73
N MET B 765 -38.28 24.52 -30.70
CA MET B 765 -38.24 23.97 -29.36
C MET B 765 -39.63 23.55 -28.91
N LEU B 766 -40.62 24.42 -29.11
CA LEU B 766 -41.98 24.13 -28.67
C LEU B 766 -42.56 22.98 -29.49
N SER B 767 -42.22 22.90 -30.78
CA SER B 767 -42.66 21.77 -31.57
C SER B 767 -42.10 20.47 -31.03
N TYR B 768 -40.83 20.48 -30.66
CA TYR B 768 -40.20 19.30 -30.05
C TYR B 768 -40.94 18.88 -28.78
N TYR B 769 -41.18 19.84 -27.88
CA TYR B 769 -41.77 19.48 -26.60
C TYR B 769 -43.24 19.09 -26.72
N GLU B 770 -43.98 19.69 -27.65
CA GLU B 770 -45.35 19.25 -27.88
C GLU B 770 -45.39 17.89 -28.57
N GLU B 771 -44.43 17.61 -29.45
CA GLU B 771 -44.29 16.26 -29.99
C GLU B 771 -44.13 15.25 -28.86
N PHE B 772 -43.27 15.55 -27.90
CA PHE B 772 -43.12 14.64 -26.76
C PHE B 772 -44.41 14.56 -25.94
N ALA B 773 -45.07 15.70 -25.72
CA ALA B 773 -46.27 15.70 -24.88
C ALA B 773 -47.38 14.85 -25.48
N LEU B 774 -47.57 14.95 -26.80
CA LEU B 774 -48.66 14.21 -27.43
C LEU B 774 -48.52 12.71 -27.21
N ARG B 775 -47.30 12.21 -27.05
CA ARG B 775 -47.13 10.80 -26.71
C ARG B 775 -47.67 10.48 -25.32
N SER B 776 -47.59 11.44 -24.39
CA SER B 776 -48.14 11.27 -23.05
C SER B 776 -49.62 11.64 -23.06
N GLY B 777 -50.40 10.77 -23.71
CA GLY B 777 -51.83 10.98 -23.81
C GLY B 777 -52.60 9.70 -24.05
N LYS C 27 8.92 2.89 46.44
CA LYS C 27 9.43 4.28 46.67
C LYS C 27 8.60 5.28 45.88
N PHE C 28 8.56 6.52 46.36
CA PHE C 28 7.80 7.57 45.69
C PHE C 28 8.46 7.93 44.37
N LYS C 29 7.63 8.07 43.33
CA LYS C 29 8.09 8.47 42.01
C LYS C 29 7.67 9.92 41.76
N LEU C 30 8.62 10.74 41.33
CA LEU C 30 8.34 12.15 41.09
C LEU C 30 7.74 12.34 39.71
N PRO C 31 6.55 12.93 39.59
CA PRO C 31 5.99 13.17 38.25
C PRO C 31 6.80 14.21 37.50
N ALA C 32 6.83 14.06 36.18
CA ALA C 32 7.58 15.00 35.34
C ALA C 32 6.75 16.24 35.00
N GLU C 33 5.44 16.17 35.10
CA GLU C 33 4.57 17.27 34.69
C GLU C 33 3.43 17.40 35.68
N PHE C 34 3.22 18.60 36.20
CA PHE C 34 2.15 18.88 37.14
C PHE C 34 0.98 19.56 36.44
N ILE C 35 -0.17 19.53 37.09
CA ILE C 35 -1.42 20.06 36.54
C ILE C 35 -1.86 21.24 37.40
N THR C 36 -2.15 22.37 36.76
CA THR C 36 -2.69 23.52 37.47
C THR C 36 -4.11 23.21 37.93
N ARG C 37 -4.46 23.68 39.11
CA ARG C 37 -5.82 23.63 39.63
C ARG C 37 -6.07 24.84 40.50
N PRO C 38 -7.33 25.16 40.78
CA PRO C 38 -7.65 26.40 41.48
C PRO C 38 -7.65 26.23 43.00
N HIS C 39 -7.30 27.32 43.68
CA HIS C 39 -7.51 27.37 45.11
C HIS C 39 -9.00 27.27 45.41
N PRO C 40 -9.43 26.36 46.26
CA PRO C 40 -10.83 26.33 46.65
C PRO C 40 -11.10 27.24 47.84
N SER C 41 -10.03 27.61 48.54
CA SER C 41 -10.15 28.07 49.92
C SER C 41 -10.93 29.38 50.03
N LYS C 42 -10.55 30.40 49.28
CA LYS C 42 -10.88 31.75 49.73
C LYS C 42 -10.89 32.73 48.55
N ASP C 43 -11.44 33.91 48.82
CA ASP C 43 -11.40 35.00 47.85
C ASP C 43 -10.02 35.64 47.80
N HIS C 44 -9.51 36.07 48.95
CA HIS C 44 -8.24 36.79 48.99
C HIS C 44 -7.57 36.55 50.34
N GLY C 45 -6.29 36.92 50.41
CA GLY C 45 -5.52 36.79 51.63
C GLY C 45 -4.04 36.74 51.31
N LYS C 46 -3.27 36.23 52.29
CA LYS C 46 -1.84 36.00 52.07
C LYS C 46 -1.59 34.86 51.10
N GLU C 47 -2.63 34.10 50.74
CA GLU C 47 -2.47 32.93 49.88
C GLU C 47 -2.04 33.30 48.47
N THR C 48 -2.11 34.57 48.10
CA THR C 48 -2.12 34.98 46.70
C THR C 48 -0.83 34.68 45.94
N CYS C 49 0.12 34.00 46.58
CA CYS C 49 1.31 33.55 45.85
C CYS C 49 1.76 32.16 46.28
N THR C 50 0.92 31.41 46.97
CA THR C 50 1.30 30.12 47.54
C THR C 50 0.85 28.98 46.63
N ALA C 51 1.77 28.07 46.34
CA ALA C 51 1.49 26.90 45.52
C ALA C 51 1.44 25.66 46.41
N TYR C 52 0.24 25.18 46.73
CA TYR C 52 0.10 23.97 47.52
C TYR C 52 0.49 22.76 46.68
N ILE C 53 1.38 21.94 47.21
CA ILE C 53 1.88 20.76 46.52
C ILE C 53 1.86 19.57 47.47
N HIS C 54 1.82 18.37 46.91
CA HIS C 54 1.83 17.16 47.70
C HIS C 54 3.09 17.12 48.57
N PRO C 55 2.98 16.88 49.87
CA PRO C 55 4.19 16.90 50.71
C PRO C 55 5.25 15.89 50.31
N ASN C 56 4.86 14.77 49.70
CA ASN C 56 5.88 13.88 49.17
C ASN C 56 6.76 14.60 48.15
N VAL C 57 6.15 15.38 47.26
CA VAL C 57 6.90 16.09 46.25
C VAL C 57 7.72 17.21 46.88
N LEU C 58 7.13 17.91 47.86
CA LEU C 58 7.86 18.99 48.51
C LEU C 58 9.11 18.47 49.20
N SER C 59 8.98 17.36 49.92
CA SER C 59 10.14 16.77 50.59
C SER C 59 11.15 16.26 49.57
N SER C 60 10.68 15.51 48.57
CA SER C 60 11.58 14.95 47.57
C SER C 60 12.39 16.04 46.87
N LEU C 61 11.80 17.22 46.68
CA LEU C 61 12.49 18.35 46.08
C LEU C 61 13.16 19.24 47.11
N GLU C 62 13.07 18.89 48.39
CA GLU C 62 13.65 19.70 49.47
C GLU C 62 13.08 21.11 49.50
N ILE C 63 11.90 21.30 48.89
CA ILE C 63 11.19 22.56 48.99
C ILE C 63 10.27 22.49 50.20
N ASN C 64 10.81 22.77 51.39
CA ASN C 64 10.00 22.74 52.58
C ASN C 64 9.02 23.92 52.56
N PRO C 65 7.91 23.82 53.30
CA PRO C 65 6.90 24.89 53.23
C PRO C 65 7.49 26.24 53.60
N GLY C 66 7.04 27.27 52.89
CA GLY C 66 7.53 28.62 53.10
C GLY C 66 8.69 29.04 52.23
N SER C 67 9.38 28.10 51.60
CA SER C 67 10.50 28.45 50.73
C SER C 67 9.99 28.95 49.39
N PHE C 68 10.91 29.47 48.58
CA PHE C 68 10.56 30.00 47.27
C PHE C 68 10.80 28.95 46.20
N CYS C 69 9.78 28.74 45.36
CA CYS C 69 9.84 27.77 44.26
C CYS C 69 9.23 28.38 43.02
N THR C 70 9.60 27.85 41.87
CA THR C 70 9.24 28.41 40.58
C THR C 70 8.33 27.46 39.80
N VAL C 71 7.42 28.03 39.02
CA VAL C 71 6.45 27.28 38.22
C VAL C 71 6.39 27.90 36.84
N GLY C 72 6.36 27.07 35.80
CA GLY C 72 6.26 27.57 34.45
C GLY C 72 5.84 26.48 33.48
N LYS C 73 5.27 26.90 32.36
CA LYS C 73 4.90 25.97 31.30
C LYS C 73 6.14 25.37 30.66
N ILE C 74 6.00 24.12 30.21
CA ILE C 74 7.14 23.36 29.70
C ILE C 74 7.73 24.06 28.49
N GLY C 75 9.05 24.17 28.47
CA GLY C 75 9.74 24.83 27.38
C GLY C 75 9.82 26.33 27.50
N GLU C 76 9.37 26.89 28.61
CA GLU C 76 9.29 28.33 28.79
C GLU C 76 9.83 28.71 30.16
N ASN C 77 10.23 29.97 30.30
CA ASN C 77 10.69 30.46 31.58
C ASN C 77 9.57 30.36 32.61
N GLY C 78 9.92 30.61 33.88
CA GLY C 78 9.03 30.27 34.96
C GLY C 78 8.63 31.40 35.88
N ILE C 79 7.53 31.21 36.57
CA ILE C 79 7.02 32.12 37.59
C ILE C 79 7.69 31.77 38.91
N LEU C 80 7.61 32.67 39.88
CA LEU C 80 8.15 32.46 41.22
C LEU C 80 7.02 32.50 42.22
N VAL C 81 6.90 31.44 43.03
CA VAL C 81 5.81 31.29 43.99
C VAL C 81 6.38 30.72 45.29
N ILE C 82 5.50 30.61 46.29
CA ILE C 82 5.85 30.10 47.61
C ILE C 82 5.20 28.74 47.80
N ALA C 83 5.96 27.78 48.30
CA ALA C 83 5.46 26.42 48.46
C ALA C 83 4.66 26.28 49.76
N ARG C 84 3.75 25.32 49.76
CA ARG C 84 3.06 24.84 50.95
C ARG C 84 2.61 23.41 50.70
N ALA C 85 2.43 22.66 51.79
CA ALA C 85 2.04 21.27 51.66
C ALA C 85 0.51 21.14 51.61
N GLY C 86 0.03 20.21 50.80
CA GLY C 86 -1.38 19.94 50.71
C GLY C 86 -1.77 18.64 51.37
N ASP C 87 -3.05 18.54 51.71
CA ASP C 87 -3.57 17.34 52.38
C ASP C 87 -3.21 16.10 51.56
N GLU C 88 -2.60 15.12 52.21
CA GLU C 88 -2.17 13.92 51.50
C GLU C 88 -3.35 13.17 50.91
N GLU C 89 -4.47 13.14 51.60
CA GLU C 89 -5.61 12.32 51.21
C GLU C 89 -6.48 12.95 50.14
N VAL C 90 -6.19 14.19 49.75
CA VAL C 90 -6.95 14.92 48.74
C VAL C 90 -6.10 15.24 47.53
N HIS C 91 -4.97 15.91 47.75
CA HIS C 91 -4.09 16.25 46.64
C HIS C 91 -3.55 14.98 45.98
N PRO C 92 -3.77 14.79 44.68
CA PRO C 92 -2.95 13.82 43.95
C PRO C 92 -1.53 14.34 43.80
N VAL C 93 -0.66 13.48 43.29
CA VAL C 93 0.74 13.87 43.16
C VAL C 93 0.89 14.96 42.11
N ASN C 94 0.10 14.91 41.04
CA ASN C 94 0.28 15.84 39.93
C ASN C 94 -0.13 17.27 40.26
N VAL C 95 -1.25 17.44 40.96
CA VAL C 95 -1.92 18.74 41.01
C VAL C 95 -1.11 19.74 41.81
N ILE C 96 -0.92 20.92 41.22
CA ILE C 96 -0.48 22.13 41.93
C ILE C 96 -1.66 23.09 41.93
N THR C 97 -1.96 23.66 43.08
CA THR C 97 -3.11 24.56 43.21
C THR C 97 -2.63 26.00 43.28
N LEU C 98 -3.21 26.84 42.42
CA LEU C 98 -2.83 28.24 42.30
C LEU C 98 -4.08 29.09 42.16
N SER C 99 -4.03 30.30 42.70
CA SER C 99 -5.17 31.19 42.61
C SER C 99 -5.18 31.94 41.28
N THR C 100 -6.31 32.56 40.98
CA THR C 100 -6.42 33.33 39.75
C THR C 100 -5.33 34.39 39.64
N THR C 101 -4.99 35.02 40.77
CA THR C 101 -3.95 36.04 40.79
C THR C 101 -2.70 35.55 40.07
N ILE C 102 -2.10 34.46 40.54
CA ILE C 102 -0.85 33.99 39.96
C ILE C 102 -1.08 33.47 38.56
N ARG C 103 -2.19 32.76 38.35
CA ARG C 103 -2.44 32.15 37.05
C ARG C 103 -2.51 33.20 35.95
N SER C 104 -2.94 34.41 36.28
CA SER C 104 -3.03 35.46 35.28
C SER C 104 -1.66 35.85 34.74
N VAL C 105 -0.62 35.72 35.56
CA VAL C 105 0.71 36.22 35.17
C VAL C 105 1.17 35.56 33.87
N GLY C 106 1.31 34.24 33.89
CA GLY C 106 1.69 33.49 32.72
C GLY C 106 0.53 33.02 31.88
N ASN C 107 -0.69 33.45 32.19
CA ASN C 107 -1.89 32.99 31.49
C ASN C 107 -1.99 31.46 31.57
N LEU C 108 -1.83 30.93 32.77
CA LEU C 108 -1.97 29.49 32.98
C LEU C 108 -3.45 29.13 33.00
N ILE C 109 -3.87 28.35 32.03
CA ILE C 109 -5.22 27.80 31.99
C ILE C 109 -5.24 26.56 32.84
N LEU C 110 -6.35 26.34 33.56
CA LEU C 110 -6.47 25.13 34.35
C LEU C 110 -6.29 23.91 33.45
N GLY C 111 -5.48 22.97 33.90
CA GLY C 111 -5.11 21.83 33.10
C GLY C 111 -3.81 21.99 32.32
N ASP C 112 -3.15 23.14 32.42
CA ASP C 112 -1.85 23.30 31.80
C ASP C 112 -0.81 22.50 32.55
N ARG C 113 0.22 22.05 31.83
CA ARG C 113 1.23 21.17 32.40
C ARG C 113 2.40 22.01 32.89
N LEU C 114 2.69 21.91 34.19
CA LEU C 114 3.67 22.74 34.86
C LEU C 114 4.94 21.95 35.13
N GLU C 115 6.08 22.64 35.05
CA GLU C 115 7.34 22.13 35.56
C GLU C 115 7.67 22.92 36.82
N LEU C 116 7.88 22.20 37.93
CA LEU C 116 8.12 22.81 39.22
C LEU C 116 9.58 22.66 39.59
N LYS C 117 10.17 23.71 40.16
CA LYS C 117 11.58 23.74 40.48
C LYS C 117 11.81 24.60 41.70
N LYS C 118 12.94 24.38 42.36
CA LYS C 118 13.34 25.20 43.49
C LYS C 118 14.13 26.41 43.00
N ALA C 119 13.92 27.55 43.68
CA ALA C 119 14.63 28.77 43.33
C ALA C 119 15.99 28.79 44.01
N GLN C 120 17.05 28.99 43.22
CA GLN C 120 18.39 28.99 43.77
C GLN C 120 18.72 30.27 44.53
N VAL C 121 18.10 31.38 44.18
CA VAL C 121 18.41 32.69 44.76
C VAL C 121 17.12 33.43 45.06
N GLN C 122 17.10 34.16 46.16
CA GLN C 122 15.97 35.01 46.50
C GLN C 122 16.02 36.28 45.66
N PRO C 123 14.92 36.64 44.98
CA PRO C 123 14.97 37.83 44.11
C PRO C 123 15.00 39.11 44.92
N PRO C 124 15.47 40.21 44.34
CA PRO C 124 15.65 41.45 45.09
C PRO C 124 14.34 42.19 45.33
N TYR C 125 14.46 43.38 45.92
CA TYR C 125 13.33 44.20 46.32
C TYR C 125 13.16 45.36 45.35
N ALA C 126 11.91 45.68 45.02
CA ALA C 126 11.61 46.83 44.17
C ALA C 126 11.18 48.02 45.02
N THR C 127 11.34 49.22 44.46
CA THR C 127 10.87 50.45 45.10
C THR C 127 9.53 50.91 44.55
N LYS C 128 9.26 50.62 43.27
CA LYS C 128 8.06 51.08 42.60
C LYS C 128 7.08 49.92 42.43
N VAL C 129 5.82 50.14 42.82
CA VAL C 129 4.74 49.20 42.56
C VAL C 129 3.71 49.95 41.71
N THR C 130 3.58 49.54 40.45
CA THR C 130 2.78 50.29 39.48
C THR C 130 1.37 49.69 39.42
N VAL C 131 0.55 50.12 40.38
CA VAL C 131 -0.81 49.63 40.48
C VAL C 131 -1.65 50.17 39.32
N GLY C 132 -2.02 49.28 38.39
CA GLY C 132 -2.92 49.65 37.31
C GLY C 132 -4.36 49.35 37.66
N SER C 133 -5.23 49.61 36.68
CA SER C 133 -6.66 49.35 36.79
C SER C 133 -7.12 48.65 35.53
N LEU C 134 -8.08 47.73 35.68
CA LEU C 134 -8.66 47.06 34.53
C LEU C 134 -9.93 47.72 34.03
N GLN C 135 -10.80 48.15 34.93
CA GLN C 135 -11.99 48.90 34.57
C GLN C 135 -11.69 50.40 34.41
N GLY C 136 -10.45 50.81 34.67
CA GLY C 136 -9.97 52.12 34.27
C GLY C 136 -10.39 53.28 35.15
N TYR C 137 -11.05 53.01 36.27
CA TYR C 137 -11.51 54.10 37.11
C TYR C 137 -10.35 54.69 37.91
N ASN C 138 -10.63 55.84 38.54
CA ASN C 138 -9.74 56.36 39.58
C ASN C 138 -10.00 55.57 40.87
N ILE C 139 -9.60 54.30 40.87
CA ILE C 139 -10.01 53.36 41.91
C ILE C 139 -9.84 53.94 43.30
N LEU C 140 -8.88 54.85 43.47
CA LEU C 140 -8.70 55.48 44.77
C LEU C 140 -9.94 56.24 45.21
N GLU C 141 -10.77 56.67 44.26
CA GLU C 141 -12.04 57.31 44.60
C GLU C 141 -13.18 56.30 44.73
N CYS C 142 -13.19 55.27 43.90
CA CYS C 142 -14.22 54.23 43.98
C CYS C 142 -13.99 53.26 45.12
N MET C 143 -12.77 53.21 45.67
CA MET C 143 -12.41 52.24 46.67
C MET C 143 -11.61 52.90 47.79
N GLU C 144 -11.65 52.29 48.97
CA GLU C 144 -10.83 52.72 50.10
C GLU C 144 -9.43 52.17 49.92
N GLU C 145 -8.46 53.06 49.67
CA GLU C 145 -7.09 52.61 49.46
C GLU C 145 -6.50 51.97 50.70
N LYS C 146 -7.11 52.19 51.87
CA LYS C 146 -6.58 51.61 53.10
C LYS C 146 -6.72 50.09 53.11
N VAL C 147 -7.59 49.52 52.27
CA VAL C 147 -7.65 48.08 52.08
C VAL C 147 -6.88 47.66 50.83
N ILE C 148 -6.79 48.56 49.84
CA ILE C 148 -5.98 48.28 48.67
C ILE C 148 -4.53 48.07 49.08
N GLN C 149 -4.07 48.83 50.08
CA GLN C 149 -2.71 48.65 50.59
C GLN C 149 -2.51 47.25 51.15
N LYS C 150 -3.49 46.75 51.91
CA LYS C 150 -3.40 45.39 52.43
C LYS C 150 -3.39 44.36 51.30
N LEU C 151 -4.25 44.56 50.30
CA LEU C 151 -4.32 43.62 49.19
C LEU C 151 -3.01 43.58 48.42
N LEU C 152 -2.37 44.73 48.26
CA LEU C 152 -1.08 44.77 47.57
C LEU C 152 0.03 44.20 48.44
N ASP C 153 -0.04 44.42 49.75
CA ASP C 153 1.00 43.97 50.66
C ASP C 153 1.01 42.46 50.79
N ASP C 154 -0.18 41.84 50.88
CA ASP C 154 -0.26 40.43 51.22
C ASP C 154 0.51 39.54 50.26
N SER C 155 0.72 39.97 49.02
CA SER C 155 1.32 39.10 48.01
C SER C 155 2.70 38.62 48.43
N GLY C 156 3.44 39.42 49.20
CA GLY C 156 4.80 39.07 49.54
C GLY C 156 5.72 39.28 48.35
N VAL C 157 5.54 38.47 47.31
CA VAL C 157 6.25 38.65 46.05
C VAL C 157 5.42 39.53 45.14
N ILE C 158 6.09 40.24 44.24
CA ILE C 158 5.42 41.15 43.32
C ILE C 158 6.09 41.03 41.95
N MET C 159 5.28 41.11 40.90
CA MET C 159 5.77 40.99 39.54
C MET C 159 4.94 41.88 38.64
N PRO C 160 5.32 42.00 37.37
CA PRO C 160 4.37 42.54 36.39
C PRO C 160 3.39 41.46 35.96
N GLY C 161 2.10 41.77 36.07
CA GLY C 161 1.04 40.93 35.52
C GLY C 161 -0.03 40.52 36.52
N MET C 162 0.33 40.31 37.78
CA MET C 162 -0.65 39.77 38.73
C MET C 162 -1.94 40.57 38.69
N ILE C 163 -3.05 39.87 38.48
CA ILE C 163 -4.38 40.48 38.54
C ILE C 163 -4.98 40.24 39.91
N PHE C 164 -5.81 41.17 40.35
CA PHE C 164 -6.68 41.00 41.50
C PHE C 164 -8.10 41.24 41.03
N GLN C 165 -9.04 40.46 41.56
CA GLN C 165 -10.31 40.26 40.87
C GLN C 165 -11.48 40.46 41.81
N ASN C 166 -12.56 41.01 41.25
CA ASN C 166 -13.86 41.09 41.93
C ASN C 166 -13.76 41.76 43.30
N LEU C 167 -13.16 42.95 43.33
CA LEU C 167 -13.08 43.74 44.55
C LEU C 167 -14.25 44.71 44.60
N LYS C 168 -15.04 44.64 45.66
CA LYS C 168 -16.30 45.37 45.72
C LYS C 168 -16.05 46.86 45.90
N THR C 169 -16.77 47.67 45.13
CA THR C 169 -16.62 49.12 45.18
C THR C 169 -17.16 49.68 46.49
N LYS C 170 -16.96 50.99 46.68
CA LYS C 170 -17.63 51.67 47.78
C LYS C 170 -19.14 51.57 47.64
N ALA C 171 -19.65 51.65 46.41
CA ALA C 171 -21.08 51.52 46.17
C ALA C 171 -21.62 50.16 46.59
N GLY C 172 -20.76 49.14 46.67
CA GLY C 172 -21.19 47.82 47.09
C GLY C 172 -21.80 47.01 45.98
N ASP C 173 -22.70 47.61 45.21
CA ASP C 173 -23.38 46.92 44.12
C ASP C 173 -22.47 46.63 42.93
N GLU C 174 -21.27 47.20 42.91
CA GLU C 174 -20.35 47.03 41.79
C GLU C 174 -18.98 46.62 42.32
N SER C 175 -18.19 46.00 41.44
CA SER C 175 -16.88 45.47 41.81
C SER C 175 -15.85 45.91 40.77
N ILE C 176 -14.59 45.93 41.20
CA ILE C 176 -13.47 46.39 40.39
C ILE C 176 -12.36 45.35 40.42
N ASP C 177 -11.56 45.34 39.36
CA ASP C 177 -10.37 44.50 39.28
C ASP C 177 -9.14 45.38 39.15
N VAL C 178 -8.01 44.90 39.67
CA VAL C 178 -6.78 45.67 39.74
C VAL C 178 -5.64 44.85 39.13
N VAL C 179 -4.61 45.54 38.66
CA VAL C 179 -3.45 44.91 38.03
C VAL C 179 -2.18 45.59 38.51
N ILE C 180 -1.16 44.79 38.81
CA ILE C 180 0.20 45.28 39.04
C ILE C 180 0.86 45.33 37.67
N THR C 181 1.01 46.55 37.12
CA THR C 181 1.51 46.68 35.76
C THR C 181 3.03 46.55 35.67
N ASP C 182 3.75 47.00 36.69
CA ASP C 182 5.21 46.96 36.65
C ASP C 182 5.77 47.33 38.01
N ALA C 183 6.94 46.79 38.31
CA ALA C 183 7.69 47.16 39.49
C ALA C 183 9.17 47.28 39.12
N SER C 184 9.89 48.13 39.84
CA SER C 184 11.29 48.36 39.57
C SER C 184 11.95 48.97 40.79
N ASP C 185 13.28 48.89 40.82
CA ASP C 185 14.08 49.41 41.92
C ASP C 185 14.80 50.67 41.45
N ASP C 186 14.66 51.75 42.21
CA ASP C 186 15.32 53.01 41.88
C ASP C 186 16.82 52.92 42.15
N ASN C 207 15.45 38.06 33.03
CA ASN C 207 15.20 37.93 31.60
C ASN C 207 15.53 36.53 31.11
N LEU C 208 16.29 35.78 31.91
CA LEU C 208 16.52 34.36 31.70
C LEU C 208 16.09 33.59 32.94
N PHE C 209 15.43 32.45 32.71
CA PHE C 209 14.96 31.58 33.79
C PHE C 209 13.75 32.17 34.51
N TYR C 210 13.35 33.39 34.16
CA TYR C 210 12.20 34.05 34.77
C TYR C 210 11.37 34.73 33.70
N LEU C 211 10.12 34.28 33.54
CA LEU C 211 9.22 34.90 32.57
C LEU C 211 8.89 36.33 33.00
N SER C 212 8.50 36.51 34.26
CA SER C 212 8.25 37.83 34.83
C SER C 212 9.35 38.16 35.83
N PRO C 213 9.96 39.35 35.78
CA PRO C 213 11.00 39.68 36.75
C PRO C 213 10.45 39.63 38.17
N PRO C 214 10.94 38.72 39.01
CA PRO C 214 10.41 38.62 40.37
C PRO C 214 10.92 39.73 41.26
N PHE C 215 10.01 40.27 42.08
CA PHE C 215 10.35 41.28 43.06
C PHE C 215 9.65 40.96 44.37
N ILE C 216 10.32 41.32 45.48
CA ILE C 216 9.84 41.04 46.81
C ILE C 216 9.34 42.34 47.43
N PHE C 217 8.19 42.28 48.11
CA PHE C 217 7.54 43.45 48.67
C PHE C 217 8.22 43.83 49.99
N ARG C 218 9.27 44.63 49.88
CA ARG C 218 9.91 45.21 51.05
C ARG C 218 9.09 46.42 51.47
N LYS C 219 8.23 46.21 52.46
CA LYS C 219 7.29 47.25 52.87
C LYS C 219 8.01 48.50 53.33
N GLY C 220 7.51 49.66 52.87
CA GLY C 220 8.08 50.94 53.21
C GLY C 220 8.98 51.53 52.13
N SER C 221 9.84 50.71 51.53
CA SER C 221 10.59 51.16 50.36
C SER C 221 9.79 51.01 49.07
N THR C 222 8.71 50.24 49.10
CA THR C 222 7.82 50.13 47.96
C THR C 222 6.91 51.35 47.89
N HIS C 223 6.60 51.80 46.68
CA HIS C 223 5.77 52.99 46.47
C HIS C 223 4.75 52.73 45.38
N ILE C 224 3.53 53.25 45.59
CA ILE C 224 2.48 53.16 44.60
C ILE C 224 2.69 54.21 43.52
N THR C 225 2.49 53.81 42.26
CA THR C 225 2.40 54.74 41.13
C THR C 225 1.11 54.42 40.38
N PHE C 226 0.01 54.99 40.84
CA PHE C 226 -1.30 54.61 40.34
C PHE C 226 -1.51 55.09 38.91
N SER C 227 -2.24 54.29 38.14
CA SER C 227 -2.58 54.66 36.78
C SER C 227 -3.86 53.93 36.37
N LYS C 228 -4.52 54.46 35.34
CA LYS C 228 -5.68 53.80 34.76
C LYS C 228 -5.30 52.65 33.83
N GLU C 229 -4.00 52.44 33.59
CA GLU C 229 -3.57 51.48 32.59
C GLU C 229 -4.02 50.06 32.94
N THR C 230 -4.30 49.28 31.90
CA THR C 230 -4.89 47.95 32.05
C THR C 230 -3.92 46.81 31.76
N GLN C 231 -2.71 47.10 31.29
CA GLN C 231 -1.83 46.07 30.77
C GLN C 231 -0.41 46.33 31.24
N ALA C 232 0.39 45.27 31.28
CA ALA C 232 1.77 45.36 31.73
C ALA C 232 2.66 45.95 30.64
N ASN C 233 3.84 46.42 31.06
CA ASN C 233 4.83 46.95 30.13
C ASN C 233 5.14 45.92 29.05
N ARG C 234 4.92 46.29 27.79
CA ARG C 234 5.06 45.34 26.70
C ARG C 234 6.51 44.92 26.47
N LYS C 235 7.48 45.67 26.99
CA LYS C 235 8.87 45.27 26.86
C LYS C 235 9.19 44.02 27.68
N TYR C 236 8.42 43.75 28.74
CA TYR C 236 8.54 42.48 29.44
C TYR C 236 8.09 41.31 28.56
N ASN C 237 7.10 41.52 27.69
CA ASN C 237 6.63 40.49 26.77
C ASN C 237 5.93 39.35 27.50
N LEU C 238 5.12 39.70 28.48
CA LEU C 238 4.25 38.72 29.13
C LEU C 238 3.23 38.19 28.12
N PRO C 239 2.65 37.03 28.37
CA PRO C 239 1.61 36.54 27.47
C PRO C 239 0.28 37.29 27.67
N GLU C 240 -0.30 37.74 26.55
CA GLU C 240 -1.46 38.61 26.60
C GLU C 240 -2.73 37.78 26.54
N PRO C 241 -3.61 37.84 27.53
CA PRO C 241 -4.81 37.00 27.51
C PRO C 241 -5.67 37.29 26.29
N LEU C 242 -6.26 36.22 25.73
CA LEU C 242 -7.23 36.36 24.66
C LEU C 242 -8.62 36.61 25.25
N SER C 243 -9.43 37.35 24.50
CA SER C 243 -10.77 37.69 24.93
C SER C 243 -11.68 37.77 23.71
N TYR C 244 -12.98 37.64 23.96
CA TYR C 244 -13.94 37.61 22.86
C TYR C 244 -13.93 38.90 22.07
N ALA C 245 -13.58 40.01 22.70
CA ALA C 245 -13.57 41.29 22.00
C ALA C 245 -12.56 41.34 20.86
N ALA C 246 -11.61 40.40 20.83
CA ALA C 246 -10.66 40.35 19.73
C ALA C 246 -11.21 39.65 18.51
N VAL C 247 -12.31 38.91 18.65
CA VAL C 247 -12.97 38.24 17.55
C VAL C 247 -14.04 39.17 16.98
N GLY C 248 -14.08 39.30 15.66
CA GLY C 248 -15.08 40.10 15.00
C GLY C 248 -15.76 39.31 13.90
N GLY C 249 -17.00 39.67 13.64
CA GLY C 249 -17.76 39.05 12.58
C GLY C 249 -18.39 37.72 12.93
N LEU C 250 -18.28 37.27 14.18
CA LEU C 250 -18.82 36.00 14.62
C LEU C 250 -19.70 36.19 15.85
N ASP C 251 -20.57 37.20 15.81
CA ASP C 251 -21.40 37.50 16.98
C ASP C 251 -22.37 36.36 17.26
N LYS C 252 -23.12 35.93 16.25
CA LYS C 252 -24.08 34.86 16.47
C LYS C 252 -23.38 33.57 16.86
N GLU C 253 -22.25 33.28 16.21
CA GLU C 253 -21.51 32.07 16.56
C GLU C 253 -20.96 32.16 17.97
N ILE C 254 -20.52 33.34 18.40
CA ILE C 254 -20.02 33.48 19.76
C ILE C 254 -21.13 33.27 20.77
N GLU C 255 -22.32 33.83 20.51
CA GLU C 255 -23.44 33.57 21.40
C GLU C 255 -23.77 32.08 21.43
N SER C 256 -23.69 31.41 20.28
CA SER C 256 -23.98 29.97 20.24
C SER C 256 -23.00 29.18 21.10
N LEU C 257 -21.69 29.45 20.93
CA LEU C 257 -20.71 28.75 21.74
C LEU C 257 -20.89 29.05 23.23
N LYS C 258 -21.12 30.31 23.58
CA LYS C 258 -21.29 30.64 25.00
C LYS C 258 -22.52 29.93 25.57
N SER C 259 -23.61 29.88 24.81
CA SER C 259 -24.80 29.16 25.28
C SER C 259 -24.50 27.68 25.45
N ALA C 260 -23.75 27.10 24.52
CA ALA C 260 -23.48 25.67 24.54
C ALA C 260 -22.33 25.29 25.45
N ILE C 261 -21.68 26.26 26.10
CA ILE C 261 -20.62 25.94 27.05
C ILE C 261 -21.04 26.28 28.48
N GLU C 262 -21.62 27.47 28.67
CA GLU C 262 -21.91 27.92 30.02
C GLU C 262 -22.92 27.02 30.71
N ILE C 263 -24.06 26.77 30.08
CA ILE C 263 -25.15 26.02 30.71
C ILE C 263 -24.72 24.58 30.95
N PRO C 264 -24.13 23.89 29.97
CA PRO C 264 -23.69 22.51 30.23
C PRO C 264 -22.68 22.41 31.36
N LEU C 265 -21.83 23.42 31.54
CA LEU C 265 -20.76 23.34 32.53
C LEU C 265 -21.16 23.93 33.88
N HIS C 266 -21.59 25.19 33.89
CA HIS C 266 -21.80 25.91 35.14
C HIS C 266 -23.26 26.00 35.56
N GLN C 267 -24.18 25.36 34.85
CA GLN C 267 -25.57 25.35 35.25
C GLN C 267 -26.26 24.07 34.80
N PRO C 268 -25.75 22.90 35.17
CA PRO C 268 -26.37 21.65 34.71
C PRO C 268 -27.72 21.36 35.33
N THR C 269 -28.04 21.94 36.49
CA THR C 269 -29.32 21.68 37.13
C THR C 269 -30.47 22.14 36.26
N LEU C 270 -30.24 23.13 35.40
CA LEU C 270 -31.32 23.65 34.55
C LEU C 270 -31.86 22.57 33.64
N PHE C 271 -30.98 21.86 32.94
CA PHE C 271 -31.44 20.78 32.08
C PHE C 271 -32.09 19.66 32.89
N SER C 272 -31.51 19.31 34.03
CA SER C 272 -32.07 18.23 34.83
C SER C 272 -33.48 18.57 35.31
N SER C 273 -33.74 19.84 35.59
CA SER C 273 -35.10 20.24 35.96
C SER C 273 -36.08 19.92 34.84
N PHE C 274 -35.67 20.13 33.59
CA PHE C 274 -36.52 19.88 32.44
C PHE C 274 -36.44 18.43 31.95
N GLY C 275 -35.49 17.64 32.43
CA GLY C 275 -35.40 16.26 32.03
C GLY C 275 -34.77 16.01 30.69
N VAL C 276 -33.96 16.95 30.19
CA VAL C 276 -33.26 16.80 28.91
C VAL C 276 -31.77 16.69 29.21
N SER C 277 -31.09 15.81 28.50
CA SER C 277 -29.67 15.60 28.76
C SER C 277 -28.86 16.78 28.23
N PRO C 278 -27.78 17.17 28.90
CA PRO C 278 -27.01 18.32 28.43
C PRO C 278 -26.24 17.95 27.17
N PRO C 279 -25.85 18.96 26.38
CA PRO C 279 -25.08 18.68 25.17
C PRO C 279 -23.61 18.40 25.49
N ARG C 280 -22.93 17.72 24.57
CA ARG C 280 -21.55 17.32 24.77
C ARG C 280 -20.57 17.83 23.72
N GLY C 281 -21.01 18.49 22.67
CA GLY C 281 -20.06 18.86 21.64
C GLY C 281 -20.52 20.01 20.77
N ILE C 282 -19.53 20.72 20.24
CA ILE C 282 -19.70 21.69 19.17
C ILE C 282 -18.61 21.41 18.13
N LEU C 283 -18.96 21.45 16.86
CA LEU C 283 -18.00 21.29 15.79
C LEU C 283 -17.93 22.58 14.99
N LEU C 284 -16.95 23.42 15.29
CA LEU C 284 -16.65 24.57 14.44
C LEU C 284 -16.05 24.07 13.14
N HIS C 285 -16.51 24.62 12.02
CA HIS C 285 -15.96 24.27 10.72
C HIS C 285 -16.15 25.44 9.77
N GLY C 286 -15.39 25.40 8.67
CA GLY C 286 -15.40 26.47 7.71
C GLY C 286 -14.09 26.57 6.95
N PRO C 287 -13.99 27.55 6.06
CA PRO C 287 -12.79 27.69 5.23
C PRO C 287 -11.57 27.97 6.08
N PRO C 288 -10.36 27.70 5.57
CA PRO C 288 -9.15 27.91 6.37
C PRO C 288 -8.88 29.39 6.59
N GLY C 289 -8.75 29.77 7.86
CA GLY C 289 -8.44 31.13 8.22
C GLY C 289 -9.59 31.95 8.73
N THR C 290 -10.74 31.35 9.02
CA THR C 290 -11.93 32.12 9.32
C THR C 290 -12.11 32.41 10.81
N GLY C 291 -11.36 31.75 11.69
CA GLY C 291 -11.40 32.10 13.11
C GLY C 291 -11.68 30.96 14.06
N LYS C 292 -11.50 29.72 13.61
CA LYS C 292 -11.89 28.57 14.43
C LYS C 292 -10.93 28.38 15.61
N THR C 293 -9.63 28.24 15.32
CA THR C 293 -8.67 28.05 16.40
C THR C 293 -8.61 29.28 17.30
N MET C 294 -8.86 30.47 16.76
CA MET C 294 -8.94 31.65 17.59
C MET C 294 -10.10 31.52 18.58
N LEU C 295 -11.24 30.99 18.13
CA LEU C 295 -12.36 30.77 19.03
C LEU C 295 -12.02 29.73 20.08
N LEU C 296 -11.31 28.66 19.71
CA LEU C 296 -10.91 27.68 20.71
C LEU C 296 -9.99 28.30 21.75
N ARG C 297 -9.03 29.11 21.32
CA ARG C 297 -8.13 29.77 22.26
C ARG C 297 -8.89 30.73 23.17
N VAL C 298 -9.84 31.46 22.62
CA VAL C 298 -10.62 32.40 23.44
C VAL C 298 -11.47 31.65 24.44
N VAL C 299 -12.05 30.51 24.03
CA VAL C 299 -12.86 29.72 24.96
C VAL C 299 -11.97 29.17 26.07
N ALA C 300 -10.77 28.71 25.72
CA ALA C 300 -9.85 28.22 26.73
C ALA C 300 -9.45 29.31 27.71
N ASN C 301 -9.23 30.53 27.22
CA ASN C 301 -8.78 31.61 28.08
C ASN C 301 -9.91 32.12 28.97
N THR C 302 -11.13 32.23 28.43
CA THR C 302 -12.22 32.88 29.14
C THR C 302 -13.05 31.93 29.99
N SER C 303 -13.29 30.71 29.52
CA SER C 303 -14.12 29.78 30.26
C SER C 303 -13.38 29.29 31.51
N ASN C 304 -14.09 29.28 32.63
CA ASN C 304 -13.52 28.85 33.91
C ASN C 304 -13.75 27.34 34.04
N ALA C 305 -13.00 26.58 33.26
CA ALA C 305 -13.12 25.13 33.25
C ALA C 305 -11.76 24.52 32.97
N HIS C 306 -11.61 23.25 33.35
CA HIS C 306 -10.38 22.52 33.10
C HIS C 306 -10.26 22.26 31.61
N VAL C 307 -9.10 22.59 31.03
CA VAL C 307 -8.91 22.60 29.58
C VAL C 307 -7.91 21.52 29.20
N LEU C 308 -8.33 20.62 28.32
CA LEU C 308 -7.47 19.59 27.75
C LEU C 308 -7.51 19.71 26.23
N THR C 309 -6.38 19.45 25.60
CA THR C 309 -6.21 19.71 24.18
C THR C 309 -5.69 18.47 23.46
N ILE C 310 -6.14 18.31 22.22
CA ILE C 310 -5.62 17.30 21.30
C ILE C 310 -5.33 18.03 20.01
N ASN C 311 -4.08 18.43 19.82
CA ASN C 311 -3.67 19.19 18.63
C ASN C 311 -3.35 18.21 17.50
N GLY C 312 -4.36 17.96 16.67
CA GLY C 312 -4.22 17.04 15.57
C GLY C 312 -3.85 15.65 16.07
N PRO C 313 -2.95 14.97 15.36
CA PRO C 313 -2.48 13.66 15.84
C PRO C 313 -1.39 13.78 16.89
N SER C 314 -1.62 14.63 17.89
CA SER C 314 -0.66 14.77 18.99
C SER C 314 -0.61 13.53 19.86
N ILE C 315 -1.63 12.67 19.77
CA ILE C 315 -1.70 11.50 20.65
C ILE C 315 -1.28 10.21 19.95
N VAL C 316 -1.13 10.20 18.63
CA VAL C 316 -0.85 9.01 17.82
C VAL C 316 0.55 8.49 18.15
N SER C 317 0.64 7.19 18.45
CA SER C 317 1.80 6.55 19.03
C SER C 317 2.09 5.23 18.34
N LYS C 318 3.37 4.85 18.25
CA LYS C 318 3.79 3.63 17.54
C LYS C 318 3.24 2.33 18.12
N TYR C 319 2.91 2.30 19.39
CA TYR C 319 2.49 1.07 20.07
C TYR C 319 1.01 0.78 19.88
N LEU C 320 0.62 -0.47 20.15
CA LEU C 320 -0.65 -1.02 19.71
C LEU C 320 -1.84 -0.30 20.31
N GLY C 321 -1.76 0.09 21.58
CA GLY C 321 -2.91 0.65 22.26
C GLY C 321 -2.66 1.96 22.96
N GLU C 322 -1.69 2.74 22.50
CA GLU C 322 -1.35 3.97 23.20
C GLU C 322 -2.21 5.16 22.78
N THR C 323 -2.64 5.22 21.53
CA THR C 323 -3.52 6.29 21.04
C THR C 323 -4.87 6.22 21.74
N GLU C 324 -5.43 5.02 21.91
CA GLU C 324 -6.65 4.81 22.67
C GLU C 324 -6.42 5.09 24.14
N ALA C 325 -5.26 4.68 24.66
CA ALA C 325 -4.94 4.96 26.05
C ALA C 325 -4.83 6.46 26.30
N ALA C 326 -4.25 7.20 25.36
CA ALA C 326 -4.18 8.65 25.50
C ALA C 326 -5.55 9.27 25.54
N LEU C 327 -6.45 8.85 24.65
CA LEU C 327 -7.81 9.40 24.65
C LEU C 327 -8.52 9.07 25.95
N ARG C 328 -8.41 7.83 26.41
CA ARG C 328 -9.07 7.44 27.66
C ARG C 328 -8.51 8.23 28.84
N ASP C 329 -7.20 8.44 28.88
CA ASP C 329 -6.62 9.22 29.96
C ASP C 329 -7.14 10.65 29.92
N ILE C 330 -7.22 11.24 28.73
CA ILE C 330 -7.72 12.61 28.61
C ILE C 330 -9.15 12.70 29.13
N PHE C 331 -9.99 11.75 28.73
CA PHE C 331 -11.40 11.83 29.14
C PHE C 331 -11.58 11.52 30.63
N ASN C 332 -10.79 10.60 31.19
CA ASN C 332 -10.86 10.37 32.63
C ASN C 332 -10.37 11.58 33.42
N GLU C 333 -9.35 12.27 32.92
CA GLU C 333 -8.93 13.51 33.56
C GLU C 333 -10.04 14.56 33.48
N ALA C 334 -10.70 14.66 32.32
CA ALA C 334 -11.79 15.61 32.17
C ALA C 334 -12.92 15.30 33.15
N ARG C 335 -13.21 14.01 33.34
CA ARG C 335 -14.26 13.61 34.27
C ARG C 335 -13.85 13.78 35.72
N LYS C 336 -12.55 13.71 36.01
CA LYS C 336 -12.09 13.83 37.39
C LYS C 336 -12.11 15.28 37.86
N TYR C 337 -11.87 16.22 36.95
CA TYR C 337 -11.74 17.63 37.31
C TYR C 337 -12.87 18.46 36.71
N GLN C 338 -14.10 17.95 36.80
CA GLN C 338 -15.24 18.67 36.26
C GLN C 338 -15.37 20.04 36.92
N PRO C 339 -15.81 21.07 36.16
CA PRO C 339 -16.11 21.10 34.73
C PRO C 339 -14.87 21.17 33.86
N SER C 340 -14.92 20.56 32.66
CA SER C 340 -13.76 20.53 31.80
C SER C 340 -14.18 20.62 30.35
N ILE C 341 -13.24 21.05 29.51
CA ILE C 341 -13.42 21.15 28.07
C ILE C 341 -12.27 20.43 27.40
N ILE C 342 -12.58 19.58 26.42
CA ILE C 342 -11.57 18.86 25.65
C ILE C 342 -11.60 19.41 24.23
N PHE C 343 -10.50 20.05 23.83
CA PHE C 343 -10.39 20.66 22.52
C PHE C 343 -9.70 19.70 21.55
N ILE C 344 -10.23 19.59 20.34
CA ILE C 344 -9.66 18.73 19.32
C ILE C 344 -9.53 19.49 18.01
N ASP C 345 -8.37 20.06 17.75
CA ASP C 345 -8.09 20.60 16.44
C ASP C 345 -7.83 19.47 15.45
N GLU C 346 -8.09 19.75 14.18
CA GLU C 346 -7.90 18.79 13.10
C GLU C 346 -8.49 17.44 13.49
N ILE C 347 -9.76 17.47 13.88
CA ILE C 347 -10.43 16.23 14.25
C ILE C 347 -10.62 15.31 13.05
N ASP C 348 -10.50 15.86 11.84
CA ASP C 348 -10.52 15.02 10.63
C ASP C 348 -9.25 14.20 10.50
N SER C 349 -8.25 14.43 11.35
CA SER C 349 -6.98 13.72 11.28
C SER C 349 -6.84 12.63 12.32
N ILE C 350 -7.62 12.68 13.41
CA ILE C 350 -7.66 11.60 14.39
C ILE C 350 -9.01 10.91 14.40
N ALA C 351 -9.84 11.14 13.39
CA ALA C 351 -11.15 10.51 13.32
C ALA C 351 -11.66 10.57 11.88
N PRO C 352 -11.12 9.76 10.99
CA PRO C 352 -11.58 9.73 9.60
C PRO C 352 -12.87 8.91 9.47
N ASN C 353 -13.35 8.82 8.23
CA ASN C 353 -14.71 8.36 8.00
C ASN C 353 -14.91 6.88 8.30
N ARG C 354 -13.84 6.08 8.34
CA ARG C 354 -13.93 4.69 8.78
C ARG C 354 -14.60 3.80 7.74
N ALA C 355 -15.12 4.40 6.66
CA ALA C 355 -15.49 3.68 5.46
C ALA C 355 -14.60 4.04 4.29
N ASN C 356 -13.87 5.16 4.40
CA ASN C 356 -12.86 5.50 3.41
C ASN C 356 -11.89 4.34 3.24
N ASP C 357 -11.34 4.23 2.03
CA ASP C 357 -10.45 3.11 1.73
C ASP C 357 -9.18 3.15 2.58
N ASP C 358 -8.64 4.34 2.83
CA ASP C 358 -7.38 4.47 3.55
C ASP C 358 -7.52 4.28 5.05
N SER C 359 -8.74 4.17 5.58
CA SER C 359 -8.98 4.09 7.02
C SER C 359 -8.94 2.63 7.46
N GLY C 360 -7.77 2.21 7.94
CA GLY C 360 -7.58 0.85 8.42
C GLY C 360 -8.13 0.61 9.82
N GLU C 361 -7.57 -0.39 10.52
CA GLU C 361 -8.07 -0.73 11.85
C GLU C 361 -7.65 0.27 12.91
N VAL C 362 -6.46 0.85 12.79
CA VAL C 362 -5.97 1.83 13.75
C VAL C 362 -6.97 2.98 13.83
N GLU C 363 -7.32 3.54 12.69
CA GLU C 363 -8.30 4.60 12.56
C GLU C 363 -9.65 4.18 13.13
N SER C 364 -10.10 2.95 12.87
CA SER C 364 -11.36 2.44 13.38
C SER C 364 -11.35 2.37 14.90
N ARG C 365 -10.26 1.89 15.48
CA ARG C 365 -10.17 1.80 16.93
C ARG C 365 -10.19 3.17 17.59
N VAL C 366 -9.48 4.14 17.00
CA VAL C 366 -9.48 5.50 17.57
C VAL C 366 -10.88 6.11 17.51
N VAL C 367 -11.55 5.95 16.37
CA VAL C 367 -12.90 6.49 16.23
C VAL C 367 -13.84 5.83 17.23
N ALA C 368 -13.74 4.50 17.37
CA ALA C 368 -14.57 3.79 18.34
C ALA C 368 -14.29 4.29 19.76
N THR C 369 -13.04 4.57 20.08
CA THR C 369 -12.71 5.09 21.40
C THR C 369 -13.39 6.44 21.63
N LEU C 370 -13.33 7.33 20.63
CA LEU C 370 -14.03 8.61 20.77
C LEU C 370 -15.53 8.40 20.96
N LEU C 371 -16.12 7.53 20.15
CA LEU C 371 -17.56 7.29 20.22
C LEU C 371 -17.96 6.80 21.61
N THR C 372 -17.22 5.83 22.13
CA THR C 372 -17.56 5.25 23.43
C THR C 372 -17.26 6.19 24.58
N LEU C 373 -16.24 7.05 24.45
CA LEU C 373 -15.94 7.99 25.51
C LEU C 373 -16.91 9.15 25.54
N MET C 374 -17.47 9.53 24.40
CA MET C 374 -18.46 10.61 24.39
C MET C 374 -19.86 10.10 24.76
N ASP C 375 -20.34 9.05 24.08
CA ASP C 375 -21.65 8.48 24.37
C ASP C 375 -21.52 6.96 24.38
N GLY C 376 -21.28 6.41 25.56
CA GLY C 376 -21.15 4.98 25.73
C GLY C 376 -21.88 4.48 26.95
N MET C 377 -21.45 3.36 27.50
CA MET C 377 -22.12 2.81 28.68
C MET C 377 -21.80 3.61 29.94
N GLY C 378 -20.62 4.23 29.99
CA GLY C 378 -20.26 5.08 31.12
C GLY C 378 -20.51 6.54 30.80
N ALA C 379 -21.05 7.26 31.78
CA ALA C 379 -21.36 8.68 31.59
C ALA C 379 -20.10 9.52 31.68
N ALA C 380 -20.00 10.52 30.81
CA ALA C 380 -18.80 11.34 30.74
C ALA C 380 -18.83 12.54 31.67
N GLY C 381 -19.98 12.86 32.26
CA GLY C 381 -20.06 13.98 33.17
C GLY C 381 -20.12 15.32 32.46
N LYS C 382 -19.82 16.37 33.22
CA LYS C 382 -19.89 17.73 32.72
C LYS C 382 -18.68 18.06 31.83
N VAL C 383 -18.56 17.37 30.71
CA VAL C 383 -17.46 17.55 29.77
C VAL C 383 -18.05 17.99 28.43
N VAL C 384 -17.48 19.04 27.86
CA VAL C 384 -17.89 19.55 26.56
C VAL C 384 -16.69 19.44 25.63
N VAL C 385 -16.87 18.77 24.50
CA VAL C 385 -15.82 18.59 23.50
C VAL C 385 -16.07 19.57 22.37
N ILE C 386 -15.15 20.52 22.20
CA ILE C 386 -15.23 21.51 21.13
C ILE C 386 -14.15 21.18 20.12
N ALA C 387 -14.56 20.79 18.91
CA ALA C 387 -13.64 20.40 17.87
C ALA C 387 -13.75 21.35 16.68
N ALA C 388 -12.60 21.65 16.07
CA ALA C 388 -12.53 22.46 14.88
C ALA C 388 -12.04 21.60 13.72
N THR C 389 -12.60 21.83 12.54
CA THR C 389 -12.26 21.02 11.37
C THR C 389 -12.55 21.80 10.11
N ASN C 390 -11.64 21.68 9.14
CA ASN C 390 -11.82 22.31 7.84
C ASN C 390 -12.57 21.42 6.87
N ARG C 391 -12.71 20.14 7.19
CA ARG C 391 -13.32 19.14 6.31
C ARG C 391 -14.38 18.39 7.09
N PRO C 392 -15.56 18.97 7.26
CA PRO C 392 -16.57 18.33 8.12
C PRO C 392 -16.99 16.96 7.64
N ASN C 393 -16.94 16.68 6.34
CA ASN C 393 -17.42 15.41 5.81
C ASN C 393 -16.37 14.31 5.87
N SER C 394 -15.15 14.61 6.31
CA SER C 394 -14.17 13.56 6.57
C SER C 394 -14.26 13.02 7.98
N VAL C 395 -14.89 13.77 8.90
CA VAL C 395 -15.13 13.26 10.24
C VAL C 395 -16.19 12.18 10.17
N ASP C 396 -16.00 11.11 10.93
CA ASP C 396 -16.85 9.94 10.83
C ASP C 396 -18.31 10.34 11.06
N PRO C 397 -19.25 9.78 10.28
CA PRO C 397 -20.65 10.17 10.46
C PRO C 397 -21.19 9.88 11.85
N ALA C 398 -20.68 8.85 12.53
CA ALA C 398 -21.19 8.50 13.84
C ALA C 398 -20.86 9.54 14.90
N LEU C 399 -19.78 10.29 14.71
CA LEU C 399 -19.45 11.37 15.63
C LEU C 399 -20.36 12.57 15.43
N ARG C 400 -20.87 12.75 14.21
CA ARG C 400 -21.72 13.90 13.88
C ARG C 400 -23.20 13.56 14.07
N ARG C 401 -23.59 13.36 15.32
CA ARG C 401 -25.00 13.19 15.66
C ARG C 401 -25.19 13.51 17.13
N PRO C 402 -26.41 13.87 17.53
CA PRO C 402 -26.61 14.39 18.88
C PRO C 402 -26.13 13.44 19.96
N GLY C 403 -25.62 14.01 21.05
CA GLY C 403 -24.93 13.26 22.07
C GLY C 403 -23.44 13.19 21.88
N ARG C 404 -22.94 13.41 20.66
CA ARG C 404 -21.51 13.44 20.40
C ARG C 404 -21.07 14.81 19.94
N PHE C 405 -21.66 15.29 18.84
CA PHE C 405 -21.46 16.66 18.37
C PHE C 405 -22.83 17.25 18.08
N ASP C 406 -23.47 17.78 19.11
CA ASP C 406 -24.82 18.33 18.94
C ASP C 406 -24.82 19.47 17.93
N GLN C 407 -24.11 20.55 18.24
CA GLN C 407 -24.05 21.72 17.37
C GLN C 407 -22.88 21.60 16.41
N GLU C 408 -23.09 22.10 15.19
CA GLU C 408 -22.01 22.37 14.25
C GLU C 408 -22.14 23.83 13.81
N VAL C 409 -21.15 24.64 14.18
CA VAL C 409 -21.21 26.09 14.00
C VAL C 409 -20.25 26.44 12.88
N GLU C 410 -20.77 27.05 11.82
CA GLU C 410 -19.98 27.36 10.64
C GLU C 410 -19.34 28.74 10.80
N ILE C 411 -18.02 28.79 10.68
CA ILE C 411 -17.27 30.06 10.72
C ILE C 411 -16.99 30.40 9.26
N GLY C 412 -17.86 31.23 8.67
CA GLY C 412 -17.83 31.49 7.25
C GLY C 412 -16.96 32.67 6.87
N ILE C 413 -16.79 32.83 5.57
CA ILE C 413 -15.99 33.94 5.05
C ILE C 413 -16.66 35.26 5.43
N PRO C 414 -15.93 36.24 5.96
CA PRO C 414 -16.57 37.47 6.42
C PRO C 414 -17.08 38.30 5.25
N ASP C 415 -18.28 38.85 5.42
CA ASP C 415 -18.79 39.83 4.47
C ASP C 415 -18.23 41.22 4.82
N VAL C 416 -18.81 42.26 4.22
CA VAL C 416 -18.27 43.60 4.36
C VAL C 416 -18.33 44.05 5.82
N ASP C 417 -19.45 43.81 6.50
CA ASP C 417 -19.60 44.30 7.88
C ASP C 417 -18.75 43.49 8.85
N ALA C 418 -18.72 42.17 8.68
CA ALA C 418 -17.83 41.36 9.50
C ALA C 418 -16.39 41.82 9.31
N ARG C 419 -16.05 42.20 8.08
CA ARG C 419 -14.69 42.65 7.80
C ARG C 419 -14.42 43.98 8.46
N PHE C 420 -15.40 44.89 8.43
CA PHE C 420 -15.24 46.16 9.13
C PHE C 420 -15.01 45.92 10.61
N ASP C 421 -15.72 44.95 11.18
CA ASP C 421 -15.49 44.61 12.58
C ASP C 421 -14.06 44.13 12.81
N ILE C 422 -13.59 43.22 11.96
CA ILE C 422 -12.23 42.69 12.13
C ILE C 422 -11.21 43.82 12.07
N LEU C 423 -11.33 44.68 11.05
CA LEU C 423 -10.35 45.75 10.86
C LEU C 423 -10.43 46.76 11.99
N THR C 424 -11.65 47.11 12.43
CA THR C 424 -11.79 48.01 13.56
C THR C 424 -11.09 47.45 14.78
N LYS C 425 -11.26 46.15 15.05
CA LYS C 425 -10.69 45.58 16.25
C LYS C 425 -9.17 45.53 16.19
N GLN C 426 -8.61 45.19 15.02
CA GLN C 426 -7.15 45.19 14.92
C GLN C 426 -6.58 46.59 15.01
N PHE C 427 -7.14 47.54 14.26
CA PHE C 427 -6.65 48.91 14.32
C PHE C 427 -6.89 49.54 15.68
N SER C 428 -7.83 49.01 16.46
CA SER C 428 -7.94 49.40 17.86
C SER C 428 -6.85 48.74 18.70
N ARG C 429 -6.43 47.54 18.32
CA ARG C 429 -5.28 46.93 18.97
C ARG C 429 -4.01 47.72 18.70
N MET C 430 -3.99 48.54 17.65
CA MET C 430 -2.89 49.49 17.45
C MET C 430 -3.03 50.72 18.36
N SER C 431 -4.03 51.56 18.10
CA SER C 431 -4.56 52.57 19.02
C SER C 431 -3.77 53.86 19.20
N SER C 432 -2.52 53.96 18.71
CA SER C 432 -1.91 55.29 18.67
C SER C 432 -1.09 55.51 17.41
N ASP C 433 -0.57 54.44 16.81
CA ASP C 433 0.38 54.58 15.72
C ASP C 433 -0.32 54.69 14.37
N ARG C 434 -1.62 54.96 14.37
CA ARG C 434 -2.40 54.79 13.16
C ARG C 434 -2.42 55.98 12.21
N HIS C 435 -3.12 57.05 12.60
CA HIS C 435 -3.59 58.08 11.66
C HIS C 435 -4.66 57.55 10.70
N VAL C 436 -4.91 56.24 10.71
CA VAL C 436 -6.09 55.69 10.04
C VAL C 436 -7.21 55.73 11.06
N LEU C 437 -8.14 56.66 10.88
CA LEU C 437 -9.04 57.04 11.95
C LEU C 437 -10.35 57.52 11.33
N ASP C 438 -11.24 58.03 12.18
CA ASP C 438 -12.55 58.54 11.78
C ASP C 438 -13.47 57.44 11.25
N SER C 439 -13.01 56.19 11.25
CA SER C 439 -13.85 55.05 10.91
C SER C 439 -14.20 54.99 9.42
N GLU C 440 -13.81 56.02 8.67
CA GLU C 440 -14.08 56.01 7.24
C GLU C 440 -12.97 55.29 6.48
N ALA C 441 -11.72 55.52 6.87
CA ALA C 441 -10.60 54.86 6.20
C ALA C 441 -10.67 53.36 6.37
N ILE C 442 -11.04 52.90 7.57
CA ILE C 442 -11.16 51.46 7.79
C ILE C 442 -12.35 50.89 7.03
N LYS C 443 -13.43 51.66 6.94
CA LYS C 443 -14.56 51.23 6.12
C LYS C 443 -14.17 51.17 4.65
N TYR C 444 -13.34 52.10 4.20
CA TYR C 444 -12.86 52.08 2.82
C TYR C 444 -12.03 50.83 2.57
N ILE C 445 -11.13 50.49 3.51
CA ILE C 445 -10.32 49.28 3.37
C ILE C 445 -11.23 48.05 3.34
N ALA C 446 -12.24 48.01 4.20
CA ALA C 446 -13.16 46.87 4.19
C ALA C 446 -13.86 46.76 2.85
N SER C 447 -14.25 47.89 2.27
CA SER C 447 -14.87 47.86 0.95
C SER C 447 -13.90 47.37 -0.12
N LYS C 448 -12.62 47.70 0.00
CA LYS C 448 -11.66 47.36 -1.06
C LYS C 448 -11.08 45.96 -0.97
N THR C 449 -10.96 45.39 0.23
CA THR C 449 -10.31 44.09 0.38
C THR C 449 -11.29 42.95 0.17
N HIS C 450 -11.59 42.65 -1.09
CA HIS C 450 -12.55 41.61 -1.42
C HIS C 450 -11.96 40.22 -1.21
N GLY C 451 -12.78 39.28 -0.77
CA GLY C 451 -12.37 37.90 -0.63
C GLY C 451 -11.54 37.61 0.60
N TYR C 452 -11.26 38.60 1.42
CA TYR C 452 -10.38 38.40 2.57
C TYR C 452 -11.08 37.55 3.62
N VAL C 453 -10.30 36.75 4.33
CA VAL C 453 -10.87 35.73 5.21
C VAL C 453 -10.68 36.02 6.69
N GLY C 454 -9.79 36.93 7.06
CA GLY C 454 -9.55 37.24 8.44
C GLY C 454 -8.08 37.10 8.81
N ALA C 455 -7.44 36.05 8.28
CA ALA C 455 -5.98 35.98 8.38
C ALA C 455 -5.33 36.95 7.40
N ASP C 456 -5.94 37.10 6.22
CA ASP C 456 -5.45 38.07 5.26
C ASP C 456 -5.54 39.48 5.80
N LEU C 457 -6.51 39.76 6.67
CA LEU C 457 -6.62 41.08 7.26
C LEU C 457 -5.51 41.35 8.27
N THR C 458 -5.18 40.35 9.09
CA THR C 458 -4.03 40.47 9.98
C THR C 458 -2.74 40.68 9.18
N ALA C 459 -2.60 39.91 8.09
CA ALA C 459 -1.44 40.09 7.23
C ALA C 459 -1.42 41.49 6.62
N LEU C 460 -2.60 42.03 6.29
CA LEU C 460 -2.68 43.37 5.73
C LEU C 460 -2.21 44.40 6.74
N CYS C 461 -2.63 44.27 7.99
CA CYS C 461 -2.15 45.18 9.03
C CYS C 461 -0.63 45.09 9.18
N ARG C 462 -0.10 43.86 9.21
CA ARG C 462 1.34 43.69 9.34
C ARG C 462 2.09 44.30 8.17
N GLU C 463 1.64 44.03 6.95
CA GLU C 463 2.33 44.53 5.78
C GLU C 463 2.21 46.05 5.67
N SER C 464 1.10 46.62 6.13
CA SER C 464 1.01 48.08 6.19
C SER C 464 2.03 48.63 7.18
N VAL C 465 2.20 47.95 8.31
CA VAL C 465 3.22 48.39 9.27
C VAL C 465 4.60 48.33 8.62
N MET C 466 4.85 47.29 7.82
CA MET C 466 6.17 47.18 7.19
C MET C 466 6.37 48.22 6.11
N LYS C 467 5.31 48.57 5.37
CA LYS C 467 5.38 49.70 4.45
C LYS C 467 5.68 51.00 5.20
N THR C 468 5.10 51.17 6.39
CA THR C 468 5.44 52.33 7.19
C THR C 468 6.92 52.34 7.55
N ILE C 469 7.44 51.20 7.97
CA ILE C 469 8.84 51.12 8.37
C ILE C 469 9.75 51.47 7.19
N GLN C 470 9.48 50.88 6.03
CA GLN C 470 10.33 51.15 4.87
C GLN C 470 10.12 52.56 4.32
N ARG C 471 8.95 53.16 4.53
CA ARG C 471 8.79 54.58 4.22
C ARG C 471 9.70 55.41 5.11
N GLY C 472 9.64 55.18 6.42
CA GLY C 472 10.47 55.92 7.34
C GLY C 472 11.92 55.82 6.95
N LEU C 473 12.37 54.60 6.63
CA LEU C 473 13.73 54.44 6.11
C LEU C 473 13.92 55.24 4.83
N GLY C 474 12.87 55.36 4.01
CA GLY C 474 12.99 56.07 2.75
C GLY C 474 13.32 57.53 2.90
N THR C 475 13.02 58.13 4.05
CA THR C 475 13.33 59.53 4.31
C THR C 475 14.49 59.73 5.28
N ASP C 476 14.78 58.72 6.11
CA ASP C 476 15.88 58.82 7.07
C ASP C 476 16.36 57.41 7.33
N ALA C 477 17.55 57.09 6.83
CA ALA C 477 18.05 55.71 6.89
C ALA C 477 18.29 55.23 8.31
N ASN C 478 18.12 56.07 9.33
CA ASN C 478 18.30 55.67 10.71
C ASN C 478 17.13 56.10 11.60
N ILE C 479 15.93 56.26 11.01
CA ILE C 479 14.81 56.80 11.76
C ILE C 479 14.43 55.85 12.90
N ASP C 480 13.72 56.40 13.88
CA ASP C 480 13.22 55.62 15.00
C ASP C 480 11.98 54.87 14.57
N LYS C 481 12.14 53.57 14.28
CA LYS C 481 11.02 52.80 13.74
C LYS C 481 9.88 52.67 14.74
N PHE C 482 10.15 52.87 16.04
CA PHE C 482 9.09 52.87 17.03
C PHE C 482 8.28 54.17 17.04
N SER C 483 8.66 55.16 16.25
CA SER C 483 8.03 56.47 16.27
C SER C 483 7.16 56.75 15.05
N LEU C 484 6.96 55.77 14.18
CA LEU C 484 6.24 56.01 12.93
C LEU C 484 4.75 55.78 13.11
N LYS C 485 4.00 56.08 12.05
CA LYS C 485 2.56 55.94 12.02
C LYS C 485 2.16 55.31 10.70
N VAL C 486 1.10 54.50 10.72
CA VAL C 486 0.66 53.75 9.55
C VAL C 486 -0.57 54.44 8.97
N THR C 487 -0.36 55.22 7.90
CA THR C 487 -1.42 55.99 7.27
C THR C 487 -2.17 55.12 6.27
N LEU C 488 -3.28 55.65 5.74
CA LEU C 488 -4.05 54.91 4.75
C LEU C 488 -3.24 54.61 3.51
N LYS C 489 -2.29 55.49 3.16
CA LYS C 489 -1.39 55.19 2.05
C LYS C 489 -0.72 53.84 2.26
N ASP C 490 -0.42 53.50 3.52
CA ASP C 490 0.30 52.26 3.79
C ASP C 490 -0.60 51.05 3.63
N VAL C 491 -1.86 51.15 4.07
CA VAL C 491 -2.78 50.04 3.87
C VAL C 491 -3.00 49.80 2.39
N GLU C 492 -3.17 50.89 1.62
CA GLU C 492 -3.30 50.75 0.18
C GLU C 492 -2.05 50.14 -0.44
N SER C 493 -0.87 50.54 0.04
CA SER C 493 0.38 50.01 -0.50
C SER C 493 0.63 48.57 -0.09
N ALA C 494 -0.02 48.11 0.98
CA ALA C 494 0.11 46.71 1.37
C ALA C 494 -0.90 45.83 0.65
N MET C 495 -2.06 46.40 0.28
CA MET C 495 -3.04 45.61 -0.45
C MET C 495 -2.47 45.05 -1.75
N VAL C 496 -1.48 45.72 -2.34
CA VAL C 496 -0.97 45.28 -3.63
C VAL C 496 -0.04 44.08 -3.52
N ASP C 497 0.39 43.73 -2.30
CA ASP C 497 1.27 42.58 -2.09
C ASP C 497 0.61 41.47 -1.31
N ILE C 498 -0.66 41.60 -0.95
CA ILE C 498 -1.41 40.55 -0.26
C ILE C 498 -2.57 40.15 -1.14
N ARG C 499 -2.52 38.95 -1.64
CA ARG C 499 -3.66 38.37 -2.33
C ARG C 499 -4.46 37.51 -1.35
N PRO C 500 -5.77 37.39 -1.54
CA PRO C 500 -6.54 36.50 -0.66
C PRO C 500 -6.01 35.08 -0.69
N SER C 501 -6.05 34.43 0.47
CA SER C 501 -5.59 33.05 0.54
C SER C 501 -6.36 32.16 -0.42
N ALA C 502 -7.59 32.57 -0.77
CA ALA C 502 -8.37 31.82 -1.76
C ALA C 502 -7.71 31.87 -3.13
N MET C 503 -6.99 32.95 -3.44
CA MET C 503 -6.44 33.16 -4.78
C MET C 503 -5.01 32.65 -4.92
N ARG C 504 -4.45 32.03 -3.89
CA ARG C 504 -3.04 31.62 -3.97
C ARG C 504 -2.79 30.64 -5.10
N GLU C 505 -3.77 29.78 -5.39
CA GLU C 505 -3.58 28.74 -6.40
C GLU C 505 -3.67 29.27 -7.81
N ILE C 506 -4.24 30.45 -8.00
CA ILE C 506 -4.54 30.98 -9.32
C ILE C 506 -3.38 31.85 -9.80
N PHE C 507 -2.40 31.23 -10.43
CA PHE C 507 -1.28 31.98 -11.00
C PHE C 507 -1.64 32.48 -12.39
N LEU C 508 -1.91 33.78 -12.50
CA LEU C 508 -2.19 34.44 -13.77
C LEU C 508 -1.25 35.63 -13.87
N GLU C 509 -0.20 35.47 -14.68
CA GLU C 509 0.79 36.53 -14.89
C GLU C 509 0.34 37.36 -16.08
N MET C 510 -0.25 38.50 -15.79
CA MET C 510 -0.85 39.37 -16.79
C MET C 510 -0.17 40.73 -16.80
N PRO C 511 -0.14 41.42 -17.95
CA PRO C 511 0.29 42.81 -17.99
C PRO C 511 -0.74 43.71 -17.35
N LYS C 512 -0.45 45.01 -17.38
CA LYS C 512 -1.38 46.03 -16.85
C LYS C 512 -2.01 46.76 -18.02
N VAL C 513 -3.26 46.41 -18.29
CA VAL C 513 -4.04 47.07 -19.34
C VAL C 513 -5.13 47.90 -18.70
N TYR C 514 -5.20 49.17 -19.10
CA TYR C 514 -6.16 50.12 -18.56
C TYR C 514 -7.29 50.32 -19.56
N TRP C 515 -8.41 50.86 -19.07
CA TRP C 515 -9.48 51.24 -19.99
C TRP C 515 -9.04 52.32 -20.97
N SER C 516 -7.97 53.06 -20.64
CA SER C 516 -7.44 54.04 -21.58
C SER C 516 -6.77 53.40 -22.78
N ASP C 517 -6.34 52.15 -22.66
CA ASP C 517 -5.72 51.46 -23.79
C ASP C 517 -6.74 51.04 -24.83
N ILE C 518 -7.97 50.75 -24.42
CA ILE C 518 -8.99 50.27 -25.34
C ILE C 518 -9.60 51.48 -26.04
N GLY C 519 -9.35 51.60 -27.35
CA GLY C 519 -9.96 52.66 -28.12
C GLY C 519 -11.40 52.33 -28.44
N GLY C 520 -12.25 53.35 -28.42
CA GLY C 520 -13.67 53.11 -28.67
C GLY C 520 -14.25 52.21 -27.59
N GLN C 521 -15.26 51.43 -27.97
CA GLN C 521 -15.90 50.49 -27.07
C GLN C 521 -16.50 51.19 -25.86
N GLU C 522 -16.99 52.42 -26.05
CA GLU C 522 -17.58 53.15 -24.92
C GLU C 522 -18.83 52.46 -24.41
N GLU C 523 -19.68 51.96 -25.30
CA GLU C 523 -20.86 51.24 -24.88
C GLU C 523 -20.49 49.99 -24.10
N LEU C 524 -19.48 49.26 -24.57
CA LEU C 524 -19.03 48.07 -23.86
C LEU C 524 -18.48 48.44 -22.49
N LYS C 525 -17.72 49.53 -22.40
CA LYS C 525 -17.18 49.95 -21.11
C LYS C 525 -18.32 50.30 -20.14
N THR C 526 -19.32 51.03 -20.61
CA THR C 526 -20.45 51.38 -19.74
C THR C 526 -21.18 50.13 -19.29
N LYS C 527 -21.45 49.21 -20.21
CA LYS C 527 -22.17 48.00 -19.86
C LYS C 527 -21.38 47.13 -18.90
N MET C 528 -20.05 47.10 -19.03
CA MET C 528 -19.24 46.30 -18.12
C MET C 528 -19.13 46.96 -16.76
N LYS C 529 -19.09 48.29 -16.71
CA LYS C 529 -19.13 48.97 -15.42
C LYS C 529 -20.43 48.67 -14.70
N GLU C 530 -21.55 48.73 -15.41
CA GLU C 530 -22.85 48.47 -14.81
C GLU C 530 -22.88 47.13 -14.08
N MET C 531 -22.08 46.17 -14.53
CA MET C 531 -22.03 44.84 -13.92
C MET C 531 -20.93 44.70 -12.89
N ILE C 532 -19.78 45.32 -13.11
CA ILE C 532 -18.61 45.05 -12.29
C ILE C 532 -18.56 45.96 -11.07
N GLN C 533 -18.85 47.26 -11.23
CA GLN C 533 -18.61 48.21 -10.16
C GLN C 533 -19.91 48.77 -9.56
N LEU C 534 -20.93 48.97 -10.38
CA LEU C 534 -22.19 49.50 -9.86
C LEU C 534 -22.83 48.62 -8.80
N PRO C 535 -22.90 47.29 -8.94
CA PRO C 535 -23.46 46.48 -7.86
C PRO C 535 -22.77 46.67 -6.53
N LEU C 536 -21.48 47.04 -6.53
CA LEU C 536 -20.72 47.20 -5.30
C LEU C 536 -20.74 48.63 -4.77
N GLU C 537 -20.89 49.62 -5.64
CA GLU C 537 -20.98 51.01 -5.19
C GLU C 537 -22.41 51.37 -4.81
N ALA C 538 -23.38 50.94 -5.61
CA ALA C 538 -24.79 51.23 -5.40
C ALA C 538 -25.53 50.06 -4.75
N SER C 539 -24.87 49.33 -3.85
CA SER C 539 -25.47 48.14 -3.27
C SER C 539 -26.77 48.48 -2.53
N GLU C 540 -26.78 49.57 -1.78
CA GLU C 540 -27.98 49.94 -1.03
C GLU C 540 -29.15 50.24 -1.97
N THR C 541 -28.87 50.83 -3.13
CA THR C 541 -29.96 51.14 -4.06
C THR C 541 -30.55 49.87 -4.66
N PHE C 542 -29.71 48.89 -4.99
CA PHE C 542 -30.21 47.61 -5.46
C PHE C 542 -31.02 46.91 -4.37
N ALA C 543 -30.53 46.94 -3.14
CA ALA C 543 -31.29 46.34 -2.04
C ALA C 543 -32.64 47.03 -1.88
N ARG C 544 -32.67 48.36 -2.08
CA ARG C 544 -33.92 49.09 -1.96
C ARG C 544 -34.90 48.71 -3.07
N LEU C 545 -34.45 48.71 -4.32
CA LEU C 545 -35.32 48.34 -5.42
C LEU C 545 -35.58 46.84 -5.49
N GLY C 546 -34.81 46.03 -4.78
CA GLY C 546 -35.08 44.61 -4.71
C GLY C 546 -34.61 43.79 -5.87
N ILE C 547 -33.67 44.30 -6.66
CA ILE C 547 -33.22 43.67 -7.89
C ILE C 547 -31.71 43.54 -7.87
N SER C 548 -31.21 42.37 -8.29
CA SER C 548 -29.78 42.16 -8.42
C SER C 548 -29.37 42.29 -9.89
N ALA C 549 -28.13 42.75 -10.09
CA ALA C 549 -27.66 43.01 -11.45
C ALA C 549 -27.46 41.70 -12.21
N PRO C 550 -27.53 41.73 -13.54
CA PRO C 550 -27.25 40.53 -14.32
C PRO C 550 -25.83 40.02 -14.09
N LYS C 551 -25.65 38.71 -14.23
CA LYS C 551 -24.44 38.04 -13.82
C LYS C 551 -23.59 37.56 -14.98
N GLY C 552 -23.95 37.87 -16.22
CA GLY C 552 -23.21 37.32 -17.36
C GLY C 552 -23.25 38.21 -18.57
N VAL C 553 -22.15 38.18 -19.33
CA VAL C 553 -22.05 38.81 -20.64
C VAL C 553 -21.34 37.86 -21.59
N LEU C 554 -21.82 37.81 -22.83
CA LEU C 554 -21.15 37.08 -23.90
C LEU C 554 -20.60 38.10 -24.90
N LEU C 555 -19.28 38.22 -24.97
CA LEU C 555 -18.63 39.06 -25.95
C LEU C 555 -18.40 38.25 -27.22
N TYR C 556 -18.90 38.75 -28.34
CA TYR C 556 -18.78 38.04 -29.61
C TYR C 556 -18.47 39.03 -30.72
N GLY C 557 -17.58 38.62 -31.61
CA GLY C 557 -17.14 39.48 -32.68
C GLY C 557 -16.01 38.85 -33.48
N PRO C 558 -15.54 39.55 -34.50
CA PRO C 558 -14.51 39.00 -35.37
C PRO C 558 -13.16 39.01 -34.69
N PRO C 559 -12.18 38.33 -35.27
CA PRO C 559 -10.84 38.31 -34.67
C PRO C 559 -10.25 39.71 -34.56
N GLY C 560 -9.49 39.93 -33.48
CA GLY C 560 -8.72 41.13 -33.34
C GLY C 560 -9.48 42.36 -32.88
N CYS C 561 -10.64 42.18 -32.24
CA CYS C 561 -11.42 43.32 -31.75
C CYS C 561 -11.80 43.10 -30.28
N SER C 562 -10.87 43.43 -29.38
CA SER C 562 -11.11 43.86 -28.00
C SER C 562 -11.62 42.79 -27.04
N LYS C 563 -11.92 41.57 -27.48
CA LYS C 563 -12.54 40.60 -26.57
C LYS C 563 -11.62 40.28 -25.39
N THR C 564 -10.50 39.62 -25.65
CA THR C 564 -9.59 39.26 -24.56
C THR C 564 -8.96 40.50 -23.94
N LEU C 565 -8.82 41.57 -24.72
CA LEU C 565 -8.29 42.82 -24.20
C LEU C 565 -9.19 43.35 -23.08
N THR C 566 -10.50 43.21 -23.25
CA THR C 566 -11.43 43.57 -22.16
C THR C 566 -11.24 42.68 -20.95
N ALA C 567 -10.89 41.40 -21.17
CA ALA C 567 -10.58 40.52 -20.04
C ALA C 567 -9.41 41.06 -19.25
N LYS C 568 -8.33 41.44 -19.94
CA LYS C 568 -7.19 42.01 -19.23
C LYS C 568 -7.56 43.32 -18.55
N ALA C 569 -8.35 44.16 -19.21
CA ALA C 569 -8.76 45.42 -18.61
C ALA C 569 -9.52 45.19 -17.32
N LEU C 570 -10.43 44.22 -17.31
CA LEU C 570 -11.14 43.86 -16.09
C LEU C 570 -10.17 43.34 -15.04
N ALA C 571 -9.22 42.50 -15.45
CA ALA C 571 -8.24 41.98 -14.51
C ALA C 571 -7.40 43.07 -13.88
N THR C 572 -7.31 44.24 -14.53
CA THR C 572 -6.56 45.37 -14.00
C THR C 572 -7.45 46.39 -13.30
N GLU C 573 -8.53 46.81 -13.94
CA GLU C 573 -9.34 47.91 -13.45
C GLU C 573 -10.51 47.49 -12.56
N SER C 574 -10.98 46.25 -12.66
CA SER C 574 -12.22 45.88 -11.99
C SER C 574 -12.13 46.03 -10.48
N GLY C 575 -10.99 45.69 -9.88
CA GLY C 575 -10.86 45.73 -8.45
C GLY C 575 -11.30 44.43 -7.79
N ILE C 576 -12.36 43.84 -8.32
CA ILE C 576 -12.83 42.56 -7.80
C ILE C 576 -11.98 41.43 -8.38
N ASN C 577 -11.98 40.29 -7.68
CA ASN C 577 -11.06 39.20 -7.99
C ASN C 577 -11.34 38.66 -9.39
N PHE C 578 -10.28 38.23 -10.07
CA PHE C 578 -10.36 37.76 -11.45
C PHE C 578 -9.87 36.32 -11.56
N LEU C 579 -10.72 35.46 -12.11
CA LEU C 579 -10.35 34.10 -12.49
C LEU C 579 -10.55 33.95 -14.00
N ALA C 580 -9.76 33.07 -14.60
CA ALA C 580 -9.85 32.85 -16.03
C ALA C 580 -9.60 31.39 -16.35
N VAL C 581 -10.38 30.86 -17.27
CA VAL C 581 -10.16 29.53 -17.85
C VAL C 581 -9.99 29.71 -19.35
N LYS C 582 -8.91 29.17 -19.90
CA LYS C 582 -8.56 29.41 -21.28
C LYS C 582 -9.14 28.34 -22.20
N GLY C 583 -10.47 28.31 -22.30
CA GLY C 583 -11.16 27.43 -23.22
C GLY C 583 -10.99 25.96 -22.86
N PRO C 584 -10.46 25.16 -23.79
CA PRO C 584 -10.39 23.71 -23.56
C PRO C 584 -9.33 23.31 -22.56
N GLU C 585 -8.75 24.29 -21.85
CA GLU C 585 -7.77 24.00 -20.82
C GLU C 585 -8.25 22.91 -19.86
N ILE C 586 -9.57 22.86 -19.60
CA ILE C 586 -10.09 22.00 -18.56
C ILE C 586 -10.10 20.53 -18.95
N PHE C 587 -10.09 20.23 -20.24
CA PHE C 587 -10.38 18.87 -20.68
C PHE C 587 -9.32 17.89 -20.20
N ASN C 588 -9.75 16.66 -19.95
CA ASN C 588 -8.91 15.61 -19.42
C ASN C 588 -9.38 14.28 -19.97
N LYS C 589 -8.44 13.37 -20.18
CA LYS C 589 -8.77 12.09 -20.80
C LYS C 589 -9.65 11.24 -19.90
N TYR C 590 -9.68 11.51 -18.60
CA TYR C 590 -10.37 10.66 -17.65
C TYR C 590 -11.85 11.02 -17.56
N VAL C 591 -12.64 10.09 -17.04
CA VAL C 591 -14.09 10.15 -17.19
C VAL C 591 -14.72 11.31 -16.44
N GLY C 592 -14.20 11.68 -15.27
CA GLY C 592 -14.88 12.64 -14.43
C GLY C 592 -14.08 13.87 -14.06
N GLU C 593 -12.93 14.09 -14.71
CA GLU C 593 -12.05 15.16 -14.30
C GLU C 593 -12.38 16.49 -14.98
N SER C 594 -12.81 16.46 -16.25
CA SER C 594 -13.12 17.70 -16.94
C SER C 594 -14.26 18.46 -16.27
N GLU C 595 -15.21 17.75 -15.67
CA GLU C 595 -16.28 18.42 -14.93
C GLU C 595 -15.78 18.92 -13.57
N ARG C 596 -14.89 18.15 -12.95
CA ARG C 596 -14.32 18.58 -11.68
C ARG C 596 -13.56 19.88 -11.83
N ALA C 597 -12.91 20.10 -12.99
CA ALA C 597 -12.24 21.38 -13.22
C ALA C 597 -13.22 22.54 -13.18
N ILE C 598 -14.39 22.39 -13.83
CA ILE C 598 -15.40 23.42 -13.80
C ILE C 598 -15.88 23.65 -12.37
N ARG C 599 -16.19 22.57 -11.66
CA ARG C 599 -16.72 22.72 -10.30
C ARG C 599 -15.69 23.38 -9.40
N GLU C 600 -14.40 23.07 -9.59
CA GLU C 600 -13.36 23.62 -8.74
C GLU C 600 -13.11 25.09 -9.04
N ILE C 601 -13.12 25.49 -10.32
CA ILE C 601 -12.96 26.91 -10.63
C ILE C 601 -14.14 27.70 -10.08
N PHE C 602 -15.36 27.16 -10.20
CA PHE C 602 -16.50 27.88 -9.65
C PHE C 602 -16.47 27.91 -8.13
N ARG C 603 -15.95 26.86 -7.49
CA ARG C 603 -15.76 26.91 -6.05
C ARG C 603 -14.80 28.02 -5.66
N LYS C 604 -13.66 28.09 -6.35
CA LYS C 604 -12.67 29.13 -6.04
C LYS C 604 -13.23 30.52 -6.30
N ALA C 605 -14.16 30.64 -7.26
CA ALA C 605 -14.81 31.92 -7.48
C ALA C 605 -15.80 32.24 -6.37
N ARG C 606 -16.58 31.25 -5.94
CA ARG C 606 -17.49 31.44 -4.81
C ARG C 606 -16.73 31.95 -3.59
N SER C 607 -15.57 31.35 -3.32
CA SER C 607 -14.79 31.75 -2.14
C SER C 607 -14.36 33.21 -2.25
N ALA C 608 -13.83 33.60 -3.41
CA ALA C 608 -13.29 34.94 -3.61
C ALA C 608 -14.34 35.95 -4.04
N ALA C 609 -15.63 35.67 -3.86
CA ALA C 609 -16.66 36.58 -4.34
C ALA C 609 -16.58 37.91 -3.60
N PRO C 610 -16.86 39.04 -4.29
CA PRO C 610 -17.21 39.20 -5.70
C PRO C 610 -16.07 38.86 -6.64
N SER C 611 -16.37 38.24 -7.77
CA SER C 611 -15.35 37.66 -8.63
C SER C 611 -15.79 37.69 -10.07
N ILE C 612 -14.81 37.65 -10.98
CA ILE C 612 -15.04 37.57 -12.41
C ILE C 612 -14.39 36.29 -12.93
N ILE C 613 -15.16 35.51 -13.67
CA ILE C 613 -14.64 34.32 -14.36
C ILE C 613 -14.72 34.61 -15.85
N PHE C 614 -13.57 34.57 -16.53
CA PHE C 614 -13.50 34.81 -17.96
C PHE C 614 -13.37 33.48 -18.69
N PHE C 615 -14.39 33.14 -19.47
CA PHE C 615 -14.39 31.93 -20.29
C PHE C 615 -13.97 32.34 -21.69
N ASP C 616 -12.72 32.11 -22.04
CA ASP C 616 -12.21 32.52 -23.33
C ASP C 616 -12.57 31.47 -24.37
N GLU C 617 -13.18 31.92 -25.46
CA GLU C 617 -13.68 31.03 -26.51
C GLU C 617 -14.51 29.90 -25.89
N ILE C 618 -15.63 30.32 -25.30
CA ILE C 618 -16.49 29.43 -24.53
C ILE C 618 -17.06 28.31 -25.38
N ASP C 619 -17.20 28.52 -26.69
CA ASP C 619 -17.83 27.50 -27.53
C ASP C 619 -17.08 26.18 -27.47
N ALA C 620 -15.81 26.18 -27.08
CA ALA C 620 -15.10 24.93 -26.87
C ALA C 620 -15.74 24.11 -25.75
N LEU C 621 -16.39 24.77 -24.79
CA LEU C 621 -17.04 24.08 -23.69
C LEU C 621 -18.52 23.79 -23.92
N SER C 622 -19.14 24.44 -24.91
CA SER C 622 -20.59 24.43 -25.06
C SER C 622 -21.00 24.09 -26.49
N PRO C 623 -20.92 22.81 -26.87
CA PRO C 623 -21.61 22.37 -28.07
C PRO C 623 -23.11 22.61 -27.96
N ASP C 624 -23.80 22.43 -29.08
CA ASP C 624 -25.21 22.81 -29.16
C ASP C 624 -26.17 21.67 -28.80
N ARG C 625 -25.66 20.51 -28.39
CA ARG C 625 -26.52 19.38 -28.02
C ARG C 625 -27.50 19.03 -29.13
N ASP C 626 -27.06 19.16 -30.38
CA ASP C 626 -27.90 18.81 -31.51
C ASP C 626 -27.76 17.36 -31.94
N GLY C 627 -26.88 16.60 -31.28
CA GLY C 627 -26.69 15.19 -31.60
C GLY C 627 -25.25 14.75 -31.56
N SER C 628 -24.33 15.68 -31.27
CA SER C 628 -22.92 15.34 -31.24
C SER C 628 -22.63 14.26 -30.19
N SER C 629 -21.74 13.34 -30.53
CA SER C 629 -21.38 12.24 -29.66
C SER C 629 -20.24 12.57 -28.70
N THR C 630 -19.78 13.82 -28.66
CA THR C 630 -18.67 14.22 -27.79
C THR C 630 -19.16 14.26 -26.35
N SER C 631 -19.01 13.13 -25.67
CA SER C 631 -19.58 12.98 -24.33
C SER C 631 -18.92 13.92 -23.33
N ALA C 632 -17.60 14.03 -23.36
CA ALA C 632 -16.90 14.88 -22.40
C ALA C 632 -17.34 16.33 -22.55
N ALA C 633 -17.48 16.81 -23.79
CA ALA C 633 -17.94 18.18 -24.01
C ALA C 633 -19.34 18.38 -23.47
N ASN C 634 -20.23 17.41 -23.67
CA ASN C 634 -21.59 17.54 -23.18
C ASN C 634 -21.64 17.57 -21.66
N HIS C 635 -20.84 16.73 -21.00
CA HIS C 635 -20.81 16.75 -19.54
C HIS C 635 -20.18 18.03 -19.01
N VAL C 636 -19.17 18.56 -19.69
CA VAL C 636 -18.63 19.87 -19.30
C VAL C 636 -19.70 20.93 -19.42
N LEU C 637 -20.47 20.90 -20.52
CA LEU C 637 -21.54 21.88 -20.71
C LEU C 637 -22.58 21.77 -19.60
N THR C 638 -22.96 20.54 -19.24
CA THR C 638 -23.98 20.36 -18.22
C THR C 638 -23.46 20.83 -16.86
N SER C 639 -22.20 20.55 -16.54
CA SER C 639 -21.64 21.04 -15.29
C SER C 639 -21.61 22.56 -15.27
N LEU C 640 -21.21 23.18 -16.37
CA LEU C 640 -21.17 24.63 -16.45
C LEU C 640 -22.58 25.22 -16.27
N LEU C 641 -23.57 24.61 -16.92
CA LEU C 641 -24.94 25.07 -16.79
C LEU C 641 -25.42 24.98 -15.35
N ASN C 642 -25.27 23.79 -14.74
CA ASN C 642 -25.79 23.58 -13.39
C ASN C 642 -24.98 24.31 -12.34
N GLU C 643 -23.81 24.84 -12.68
CA GLU C 643 -23.02 25.61 -11.73
C GLU C 643 -23.14 27.11 -11.92
N ILE C 644 -23.58 27.58 -13.09
CA ILE C 644 -23.91 29.00 -13.22
C ILE C 644 -25.28 29.27 -12.61
N ASP C 645 -26.27 28.45 -12.93
CA ASP C 645 -27.63 28.63 -12.43
C ASP C 645 -28.24 27.25 -12.26
N GLY C 646 -28.18 26.72 -11.04
CA GLY C 646 -28.66 25.39 -10.75
C GLY C 646 -29.39 25.30 -9.44
N VAL C 647 -29.40 24.12 -8.83
CA VAL C 647 -30.12 23.94 -7.56
C VAL C 647 -29.53 24.82 -6.48
N GLU C 648 -28.24 25.13 -6.57
CA GLU C 648 -27.58 26.08 -5.68
C GLU C 648 -27.30 27.36 -6.43
N GLU C 649 -27.71 28.49 -5.87
CA GLU C 649 -27.52 29.77 -6.52
C GLU C 649 -26.05 30.19 -6.47
N LEU C 650 -25.67 31.05 -7.42
CA LEU C 650 -24.33 31.59 -7.53
C LEU C 650 -24.43 33.08 -7.27
N LYS C 651 -23.93 33.53 -6.11
CA LYS C 651 -24.31 34.83 -5.56
C LYS C 651 -23.50 35.98 -6.16
N GLY C 652 -22.20 36.01 -5.88
CA GLY C 652 -21.38 37.16 -6.15
C GLY C 652 -20.49 37.09 -7.37
N VAL C 653 -20.60 36.05 -8.19
CA VAL C 653 -19.70 35.84 -9.33
C VAL C 653 -20.36 36.40 -10.59
N VAL C 654 -19.56 37.06 -11.41
CA VAL C 654 -20.00 37.58 -12.71
C VAL C 654 -19.21 36.86 -13.79
N ILE C 655 -19.94 36.27 -14.75
CA ILE C 655 -19.34 35.40 -15.75
C ILE C 655 -19.19 36.19 -17.05
N VAL C 656 -17.96 36.23 -17.57
CA VAL C 656 -17.67 36.85 -18.86
C VAL C 656 -17.18 35.74 -19.79
N ALA C 657 -17.75 35.68 -20.99
CA ALA C 657 -17.38 34.67 -21.97
C ALA C 657 -17.24 35.33 -23.33
N ALA C 658 -16.14 35.01 -24.01
CA ALA C 658 -15.87 35.55 -25.33
C ALA C 658 -15.85 34.41 -26.35
N THR C 659 -16.43 34.66 -27.53
CA THR C 659 -16.49 33.64 -28.56
C THR C 659 -16.36 34.29 -29.93
N ASN C 660 -15.78 33.56 -30.87
CA ASN C 660 -15.73 33.97 -32.26
C ASN C 660 -16.94 33.49 -33.05
N ARG C 661 -17.59 32.42 -32.60
CA ARG C 661 -18.65 31.75 -33.35
C ARG C 661 -19.86 31.59 -32.43
N PRO C 662 -20.60 32.68 -32.23
CA PRO C 662 -21.60 32.69 -31.14
C PRO C 662 -22.84 31.85 -31.42
N ASP C 663 -23.12 31.47 -32.66
CA ASP C 663 -24.30 30.65 -32.91
C ASP C 663 -24.08 29.18 -32.57
N GLU C 664 -22.85 28.78 -32.25
CA GLU C 664 -22.57 27.41 -31.88
C GLU C 664 -22.77 27.15 -30.40
N ILE C 665 -23.04 28.19 -29.61
CA ILE C 665 -23.24 28.03 -28.17
C ILE C 665 -24.65 27.56 -27.89
N ASP C 666 -24.81 26.74 -26.86
CA ASP C 666 -26.11 26.20 -26.50
C ASP C 666 -27.06 27.30 -26.08
N ALA C 667 -28.36 27.09 -26.35
CA ALA C 667 -29.37 28.05 -25.93
C ALA C 667 -29.45 28.14 -24.41
N ALA C 668 -29.37 27.00 -23.72
CA ALA C 668 -29.47 27.03 -22.26
C ALA C 668 -28.37 27.88 -21.64
N LEU C 669 -27.19 27.93 -22.25
CA LEU C 669 -26.10 28.74 -21.73
C LEU C 669 -26.34 30.22 -21.99
N LEU C 670 -26.87 30.56 -23.17
CA LEU C 670 -27.14 31.95 -23.52
C LEU C 670 -28.40 32.49 -22.88
N ARG C 671 -29.09 31.69 -22.09
CA ARG C 671 -30.33 32.11 -21.48
C ARG C 671 -30.07 33.25 -20.49
N PRO C 672 -31.06 34.11 -20.25
CA PRO C 672 -30.96 35.03 -19.13
C PRO C 672 -30.76 34.26 -17.83
N GLY C 673 -29.93 34.81 -16.96
CA GLY C 673 -29.53 34.15 -15.74
C GLY C 673 -28.20 33.43 -15.81
N ARG C 674 -27.71 33.09 -17.01
CA ARG C 674 -26.39 32.51 -17.12
C ARG C 674 -25.46 33.43 -17.89
N LEU C 675 -25.80 33.73 -19.14
CA LEU C 675 -25.13 34.77 -19.91
C LEU C 675 -26.21 35.78 -20.31
N ASP C 676 -26.46 36.72 -19.39
CA ASP C 676 -27.65 37.56 -19.50
C ASP C 676 -27.66 38.37 -20.79
N ARG C 677 -26.68 39.26 -20.96
CA ARG C 677 -26.70 40.24 -22.04
C ARG C 677 -25.56 39.96 -23.02
N HIS C 678 -25.86 40.07 -24.31
CA HIS C 678 -24.91 39.79 -25.37
C HIS C 678 -24.42 41.11 -25.95
N ILE C 679 -23.11 41.33 -25.92
CA ILE C 679 -22.52 42.61 -26.33
C ILE C 679 -21.64 42.36 -27.54
N TYR C 680 -21.87 43.13 -28.61
CA TYR C 680 -21.11 42.99 -29.85
C TYR C 680 -19.90 43.90 -29.81
N VAL C 681 -18.72 43.31 -29.99
CA VAL C 681 -17.47 44.06 -30.06
C VAL C 681 -16.95 43.98 -31.50
N GLY C 682 -17.25 45.00 -32.30
CA GLY C 682 -16.96 44.98 -33.71
C GLY C 682 -15.73 45.78 -34.09
N PRO C 683 -15.42 45.83 -35.38
CA PRO C 683 -14.24 46.57 -35.83
C PRO C 683 -14.33 48.03 -35.43
N PRO C 684 -13.20 48.64 -35.03
CA PRO C 684 -13.26 50.02 -34.57
C PRO C 684 -13.70 50.97 -35.68
N ASP C 685 -14.46 52.00 -35.29
CA ASP C 685 -14.82 53.06 -36.21
C ASP C 685 -13.67 54.10 -36.27
N VAL C 686 -13.95 55.24 -36.89
CA VAL C 686 -12.88 56.20 -37.18
C VAL C 686 -12.24 56.68 -35.89
N ASN C 687 -13.08 57.04 -34.91
CA ASN C 687 -12.55 57.57 -33.67
C ASN C 687 -11.76 56.51 -32.91
N ALA C 688 -12.23 55.26 -32.92
CA ALA C 688 -11.50 54.20 -32.23
C ALA C 688 -10.16 53.92 -32.89
N ARG C 689 -10.13 53.84 -34.21
CA ARG C 689 -8.86 53.74 -34.92
C ARG C 689 -7.93 54.88 -34.53
N LEU C 690 -8.45 56.10 -34.51
CA LEU C 690 -7.61 57.26 -34.25
C LEU C 690 -7.04 57.20 -32.84
N GLU C 691 -7.83 56.76 -31.87
CA GLU C 691 -7.32 56.60 -30.51
C GLU C 691 -6.24 55.53 -30.46
N ILE C 692 -6.45 54.41 -31.15
CA ILE C 692 -5.42 53.38 -31.20
C ILE C 692 -4.13 53.95 -31.75
N LEU C 693 -4.22 54.71 -32.83
CA LEU C 693 -3.03 55.26 -33.47
C LEU C 693 -2.33 56.26 -32.57
N LYS C 694 -3.10 57.13 -31.91
CA LYS C 694 -2.49 58.12 -31.02
C LYS C 694 -1.79 57.43 -29.86
N LYS C 695 -2.38 56.36 -29.33
CA LYS C 695 -1.71 55.66 -28.23
C LYS C 695 -0.46 54.94 -28.71
N CYS C 696 -0.54 54.28 -29.86
CA CYS C 696 0.57 53.46 -30.33
C CYS C 696 1.70 54.31 -30.90
N THR C 697 1.37 55.43 -31.53
CA THR C 697 2.35 56.29 -32.17
C THR C 697 2.81 57.42 -31.27
N LYS C 698 2.62 57.31 -29.96
CA LYS C 698 2.97 58.39 -29.05
C LYS C 698 4.48 58.63 -29.03
N LYS C 699 5.27 57.56 -28.97
CA LYS C 699 6.72 57.70 -28.87
C LYS C 699 7.41 57.84 -30.22
N PHE C 700 6.70 57.62 -31.32
CA PHE C 700 7.11 58.24 -32.57
C PHE C 700 6.93 59.74 -32.42
N ASN C 701 7.97 60.51 -32.75
CA ASN C 701 7.85 61.97 -32.69
C ASN C 701 7.06 62.43 -33.91
N THR C 702 5.82 61.92 -33.97
CA THR C 702 4.94 62.20 -35.09
C THR C 702 4.65 63.68 -35.24
N GLU C 703 4.73 64.44 -34.14
CA GLU C 703 4.40 65.85 -34.18
C GLU C 703 5.39 66.67 -35.01
N GLU C 704 6.53 66.10 -35.38
CA GLU C 704 7.52 66.83 -36.17
C GLU C 704 7.02 67.10 -37.58
N SER C 705 6.79 66.04 -38.35
CA SER C 705 6.43 66.21 -39.76
C SER C 705 6.18 64.83 -40.36
N GLY C 706 5.68 64.84 -41.60
CA GLY C 706 5.51 63.63 -42.37
C GLY C 706 4.14 63.00 -42.25
N VAL C 707 3.84 62.44 -41.08
CA VAL C 707 2.63 61.64 -40.93
C VAL C 707 1.52 62.49 -40.30
N ASP C 708 0.27 62.09 -40.58
CA ASP C 708 -0.91 62.80 -40.10
C ASP C 708 -1.96 61.74 -39.75
N LEU C 709 -2.26 61.62 -38.46
CA LEU C 709 -3.03 60.47 -37.98
C LEU C 709 -4.47 60.45 -38.46
N HIS C 710 -5.06 61.61 -38.76
CA HIS C 710 -6.46 61.61 -39.22
C HIS C 710 -6.57 60.98 -40.59
N GLU C 711 -5.67 61.34 -41.50
CA GLU C 711 -5.66 60.73 -42.83
C GLU C 711 -5.50 59.21 -42.71
N LEU C 712 -4.61 58.76 -41.83
CA LEU C 712 -4.44 57.33 -41.63
C LEU C 712 -5.71 56.69 -41.11
N ALA C 713 -6.32 57.29 -40.09
CA ALA C 713 -7.54 56.72 -39.51
C ALA C 713 -8.60 56.54 -40.58
N ASP C 714 -8.73 57.53 -41.47
CA ASP C 714 -9.67 57.37 -42.58
C ASP C 714 -9.20 56.30 -43.56
N ARG C 715 -7.88 56.16 -43.76
CA ARG C 715 -7.36 55.23 -44.75
C ARG C 715 -7.61 53.78 -44.36
N THR C 716 -7.62 53.47 -43.07
CA THR C 716 -7.62 52.09 -42.59
C THR C 716 -9.01 51.53 -42.35
N GLU C 717 -9.99 51.88 -43.18
CA GLU C 717 -11.35 51.42 -42.98
C GLU C 717 -11.44 49.92 -43.16
N GLY C 718 -12.15 49.25 -42.25
CA GLY C 718 -12.24 47.81 -42.22
C GLY C 718 -11.16 47.13 -41.42
N TYR C 719 -10.16 47.87 -40.93
CA TYR C 719 -9.10 47.28 -40.14
C TYR C 719 -9.61 46.87 -38.77
N SER C 720 -9.26 45.67 -38.34
CA SER C 720 -9.35 45.34 -36.93
C SER C 720 -8.30 46.14 -36.16
N GLY C 721 -8.53 46.30 -34.86
CA GLY C 721 -7.58 47.05 -34.06
C GLY C 721 -6.18 46.46 -34.11
N ALA C 722 -6.08 45.13 -34.14
CA ALA C 722 -4.79 44.49 -34.25
C ALA C 722 -4.08 44.87 -35.53
N GLU C 723 -4.83 45.12 -36.61
CA GLU C 723 -4.19 45.54 -37.86
C GLU C 723 -3.63 46.95 -37.75
N VAL C 724 -4.31 47.84 -37.02
CA VAL C 724 -3.77 49.17 -36.78
C VAL C 724 -2.49 49.08 -35.95
N VAL C 725 -2.51 48.27 -34.90
CA VAL C 725 -1.32 48.07 -34.09
C VAL C 725 -0.18 47.51 -34.94
N LEU C 726 -0.50 46.57 -35.84
CA LEU C 726 0.51 46.01 -36.72
C LEU C 726 1.05 47.05 -37.68
N LEU C 727 0.18 47.93 -38.20
CA LEU C 727 0.65 49.01 -39.04
C LEU C 727 1.69 49.84 -38.31
N CYS C 728 1.40 50.21 -37.07
CA CYS C 728 2.37 51.00 -36.31
C CYS C 728 3.65 50.22 -36.06
N GLN C 729 3.54 48.94 -35.70
CA GLN C 729 4.73 48.16 -35.40
C GLN C 729 5.63 48.03 -36.63
N GLU C 730 5.04 47.69 -37.77
CA GLU C 730 5.82 47.50 -38.97
C GLU C 730 6.41 48.82 -39.47
N ALA C 731 5.70 49.93 -39.24
CA ALA C 731 6.27 51.21 -39.62
C ALA C 731 7.47 51.57 -38.76
N GLY C 732 7.38 51.37 -37.45
CA GLY C 732 8.54 51.59 -36.60
C GLY C 732 9.70 50.70 -36.97
N LEU C 733 9.40 49.45 -37.32
CA LEU C 733 10.44 48.51 -37.73
C LEU C 733 11.12 48.96 -39.03
N ALA C 734 10.33 49.44 -40.00
CA ALA C 734 10.93 49.95 -41.23
C ALA C 734 11.78 51.17 -40.97
N ALA C 735 11.34 52.05 -40.07
CA ALA C 735 12.14 53.21 -39.71
C ALA C 735 13.46 52.79 -39.09
N ILE C 736 13.43 51.78 -38.23
CA ILE C 736 14.67 51.25 -37.66
C ILE C 736 15.58 50.71 -38.76
N MET C 737 14.99 50.09 -39.79
CA MET C 737 15.79 49.62 -40.90
C MET C 737 16.44 50.73 -41.72
N GLU C 738 15.74 51.84 -41.95
CA GLU C 738 16.38 52.90 -42.73
C GLU C 738 17.56 53.50 -41.96
N ASP C 739 17.49 53.48 -40.64
CA ASP C 739 18.60 53.86 -39.78
C ASP C 739 18.21 53.55 -38.34
N LEU C 740 19.21 53.32 -37.49
CA LEU C 740 18.94 53.11 -36.08
C LEU C 740 18.77 54.44 -35.36
N ASP C 741 17.89 55.29 -35.89
CA ASP C 741 17.53 56.52 -35.22
C ASP C 741 16.52 56.24 -34.11
N VAL C 742 16.25 57.28 -33.31
CA VAL C 742 15.21 57.21 -32.29
C VAL C 742 14.32 58.43 -32.45
N ALA C 743 14.48 59.13 -33.58
CA ALA C 743 13.89 60.45 -33.72
C ALA C 743 12.42 60.40 -34.15
N LYS C 744 12.15 59.87 -35.34
CA LYS C 744 10.84 60.06 -35.95
C LYS C 744 10.63 59.07 -37.10
N VAL C 745 9.37 58.68 -37.26
CA VAL C 745 8.92 57.93 -38.43
C VAL C 745 8.47 58.91 -39.50
N GLU C 746 8.23 58.41 -40.72
CA GLU C 746 7.85 59.26 -41.84
C GLU C 746 6.71 58.59 -42.60
N LEU C 747 6.00 59.41 -43.38
CA LEU C 747 4.85 58.90 -44.12
C LEU C 747 5.24 57.79 -45.09
N ARG C 748 6.50 57.77 -45.54
CA ARG C 748 6.96 56.67 -46.37
C ARG C 748 6.84 55.35 -45.63
N HIS C 749 7.22 55.35 -44.35
CA HIS C 749 7.13 54.13 -43.55
C HIS C 749 5.69 53.66 -43.40
N PHE C 750 4.76 54.57 -43.12
CA PHE C 750 3.36 54.19 -43.00
C PHE C 750 2.79 53.71 -44.33
N GLU C 751 3.18 54.33 -45.44
CA GLU C 751 2.70 53.84 -46.73
C GLU C 751 3.21 52.43 -47.00
N LYS C 752 4.50 52.18 -46.73
CA LYS C 752 5.05 50.85 -46.92
C LYS C 752 4.34 49.83 -46.04
N ALA C 753 4.14 50.15 -44.76
CA ALA C 753 3.46 49.22 -43.87
C ALA C 753 2.03 48.96 -44.33
N PHE C 754 1.32 50.02 -44.71
CA PHE C 754 -0.06 49.88 -45.18
C PHE C 754 -0.13 48.95 -46.38
N LYS C 755 0.84 49.05 -47.30
CA LYS C 755 0.80 48.21 -48.49
C LYS C 755 0.85 46.73 -48.14
N GLY C 756 1.30 46.38 -46.93
CA GLY C 756 1.51 44.99 -46.59
C GLY C 756 0.37 44.34 -45.84
N ILE C 757 -0.34 45.10 -45.02
CA ILE C 757 -1.38 44.54 -44.15
C ILE C 757 -2.65 44.33 -44.97
N ALA C 758 -3.12 43.10 -45.03
CA ALA C 758 -4.38 42.78 -45.67
C ALA C 758 -5.51 42.80 -44.66
N ARG C 759 -6.72 43.08 -45.15
CA ARG C 759 -7.90 43.16 -44.30
C ARG C 759 -8.40 41.75 -44.04
N GLY C 760 -8.37 41.33 -42.77
CA GLY C 760 -8.77 39.98 -42.43
C GLY C 760 -10.26 39.79 -42.22
N ILE C 761 -11.00 40.87 -42.02
CA ILE C 761 -12.43 40.81 -41.77
C ILE C 761 -13.17 41.06 -43.08
N THR C 762 -14.13 40.21 -43.39
CA THR C 762 -14.83 40.21 -44.67
C THR C 762 -16.31 40.44 -44.44
N PRO C 763 -17.04 40.89 -45.47
CA PRO C 763 -18.47 41.13 -45.28
C PRO C 763 -19.26 39.92 -44.85
N GLU C 764 -18.79 38.71 -45.18
CA GLU C 764 -19.46 37.51 -44.70
C GLU C 764 -19.41 37.42 -43.18
N MET C 765 -18.25 37.71 -42.59
CA MET C 765 -18.12 37.67 -41.15
C MET C 765 -19.05 38.70 -40.50
N LEU C 766 -19.04 39.93 -41.01
CA LEU C 766 -19.87 40.97 -40.43
C LEU C 766 -21.35 40.66 -40.60
N SER C 767 -21.72 40.06 -41.73
CA SER C 767 -23.11 39.65 -41.92
C SER C 767 -23.51 38.58 -40.91
N TYR C 768 -22.63 37.61 -40.68
CA TYR C 768 -22.86 36.60 -39.65
C TYR C 768 -23.10 37.23 -38.29
N TYR C 769 -22.21 38.12 -37.88
CA TYR C 769 -22.33 38.71 -36.54
C TYR C 769 -23.55 39.62 -36.44
N GLU C 770 -23.85 40.37 -37.50
CA GLU C 770 -25.01 41.25 -37.48
C GLU C 770 -26.31 40.48 -37.49
N GLU C 771 -26.38 39.36 -38.21
CA GLU C 771 -27.62 38.57 -38.15
C GLU C 771 -27.75 37.83 -36.83
N PHE C 772 -26.65 37.55 -36.14
CA PHE C 772 -26.78 37.12 -34.74
C PHE C 772 -27.32 38.26 -33.88
N ALA C 773 -26.79 39.47 -34.06
CA ALA C 773 -27.23 40.60 -33.25
C ALA C 773 -28.68 40.95 -33.52
N LEU C 774 -29.18 40.64 -34.71
CA LEU C 774 -30.55 40.98 -35.07
C LEU C 774 -31.56 40.32 -34.16
N ARG C 775 -31.17 39.26 -33.45
CA ARG C 775 -32.09 38.59 -32.53
C ARG C 775 -32.47 39.51 -31.38
N SER C 776 -31.56 40.38 -30.96
CA SER C 776 -31.80 41.28 -29.83
C SER C 776 -32.59 42.48 -30.32
N GLY C 777 -33.91 42.37 -30.22
CA GLY C 777 -34.80 43.44 -30.63
C GLY C 777 -36.25 42.99 -30.76
N LYS D 27 20.38 4.68 36.27
CA LYS D 27 21.67 5.43 36.23
C LYS D 27 21.68 6.45 35.11
N PHE D 28 22.55 7.44 35.22
CA PHE D 28 22.60 8.51 34.22
C PHE D 28 22.98 7.96 32.86
N LYS D 29 22.35 8.50 31.82
CA LYS D 29 22.57 8.09 30.43
C LYS D 29 23.10 9.28 29.66
N LEU D 30 24.34 9.16 29.17
CA LEU D 30 24.93 10.28 28.45
C LEU D 30 24.34 10.38 27.05
N PRO D 31 24.08 11.60 26.56
CA PRO D 31 23.50 11.73 25.21
C PRO D 31 24.43 11.17 24.14
N ALA D 32 23.84 10.56 23.11
CA ALA D 32 24.62 10.09 21.98
C ALA D 32 25.09 11.23 21.09
N GLU D 33 24.33 12.32 21.01
CA GLU D 33 24.72 13.50 20.27
C GLU D 33 24.31 14.72 21.07
N PHE D 34 25.02 15.83 20.83
CA PHE D 34 24.95 17.00 21.68
C PHE D 34 24.61 18.24 20.86
N ILE D 35 23.89 19.18 21.47
CA ILE D 35 23.42 20.37 20.78
C ILE D 35 24.42 21.50 21.02
N THR D 36 24.90 22.12 19.95
CA THR D 36 25.74 23.30 20.07
C THR D 36 24.93 24.47 20.60
N ARG D 37 25.58 25.36 21.35
CA ARG D 37 24.94 26.55 21.87
C ARG D 37 26.00 27.63 22.12
N PRO D 38 25.60 28.87 22.29
CA PRO D 38 26.56 29.94 22.55
C PRO D 38 26.74 30.22 24.03
N HIS D 39 27.88 30.82 24.36
CA HIS D 39 28.10 31.30 25.72
C HIS D 39 27.20 32.50 25.99
N PRO D 40 26.72 32.67 27.22
CA PRO D 40 26.09 33.95 27.57
C PRO D 40 27.04 35.12 27.47
N SER D 41 28.33 34.90 27.77
CA SER D 41 29.32 35.96 27.66
C SER D 41 29.75 36.12 26.20
N LYS D 42 29.62 37.34 25.67
CA LYS D 42 29.99 37.62 24.30
C LYS D 42 31.42 38.13 24.15
N ASP D 43 32.09 38.48 25.23
CA ASP D 43 33.42 39.08 25.15
C ASP D 43 34.51 38.01 25.18
N HIS D 44 35.75 38.46 25.03
CA HIS D 44 36.90 37.58 24.91
C HIS D 44 37.61 37.48 26.25
N GLY D 45 37.77 36.26 26.75
CA GLY D 45 38.50 36.04 27.98
C GLY D 45 39.05 34.64 28.03
N LYS D 46 39.33 34.18 29.24
CA LYS D 46 39.79 32.81 29.44
C LYS D 46 38.65 31.79 29.27
N GLU D 47 37.41 32.26 29.11
CA GLU D 47 36.29 31.39 28.80
C GLU D 47 36.18 31.09 27.30
N THR D 48 37.01 31.71 26.47
CA THR D 48 36.84 31.62 25.03
C THR D 48 36.92 30.18 24.54
N CYS D 49 38.06 29.53 24.76
CA CYS D 49 38.30 28.17 24.28
C CYS D 49 37.69 27.11 25.19
N THR D 50 36.78 27.50 26.09
CA THR D 50 36.23 26.58 27.07
C THR D 50 34.85 26.12 26.65
N ALA D 51 34.62 24.81 26.74
CA ALA D 51 33.33 24.21 26.43
C ALA D 51 32.65 23.82 27.73
N TYR D 52 31.49 24.41 28.00
CA TYR D 52 30.75 24.17 29.23
C TYR D 52 29.86 22.95 29.03
N ILE D 53 30.22 21.84 29.67
CA ILE D 53 29.50 20.59 29.55
C ILE D 53 28.89 20.24 30.90
N HIS D 54 27.83 19.45 30.88
CA HIS D 54 27.12 19.15 32.11
C HIS D 54 28.00 18.31 33.03
N PRO D 55 27.92 18.52 34.36
CA PRO D 55 28.77 17.74 35.27
C PRO D 55 28.67 16.24 35.09
N ASN D 56 27.46 15.71 34.94
CA ASN D 56 27.29 14.27 34.82
C ASN D 56 27.96 13.73 33.57
N VAL D 57 27.84 14.45 32.45
CA VAL D 57 28.51 14.01 31.23
C VAL D 57 30.03 14.07 31.40
N LEU D 58 30.52 15.14 32.04
CA LEU D 58 31.94 15.20 32.36
C LEU D 58 32.37 13.94 33.11
N SER D 59 31.59 13.55 34.11
CA SER D 59 31.93 12.37 34.90
C SER D 59 31.87 11.10 34.07
N SER D 60 30.88 11.00 33.17
CA SER D 60 30.61 9.71 32.52
C SER D 60 31.63 9.37 31.46
N LEU D 61 32.14 10.37 30.73
CA LEU D 61 33.29 10.18 29.86
C LEU D 61 34.60 10.36 30.62
N GLU D 62 34.54 10.64 31.91
CA GLU D 62 35.72 10.87 32.74
C GLU D 62 36.52 12.07 32.25
N ILE D 63 35.85 13.05 31.65
CA ILE D 63 36.50 14.28 31.25
C ILE D 63 36.58 15.17 32.48
N ASN D 64 37.68 15.05 33.21
CA ASN D 64 37.82 15.80 34.44
C ASN D 64 37.85 17.29 34.13
N PRO D 65 37.19 18.13 34.93
CA PRO D 65 37.15 19.56 34.61
C PRO D 65 38.54 20.14 34.45
N GLY D 66 38.69 21.02 33.46
CA GLY D 66 39.97 21.57 33.09
C GLY D 66 40.72 20.76 32.05
N SER D 67 40.29 19.54 31.77
CA SER D 67 40.98 18.67 30.85
C SER D 67 40.57 18.94 29.40
N PHE D 68 41.39 18.47 28.48
CA PHE D 68 41.15 18.68 27.05
C PHE D 68 40.14 17.69 26.51
N CYS D 69 39.23 18.18 25.66
CA CYS D 69 38.29 17.32 24.98
C CYS D 69 38.09 17.85 23.57
N THR D 70 37.66 16.95 22.68
CA THR D 70 37.44 17.27 21.27
C THR D 70 35.96 17.27 20.96
N VAL D 71 35.48 18.36 20.37
CA VAL D 71 34.08 18.51 19.97
C VAL D 71 34.03 18.83 18.49
N GLY D 72 33.30 18.02 17.73
CA GLY D 72 33.17 18.23 16.31
C GLY D 72 31.94 17.52 15.78
N LYS D 73 31.39 18.07 14.69
CA LYS D 73 30.17 17.51 14.12
C LYS D 73 30.31 16.02 13.88
N ILE D 74 29.17 15.33 13.92
CA ILE D 74 29.15 13.92 13.60
C ILE D 74 29.68 13.73 12.18
N GLY D 75 30.65 12.82 12.04
CA GLY D 75 31.22 12.54 10.75
C GLY D 75 32.31 13.48 10.29
N GLU D 76 32.83 14.33 11.16
CA GLU D 76 33.94 15.21 10.83
C GLU D 76 34.94 15.24 11.97
N ASN D 77 36.13 15.75 11.67
CA ASN D 77 37.19 15.80 12.66
C ASN D 77 36.86 16.84 13.73
N GLY D 78 37.40 16.61 14.93
CA GLY D 78 37.02 17.41 16.06
C GLY D 78 37.84 18.68 16.21
N ILE D 79 37.33 19.57 17.06
CA ILE D 79 38.03 20.76 17.51
C ILE D 79 38.44 20.55 18.96
N LEU D 80 39.67 20.90 19.30
CA LEU D 80 40.14 20.75 20.66
C LEU D 80 39.63 21.89 21.52
N VAL D 81 38.95 21.55 22.61
CA VAL D 81 38.39 22.53 23.52
C VAL D 81 38.57 22.02 24.94
N ILE D 82 38.75 22.95 25.88
CA ILE D 82 39.08 22.64 27.26
C ILE D 82 37.80 22.73 28.09
N ALA D 83 37.47 21.65 28.77
CA ALA D 83 36.14 21.47 29.33
C ALA D 83 36.01 22.16 30.68
N ARG D 84 34.91 22.90 30.85
CA ARG D 84 34.45 23.39 32.14
C ARG D 84 33.08 22.80 32.42
N ALA D 85 32.57 23.08 33.62
CA ALA D 85 31.27 22.57 34.02
C ALA D 85 30.19 23.62 33.81
N GLY D 86 28.98 23.16 33.59
CA GLY D 86 27.83 24.03 33.58
C GLY D 86 27.03 23.91 34.87
N ASP D 87 26.24 24.94 35.16
CA ASP D 87 25.40 24.92 36.35
C ASP D 87 24.42 23.76 36.23
N GLU D 88 24.47 22.84 37.18
CA GLU D 88 23.84 21.53 37.01
C GLU D 88 22.32 21.61 36.91
N GLU D 89 21.71 22.72 37.32
CA GLU D 89 20.26 22.81 37.33
C GLU D 89 19.68 23.62 36.18
N VAL D 90 20.47 24.51 35.57
CA VAL D 90 19.99 25.33 34.47
C VAL D 90 20.67 25.01 33.15
N HIS D 91 21.61 24.06 33.12
CA HIS D 91 22.32 23.73 31.90
C HIS D 91 21.81 22.41 31.36
N PRO D 92 21.18 22.37 30.19
CA PRO D 92 20.63 21.10 29.70
C PRO D 92 21.73 20.09 29.40
N VAL D 93 21.38 18.82 29.52
CA VAL D 93 22.37 17.75 29.38
C VAL D 93 22.93 17.71 27.97
N ASN D 94 22.10 18.00 26.96
CA ASN D 94 22.54 17.91 25.57
C ASN D 94 23.54 18.99 25.20
N VAL D 95 23.50 20.14 25.86
CA VAL D 95 24.15 21.34 25.35
C VAL D 95 25.62 21.38 25.74
N ILE D 96 26.48 21.59 24.74
CA ILE D 96 27.80 22.19 24.92
C ILE D 96 27.73 23.61 24.40
N THR D 97 28.26 24.56 25.16
CA THR D 97 28.29 25.95 24.76
C THR D 97 29.70 26.29 24.28
N LEU D 98 29.78 26.93 23.11
CA LEU D 98 31.05 27.22 22.47
C LEU D 98 31.10 28.70 22.09
N SER D 99 32.29 29.27 22.13
CA SER D 99 32.47 30.67 21.77
C SER D 99 32.44 30.84 20.25
N THR D 100 32.15 32.06 19.81
CA THR D 100 32.16 32.35 18.38
C THR D 100 33.53 32.08 17.78
N THR D 101 34.60 32.31 18.55
CA THR D 101 35.94 32.02 18.05
C THR D 101 36.10 30.54 17.73
N ILE D 102 35.66 29.65 18.62
CA ILE D 102 35.80 28.23 18.38
C ILE D 102 34.87 27.78 17.26
N ARG D 103 33.65 28.29 17.25
CA ARG D 103 32.70 27.90 16.22
C ARG D 103 33.20 28.32 14.84
N SER D 104 33.95 29.41 14.76
CA SER D 104 34.48 29.84 13.47
C SER D 104 35.41 28.81 12.85
N VAL D 105 36.06 27.98 13.66
CA VAL D 105 37.00 27.01 13.12
C VAL D 105 36.29 26.01 12.23
N GLY D 106 35.33 25.27 12.79
CA GLY D 106 34.56 24.30 12.06
C GLY D 106 33.28 24.83 11.45
N ASN D 107 33.06 26.16 11.52
CA ASN D 107 31.83 26.75 11.02
C ASN D 107 30.61 26.11 11.65
N LEU D 108 30.74 25.76 12.93
CA LEU D 108 29.63 25.14 13.65
C LEU D 108 28.49 26.14 13.78
N ILE D 109 27.35 25.82 13.19
CA ILE D 109 26.16 26.64 13.33
C ILE D 109 25.39 26.18 14.55
N LEU D 110 24.68 27.11 15.18
CA LEU D 110 23.95 26.76 16.39
C LEU D 110 22.94 25.66 16.09
N GLY D 111 22.88 24.67 16.97
CA GLY D 111 22.04 23.52 16.79
C GLY D 111 22.70 22.34 16.11
N ASP D 112 23.96 22.46 15.70
CA ASP D 112 24.67 21.33 15.12
C ASP D 112 24.89 20.26 16.18
N ARG D 113 24.83 19.01 15.74
CA ARG D 113 24.95 17.86 16.64
C ARG D 113 26.41 17.47 16.75
N LEU D 114 26.99 17.64 17.93
CA LEU D 114 28.41 17.42 18.17
C LEU D 114 28.64 16.11 18.90
N GLU D 115 29.76 15.48 18.58
CA GLU D 115 30.30 14.41 19.42
C GLU D 115 31.14 15.02 20.54
N LEU D 116 31.48 14.20 21.52
CA LEU D 116 32.34 14.62 22.61
C LEU D 116 33.16 13.42 23.06
N LYS D 117 34.49 13.54 22.95
CA LYS D 117 35.38 12.42 23.21
C LYS D 117 36.64 12.91 23.91
N LYS D 118 37.06 12.16 24.92
CA LYS D 118 38.26 12.50 25.68
C LYS D 118 39.48 12.46 24.78
N ALA D 119 40.37 13.43 24.97
CA ALA D 119 41.69 13.44 24.35
C ALA D 119 42.74 13.35 25.44
N GLN D 120 43.47 12.25 25.47
CA GLN D 120 44.53 12.02 26.46
C GLN D 120 45.86 12.61 26.02
N VAL D 121 45.88 13.90 25.67
CA VAL D 121 47.00 14.49 24.96
C VAL D 121 47.31 15.86 25.55
N GLN D 122 48.55 16.30 25.37
CA GLN D 122 48.94 17.69 25.59
C GLN D 122 49.45 18.26 24.28
N PRO D 123 48.82 19.28 23.70
CA PRO D 123 49.20 19.71 22.36
C PRO D 123 50.53 20.44 22.35
N PRO D 124 51.18 20.56 21.19
CA PRO D 124 52.52 21.14 21.15
C PRO D 124 52.52 22.65 21.33
N TYR D 125 53.66 23.16 21.78
CA TYR D 125 53.85 24.60 21.94
C TYR D 125 53.99 25.27 20.59
N ALA D 126 53.71 26.57 20.55
CA ALA D 126 53.86 27.33 19.32
C ALA D 126 55.25 27.96 19.24
N THR D 127 55.69 28.21 18.01
CA THR D 127 56.90 28.98 17.74
C THR D 127 56.63 30.22 16.90
N LYS D 128 55.80 30.10 15.88
CA LYS D 128 55.41 31.22 15.02
C LYS D 128 53.92 31.13 14.76
N VAL D 129 53.19 32.18 15.12
CA VAL D 129 51.74 32.26 14.93
C VAL D 129 51.47 33.42 13.97
N THR D 130 50.65 33.16 12.97
CA THR D 130 50.30 34.14 11.96
C THR D 130 48.89 34.65 12.23
N VAL D 131 48.71 35.96 12.14
CA VAL D 131 47.43 36.60 12.41
C VAL D 131 47.06 37.50 11.25
N GLY D 132 45.79 37.47 10.86
CA GLY D 132 45.28 38.31 9.80
C GLY D 132 43.97 38.95 10.18
N SER D 133 43.29 39.58 9.22
CA SER D 133 42.03 40.26 9.49
C SER D 133 41.14 40.19 8.27
N LEU D 134 39.86 39.87 8.52
CA LEU D 134 38.88 39.84 7.44
C LEU D 134 38.90 41.14 6.66
N GLN D 135 38.92 42.27 7.37
CA GLN D 135 38.83 43.57 6.72
C GLN D 135 40.08 43.94 5.95
N GLY D 136 41.19 43.24 6.17
CA GLY D 136 42.40 43.50 5.42
C GLY D 136 43.15 44.74 5.84
N TYR D 137 42.83 45.31 7.00
CA TYR D 137 43.47 46.52 7.48
C TYR D 137 44.74 46.18 8.25
N ASN D 138 45.68 47.12 8.26
CA ASN D 138 46.98 46.90 8.88
C ASN D 138 46.83 46.94 10.40
N ILE D 139 47.10 45.81 11.05
CA ILE D 139 46.88 45.71 12.50
C ILE D 139 47.84 46.63 13.25
N LEU D 140 49.07 46.79 12.76
CA LEU D 140 49.97 47.75 13.39
C LEU D 140 49.37 49.14 13.38
N GLU D 141 48.57 49.47 12.36
CA GLU D 141 47.94 50.78 12.28
C GLU D 141 46.65 50.83 13.09
N CYS D 142 45.96 49.70 13.25
CA CYS D 142 44.64 49.70 13.85
C CYS D 142 44.65 49.34 15.33
N MET D 143 45.61 48.53 15.79
CA MET D 143 45.59 48.04 17.16
C MET D 143 47.00 47.83 17.65
N GLU D 144 47.14 47.83 18.98
CA GLU D 144 48.44 47.67 19.63
C GLU D 144 48.74 46.20 19.87
N GLU D 145 49.97 45.79 19.54
CA GLU D 145 50.32 44.38 19.59
C GLU D 145 50.12 43.78 20.97
N LYS D 146 50.09 44.60 22.02
CA LYS D 146 49.79 44.09 23.35
C LYS D 146 48.37 43.55 23.41
N VAL D 147 47.44 44.14 22.65
CA VAL D 147 46.07 43.63 22.62
C VAL D 147 46.05 42.21 22.09
N ILE D 148 46.71 41.98 20.96
CA ILE D 148 46.75 40.65 20.37
C ILE D 148 47.47 39.67 21.29
N GLN D 149 48.57 40.13 21.89
CA GLN D 149 49.31 39.29 22.82
C GLN D 149 48.44 38.85 23.98
N LYS D 150 47.69 39.79 24.55
CA LYS D 150 46.79 39.46 25.67
C LYS D 150 45.71 38.50 25.21
N LEU D 151 45.13 38.74 24.03
CA LEU D 151 44.11 37.85 23.52
C LEU D 151 44.63 36.42 23.41
N LEU D 152 45.78 36.25 22.78
CA LEU D 152 46.34 34.90 22.62
C LEU D 152 46.67 34.29 23.98
N ASP D 153 47.33 35.05 24.86
CA ASP D 153 47.68 34.51 26.16
C ASP D 153 46.45 34.01 26.90
N ASP D 154 45.38 34.81 26.91
CA ASP D 154 44.15 34.41 27.58
C ASP D 154 43.46 33.26 26.84
N SER D 155 43.71 33.13 25.54
CA SER D 155 42.97 32.14 24.75
C SER D 155 43.28 30.72 25.19
N GLY D 156 44.49 30.47 25.68
CA GLY D 156 44.87 29.13 26.11
C GLY D 156 45.30 28.23 24.98
N VAL D 157 44.59 28.26 23.86
CA VAL D 157 44.89 27.41 22.72
C VAL D 157 44.83 28.26 21.46
N ILE D 158 45.69 27.93 20.50
CA ILE D 158 45.71 28.58 19.18
C ILE D 158 45.53 27.52 18.12
N MET D 159 44.63 27.79 17.17
CA MET D 159 44.38 26.92 16.03
C MET D 159 44.14 27.81 14.81
N PRO D 160 44.67 27.43 13.64
CA PRO D 160 44.33 28.19 12.43
C PRO D 160 42.83 28.14 12.18
N GLY D 161 42.27 29.27 11.75
CA GLY D 161 40.86 29.39 11.47
C GLY D 161 40.05 30.16 12.48
N MET D 162 40.60 30.45 13.66
CA MET D 162 39.86 31.21 14.66
C MET D 162 39.69 32.65 14.21
N ILE D 163 38.52 33.22 14.49
CA ILE D 163 38.21 34.61 14.22
C ILE D 163 37.85 35.27 15.54
N PHE D 164 38.55 36.34 15.89
CA PHE D 164 38.25 37.13 17.07
C PHE D 164 37.52 38.39 16.61
N GLN D 165 36.19 38.37 16.67
CA GLN D 165 35.39 39.37 16.02
C GLN D 165 35.23 40.61 16.90
N ASN D 166 34.85 41.72 16.26
CA ASN D 166 34.44 42.94 16.93
C ASN D 166 35.52 43.49 17.85
N LEU D 167 36.79 43.39 17.45
CA LEU D 167 37.86 44.04 18.18
C LEU D 167 37.90 45.52 17.80
N LYS D 168 37.95 46.39 18.81
CA LYS D 168 37.90 47.82 18.56
C LYS D 168 39.22 48.33 17.98
N THR D 169 39.12 49.32 17.10
CA THR D 169 40.29 49.95 16.52
C THR D 169 40.78 51.09 17.44
N LYS D 170 41.92 51.67 17.06
CA LYS D 170 42.47 52.84 17.76
C LYS D 170 41.38 53.82 18.17
N ALA D 171 41.39 54.21 19.45
CA ALA D 171 40.46 55.21 19.98
C ALA D 171 39.01 54.86 19.68
N GLY D 172 38.72 53.57 19.49
CA GLY D 172 37.38 53.17 19.13
C GLY D 172 36.92 53.68 17.79
N ASP D 173 37.84 53.92 16.85
CA ASP D 173 37.45 54.40 15.53
C ASP D 173 36.44 53.47 14.89
N GLU D 174 36.68 52.17 14.93
CA GLU D 174 35.75 51.17 14.43
C GLU D 174 36.09 49.85 15.12
N SER D 175 35.51 48.76 14.61
CA SER D 175 35.81 47.43 15.08
C SER D 175 36.29 46.58 13.91
N ILE D 176 37.21 45.66 14.21
CA ILE D 176 37.84 44.81 13.19
C ILE D 176 37.77 43.36 13.66
N ASP D 177 37.71 42.45 12.70
CA ASP D 177 37.73 41.01 12.96
C ASP D 177 39.12 40.50 12.63
N VAL D 178 39.71 39.75 13.57
CA VAL D 178 41.08 39.25 13.46
C VAL D 178 41.02 37.74 13.31
N VAL D 179 41.87 37.21 12.42
CA VAL D 179 41.82 35.81 12.03
C VAL D 179 43.20 35.19 12.25
N ILE D 180 43.22 33.98 12.80
CA ILE D 180 44.45 33.20 12.92
C ILE D 180 44.61 32.44 11.61
N THR D 181 45.40 33.01 10.69
CA THR D 181 45.50 32.42 9.35
C THR D 181 46.31 31.13 9.34
N ASP D 182 47.33 31.03 10.19
CA ASP D 182 48.18 29.85 10.22
C ASP D 182 48.89 29.79 11.56
N ALA D 183 49.33 28.58 11.92
CA ALA D 183 50.10 28.37 13.13
C ALA D 183 51.11 27.27 12.86
N SER D 184 52.34 27.47 13.35
CA SER D 184 53.42 26.55 13.05
C SER D 184 54.32 26.40 14.27
N ASP D 185 54.90 25.21 14.41
CA ASP D 185 55.90 24.92 15.42
C ASP D 185 57.13 24.39 14.73
N ASP D 186 58.27 25.04 14.96
CA ASP D 186 59.51 24.64 14.33
C ASP D 186 60.11 23.41 15.01
N ASN D 207 47.85 10.82 18.84
CA ASN D 207 47.48 10.12 17.62
C ASN D 207 46.10 10.54 17.12
N LEU D 208 45.35 11.24 17.98
CA LEU D 208 44.01 11.66 17.61
C LEU D 208 44.05 12.54 16.36
N PHE D 209 42.88 12.75 15.77
CA PHE D 209 42.75 13.46 14.51
C PHE D 209 41.91 14.70 14.70
N TYR D 210 42.41 15.84 14.21
CA TYR D 210 41.84 17.14 14.50
C TYR D 210 41.51 17.88 13.22
N LEU D 211 40.46 18.70 13.28
CA LEU D 211 40.09 19.53 12.13
C LEU D 211 41.05 20.70 11.97
N SER D 212 41.73 21.10 13.05
CA SER D 212 42.70 22.16 13.01
C SER D 212 43.76 21.87 14.06
N PRO D 213 45.03 22.10 13.77
CA PRO D 213 46.10 21.73 14.72
C PRO D 213 46.00 22.55 15.99
N PRO D 214 46.04 21.90 17.16
CA PRO D 214 46.06 22.67 18.41
C PRO D 214 47.45 23.15 18.78
N PHE D 215 47.53 24.39 19.24
CA PHE D 215 48.79 24.99 19.68
C PHE D 215 48.52 25.85 20.90
N ILE D 216 49.58 26.16 21.63
CA ILE D 216 49.50 26.91 22.87
C ILE D 216 50.38 28.15 22.75
N PHE D 217 49.91 29.25 23.33
CA PHE D 217 50.59 30.53 23.24
C PHE D 217 51.32 30.82 24.54
N ARG D 218 52.59 31.23 24.41
CA ARG D 218 53.50 31.35 25.55
C ARG D 218 54.27 32.67 25.32
N LYS D 219 53.74 33.74 25.92
CA LYS D 219 54.09 35.11 25.55
C LYS D 219 55.59 35.26 25.32
N GLY D 220 55.94 35.97 24.24
CA GLY D 220 57.33 36.24 23.92
C GLY D 220 57.99 35.15 23.11
N SER D 221 57.74 33.90 23.48
CA SER D 221 58.41 32.76 22.85
C SER D 221 57.72 32.28 21.58
N THR D 222 56.60 32.89 21.19
CA THR D 222 55.87 32.53 19.97
C THR D 222 55.54 33.83 19.24
N HIS D 223 56.15 34.02 18.09
CA HIS D 223 56.11 35.31 17.40
C HIS D 223 54.75 35.53 16.75
N ILE D 224 54.13 36.68 17.05
CA ILE D 224 52.84 37.03 16.47
C ILE D 224 53.10 37.76 15.16
N THR D 225 53.30 37.01 14.08
CA THR D 225 53.65 37.60 12.80
C THR D 225 52.38 38.00 12.05
N PHE D 226 52.32 39.25 11.61
CA PHE D 226 51.13 39.77 10.96
C PHE D 226 51.06 39.29 9.52
N SER D 227 49.90 39.48 8.91
CA SER D 227 49.68 39.12 7.51
C SER D 227 48.50 39.94 6.99
N LYS D 228 48.24 39.80 5.70
CA LYS D 228 47.11 40.46 5.07
C LYS D 228 46.11 39.48 4.46
N GLU D 229 46.42 38.18 4.45
CA GLU D 229 45.48 37.19 3.95
C GLU D 229 44.22 37.19 4.79
N THR D 230 43.08 37.46 4.16
CA THR D 230 41.82 37.61 4.87
C THR D 230 41.17 36.29 5.23
N GLN D 231 41.77 35.16 4.86
CA GLN D 231 41.23 33.85 5.16
C GLN D 231 42.34 32.97 5.72
N ALA D 232 41.94 31.86 6.33
CA ALA D 232 42.92 30.94 6.87
C ALA D 232 43.68 30.25 5.76
N ASN D 233 44.85 29.74 6.09
CA ASN D 233 45.72 29.12 5.09
C ASN D 233 44.98 27.99 4.39
N ARG D 234 45.07 27.98 3.07
CA ARG D 234 44.28 27.02 2.28
C ARG D 234 44.77 25.59 2.48
N LYS D 235 45.94 25.40 3.08
CA LYS D 235 46.45 24.06 3.30
C LYS D 235 45.47 23.19 4.07
N TYR D 236 44.72 23.80 5.00
CA TYR D 236 44.12 23.07 6.09
C TYR D 236 42.76 22.46 5.76
N ASN D 237 42.15 22.85 4.63
CA ASN D 237 40.80 22.41 4.29
C ASN D 237 39.81 22.77 5.39
N LEU D 238 40.05 23.88 6.08
CA LEU D 238 39.09 24.37 7.05
C LEU D 238 37.79 24.71 6.34
N PRO D 239 36.63 24.37 6.90
CA PRO D 239 35.37 24.82 6.30
C PRO D 239 35.34 26.34 6.21
N GLU D 240 34.88 26.83 5.06
CA GLU D 240 34.88 28.25 4.76
C GLU D 240 33.44 28.75 4.70
N PRO D 241 33.07 29.73 5.53
CA PRO D 241 31.66 30.15 5.56
C PRO D 241 31.11 30.57 4.21
N LEU D 242 29.97 30.02 3.83
CA LEU D 242 29.25 30.54 2.68
C LEU D 242 28.58 31.85 3.04
N SER D 243 28.60 32.79 2.10
CA SER D 243 28.14 34.15 2.36
C SER D 243 27.27 34.64 1.22
N TYR D 244 26.51 35.70 1.49
CA TYR D 244 25.64 36.27 0.48
C TYR D 244 26.42 36.75 -0.74
N ALA D 245 27.70 37.09 -0.58
CA ALA D 245 28.50 37.53 -1.71
C ALA D 245 28.67 36.44 -2.76
N ALA D 246 28.40 35.18 -2.41
CA ALA D 246 28.49 34.09 -3.37
C ALA D 246 27.20 33.89 -4.17
N VAL D 247 26.11 34.50 -3.74
CA VAL D 247 24.82 34.36 -4.41
C VAL D 247 24.72 35.44 -5.48
N GLY D 248 24.37 35.04 -6.70
CA GLY D 248 24.26 35.95 -7.81
C GLY D 248 22.80 36.30 -8.11
N GLY D 249 22.58 37.52 -8.58
CA GLY D 249 21.22 37.93 -8.81
C GLY D 249 20.44 37.92 -7.51
N LEU D 250 19.13 37.76 -7.63
CA LEU D 250 18.25 37.58 -6.48
C LEU D 250 18.43 38.67 -5.43
N ASP D 251 18.90 39.86 -5.84
CA ASP D 251 19.20 40.89 -4.86
C ASP D 251 17.94 41.27 -4.08
N LYS D 252 16.86 41.60 -4.79
CA LYS D 252 15.63 41.96 -4.11
C LYS D 252 15.12 40.79 -3.26
N GLU D 253 15.21 39.57 -3.79
CA GLU D 253 14.83 38.40 -3.01
C GLU D 253 15.74 38.24 -1.78
N ILE D 254 17.02 38.53 -1.93
CA ILE D 254 17.94 38.41 -0.81
C ILE D 254 17.56 39.41 0.28
N GLU D 255 17.25 40.65 -0.09
CA GLU D 255 16.84 41.61 0.93
C GLU D 255 15.48 41.27 1.51
N SER D 256 14.60 40.63 0.73
CA SER D 256 13.34 40.19 1.30
C SER D 256 13.57 39.11 2.35
N LEU D 257 14.47 38.17 2.06
CA LEU D 257 14.85 37.17 3.06
C LEU D 257 15.45 37.83 4.27
N LYS D 258 16.34 38.81 4.07
CA LYS D 258 16.94 39.52 5.20
C LYS D 258 15.87 40.16 6.08
N SER D 259 14.90 40.83 5.47
CA SER D 259 13.86 41.49 6.25
C SER D 259 13.03 40.48 7.03
N ALA D 260 12.52 39.46 6.33
CA ALA D 260 11.63 38.48 6.95
C ALA D 260 12.37 37.53 7.89
N ILE D 261 13.70 37.54 7.87
CA ILE D 261 14.45 36.77 8.87
C ILE D 261 14.83 37.65 10.04
N GLU D 262 15.14 38.92 9.78
CA GLU D 262 15.67 39.79 10.82
C GLU D 262 14.58 40.27 11.75
N ILE D 263 13.50 40.83 11.20
CA ILE D 263 12.48 41.42 12.06
C ILE D 263 11.82 40.37 12.94
N PRO D 264 11.40 39.21 12.43
CA PRO D 264 10.77 38.22 13.32
C PRO D 264 11.68 37.71 14.43
N LEU D 265 12.99 37.58 14.17
CA LEU D 265 13.89 36.96 15.13
C LEU D 265 14.60 37.97 16.01
N HIS D 266 15.04 39.10 15.45
CA HIS D 266 15.93 40.01 16.15
C HIS D 266 15.30 41.35 16.50
N GLN D 267 14.08 41.61 16.08
CA GLN D 267 13.37 42.81 16.52
C GLN D 267 11.87 42.54 16.60
N PRO D 268 11.40 41.60 17.46
CA PRO D 268 9.96 41.37 17.55
C PRO D 268 9.20 42.45 18.28
N THR D 269 9.82 43.12 19.25
CA THR D 269 9.08 44.12 20.02
C THR D 269 8.63 45.28 19.15
N LEU D 270 9.17 45.41 17.93
CA LEU D 270 8.68 46.44 17.02
C LEU D 270 7.27 46.12 16.56
N PHE D 271 7.01 44.85 16.21
CA PHE D 271 5.66 44.43 15.88
C PHE D 271 4.75 44.37 17.10
N SER D 272 5.28 43.88 18.22
CA SER D 272 4.47 43.90 19.44
C SER D 272 4.12 45.33 19.81
N SER D 273 5.00 46.27 19.52
CA SER D 273 4.69 47.68 19.72
C SER D 273 3.58 48.13 18.78
N PHE D 274 3.62 47.69 17.52
CA PHE D 274 2.62 48.07 16.54
C PHE D 274 1.37 47.20 16.58
N GLY D 275 1.28 46.25 17.50
CA GLY D 275 0.05 45.48 17.64
C GLY D 275 -0.21 44.52 16.50
N VAL D 276 0.82 44.03 15.84
CA VAL D 276 0.67 43.04 14.78
C VAL D 276 1.60 41.88 15.07
N SER D 277 1.22 40.71 14.57
CA SER D 277 2.01 39.51 14.76
C SER D 277 3.20 39.51 13.81
N PRO D 278 4.23 38.72 14.10
CA PRO D 278 5.40 38.67 13.20
C PRO D 278 5.18 37.66 12.09
N PRO D 279 5.78 37.88 10.91
CA PRO D 279 5.63 36.92 9.82
C PRO D 279 6.49 35.70 10.03
N ARG D 280 5.89 34.60 10.49
CA ARG D 280 6.61 33.37 10.76
C ARG D 280 6.51 32.37 9.61
N GLY D 281 7.05 32.73 8.43
CA GLY D 281 7.05 31.81 7.32
C GLY D 281 7.54 32.42 6.03
N ILE D 282 8.44 31.72 5.34
CA ILE D 282 8.89 32.10 4.01
C ILE D 282 8.97 30.86 3.16
N LEU D 283 8.49 30.95 1.93
CA LEU D 283 8.53 29.84 0.98
C LEU D 283 9.20 30.32 -0.29
N LEU D 284 10.18 29.55 -0.76
CA LEU D 284 10.92 29.86 -1.97
C LEU D 284 10.53 28.87 -3.06
N HIS D 285 10.04 29.39 -4.19
CA HIS D 285 9.57 28.55 -5.28
C HIS D 285 10.09 29.06 -6.61
N GLY D 286 10.30 28.12 -7.53
CA GLY D 286 10.90 28.40 -8.81
C GLY D 286 11.55 27.15 -9.38
N PRO D 287 11.81 27.14 -10.69
CA PRO D 287 12.34 25.94 -11.33
C PRO D 287 13.59 25.45 -10.64
N PRO D 288 13.95 24.18 -10.82
CA PRO D 288 15.15 23.64 -10.16
C PRO D 288 16.41 24.23 -10.74
N GLY D 289 17.46 24.25 -9.92
CA GLY D 289 18.75 24.77 -10.33
C GLY D 289 18.91 26.26 -10.19
N THR D 290 17.91 26.97 -9.66
CA THR D 290 17.96 28.41 -9.56
C THR D 290 18.65 28.90 -8.29
N GLY D 291 19.03 28.01 -7.39
CA GLY D 291 19.75 28.38 -6.19
C GLY D 291 18.92 28.46 -4.91
N LYS D 292 17.92 27.60 -4.74
CA LYS D 292 17.05 27.70 -3.57
C LYS D 292 17.74 27.17 -2.32
N THR D 293 18.44 26.03 -2.42
CA THR D 293 19.16 25.51 -1.27
C THR D 293 20.36 26.38 -0.90
N MET D 294 20.95 27.04 -1.90
CA MET D 294 22.04 27.97 -1.61
C MET D 294 21.58 29.07 -0.67
N LEU D 295 20.38 29.59 -0.92
CA LEU D 295 19.83 30.62 -0.05
C LEU D 295 19.62 30.09 1.37
N LEU D 296 19.10 28.87 1.49
CA LEU D 296 18.88 28.30 2.82
C LEU D 296 20.20 28.12 3.57
N ARG D 297 21.24 27.65 2.86
CA ARG D 297 22.52 27.45 3.52
C ARG D 297 23.16 28.78 3.93
N VAL D 298 23.07 29.80 3.08
CA VAL D 298 23.63 31.09 3.48
C VAL D 298 22.84 31.71 4.64
N VAL D 299 21.51 31.55 4.63
CA VAL D 299 20.71 32.02 5.77
C VAL D 299 21.12 31.32 7.04
N ALA D 300 21.31 30.00 6.97
CA ALA D 300 21.76 29.24 8.13
C ALA D 300 23.09 29.76 8.63
N ASN D 301 24.05 29.94 7.72
CA ASN D 301 25.42 30.21 8.15
C ASN D 301 25.62 31.68 8.52
N THR D 302 24.74 32.57 8.09
CA THR D 302 24.91 34.00 8.35
C THR D 302 24.16 34.46 9.59
N SER D 303 22.95 33.94 9.81
CA SER D 303 22.12 34.40 10.93
C SER D 303 22.54 33.71 12.22
N ASN D 304 22.51 34.47 13.31
CA ASN D 304 22.81 33.94 14.65
C ASN D 304 21.52 33.45 15.27
N ALA D 305 21.19 32.19 15.00
CA ALA D 305 19.97 31.60 15.54
C ALA D 305 20.15 30.09 15.59
N HIS D 306 19.34 29.44 16.42
CA HIS D 306 19.29 28.00 16.43
C HIS D 306 18.76 27.51 15.09
N VAL D 307 19.54 26.67 14.42
CA VAL D 307 19.27 26.25 13.05
C VAL D 307 18.88 24.78 13.06
N LEU D 308 17.67 24.48 12.63
CA LEU D 308 17.13 23.12 12.56
C LEU D 308 16.68 22.81 11.14
N THR D 309 16.77 21.55 10.71
CA THR D 309 16.49 21.17 9.34
C THR D 309 15.67 19.90 9.26
N ILE D 310 14.57 19.96 8.52
CA ILE D 310 13.74 18.82 8.14
C ILE D 310 14.07 18.53 6.67
N ASN D 311 14.97 17.61 6.39
CA ASN D 311 15.43 17.33 5.04
C ASN D 311 14.50 16.36 4.31
N GLY D 312 13.24 16.77 4.16
CA GLY D 312 12.14 16.00 3.59
C GLY D 312 12.09 14.57 4.15
N PRO D 313 12.40 13.54 3.35
CA PRO D 313 12.41 12.14 3.79
C PRO D 313 13.33 11.79 4.96
N SER D 314 14.22 12.67 5.42
CA SER D 314 15.09 12.38 6.56
C SER D 314 14.36 12.13 7.88
N ILE D 315 13.18 12.75 8.09
CA ILE D 315 12.34 12.55 9.30
C ILE D 315 11.38 11.36 9.21
N VAL D 316 11.13 10.85 8.01
CA VAL D 316 10.08 9.86 7.76
C VAL D 316 10.44 8.50 8.36
N SER D 317 9.46 7.83 8.96
CA SER D 317 9.58 6.49 9.53
C SER D 317 8.36 5.65 9.17
N LYS D 318 8.54 4.33 9.09
CA LYS D 318 7.46 3.38 8.84
C LYS D 318 6.62 3.03 10.06
N TYR D 319 6.89 3.59 11.24
CA TYR D 319 6.09 3.36 12.45
C TYR D 319 5.11 4.50 12.71
N LEU D 320 3.90 4.13 13.13
CA LEU D 320 2.66 4.90 12.97
C LEU D 320 2.71 6.41 13.21
N GLY D 321 3.33 6.85 14.30
CA GLY D 321 3.31 8.25 14.75
C GLY D 321 4.68 8.91 14.79
N GLU D 322 5.73 8.26 14.31
CA GLU D 322 7.09 8.72 14.53
C GLU D 322 7.49 9.92 13.67
N THR D 323 6.94 10.04 12.46
CA THR D 323 7.22 11.20 11.58
C THR D 323 6.68 12.48 12.19
N GLU D 324 5.48 12.42 12.75
CA GLU D 324 4.84 13.50 13.47
C GLU D 324 5.63 13.84 14.74
N ALA D 325 6.11 12.86 15.49
CA ALA D 325 6.91 13.06 16.69
C ALA D 325 8.25 13.74 16.39
N ALA D 326 8.87 13.45 15.25
CA ALA D 326 10.06 14.16 14.79
C ALA D 326 9.77 15.64 14.58
N LEU D 327 8.66 15.99 13.95
CA LEU D 327 8.27 17.38 13.74
C LEU D 327 7.99 18.08 15.06
N ARG D 328 7.24 17.46 15.98
CA ARG D 328 6.97 18.07 17.27
C ARG D 328 8.27 18.34 18.03
N ASP D 329 9.23 17.42 18.02
CA ASP D 329 10.49 17.61 18.72
C ASP D 329 11.26 18.77 18.11
N ILE D 330 11.29 18.89 16.79
CA ILE D 330 11.99 19.97 16.08
C ILE D 330 11.40 21.33 16.44
N PHE D 331 10.07 21.46 16.41
CA PHE D 331 9.45 22.73 16.76
C PHE D 331 9.55 23.04 18.25
N ASN D 332 9.56 22.05 19.15
CA ASN D 332 9.73 22.33 20.56
C ASN D 332 11.17 22.74 20.88
N GLU D 333 12.14 22.15 20.19
CA GLU D 333 13.52 22.61 20.32
C GLU D 333 13.66 24.05 19.82
N ALA D 334 12.99 24.38 18.72
CA ALA D 334 13.05 25.74 18.21
C ALA D 334 12.43 26.72 19.22
N ARG D 335 11.31 26.35 19.82
CA ARG D 335 10.73 27.19 20.87
C ARG D 335 11.67 27.32 22.05
N LYS D 336 12.32 26.22 22.44
CA LYS D 336 13.16 26.21 23.63
C LYS D 336 14.33 27.18 23.48
N TYR D 337 15.06 27.08 22.38
CA TYR D 337 16.21 27.92 22.11
C TYR D 337 15.82 28.96 21.06
N GLN D 338 15.86 30.23 21.45
CA GLN D 338 15.37 31.32 20.62
C GLN D 338 16.45 32.37 20.44
N PRO D 339 16.48 33.05 19.28
CA PRO D 339 15.64 32.82 18.10
C PRO D 339 16.02 31.54 17.35
N SER D 340 15.10 31.02 16.55
CA SER D 340 15.31 29.75 15.87
C SER D 340 14.81 29.82 14.44
N ILE D 341 15.55 29.21 13.53
CA ILE D 341 15.18 29.09 12.12
C ILE D 341 15.00 27.61 11.82
N ILE D 342 13.84 27.22 11.32
CA ILE D 342 13.54 25.84 10.92
C ILE D 342 13.51 25.81 9.40
N PHE D 343 14.33 24.98 8.78
CA PHE D 343 14.41 24.81 7.34
C PHE D 343 13.66 23.58 6.88
N ILE D 344 12.91 23.69 5.80
CA ILE D 344 12.23 22.55 5.16
C ILE D 344 12.47 22.57 3.66
N ASP D 345 13.56 21.93 3.21
CA ASP D 345 13.87 21.81 1.79
C ASP D 345 13.02 20.72 1.13
N GLU D 346 12.39 21.03 0.01
CA GLU D 346 11.31 20.25 -0.61
C GLU D 346 10.17 19.97 0.37
N ILE D 347 9.46 21.02 0.79
CA ILE D 347 8.29 20.89 1.65
C ILE D 347 7.27 19.96 1.03
N ASP D 348 7.19 19.95 -0.30
CA ASP D 348 6.17 19.15 -0.97
C ASP D 348 6.37 17.66 -0.77
N SER D 349 7.56 17.22 -0.37
CA SER D 349 7.86 15.80 -0.14
C SER D 349 7.19 15.25 1.10
N ILE D 350 7.02 16.07 2.14
CA ILE D 350 6.40 15.70 3.42
C ILE D 350 5.04 16.36 3.66
N ALA D 351 4.64 17.35 2.86
CA ALA D 351 3.37 18.05 3.01
C ALA D 351 2.66 18.14 1.67
N PRO D 352 2.23 17.02 1.10
CA PRO D 352 1.50 17.06 -0.16
C PRO D 352 0.09 17.61 0.02
N ASN D 353 -0.65 17.63 -1.08
CA ASN D 353 -1.88 18.40 -1.17
C ASN D 353 -2.95 17.94 -0.19
N ARG D 354 -2.91 16.68 0.25
CA ARG D 354 -3.80 16.19 1.29
C ARG D 354 -5.22 16.00 0.76
N ALA D 355 -5.47 16.40 -0.49
CA ALA D 355 -6.76 16.17 -1.13
C ALA D 355 -6.63 15.25 -2.34
N ASN D 356 -5.47 15.20 -2.97
CA ASN D 356 -5.28 14.36 -4.14
C ASN D 356 -5.33 12.88 -3.76
N ASP D 357 -5.31 12.04 -4.79
CA ASP D 357 -5.61 10.62 -4.59
C ASP D 357 -4.57 9.92 -3.74
N ASP D 358 -3.29 10.14 -4.02
CA ASP D 358 -2.23 9.38 -3.36
C ASP D 358 -1.97 9.80 -1.92
N SER D 359 -2.53 10.92 -1.49
CA SER D 359 -2.33 11.39 -0.12
C SER D 359 -3.35 10.71 0.80
N GLY D 360 -2.90 9.73 1.56
CA GLY D 360 -3.75 8.98 2.46
C GLY D 360 -3.80 9.55 3.86
N GLU D 361 -3.81 8.66 4.85
CA GLU D 361 -3.89 9.10 6.24
C GLU D 361 -2.56 9.64 6.73
N VAL D 362 -1.45 9.04 6.30
CA VAL D 362 -0.12 9.42 6.76
C VAL D 362 0.20 10.84 6.36
N GLU D 363 -0.06 11.21 5.11
CA GLU D 363 0.16 12.57 4.64
C GLU D 363 -0.77 13.54 5.36
N SER D 364 -2.02 13.13 5.58
CA SER D 364 -2.96 13.97 6.31
C SER D 364 -2.42 14.29 7.70
N ARG D 365 -1.93 13.28 8.44
CA ARG D 365 -1.41 13.47 9.80
C ARG D 365 -0.13 14.29 9.83
N VAL D 366 0.77 14.13 8.87
CA VAL D 366 1.98 14.96 8.80
C VAL D 366 1.62 16.41 8.47
N VAL D 367 0.69 16.66 7.55
CA VAL D 367 0.29 18.03 7.24
C VAL D 367 -0.43 18.66 8.44
N ALA D 368 -1.25 17.87 9.13
CA ALA D 368 -1.92 18.38 10.33
C ALA D 368 -0.91 18.77 11.40
N THR D 369 0.13 17.95 11.57
CA THR D 369 1.16 18.29 12.55
C THR D 369 1.84 19.60 12.19
N LEU D 370 2.22 19.79 10.92
CA LEU D 370 2.83 21.04 10.47
C LEU D 370 1.87 22.21 10.68
N LEU D 371 0.59 22.06 10.35
CA LEU D 371 -0.37 23.13 10.52
C LEU D 371 -0.53 23.52 11.98
N THR D 372 -0.63 22.53 12.86
CA THR D 372 -0.87 22.82 14.27
C THR D 372 0.38 23.31 14.98
N LEU D 373 1.58 22.94 14.51
CA LEU D 373 2.79 23.49 15.09
C LEU D 373 3.12 24.87 14.54
N MET D 374 2.49 25.27 13.45
CA MET D 374 2.69 26.64 12.97
C MET D 374 1.62 27.59 13.51
N ASP D 375 0.36 27.18 13.49
CA ASP D 375 -0.73 28.00 14.02
C ASP D 375 -1.77 27.07 14.62
N GLY D 376 -1.79 26.98 15.94
CA GLY D 376 -2.73 26.13 16.64
C GLY D 376 -2.94 26.63 18.05
N MET D 377 -3.32 25.72 18.93
CA MET D 377 -3.49 26.07 20.34
C MET D 377 -2.17 26.37 21.02
N GLY D 378 -1.04 26.00 20.43
CA GLY D 378 0.26 26.35 20.96
C GLY D 378 0.79 27.63 20.36
N ALA D 379 1.77 28.22 21.05
CA ALA D 379 2.34 29.49 20.62
C ALA D 379 3.60 29.26 19.81
N ALA D 380 4.07 30.33 19.16
CA ALA D 380 5.20 30.22 18.24
C ALA D 380 6.53 30.58 18.92
N GLY D 381 6.63 31.80 19.44
CA GLY D 381 7.90 32.32 19.90
C GLY D 381 8.64 33.01 18.77
N LYS D 382 9.88 33.41 19.06
CA LYS D 382 10.73 34.04 18.06
C LYS D 382 11.22 33.00 17.07
N VAL D 383 10.31 32.40 16.31
CA VAL D 383 10.64 31.31 15.42
C VAL D 383 10.17 31.65 14.02
N VAL D 384 11.03 31.40 13.03
CA VAL D 384 10.71 31.61 11.62
C VAL D 384 10.99 30.32 10.87
N VAL D 385 10.06 29.93 10.02
CA VAL D 385 10.16 28.70 9.23
C VAL D 385 10.42 29.08 7.79
N ILE D 386 11.50 28.55 7.22
CA ILE D 386 11.91 28.84 5.84
C ILE D 386 11.85 27.54 5.06
N ALA D 387 11.11 27.55 3.95
CA ALA D 387 10.89 26.36 3.14
C ALA D 387 11.20 26.66 1.68
N ALA D 388 11.49 25.59 0.93
CA ALA D 388 11.80 25.69 -0.49
C ALA D 388 11.11 24.55 -1.24
N THR D 389 10.66 24.82 -2.46
CA THR D 389 9.93 23.84 -3.23
C THR D 389 10.02 24.17 -4.71
N ASN D 390 10.05 23.12 -5.53
CA ASN D 390 9.94 23.28 -6.97
C ASN D 390 8.51 23.27 -7.47
N ARG D 391 7.56 22.83 -6.63
CA ARG D 391 6.16 22.67 -7.02
C ARG D 391 5.29 23.34 -5.98
N PRO D 392 5.12 24.66 -6.06
CA PRO D 392 4.37 25.35 -5.00
C PRO D 392 2.94 24.86 -4.84
N ASN D 393 2.29 24.46 -5.94
CA ASN D 393 0.90 24.05 -5.87
C ASN D 393 0.73 22.62 -5.35
N SER D 394 1.79 21.83 -5.28
CA SER D 394 1.71 20.53 -4.63
C SER D 394 1.79 20.63 -3.11
N VAL D 395 2.19 21.80 -2.59
CA VAL D 395 2.15 22.03 -1.16
C VAL D 395 0.71 22.25 -0.74
N ASP D 396 0.34 21.74 0.43
CA ASP D 396 -1.05 21.73 0.85
C ASP D 396 -1.61 23.16 0.82
N PRO D 397 -2.79 23.38 0.26
CA PRO D 397 -3.30 24.75 0.12
C PRO D 397 -3.52 25.45 1.45
N ALA D 398 -3.89 24.73 2.50
CA ALA D 398 -4.11 25.34 3.80
C ALA D 398 -2.81 25.64 4.52
N LEU D 399 -1.68 25.31 3.93
CA LEU D 399 -0.38 25.56 4.55
C LEU D 399 0.25 26.86 4.05
N ARG D 400 -0.32 27.47 3.01
CA ARG D 400 0.21 28.70 2.43
C ARG D 400 -0.54 29.95 2.84
N ARG D 401 -1.61 29.80 3.62
CA ARG D 401 -2.43 30.93 4.08
C ARG D 401 -1.58 31.85 4.94
N PRO D 402 -1.83 33.16 5.04
CA PRO D 402 -1.07 33.97 5.94
C PRO D 402 -1.16 33.41 7.35
N GLY D 403 -0.10 33.47 8.13
CA GLY D 403 0.00 32.87 9.49
C GLY D 403 0.93 31.68 9.45
N ARG D 404 0.96 30.96 8.34
CA ARG D 404 1.84 29.81 8.11
C ARG D 404 2.90 30.35 7.16
N PHE D 405 2.95 29.97 5.88
CA PHE D 405 3.97 30.43 4.90
C PHE D 405 3.42 31.71 4.28
N ASP D 406 3.45 32.81 5.03
CA ASP D 406 2.84 34.10 4.63
C ASP D 406 3.43 34.60 3.33
N GLN D 407 4.75 34.54 3.16
CA GLN D 407 5.43 35.11 2.00
C GLN D 407 5.78 33.98 1.04
N GLU D 408 5.70 34.19 -0.27
CA GLU D 408 6.17 33.27 -1.29
C GLU D 408 7.18 34.01 -2.15
N VAL D 409 8.44 34.00 -1.69
CA VAL D 409 9.53 34.68 -2.38
C VAL D 409 9.89 33.85 -3.60
N GLU D 410 9.40 34.25 -4.78
CA GLU D 410 9.71 33.51 -5.99
C GLU D 410 11.18 33.64 -6.35
N ILE D 411 11.77 32.54 -6.78
CA ILE D 411 13.17 32.51 -7.20
C ILE D 411 13.24 31.88 -8.58
N GLY D 412 13.18 32.73 -9.61
CA GLY D 412 13.01 32.27 -10.97
C GLY D 412 14.31 32.21 -11.75
N ILE D 413 14.16 31.98 -13.05
CA ILE D 413 15.33 31.82 -13.92
C ILE D 413 16.05 33.16 -14.04
N PRO D 414 17.37 33.17 -14.19
CA PRO D 414 18.09 34.45 -14.23
C PRO D 414 17.92 35.17 -15.55
N ASP D 415 17.97 36.50 -15.49
CA ASP D 415 18.02 37.35 -16.68
C ASP D 415 19.43 37.36 -17.26
N VAL D 416 19.66 38.18 -18.28
CA VAL D 416 21.01 38.35 -18.80
C VAL D 416 21.88 39.05 -17.77
N ASP D 417 21.34 40.05 -17.09
CA ASP D 417 22.07 40.71 -16.00
C ASP D 417 22.34 39.72 -14.87
N ALA D 418 21.35 38.91 -14.50
CA ALA D 418 21.55 37.93 -13.45
C ALA D 418 22.60 36.91 -13.84
N ARG D 419 22.60 36.47 -15.10
CA ARG D 419 23.61 35.50 -15.51
C ARG D 419 25.00 36.12 -15.56
N PHE D 420 25.10 37.38 -15.97
CA PHE D 420 26.37 38.07 -15.88
C PHE D 420 26.87 38.12 -14.44
N ASP D 421 25.97 38.42 -13.50
CA ASP D 421 26.36 38.48 -12.10
C ASP D 421 26.84 37.12 -11.61
N ILE D 422 26.09 36.06 -11.94
CA ILE D 422 26.45 34.72 -11.51
C ILE D 422 27.81 34.33 -12.08
N LEU D 423 28.06 34.68 -13.35
CA LEU D 423 29.31 34.31 -13.98
C LEU D 423 30.49 35.07 -13.38
N THR D 424 30.32 36.37 -13.12
CA THR D 424 31.40 37.12 -12.48
C THR D 424 31.70 36.57 -11.09
N LYS D 425 30.67 36.21 -10.32
CA LYS D 425 30.94 35.70 -8.98
C LYS D 425 31.51 34.29 -9.02
N GLN D 426 31.11 33.47 -9.98
CA GLN D 426 31.69 32.15 -10.13
C GLN D 426 33.16 32.24 -10.52
N PHE D 427 33.48 33.15 -11.45
CA PHE D 427 34.85 33.25 -11.93
C PHE D 427 35.74 34.05 -10.98
N SER D 428 35.14 34.81 -10.06
CA SER D 428 35.93 35.45 -9.01
C SER D 428 36.55 34.44 -8.07
N ARG D 429 35.97 33.25 -7.95
CA ARG D 429 36.51 32.23 -7.06
C ARG D 429 37.88 31.75 -7.50
N MET D 430 38.22 31.89 -8.78
CA MET D 430 39.44 31.32 -9.30
C MET D 430 40.64 32.23 -9.03
N SER D 431 41.80 31.79 -9.51
CA SER D 431 43.04 32.55 -9.41
C SER D 431 43.22 33.41 -10.66
N SER D 432 44.40 33.99 -10.83
CA SER D 432 44.69 34.76 -12.03
C SER D 432 45.10 33.82 -13.17
N ASP D 433 44.26 32.83 -13.44
CA ASP D 433 44.37 31.99 -14.64
C ASP D 433 43.13 32.11 -15.50
N ARG D 434 42.33 33.16 -15.28
CA ARG D 434 41.07 33.30 -16.00
C ARG D 434 41.30 33.68 -17.46
N HIS D 435 41.88 34.85 -17.69
CA HIS D 435 42.14 35.38 -19.03
C HIS D 435 40.86 35.83 -19.71
N VAL D 436 39.71 35.59 -19.08
CA VAL D 436 38.45 36.15 -19.57
C VAL D 436 38.32 37.55 -18.99
N LEU D 437 38.28 38.55 -19.85
CA LEU D 437 38.24 39.93 -19.38
C LEU D 437 37.05 40.11 -18.46
N ASP D 438 37.31 40.60 -17.25
CA ASP D 438 36.33 40.53 -16.17
C ASP D 438 34.92 40.83 -16.64
N SER D 439 34.76 41.82 -17.51
CA SER D 439 33.44 42.18 -18.00
C SER D 439 33.16 41.61 -19.38
N GLU D 440 34.01 41.91 -20.35
CA GLU D 440 33.70 41.68 -21.76
C GLU D 440 33.48 40.20 -22.08
N ALA D 441 34.49 39.37 -21.84
CA ALA D 441 34.35 37.95 -22.16
C ALA D 441 33.22 37.31 -21.36
N ILE D 442 33.14 37.63 -20.07
CA ILE D 442 32.05 37.10 -19.26
C ILE D 442 30.72 37.62 -19.75
N LYS D 443 30.66 38.87 -20.23
CA LYS D 443 29.41 39.40 -20.75
C LYS D 443 28.99 38.67 -22.02
N TYR D 444 29.94 38.37 -22.89
CA TYR D 444 29.63 37.57 -24.09
C TYR D 444 29.11 36.19 -23.70
N ILE D 445 29.77 35.54 -22.73
CA ILE D 445 29.31 34.24 -22.27
C ILE D 445 27.93 34.34 -21.63
N ALA D 446 27.63 35.46 -20.98
CA ALA D 446 26.34 35.62 -20.31
C ALA D 446 25.22 35.82 -21.33
N SER D 447 25.48 36.63 -22.36
CA SER D 447 24.48 36.82 -23.40
C SER D 447 24.28 35.56 -24.23
N LYS D 448 25.34 34.76 -24.39
CA LYS D 448 25.21 33.56 -25.21
C LYS D 448 24.49 32.44 -24.46
N THR D 449 24.44 32.50 -23.13
CA THR D 449 23.70 31.51 -22.36
C THR D 449 22.25 31.93 -22.22
N HIS D 450 21.36 31.17 -22.86
CA HIS D 450 19.93 31.45 -22.87
C HIS D 450 19.19 30.33 -22.14
N GLY D 451 18.38 30.71 -21.15
CA GLY D 451 17.63 29.73 -20.39
C GLY D 451 18.40 29.05 -19.29
N TYR D 452 19.67 29.40 -19.08
CA TYR D 452 20.46 28.80 -18.03
C TYR D 452 19.91 29.22 -16.67
N VAL D 453 20.09 28.35 -15.68
CA VAL D 453 19.45 28.52 -14.38
C VAL D 453 20.45 28.81 -13.26
N GLY D 454 21.70 28.35 -13.37
CA GLY D 454 22.71 28.62 -12.37
C GLY D 454 23.45 27.39 -11.92
N ALA D 455 22.75 26.28 -11.75
CA ALA D 455 23.44 25.01 -11.58
C ALA D 455 24.18 24.63 -12.85
N ASP D 456 23.54 24.86 -14.00
CA ASP D 456 24.18 24.58 -15.28
C ASP D 456 25.35 25.53 -15.54
N LEU D 457 25.27 26.77 -15.03
CA LEU D 457 26.41 27.68 -15.19
C LEU D 457 27.60 27.21 -14.37
N THR D 458 27.37 26.74 -13.15
CA THR D 458 28.46 26.14 -12.38
C THR D 458 29.02 24.93 -13.10
N ALA D 459 28.13 24.11 -13.68
CA ALA D 459 28.60 22.97 -14.47
C ALA D 459 29.41 23.44 -15.67
N LEU D 460 29.04 24.57 -16.25
CA LEU D 460 29.77 25.11 -17.40
C LEU D 460 31.17 25.56 -16.99
N CYS D 461 31.29 26.20 -15.83
CA CYS D 461 32.61 26.61 -15.35
C CYS D 461 33.48 25.39 -15.06
N ARG D 462 32.91 24.38 -14.41
CA ARG D 462 33.68 23.18 -14.10
C ARG D 462 34.07 22.45 -15.39
N GLU D 463 33.16 22.39 -16.37
CA GLU D 463 33.47 21.77 -17.64
C GLU D 463 34.51 22.56 -18.41
N SER D 464 34.53 23.88 -18.25
CA SER D 464 35.58 24.69 -18.86
C SER D 464 36.94 24.34 -18.26
N VAL D 465 36.99 24.17 -16.94
CA VAL D 465 38.24 23.73 -16.32
C VAL D 465 38.64 22.36 -16.85
N MET D 466 37.67 21.45 -16.97
CA MET D 466 37.94 20.12 -17.51
C MET D 466 38.50 20.21 -18.92
N LYS D 467 37.89 21.06 -19.76
CA LYS D 467 38.34 21.19 -21.14
C LYS D 467 39.75 21.75 -21.22
N THR D 468 40.05 22.76 -20.40
CA THR D 468 41.40 23.34 -20.42
C THR D 468 42.44 22.32 -20.00
N ILE D 469 42.13 21.52 -18.97
CA ILE D 469 43.14 20.56 -18.51
C ILE D 469 43.23 19.34 -19.43
N GLN D 470 42.14 18.95 -20.11
CA GLN D 470 42.28 17.88 -21.08
C GLN D 470 43.04 18.36 -22.31
N ARG D 471 42.87 19.63 -22.69
CA ARG D 471 43.73 20.22 -23.72
C ARG D 471 45.18 20.22 -23.27
N GLY D 472 45.44 20.54 -22.00
CA GLY D 472 46.79 20.48 -21.47
C GLY D 472 47.37 19.09 -21.56
N LEU D 473 46.59 18.09 -21.19
CA LEU D 473 47.05 16.70 -21.30
C LEU D 473 47.34 16.33 -22.75
N GLY D 474 46.47 16.78 -23.68
CA GLY D 474 46.70 16.50 -25.09
C GLY D 474 47.89 17.23 -25.67
N THR D 475 48.28 18.35 -25.07
CA THR D 475 49.52 19.02 -25.47
C THR D 475 50.73 18.21 -25.02
N ASP D 476 50.85 17.98 -23.72
CA ASP D 476 51.85 17.07 -23.18
C ASP D 476 51.42 16.66 -21.78
N ALA D 477 51.79 15.43 -21.41
CA ALA D 477 51.37 14.91 -20.11
C ALA D 477 52.07 15.63 -18.96
N ASN D 478 53.30 16.09 -19.17
CA ASN D 478 54.10 16.72 -18.12
C ASN D 478 54.07 18.25 -18.19
N ILE D 479 53.12 18.83 -18.93
CA ILE D 479 53.07 20.28 -19.05
C ILE D 479 52.72 20.91 -17.71
N ASP D 480 53.15 22.16 -17.53
CA ASP D 480 52.90 22.92 -16.31
C ASP D 480 51.48 23.49 -16.32
N LYS D 481 50.53 22.64 -15.95
CA LYS D 481 49.10 22.90 -16.12
C LYS D 481 48.65 24.24 -15.54
N PHE D 482 49.12 24.60 -14.33
CA PHE D 482 48.53 25.74 -13.63
C PHE D 482 48.56 27.00 -14.49
N SER D 483 49.55 27.11 -15.38
CA SER D 483 49.66 28.25 -16.28
C SER D 483 48.76 28.12 -17.51
N LEU D 484 48.03 27.01 -17.64
CA LEU D 484 47.11 26.81 -18.76
C LEU D 484 45.85 27.63 -18.49
N LYS D 485 45.91 28.90 -18.84
CA LYS D 485 44.76 29.77 -18.67
C LYS D 485 43.56 29.20 -19.42
N VAL D 486 42.40 29.20 -18.76
CA VAL D 486 41.17 28.87 -19.47
C VAL D 486 40.84 30.00 -20.42
N THR D 487 41.07 29.76 -21.71
CA THR D 487 40.78 30.76 -22.73
C THR D 487 39.33 30.62 -23.17
N LEU D 488 38.78 31.72 -23.70
CA LEU D 488 37.36 31.75 -23.99
C LEU D 488 36.95 30.60 -24.91
N LYS D 489 37.87 30.15 -25.77
CA LYS D 489 37.56 28.99 -26.60
C LYS D 489 37.40 27.73 -25.77
N ASP D 490 38.06 27.64 -24.61
CA ASP D 490 37.80 26.53 -23.71
C ASP D 490 36.39 26.59 -23.16
N VAL D 491 35.93 27.79 -22.79
CA VAL D 491 34.54 27.95 -22.37
C VAL D 491 33.61 27.54 -23.49
N GLU D 492 33.94 27.92 -24.74
CA GLU D 492 33.10 27.55 -25.88
C GLU D 492 33.04 26.04 -26.05
N SER D 493 34.18 25.37 -25.95
CA SER D 493 34.19 23.92 -26.04
C SER D 493 33.41 23.28 -24.91
N ALA D 494 33.37 23.92 -23.74
CA ALA D 494 32.58 23.40 -22.64
C ALA D 494 31.08 23.60 -22.87
N MET D 495 30.69 24.76 -23.40
CA MET D 495 29.27 25.06 -23.50
C MET D 495 28.57 24.13 -24.49
N VAL D 496 29.27 23.72 -25.55
CA VAL D 496 28.72 22.75 -26.49
C VAL D 496 28.54 21.37 -25.86
N ASP D 497 29.02 21.18 -24.64
CA ASP D 497 28.90 19.90 -23.94
C ASP D 497 28.02 20.02 -22.69
N ILE D 498 27.18 21.06 -22.62
CA ILE D 498 26.20 21.22 -21.55
C ILE D 498 24.90 21.67 -22.19
N ARG D 499 23.80 21.43 -21.47
CA ARG D 499 22.48 21.75 -22.01
C ARG D 499 21.67 22.54 -20.99
N PRO D 500 20.94 23.57 -21.42
CA PRO D 500 20.20 24.39 -20.47
C PRO D 500 19.17 23.57 -19.70
N SER D 501 18.95 23.96 -18.43
CA SER D 501 18.08 23.19 -17.56
C SER D 501 16.69 23.01 -18.17
N ALA D 502 16.13 24.06 -18.72
CA ALA D 502 14.82 23.99 -19.39
C ALA D 502 14.88 23.27 -20.73
N MET D 503 15.97 22.61 -21.12
CA MET D 503 16.08 22.07 -22.47
C MET D 503 16.67 20.66 -22.55
N ARG D 504 16.95 19.99 -21.43
CA ARG D 504 17.50 18.64 -21.50
C ARG D 504 16.60 17.73 -22.33
N GLU D 505 15.29 17.89 -22.21
CA GLU D 505 14.34 17.00 -22.89
C GLU D 505 14.06 17.40 -24.34
N ILE D 506 14.60 18.51 -24.81
CA ILE D 506 14.37 18.97 -26.20
C ILE D 506 15.47 18.38 -27.04
N PHE D 507 15.23 17.17 -27.55
CA PHE D 507 16.19 16.47 -28.39
C PHE D 507 16.09 16.97 -29.82
N LEU D 508 17.23 17.29 -30.43
CA LEU D 508 17.29 17.78 -31.80
C LEU D 508 18.49 17.17 -32.51
N GLU D 509 18.30 16.81 -33.79
CA GLU D 509 19.41 16.33 -34.59
C GLU D 509 20.18 17.49 -35.22
N MET D 510 19.46 18.45 -35.81
CA MET D 510 19.94 19.80 -36.07
C MET D 510 21.37 19.84 -36.62
N PRO D 511 21.58 19.50 -37.90
CA PRO D 511 22.94 19.51 -38.44
C PRO D 511 23.48 20.90 -38.77
N LYS D 512 23.28 21.87 -37.87
CA LYS D 512 24.00 23.14 -37.90
C LYS D 512 23.88 23.84 -39.26
N VAL D 513 22.65 24.23 -39.59
CA VAL D 513 22.41 24.95 -40.84
C VAL D 513 22.75 26.42 -40.67
N TYR D 514 23.29 27.02 -41.72
CA TYR D 514 23.65 28.44 -41.73
C TYR D 514 23.01 29.11 -42.94
N TRP D 515 22.86 30.44 -42.84
CA TRP D 515 22.14 31.17 -43.88
C TRP D 515 22.68 30.89 -45.27
N SER D 516 24.00 30.84 -45.43
CA SER D 516 24.57 30.69 -46.77
C SER D 516 24.17 29.38 -47.43
N ASP D 517 23.71 28.40 -46.66
CA ASP D 517 23.24 27.14 -47.26
C ASP D 517 21.97 27.37 -48.09
N ILE D 518 21.14 28.32 -47.70
CA ILE D 518 19.90 28.61 -48.42
C ILE D 518 20.27 29.39 -49.68
N GLY D 519 19.96 28.80 -50.84
CA GLY D 519 20.24 29.47 -52.10
C GLY D 519 19.26 30.60 -52.34
N GLY D 520 19.74 31.84 -52.30
CA GLY D 520 18.86 32.97 -52.58
C GLY D 520 17.95 33.24 -51.40
N GLN D 521 16.68 33.51 -51.70
CA GLN D 521 15.69 33.84 -50.68
C GLN D 521 16.15 35.02 -49.82
N GLU D 522 16.74 36.03 -50.46
CA GLU D 522 17.28 37.17 -49.72
C GLU D 522 16.17 37.91 -48.98
N GLU D 523 14.97 37.99 -49.56
CA GLU D 523 13.88 38.68 -48.89
C GLU D 523 13.52 37.97 -47.58
N LEU D 524 13.37 36.65 -47.63
CA LEU D 524 13.06 35.89 -46.43
C LEU D 524 14.17 36.04 -45.40
N LYS D 525 15.42 36.01 -45.85
CA LYS D 525 16.54 36.17 -44.91
C LYS D 525 16.48 37.52 -44.22
N THR D 526 16.22 38.59 -44.99
CA THR D 526 16.16 39.92 -44.39
C THR D 526 15.02 40.02 -43.38
N LYS D 527 13.84 39.48 -43.73
CA LYS D 527 12.72 39.57 -42.82
C LYS D 527 12.94 38.73 -41.57
N MET D 528 13.60 37.58 -41.70
CA MET D 528 13.84 36.74 -40.53
C MET D 528 14.95 37.32 -39.64
N LYS D 529 15.91 38.03 -40.25
CA LYS D 529 16.82 38.85 -39.46
C LYS D 529 16.04 39.91 -38.68
N GLU D 530 15.11 40.58 -39.35
CA GLU D 530 14.23 41.50 -38.63
C GLU D 530 13.55 40.86 -37.44
N MET D 531 12.99 39.68 -37.61
CA MET D 531 12.20 39.13 -36.51
C MET D 531 13.07 38.60 -35.37
N ILE D 532 14.03 37.74 -35.68
CA ILE D 532 14.72 36.97 -34.65
C ILE D 532 15.91 37.72 -34.08
N GLN D 533 16.77 38.27 -34.95
CA GLN D 533 18.00 38.91 -34.48
C GLN D 533 17.74 40.33 -33.97
N LEU D 534 17.27 41.21 -34.85
CA LEU D 534 17.32 42.64 -34.58
C LEU D 534 16.70 43.05 -33.25
N PRO D 535 15.54 42.54 -32.84
CA PRO D 535 14.92 43.07 -31.61
C PRO D 535 15.78 42.88 -30.37
N LEU D 536 16.75 41.96 -30.40
CA LEU D 536 17.69 41.80 -29.30
C LEU D 536 18.97 42.60 -29.53
N GLU D 537 19.41 42.73 -30.78
CA GLU D 537 20.62 43.48 -31.10
C GLU D 537 20.37 44.99 -31.17
N ALA D 538 19.12 45.43 -31.18
CA ALA D 538 18.77 46.84 -31.16
C ALA D 538 17.67 47.11 -30.15
N SER D 539 17.75 46.43 -28.99
CA SER D 539 16.68 46.49 -28.00
C SER D 539 16.30 47.91 -27.62
N GLU D 540 17.29 48.73 -27.29
CA GLU D 540 16.99 50.07 -26.80
C GLU D 540 16.23 50.90 -27.83
N THR D 541 16.47 50.66 -29.12
CA THR D 541 15.78 51.44 -30.14
C THR D 541 14.28 51.14 -30.15
N PHE D 542 13.92 49.85 -30.24
CA PHE D 542 12.51 49.47 -30.15
C PHE D 542 11.91 49.96 -28.84
N ALA D 543 12.63 49.80 -27.74
CA ALA D 543 12.10 50.22 -26.45
C ALA D 543 11.79 51.72 -26.44
N ARG D 544 12.68 52.52 -27.02
CA ARG D 544 12.49 53.96 -27.02
C ARG D 544 11.40 54.39 -27.99
N LEU D 545 11.17 53.63 -29.05
CA LEU D 545 10.06 53.92 -29.94
C LEU D 545 8.73 53.37 -29.42
N GLY D 546 8.74 52.59 -28.34
CA GLY D 546 7.49 52.05 -27.81
C GLY D 546 6.90 50.94 -28.65
N ILE D 547 7.70 50.30 -29.49
CA ILE D 547 7.23 49.32 -30.46
C ILE D 547 7.83 47.96 -30.12
N SER D 548 6.96 46.95 -30.00
CA SER D 548 7.41 45.58 -29.91
C SER D 548 7.47 44.97 -31.29
N ALA D 549 8.54 44.24 -31.58
CA ALA D 549 8.72 43.69 -32.90
C ALA D 549 7.66 42.63 -33.18
N PRO D 550 7.27 42.44 -34.44
CA PRO D 550 6.32 41.38 -34.76
C PRO D 550 6.83 40.03 -34.27
N LYS D 551 5.93 39.25 -33.69
CA LYS D 551 6.30 38.00 -33.05
C LYS D 551 5.61 36.79 -33.66
N GLY D 552 5.38 36.80 -34.97
CA GLY D 552 4.83 35.65 -35.65
C GLY D 552 5.00 35.79 -37.15
N VAL D 553 5.27 34.66 -37.80
CA VAL D 553 5.45 34.61 -39.24
C VAL D 553 4.94 33.28 -39.76
N LEU D 554 4.36 33.30 -40.95
CA LEU D 554 3.91 32.10 -41.63
C LEU D 554 4.70 31.96 -42.93
N LEU D 555 5.48 30.89 -43.03
CA LEU D 555 6.22 30.57 -44.24
C LEU D 555 5.40 29.56 -45.04
N TYR D 556 4.89 29.97 -46.19
CA TYR D 556 4.06 29.10 -47.02
C TYR D 556 4.60 29.08 -48.44
N GLY D 557 4.55 27.90 -49.06
CA GLY D 557 5.05 27.73 -50.40
C GLY D 557 5.05 26.28 -50.83
N PRO D 558 5.36 26.04 -52.11
CA PRO D 558 5.34 24.68 -52.64
C PRO D 558 6.25 23.77 -51.84
N PRO D 559 6.02 22.46 -51.88
CA PRO D 559 6.92 21.53 -51.19
C PRO D 559 8.33 21.58 -51.78
N GLY D 560 9.32 21.41 -50.91
CA GLY D 560 10.70 21.35 -51.36
C GLY D 560 11.38 22.69 -51.50
N CYS D 561 10.70 23.78 -51.16
CA CYS D 561 11.36 25.08 -51.05
C CYS D 561 12.12 25.13 -49.72
N SER D 562 12.55 26.31 -49.30
CA SER D 562 13.44 26.46 -48.16
C SER D 562 12.69 26.65 -46.84
N LYS D 563 11.48 26.09 -46.71
CA LYS D 563 10.66 26.40 -45.55
C LYS D 563 11.27 25.84 -44.26
N THR D 564 11.39 24.51 -44.17
CA THR D 564 11.98 23.92 -42.98
C THR D 564 13.45 24.29 -42.84
N LEU D 565 14.17 24.36 -43.96
CA LEU D 565 15.58 24.66 -43.91
C LEU D 565 15.82 26.04 -43.29
N THR D 566 14.94 26.99 -43.57
CA THR D 566 15.08 28.32 -42.96
C THR D 566 14.82 28.28 -41.46
N ALA D 567 13.90 27.44 -41.02
CA ALA D 567 13.70 27.27 -39.58
C ALA D 567 14.96 26.71 -38.92
N LYS D 568 15.58 25.71 -39.55
CA LYS D 568 16.80 25.14 -39.00
C LYS D 568 17.93 26.17 -39.01
N ALA D 569 17.99 26.99 -40.07
CA ALA D 569 18.99 28.06 -40.12
C ALA D 569 18.79 29.06 -39.01
N LEU D 570 17.54 29.44 -38.73
CA LEU D 570 17.29 30.29 -37.58
C LEU D 570 17.74 29.61 -36.29
N ALA D 571 17.47 28.31 -36.18
CA ALA D 571 17.82 27.59 -34.96
C ALA D 571 19.32 27.63 -34.71
N THR D 572 20.12 27.41 -35.75
CA THR D 572 21.57 27.30 -35.59
C THR D 572 22.32 28.55 -36.07
N GLU D 573 21.64 29.67 -36.19
CA GLU D 573 22.35 30.95 -36.33
C GLU D 573 21.85 32.03 -35.38
N SER D 574 20.62 31.96 -34.87
CA SER D 574 20.09 33.02 -34.03
C SER D 574 20.66 33.00 -32.62
N GLY D 575 21.14 31.85 -32.15
CA GLY D 575 21.69 31.76 -30.82
C GLY D 575 20.64 31.46 -29.76
N ILE D 576 19.43 31.98 -29.96
CA ILE D 576 18.36 31.73 -29.00
C ILE D 576 17.91 30.28 -29.11
N ASN D 577 17.20 29.83 -28.07
CA ASN D 577 16.68 28.48 -28.07
C ASN D 577 15.70 28.29 -29.22
N PHE D 578 15.34 27.03 -29.47
CA PHE D 578 14.53 26.67 -30.63
C PHE D 578 13.80 25.38 -30.34
N LEU D 579 12.49 25.46 -30.13
CA LEU D 579 11.63 24.31 -29.94
C LEU D 579 10.91 23.99 -31.24
N ALA D 580 10.77 22.70 -31.52
CA ALA D 580 10.22 22.25 -32.79
C ALA D 580 8.98 21.40 -32.55
N VAL D 581 8.01 21.53 -33.47
CA VAL D 581 6.78 20.75 -33.44
C VAL D 581 6.48 20.30 -34.86
N LYS D 582 5.68 19.24 -34.98
CA LYS D 582 5.26 18.72 -36.27
C LYS D 582 3.75 18.56 -36.23
N GLY D 583 3.15 18.34 -37.39
CA GLY D 583 1.71 18.39 -37.52
C GLY D 583 1.00 17.32 -36.73
N PRO D 584 1.17 16.06 -37.13
CA PRO D 584 0.43 14.95 -36.49
C PRO D 584 1.12 14.32 -35.28
N GLU D 585 2.25 14.84 -34.82
CA GLU D 585 2.90 14.22 -33.66
C GLU D 585 2.18 14.54 -32.37
N ILE D 586 1.30 15.54 -32.38
CA ILE D 586 0.58 15.96 -31.18
C ILE D 586 -0.92 15.76 -31.37
N PHE D 587 -1.28 14.68 -32.05
CA PHE D 587 -2.67 14.28 -32.23
C PHE D 587 -2.94 12.96 -31.53
N ASN D 588 -2.66 12.93 -30.24
CA ASN D 588 -3.01 11.74 -29.46
C ASN D 588 -4.51 11.60 -29.52
N LYS D 589 -5.04 10.43 -29.21
CA LYS D 589 -6.46 10.18 -29.36
C LYS D 589 -7.17 10.08 -28.08
N TYR D 590 -6.80 10.90 -27.14
CA TYR D 590 -7.54 10.88 -25.96
C TYR D 590 -8.18 12.23 -25.90
N VAL D 591 -9.00 12.50 -24.92
CA VAL D 591 -9.81 13.70 -24.92
C VAL D 591 -9.09 14.98 -24.74
N GLY D 592 -7.97 14.95 -24.08
CA GLY D 592 -7.30 16.21 -23.78
C GLY D 592 -5.79 16.16 -23.88
N GLU D 593 -5.24 15.18 -24.60
CA GLU D 593 -3.80 14.99 -24.59
C GLU D 593 -3.08 15.82 -25.65
N SER D 594 -3.79 16.35 -26.65
CA SER D 594 -3.15 17.18 -27.64
C SER D 594 -3.01 18.62 -27.15
N GLU D 595 -4.09 19.16 -26.56
CA GLU D 595 -4.01 20.48 -25.97
C GLU D 595 -2.92 20.52 -24.90
N ARG D 596 -2.75 19.41 -24.18
CA ARG D 596 -1.70 19.36 -23.17
C ARG D 596 -0.32 19.43 -23.81
N ALA D 597 -0.14 18.79 -24.96
CA ALA D 597 1.12 18.92 -25.68
C ALA D 597 1.37 20.37 -26.06
N ILE D 598 0.36 21.05 -26.58
CA ILE D 598 0.52 22.46 -26.97
C ILE D 598 0.94 23.29 -25.77
N ARG D 599 0.22 23.13 -24.66
CA ARG D 599 0.48 23.95 -23.48
C ARG D 599 1.86 23.64 -22.88
N GLU D 600 2.26 22.37 -22.90
CA GLU D 600 3.61 22.03 -22.42
C GLU D 600 4.68 22.68 -23.30
N ILE D 601 4.48 22.66 -24.61
CA ILE D 601 5.44 23.31 -25.51
C ILE D 601 5.56 24.78 -25.18
N PHE D 602 4.44 25.46 -25.00
CA PHE D 602 4.51 26.89 -24.71
C PHE D 602 5.07 27.17 -23.32
N ARG D 603 4.81 26.29 -22.35
CA ARG D 603 5.42 26.44 -21.03
C ARG D 603 6.94 26.35 -21.12
N LYS D 604 7.45 25.36 -21.85
CA LYS D 604 8.89 25.26 -22.03
C LYS D 604 9.44 26.47 -22.75
N ALA D 605 8.72 26.93 -23.78
CA ALA D 605 9.19 28.10 -24.53
C ALA D 605 9.29 29.33 -23.63
N ARG D 606 8.30 29.53 -22.75
CA ARG D 606 8.40 30.63 -21.80
C ARG D 606 9.59 30.44 -20.87
N SER D 607 9.76 29.23 -20.33
CA SER D 607 10.85 29.00 -19.39
C SER D 607 12.21 29.22 -20.07
N ALA D 608 12.31 28.95 -21.37
CA ALA D 608 13.56 29.05 -22.10
C ALA D 608 13.62 30.29 -22.98
N ALA D 609 12.72 31.25 -22.79
CA ALA D 609 12.72 32.42 -23.66
C ALA D 609 13.99 33.24 -23.45
N PRO D 610 14.53 33.88 -24.50
CA PRO D 610 14.11 33.91 -25.91
C PRO D 610 14.15 32.55 -26.58
N SER D 611 13.10 32.22 -27.34
CA SER D 611 13.02 30.94 -28.01
C SER D 611 12.10 31.04 -29.21
N ILE D 612 12.35 30.19 -30.20
CA ILE D 612 11.46 30.00 -31.33
C ILE D 612 10.64 28.75 -31.08
N ILE D 613 9.41 28.74 -31.57
CA ILE D 613 8.62 27.54 -31.70
C ILE D 613 8.26 27.39 -33.17
N PHE D 614 8.69 26.31 -33.80
CA PHE D 614 8.48 26.10 -35.22
C PHE D 614 7.39 25.05 -35.39
N PHE D 615 6.25 25.46 -35.95
CA PHE D 615 5.10 24.60 -36.15
C PHE D 615 5.07 24.17 -37.62
N ASP D 616 5.80 23.11 -37.92
CA ASP D 616 5.75 22.54 -39.26
C ASP D 616 4.39 21.86 -39.48
N GLU D 617 3.91 21.92 -40.71
CA GLU D 617 2.58 21.38 -41.04
C GLU D 617 1.52 21.95 -40.10
N ILE D 618 1.47 23.27 -39.99
CA ILE D 618 0.46 23.93 -39.16
C ILE D 618 -0.95 23.70 -39.67
N ASP D 619 -1.11 23.19 -40.90
CA ASP D 619 -2.45 22.88 -41.39
C ASP D 619 -3.06 21.72 -40.62
N ALA D 620 -2.22 20.80 -40.13
CA ALA D 620 -2.74 19.70 -39.32
C ALA D 620 -3.37 20.22 -38.04
N LEU D 621 -2.76 21.21 -37.41
CA LEU D 621 -3.23 21.76 -36.15
C LEU D 621 -4.37 22.74 -36.30
N SER D 622 -4.81 23.03 -37.52
CA SER D 622 -5.82 24.04 -37.73
C SER D 622 -7.02 23.53 -38.54
N PRO D 623 -7.66 22.43 -38.15
CA PRO D 623 -8.94 22.10 -38.77
C PRO D 623 -10.06 22.95 -38.20
N ASP D 624 -10.87 23.52 -39.09
CA ASP D 624 -12.04 24.27 -38.64
C ASP D 624 -13.13 23.33 -38.13
N ARG D 625 -13.26 22.15 -38.74
CA ARG D 625 -14.20 21.10 -38.37
C ARG D 625 -15.64 21.46 -38.71
N ASP D 626 -15.88 22.61 -39.33
CA ASP D 626 -17.21 23.00 -39.79
C ASP D 626 -17.48 22.56 -41.23
N GLY D 627 -16.57 21.81 -41.83
CA GLY D 627 -16.64 21.48 -43.24
C GLY D 627 -15.31 21.70 -43.90
N SER D 628 -14.62 22.77 -43.48
CA SER D 628 -13.24 23.00 -43.87
C SER D 628 -12.33 22.15 -42.97
N SER D 629 -11.59 21.23 -43.58
CA SER D 629 -10.77 20.31 -42.80
C SER D 629 -11.62 19.59 -41.76
N THR D 630 -12.56 18.77 -42.22
CA THR D 630 -13.49 18.10 -41.32
C THR D 630 -12.79 17.00 -40.55
N SER D 631 -11.79 17.36 -39.76
CA SER D 631 -11.05 16.40 -38.96
C SER D 631 -11.85 16.02 -37.72
N ALA D 632 -11.21 15.22 -36.85
CA ALA D 632 -11.85 14.79 -35.62
C ALA D 632 -12.20 15.99 -34.74
N ALA D 633 -12.98 15.73 -33.70
CA ALA D 633 -13.47 16.79 -32.81
C ALA D 633 -12.42 17.17 -31.78
N ASN D 634 -11.25 17.58 -32.24
CA ASN D 634 -10.16 17.97 -31.35
C ASN D 634 -10.07 19.49 -31.25
N HIS D 635 -9.61 19.97 -30.11
CA HIS D 635 -9.54 21.39 -29.80
C HIS D 635 -8.10 21.91 -29.78
N VAL D 636 -7.23 21.38 -30.64
CA VAL D 636 -5.85 21.82 -30.67
C VAL D 636 -5.75 23.26 -31.15
N LEU D 637 -6.55 23.61 -32.16
CA LEU D 637 -6.51 24.97 -32.68
C LEU D 637 -6.79 25.99 -31.58
N THR D 638 -7.77 25.71 -30.73
CA THR D 638 -8.12 26.67 -29.68
C THR D 638 -7.02 26.81 -28.65
N SER D 639 -6.39 25.71 -28.24
CA SER D 639 -5.28 25.81 -27.29
C SER D 639 -4.13 26.60 -27.89
N LEU D 640 -3.81 26.34 -29.16
CA LEU D 640 -2.76 27.09 -29.83
C LEU D 640 -3.11 28.58 -29.89
N LEU D 641 -4.36 28.88 -30.21
CA LEU D 641 -4.80 30.27 -30.31
C LEU D 641 -4.68 30.99 -28.97
N ASN D 642 -5.08 30.34 -27.89
CA ASN D 642 -5.01 30.98 -26.58
C ASN D 642 -3.59 31.10 -26.08
N GLU D 643 -2.72 30.13 -26.39
CA GLU D 643 -1.33 30.23 -25.96
C GLU D 643 -0.59 31.32 -26.72
N ILE D 644 -0.85 31.47 -28.02
CA ILE D 644 -0.18 32.52 -28.77
C ILE D 644 -0.63 33.90 -28.29
N ASP D 645 -1.94 34.14 -28.20
CA ASP D 645 -2.48 35.42 -27.78
C ASP D 645 -3.75 35.18 -26.95
N GLY D 646 -3.58 35.13 -25.63
CA GLY D 646 -4.67 34.93 -24.71
C GLY D 646 -4.66 35.93 -23.58
N VAL D 647 -5.31 35.54 -22.47
CA VAL D 647 -5.31 36.39 -21.30
C VAL D 647 -3.89 36.57 -20.77
N GLU D 648 -3.08 35.52 -20.86
CA GLU D 648 -1.65 35.64 -20.62
C GLU D 648 -0.94 36.02 -21.91
N GLU D 649 0.19 36.72 -21.77
CA GLU D 649 0.72 37.51 -22.86
C GLU D 649 1.72 36.78 -23.75
N LEU D 650 2.52 35.86 -23.19
CA LEU D 650 3.59 35.20 -23.94
C LEU D 650 4.64 36.22 -24.40
N LYS D 651 5.28 36.87 -23.44
CA LYS D 651 6.36 37.79 -23.76
C LYS D 651 7.64 37.01 -24.02
N GLY D 652 8.32 37.35 -25.12
CA GLY D 652 9.66 36.84 -25.38
C GLY D 652 9.76 35.71 -26.37
N VAL D 653 8.66 35.05 -26.72
CA VAL D 653 8.68 33.90 -27.62
C VAL D 653 8.25 34.35 -29.00
N VAL D 654 8.85 33.75 -30.03
CA VAL D 654 8.55 34.05 -31.42
C VAL D 654 8.14 32.75 -32.11
N ILE D 655 7.01 32.79 -32.79
CA ILE D 655 6.43 31.61 -33.44
C ILE D 655 6.68 31.69 -34.93
N VAL D 656 7.18 30.60 -35.50
CA VAL D 656 7.38 30.46 -36.94
C VAL D 656 6.63 29.21 -37.38
N ALA D 657 5.68 29.39 -38.29
CA ALA D 657 4.86 28.28 -38.76
C ALA D 657 5.03 28.12 -40.27
N ALA D 658 4.99 26.86 -40.70
CA ALA D 658 5.19 26.51 -42.10
C ALA D 658 4.05 25.64 -42.60
N THR D 659 3.42 26.06 -43.69
CA THR D 659 2.34 25.30 -44.30
C THR D 659 2.53 25.28 -45.81
N ASN D 660 2.08 24.20 -46.44
CA ASN D 660 2.04 24.12 -47.89
C ASN D 660 0.60 24.16 -48.40
N ARG D 661 -0.33 24.66 -47.58
CA ARG D 661 -1.73 24.81 -47.91
C ARG D 661 -2.27 25.98 -47.09
N PRO D 662 -1.86 27.21 -47.42
CA PRO D 662 -2.08 28.32 -46.49
C PRO D 662 -3.53 28.65 -46.20
N ASP D 663 -4.45 28.47 -47.15
CA ASP D 663 -5.83 28.87 -46.91
C ASP D 663 -6.59 27.86 -46.06
N GLU D 664 -5.99 26.71 -45.75
CA GLU D 664 -6.58 25.77 -44.82
C GLU D 664 -6.33 26.16 -43.37
N ILE D 665 -5.78 27.35 -43.12
CA ILE D 665 -5.50 27.86 -41.78
C ILE D 665 -6.61 28.83 -41.38
N ASP D 666 -6.94 28.83 -40.09
CA ASP D 666 -8.06 29.62 -39.61
C ASP D 666 -7.71 31.11 -39.64
N ALA D 667 -8.73 31.93 -39.91
CA ALA D 667 -8.50 33.38 -39.96
C ALA D 667 -8.04 33.92 -38.62
N ALA D 668 -8.40 33.26 -37.53
CA ALA D 668 -7.95 33.70 -36.21
C ALA D 668 -6.45 33.52 -36.06
N LEU D 669 -5.91 32.42 -36.59
CA LEU D 669 -4.48 32.15 -36.44
C LEU D 669 -3.64 33.06 -37.33
N LEU D 670 -4.12 33.33 -38.54
CA LEU D 670 -3.45 34.29 -39.43
C LEU D 670 -3.62 35.72 -38.97
N ARG D 671 -4.46 35.95 -37.96
CA ARG D 671 -4.72 37.31 -37.48
C ARG D 671 -3.45 37.93 -36.91
N PRO D 672 -3.23 39.23 -37.14
CA PRO D 672 -2.06 39.88 -36.55
C PRO D 672 -2.06 39.78 -35.03
N GLY D 673 -0.90 39.56 -34.46
CA GLY D 673 -0.76 39.18 -33.08
C GLY D 673 -0.55 37.69 -32.88
N ARG D 674 -0.91 36.88 -33.88
CA ARG D 674 -0.68 35.44 -33.84
C ARG D 674 0.34 35.02 -34.90
N LEU D 675 0.09 35.35 -36.16
CA LEU D 675 1.03 35.14 -37.26
C LEU D 675 1.03 36.43 -38.06
N ASP D 676 1.85 37.39 -37.63
CA ASP D 676 1.78 38.74 -38.19
C ASP D 676 2.14 38.77 -39.67
N ARG D 677 3.32 38.25 -40.01
CA ARG D 677 3.89 38.42 -41.34
C ARG D 677 3.75 37.13 -42.13
N HIS D 678 3.22 37.25 -43.34
CA HIS D 678 3.07 36.11 -44.23
C HIS D 678 4.08 36.23 -45.36
N ILE D 679 5.03 35.30 -45.40
CA ILE D 679 6.11 35.30 -46.39
C ILE D 679 5.85 34.19 -47.38
N TYR D 680 5.99 34.51 -48.66
CA TYR D 680 5.87 33.50 -49.72
C TYR D 680 7.26 33.00 -50.08
N VAL D 681 7.58 31.79 -49.63
CA VAL D 681 8.83 31.14 -50.00
C VAL D 681 8.57 30.27 -51.22
N GLY D 682 8.67 30.87 -52.41
CA GLY D 682 8.35 30.18 -53.63
C GLY D 682 9.53 29.41 -54.18
N PRO D 683 9.34 28.82 -55.35
CA PRO D 683 10.42 28.04 -55.97
C PRO D 683 11.61 28.93 -56.28
N PRO D 684 12.82 28.40 -56.20
CA PRO D 684 14.01 29.23 -56.44
C PRO D 684 14.11 29.63 -57.91
N ASP D 685 14.41 30.91 -58.13
CA ASP D 685 14.65 31.40 -59.48
C ASP D 685 16.03 30.97 -59.96
N VAL D 686 16.40 31.43 -61.16
CA VAL D 686 17.62 30.96 -61.81
C VAL D 686 18.84 31.22 -60.94
N ASN D 687 18.96 32.42 -60.39
CA ASN D 687 20.16 32.81 -59.66
C ASN D 687 20.29 32.04 -58.35
N ALA D 688 19.16 31.59 -57.78
CA ALA D 688 19.21 30.74 -56.60
C ALA D 688 19.59 29.32 -56.98
N ARG D 689 19.09 28.83 -58.10
CA ARG D 689 19.46 27.50 -58.56
C ARG D 689 20.95 27.41 -58.77
N LEU D 690 21.53 28.43 -59.39
CA LEU D 690 22.98 28.42 -59.64
C LEU D 690 23.76 28.36 -58.34
N GLU D 691 23.31 29.09 -57.31
CA GLU D 691 23.99 29.00 -56.01
C GLU D 691 23.85 27.62 -55.40
N ILE D 692 22.68 26.99 -55.52
CA ILE D 692 22.51 25.63 -55.03
C ILE D 692 23.54 24.72 -55.71
N LEU D 693 23.61 24.81 -57.03
CA LEU D 693 24.51 23.94 -57.78
C LEU D 693 25.96 24.18 -57.37
N LYS D 694 26.35 25.44 -57.22
CA LYS D 694 27.71 25.74 -56.78
C LYS D 694 27.99 25.12 -55.41
N LYS D 695 27.01 25.17 -54.51
CA LYS D 695 27.26 24.61 -53.17
C LYS D 695 27.46 23.10 -53.25
N CYS D 696 26.51 22.39 -53.85
CA CYS D 696 26.57 20.93 -53.75
C CYS D 696 27.62 20.33 -54.67
N THR D 697 27.97 21.00 -55.76
CA THR D 697 28.90 20.45 -56.73
C THR D 697 30.35 20.87 -56.51
N LYS D 698 30.65 21.60 -55.43
CA LYS D 698 32.01 22.10 -55.26
C LYS D 698 33.03 20.97 -55.18
N LYS D 699 32.63 19.81 -54.65
CA LYS D 699 33.55 18.68 -54.60
C LYS D 699 33.61 17.92 -55.92
N PHE D 700 32.65 18.14 -56.82
CA PHE D 700 32.84 17.79 -58.22
C PHE D 700 33.87 18.74 -58.82
N ASN D 701 34.59 18.28 -59.84
CA ASN D 701 35.40 19.17 -60.65
C ASN D 701 34.66 19.50 -61.95
N THR D 702 33.50 20.13 -61.78
CA THR D 702 32.63 20.42 -62.92
C THR D 702 33.28 21.42 -63.87
N GLU D 703 33.75 22.55 -63.33
CA GLU D 703 34.33 23.57 -64.19
C GLU D 703 35.60 23.09 -64.87
N GLU D 704 36.37 22.22 -64.20
CA GLU D 704 37.52 21.63 -64.85
C GLU D 704 37.10 20.66 -65.95
N SER D 705 35.90 20.11 -65.86
CA SER D 705 35.35 19.24 -66.89
C SER D 705 34.55 20.00 -67.95
N GLY D 706 34.44 21.33 -67.82
CA GLY D 706 33.70 22.12 -68.78
C GLY D 706 32.20 22.19 -68.53
N VAL D 707 31.71 21.57 -67.47
CA VAL D 707 30.28 21.59 -67.17
C VAL D 707 29.90 23.01 -66.76
N ASP D 708 29.16 23.71 -67.63
CA ASP D 708 28.75 25.08 -67.35
C ASP D 708 27.49 25.05 -66.49
N LEU D 709 27.61 25.52 -65.25
CA LEU D 709 26.47 25.53 -64.35
C LEU D 709 25.38 26.50 -64.81
N HIS D 710 25.72 27.47 -65.65
CA HIS D 710 24.71 28.38 -66.18
C HIS D 710 23.63 27.62 -66.94
N GLU D 711 24.05 26.70 -67.81
CA GLU D 711 23.08 25.93 -68.59
C GLU D 711 22.19 25.08 -67.69
N LEU D 712 22.78 24.42 -66.69
CA LEU D 712 22.00 23.61 -65.78
C LEU D 712 20.98 24.47 -65.03
N ALA D 713 21.42 25.63 -64.53
CA ALA D 713 20.51 26.51 -63.81
C ALA D 713 19.38 26.98 -64.70
N ASP D 714 19.70 27.38 -65.93
CA ASP D 714 18.67 27.91 -66.83
C ASP D 714 17.67 26.83 -67.23
N ARG D 715 18.14 25.61 -67.46
CA ARG D 715 17.27 24.53 -67.91
C ARG D 715 16.55 23.83 -66.77
N THR D 716 16.96 24.07 -65.52
CA THR D 716 16.19 23.59 -64.37
C THR D 716 15.15 24.62 -63.98
N GLU D 717 14.29 25.02 -64.91
CA GLU D 717 13.32 26.08 -64.64
C GLU D 717 12.12 25.52 -63.89
N GLY D 718 11.68 26.26 -62.87
CA GLY D 718 10.50 25.89 -62.11
C GLY D 718 10.68 24.63 -61.29
N TYR D 719 11.92 24.15 -61.19
CA TYR D 719 12.19 23.01 -60.34
C TYR D 719 12.06 23.38 -58.88
N SER D 720 11.71 22.39 -58.06
CA SER D 720 11.86 22.53 -56.63
C SER D 720 13.34 22.53 -56.27
N GLY D 721 13.72 23.35 -55.30
CA GLY D 721 15.12 23.39 -54.91
C GLY D 721 15.61 22.05 -54.40
N ALA D 722 14.78 21.36 -53.63
CA ALA D 722 15.09 19.99 -53.26
C ALA D 722 15.32 19.14 -54.50
N GLU D 723 14.64 19.47 -55.61
CA GLU D 723 14.89 18.73 -56.84
C GLU D 723 16.20 19.15 -57.50
N VAL D 724 16.69 20.37 -57.26
CA VAL D 724 18.04 20.72 -57.72
C VAL D 724 19.08 19.90 -56.96
N VAL D 725 18.93 19.83 -55.63
CA VAL D 725 19.83 18.99 -54.84
C VAL D 725 19.73 17.54 -55.30
N LEU D 726 18.51 17.08 -55.59
CA LEU D 726 18.32 15.73 -56.10
C LEU D 726 19.01 15.54 -57.43
N LEU D 727 18.95 16.55 -58.30
CA LEU D 727 19.62 16.46 -59.59
C LEU D 727 21.11 16.23 -59.41
N CYS D 728 21.73 17.01 -58.54
CA CYS D 728 23.17 16.85 -58.35
C CYS D 728 23.51 15.53 -57.67
N GLN D 729 22.72 15.12 -56.67
CA GLN D 729 22.99 13.86 -55.99
C GLN D 729 22.77 12.67 -56.92
N GLU D 730 21.79 12.77 -57.83
CA GLU D 730 21.51 11.69 -58.76
C GLU D 730 22.58 11.62 -59.84
N ALA D 731 23.08 12.77 -60.29
CA ALA D 731 24.23 12.76 -61.17
C ALA D 731 25.44 12.15 -60.49
N GLY D 732 25.62 12.40 -59.19
CA GLY D 732 26.69 11.73 -58.46
C GLY D 732 26.53 10.23 -58.42
N LEU D 733 25.29 9.76 -58.17
CA LEU D 733 25.02 8.33 -58.24
C LEU D 733 25.38 7.76 -59.61
N ALA D 734 24.96 8.46 -60.66
CA ALA D 734 25.30 8.01 -62.02
C ALA D 734 26.81 7.93 -62.22
N ALA D 735 27.53 8.97 -61.80
CA ALA D 735 28.97 9.01 -62.00
C ALA D 735 29.67 7.86 -61.27
N ILE D 736 29.27 7.60 -60.02
CA ILE D 736 29.95 6.60 -59.20
C ILE D 736 29.25 5.25 -59.35
N MET D 737 28.37 5.13 -60.33
CA MET D 737 27.87 3.84 -60.75
C MET D 737 28.71 3.23 -61.86
N GLU D 738 29.31 4.06 -62.72
CA GLU D 738 30.23 3.55 -63.73
C GLU D 738 31.54 3.06 -63.12
N ASP D 739 31.97 3.63 -62.00
CA ASP D 739 33.26 3.26 -61.42
C ASP D 739 33.14 3.14 -59.91
N LEU D 740 33.96 2.27 -59.32
CA LEU D 740 34.15 2.25 -57.88
C LEU D 740 35.18 3.27 -57.42
N ASP D 741 35.98 3.82 -58.34
CA ASP D 741 36.87 4.93 -58.08
C ASP D 741 36.17 6.24 -58.45
N VAL D 742 36.88 7.34 -58.24
CA VAL D 742 36.30 8.67 -58.43
C VAL D 742 36.29 9.04 -59.91
N ALA D 743 35.14 8.84 -60.56
CA ALA D 743 34.91 9.37 -61.89
C ALA D 743 34.27 10.75 -61.76
N LYS D 744 34.97 11.79 -62.21
CA LYS D 744 34.40 13.12 -62.20
C LYS D 744 33.12 13.16 -63.03
N VAL D 745 32.10 13.84 -62.49
CA VAL D 745 30.80 13.85 -63.16
C VAL D 745 30.94 14.39 -64.58
N GLU D 746 30.00 14.01 -65.43
CA GLU D 746 30.00 14.40 -66.83
C GLU D 746 28.63 14.93 -67.21
N LEU D 747 28.60 15.82 -68.19
CA LEU D 747 27.36 16.47 -68.58
C LEU D 747 26.31 15.46 -69.04
N ARG D 748 26.74 14.32 -69.59
CA ARG D 748 25.79 13.32 -70.06
C ARG D 748 25.14 12.56 -68.91
N HIS D 749 25.82 12.40 -67.78
CA HIS D 749 25.17 11.84 -66.60
C HIS D 749 24.07 12.76 -66.09
N PHE D 750 24.36 14.07 -66.01
CA PHE D 750 23.30 15.03 -65.74
C PHE D 750 22.18 14.92 -66.77
N GLU D 751 22.53 14.76 -68.04
CA GLU D 751 21.52 14.65 -69.09
C GLU D 751 20.61 13.45 -68.84
N LYS D 752 21.18 12.33 -68.41
CA LYS D 752 20.36 11.20 -68.00
C LYS D 752 19.46 11.58 -66.83
N ALA D 753 20.02 12.31 -65.86
CA ALA D 753 19.24 12.70 -64.69
C ALA D 753 18.01 13.50 -65.08
N PHE D 754 18.20 14.56 -65.88
CA PHE D 754 17.06 15.38 -66.31
C PHE D 754 15.91 14.54 -66.86
N LYS D 755 16.20 13.38 -67.46
CA LYS D 755 15.16 12.63 -68.13
C LYS D 755 14.16 12.01 -67.15
N GLY D 756 14.52 11.92 -65.87
CA GLY D 756 13.67 11.24 -64.91
C GLY D 756 12.99 12.15 -63.89
N ILE D 757 13.67 13.23 -63.50
CA ILE D 757 13.19 14.09 -62.41
C ILE D 757 12.04 14.93 -62.97
N ALA D 758 10.81 14.54 -62.62
CA ALA D 758 9.65 15.29 -63.05
C ALA D 758 9.44 16.53 -62.18
N ARG D 759 8.93 17.59 -62.79
CA ARG D 759 8.64 18.81 -62.06
C ARG D 759 7.52 18.55 -61.06
N GLY D 760 7.85 18.61 -59.77
CA GLY D 760 6.86 18.38 -58.74
C GLY D 760 5.89 19.53 -58.53
N ILE D 761 6.22 20.70 -59.05
CA ILE D 761 5.40 21.91 -58.88
C ILE D 761 4.65 22.17 -60.18
N THR D 762 3.35 21.90 -60.17
CA THR D 762 2.50 22.16 -61.33
C THR D 762 2.09 23.63 -61.35
N PRO D 763 1.71 24.15 -62.52
CA PRO D 763 1.24 25.54 -62.56
C PRO D 763 0.04 25.80 -61.67
N GLU D 764 -0.79 24.76 -61.44
CA GLU D 764 -1.94 24.92 -60.56
C GLU D 764 -1.51 25.35 -59.16
N MET D 765 -0.50 24.67 -58.60
CA MET D 765 -0.02 25.03 -57.28
C MET D 765 0.50 26.47 -57.26
N LEU D 766 1.27 26.84 -58.28
CA LEU D 766 1.85 28.19 -58.30
C LEU D 766 0.75 29.24 -58.33
N SER D 767 -0.26 29.04 -59.18
CA SER D 767 -1.36 29.99 -59.24
C SER D 767 -2.11 30.02 -57.92
N TYR D 768 -2.24 28.87 -57.26
CA TYR D 768 -2.89 28.79 -55.96
C TYR D 768 -2.17 29.64 -54.91
N TYR D 769 -0.86 29.44 -54.79
CA TYR D 769 -0.10 30.18 -53.78
C TYR D 769 -0.03 31.66 -54.11
N GLU D 770 0.09 32.00 -55.40
CA GLU D 770 0.11 33.41 -55.77
C GLU D 770 -1.26 34.05 -55.57
N GLU D 771 -2.33 33.25 -55.61
CA GLU D 771 -3.64 33.76 -55.24
C GLU D 771 -3.72 34.04 -53.75
N PHE D 772 -3.27 33.10 -52.93
CA PHE D 772 -3.27 33.36 -51.49
C PHE D 772 -2.38 34.54 -51.14
N ALA D 773 -1.35 34.81 -51.95
CA ALA D 773 -0.46 35.94 -51.72
C ALA D 773 -1.06 37.26 -52.14
N LEU D 774 -2.36 37.30 -52.44
CA LEU D 774 -3.05 38.53 -52.79
C LEU D 774 -4.14 38.87 -51.79
N ARG D 775 -5.00 37.92 -51.43
CA ARG D 775 -6.04 38.18 -50.45
C ARG D 775 -5.45 38.49 -49.08
N SER D 776 -4.40 37.77 -48.68
CA SER D 776 -3.76 37.97 -47.39
C SER D 776 -2.28 38.26 -47.59
N GLY D 777 -1.71 39.01 -46.65
CA GLY D 777 -0.32 39.43 -46.75
C GLY D 777 -0.07 40.28 -47.98
N SER D 778 -1.12 40.94 -48.47
CA SER D 778 -1.00 41.80 -49.64
C SER D 778 -2.09 42.86 -49.56
N SER D 779 -1.89 43.97 -50.27
CA SER D 779 -2.79 45.10 -50.17
C SER D 779 -4.24 44.69 -50.43
N SER D 780 -4.45 43.85 -51.45
CA SER D 780 -5.79 43.41 -51.79
C SER D 780 -6.46 42.70 -50.60
N LYS E 27 47.60 0.49 30.92
CA LYS E 27 47.80 -0.82 30.23
C LYS E 27 47.68 -0.67 28.72
N PHE E 28 48.79 -0.87 28.01
CA PHE E 28 48.77 -0.77 26.56
C PHE E 28 47.89 -1.88 25.96
N LYS E 29 47.12 -1.51 24.94
CA LYS E 29 46.21 -2.44 24.27
C LYS E 29 46.79 -2.83 22.92
N LEU E 30 46.97 -4.12 22.71
CA LEU E 30 47.50 -4.62 21.44
C LEU E 30 46.42 -4.61 20.38
N PRO E 31 46.60 -3.93 19.25
CA PRO E 31 45.58 -3.97 18.20
C PRO E 31 45.41 -5.39 17.67
N ALA E 32 44.16 -5.74 17.36
CA ALA E 32 43.87 -7.08 16.87
C ALA E 32 44.38 -7.27 15.45
N GLU E 33 44.26 -6.25 14.61
CA GLU E 33 44.62 -6.33 13.20
C GLU E 33 45.56 -5.18 12.86
N PHE E 34 46.68 -5.51 12.22
CA PHE E 34 47.66 -4.53 11.80
C PHE E 34 47.49 -4.22 10.32
N ILE E 35 48.07 -3.08 9.91
CA ILE E 35 47.87 -2.54 8.57
C ILE E 35 49.18 -2.64 7.80
N THR E 36 49.13 -3.30 6.64
CA THR E 36 50.29 -3.40 5.77
C THR E 36 50.63 -2.05 5.14
N ARG E 37 51.91 -1.73 5.06
CA ARG E 37 52.37 -0.49 4.45
C ARG E 37 53.78 -0.66 3.91
N PRO E 38 54.16 0.17 2.93
CA PRO E 38 55.49 0.10 2.36
C PRO E 38 56.59 0.03 3.40
N HIS E 39 57.76 -0.40 2.93
CA HIS E 39 58.98 -0.42 3.72
C HIS E 39 59.97 0.50 3.04
N PRO E 40 60.01 1.78 3.42
CA PRO E 40 60.86 2.73 2.71
C PRO E 40 62.27 2.25 2.43
N SER E 41 62.77 1.28 3.19
CA SER E 41 64.09 0.73 2.93
C SER E 41 64.06 -0.10 1.65
N LYS E 42 65.23 -0.20 1.00
CA LYS E 42 65.32 -0.92 -0.25
C LYS E 42 65.14 -2.42 -0.03
N ASP E 43 64.85 -3.13 -1.13
CA ASP E 43 64.60 -4.57 -1.08
C ASP E 43 65.84 -5.40 -1.40
N HIS E 44 66.87 -4.80 -2.01
CA HIS E 44 68.06 -5.55 -2.39
C HIS E 44 68.87 -6.01 -1.19
N GLY E 45 68.66 -5.41 -0.02
CA GLY E 45 69.46 -5.70 1.14
C GLY E 45 69.06 -6.99 1.82
N LYS E 46 69.59 -7.18 3.02
CA LYS E 46 69.29 -8.33 3.87
C LYS E 46 67.94 -8.24 4.52
N GLU E 47 67.10 -7.28 4.10
CA GLU E 47 65.83 -6.99 4.76
C GLU E 47 64.64 -7.55 4.01
N THR E 48 64.78 -8.73 3.42
CA THR E 48 63.69 -9.33 2.67
C THR E 48 62.53 -9.70 3.58
N CYS E 49 62.79 -10.59 4.54
CA CYS E 49 61.76 -11.05 5.47
C CYS E 49 61.85 -10.37 6.83
N THR E 50 62.67 -9.34 6.95
CA THR E 50 62.80 -8.61 8.22
C THR E 50 61.84 -7.42 8.21
N ALA E 51 60.56 -7.77 8.16
CA ALA E 51 59.51 -6.75 8.21
C ALA E 51 59.58 -6.00 9.53
N TYR E 52 60.00 -4.73 9.49
CA TYR E 52 60.10 -3.96 10.72
C TYR E 52 58.76 -3.88 11.41
N ILE E 53 58.77 -4.07 12.72
CA ILE E 53 57.57 -4.04 13.55
C ILE E 53 57.80 -3.04 14.67
N HIS E 54 56.75 -2.33 15.06
CA HIS E 54 56.88 -1.31 16.09
C HIS E 54 57.34 -1.97 17.39
N PRO E 55 58.42 -1.49 18.01
CA PRO E 55 58.99 -2.23 19.15
C PRO E 55 58.02 -2.42 20.30
N ASN E 56 57.06 -1.52 20.47
CA ASN E 56 56.07 -1.70 21.53
C ASN E 56 55.28 -2.99 21.32
N VAL E 57 54.92 -3.27 20.06
CA VAL E 57 54.23 -4.52 19.76
C VAL E 57 55.16 -5.70 20.00
N LEU E 58 56.45 -5.56 19.67
CA LEU E 58 57.40 -6.65 19.89
C LEU E 58 57.47 -7.01 21.37
N SER E 59 57.52 -6.00 22.24
CA SER E 59 57.54 -6.26 23.67
C SER E 59 56.21 -6.81 24.16
N SER E 60 55.10 -6.27 23.66
CA SER E 60 53.79 -6.66 24.15
C SER E 60 53.36 -8.06 23.71
N LEU E 61 54.09 -8.69 22.79
CA LEU E 61 53.72 -10.01 22.29
C LEU E 61 54.80 -11.05 22.56
N GLU E 62 55.75 -10.75 23.44
CA GLU E 62 56.82 -11.68 23.79
C GLU E 62 57.59 -12.13 22.55
N ILE E 63 57.84 -11.19 21.64
CA ILE E 63 58.54 -11.45 20.39
C ILE E 63 59.93 -10.81 20.48
N ASN E 64 60.97 -11.62 20.23
CA ASN E 64 62.34 -11.14 20.31
C ASN E 64 62.77 -10.51 18.98
N PRO E 65 63.73 -9.60 19.01
CA PRO E 65 64.21 -9.01 17.75
C PRO E 65 64.91 -10.03 16.89
N GLY E 66 64.81 -9.85 15.58
CA GLY E 66 65.38 -10.79 14.65
C GLY E 66 64.76 -12.17 14.71
N SER E 67 63.54 -12.29 15.20
CA SER E 67 62.87 -13.57 15.37
C SER E 67 61.76 -13.73 14.35
N PHE E 68 61.42 -14.98 14.07
CA PHE E 68 60.40 -15.31 13.09
C PHE E 68 59.01 -15.26 13.71
N CYS E 69 58.07 -14.69 12.96
CA CYS E 69 56.68 -14.62 13.39
C CYS E 69 55.78 -14.72 12.17
N THR E 70 54.52 -15.05 12.41
CA THR E 70 53.57 -15.34 11.34
C THR E 70 52.75 -14.10 11.03
N VAL E 71 52.76 -13.69 9.76
CA VAL E 71 51.95 -12.58 9.26
C VAL E 71 51.02 -13.14 8.18
N GLY E 72 49.73 -12.85 8.31
CA GLY E 72 48.78 -13.34 7.34
C GLY E 72 47.44 -12.64 7.51
N LYS E 73 46.65 -12.71 6.43
CA LYS E 73 45.32 -12.12 6.46
C LYS E 73 44.38 -12.96 7.32
N ILE E 74 43.31 -12.32 7.80
CA ILE E 74 42.44 -12.95 8.77
C ILE E 74 41.87 -14.24 8.21
N GLY E 75 42.01 -15.32 8.97
CA GLY E 75 41.49 -16.62 8.58
C GLY E 75 42.39 -17.40 7.64
N GLU E 76 43.42 -16.78 7.07
CA GLU E 76 44.30 -17.45 6.14
C GLU E 76 45.46 -18.11 6.87
N ASN E 77 46.14 -19.01 6.16
CA ASN E 77 47.35 -19.61 6.70
C ASN E 77 48.48 -18.58 6.72
N GLY E 78 49.35 -18.69 7.73
CA GLY E 78 50.32 -17.65 7.99
C GLY E 78 51.49 -17.66 7.03
N ILE E 79 52.23 -16.55 7.06
CA ILE E 79 53.46 -16.39 6.30
C ILE E 79 54.55 -15.97 7.27
N LEU E 80 55.79 -16.31 6.94
CA LEU E 80 56.90 -16.13 7.87
C LEU E 80 57.60 -14.80 7.63
N VAL E 81 57.75 -14.02 8.68
CA VAL E 81 58.50 -12.77 8.65
C VAL E 81 59.44 -12.75 9.84
N ILE E 82 60.51 -11.95 9.73
CA ILE E 82 61.52 -11.79 10.77
C ILE E 82 61.26 -10.48 11.48
N ALA E 83 61.23 -10.52 12.81
CA ALA E 83 60.87 -9.36 13.61
C ALA E 83 62.10 -8.48 13.81
N ARG E 84 62.02 -7.23 13.34
CA ARG E 84 63.05 -6.24 13.53
C ARG E 84 62.43 -4.96 14.08
N ALA E 85 63.11 -4.35 15.05
CA ALA E 85 62.57 -3.18 15.74
C ALA E 85 62.71 -1.94 14.89
N GLY E 86 61.66 -1.12 14.86
CA GLY E 86 61.66 0.15 14.16
C GLY E 86 61.59 1.33 15.10
N ASP E 87 61.59 2.52 14.51
CA ASP E 87 61.52 3.75 15.28
C ASP E 87 60.13 3.92 15.89
N GLU E 88 60.08 4.22 17.18
CA GLU E 88 58.80 4.42 17.85
C GLU E 88 58.07 5.64 17.29
N GLU E 89 58.80 6.75 17.09
CA GLU E 89 58.15 8.00 16.70
C GLU E 89 57.61 7.93 15.27
N VAL E 90 58.43 7.45 14.34
CA VAL E 90 58.04 7.50 12.93
C VAL E 90 56.87 6.57 12.65
N HIS E 91 56.96 5.33 13.13
CA HIS E 91 55.95 4.32 12.83
C HIS E 91 54.82 4.40 13.86
N PRO E 92 53.56 4.57 13.44
CA PRO E 92 52.46 4.37 14.37
C PRO E 92 52.32 2.91 14.76
N VAL E 93 51.53 2.67 15.81
CA VAL E 93 51.48 1.35 16.44
C VAL E 93 50.96 0.30 15.47
N ASN E 94 49.85 0.59 14.79
CA ASN E 94 49.19 -0.41 13.96
C ASN E 94 50.08 -0.83 12.79
N VAL E 95 50.82 0.12 12.23
CA VAL E 95 51.43 -0.07 10.92
C VAL E 95 52.56 -1.08 10.99
N ILE E 96 52.56 -2.03 10.05
CA ILE E 96 53.62 -3.02 9.90
C ILE E 96 54.18 -2.85 8.49
N THR E 97 55.50 -2.73 8.39
CA THR E 97 56.17 -2.40 7.14
C THR E 97 56.82 -3.66 6.58
N LEU E 98 56.51 -3.97 5.32
CA LEU E 98 57.00 -5.16 4.65
C LEU E 98 57.82 -4.77 3.42
N SER E 99 58.99 -5.39 3.27
CA SER E 99 59.74 -5.24 2.04
C SER E 99 58.97 -5.89 0.89
N THR E 100 58.97 -5.23 -0.27
CA THR E 100 58.07 -5.60 -1.35
C THR E 100 58.34 -7.00 -1.87
N THR E 101 59.38 -7.67 -1.36
CA THR E 101 59.64 -9.03 -1.77
C THR E 101 58.71 -10.03 -1.09
N ILE E 102 58.31 -9.78 0.15
CA ILE E 102 57.49 -10.73 0.89
C ILE E 102 56.00 -10.45 0.74
N ARG E 103 55.60 -9.21 0.49
CA ARG E 103 54.19 -8.94 0.23
C ARG E 103 53.69 -9.75 -0.95
N SER E 104 54.55 -9.98 -1.93
CA SER E 104 54.20 -10.76 -3.11
C SER E 104 54.16 -12.26 -2.83
N VAL E 105 54.66 -12.70 -1.69
CA VAL E 105 54.60 -14.11 -1.33
C VAL E 105 53.15 -14.54 -1.17
N GLY E 106 52.44 -13.92 -0.23
CA GLY E 106 51.07 -14.28 0.06
C GLY E 106 50.06 -13.35 -0.58
N ASN E 107 50.50 -12.61 -1.60
CA ASN E 107 49.64 -11.66 -2.30
C ASN E 107 49.09 -10.63 -1.30
N LEU E 108 49.99 -10.04 -0.53
CA LEU E 108 49.64 -9.04 0.48
C LEU E 108 49.61 -7.67 -0.20
N ILE E 109 48.42 -7.20 -0.56
CA ILE E 109 48.27 -5.86 -1.08
C ILE E 109 48.06 -4.91 0.09
N LEU E 110 48.36 -3.64 -0.12
CA LEU E 110 48.34 -2.66 0.96
C LEU E 110 46.93 -2.52 1.52
N GLY E 111 46.86 -2.23 2.82
CA GLY E 111 45.59 -2.18 3.52
C GLY E 111 45.02 -3.53 3.85
N ASP E 112 45.80 -4.60 3.71
CA ASP E 112 45.34 -5.92 4.10
C ASP E 112 45.57 -6.10 5.59
N ARG E 113 44.49 -6.31 6.33
CA ARG E 113 44.61 -6.51 7.76
C ARG E 113 45.29 -7.84 8.05
N LEU E 114 46.20 -7.83 9.03
CA LEU E 114 47.04 -8.97 9.36
C LEU E 114 46.64 -9.54 10.72
N GLU E 115 47.32 -10.64 11.08
CA GLU E 115 47.16 -11.28 12.39
C GLU E 115 48.55 -11.73 12.85
N LEU E 116 49.20 -10.91 13.66
CA LEU E 116 50.51 -11.25 14.18
C LEU E 116 50.39 -12.35 15.23
N LYS E 117 51.22 -13.37 15.11
CA LYS E 117 51.32 -14.44 16.09
C LYS E 117 52.78 -14.86 16.22
N LYS E 118 53.09 -15.49 17.34
CA LYS E 118 54.46 -15.90 17.64
C LYS E 118 54.72 -17.30 17.08
N ALA E 119 55.78 -17.43 16.29
CA ALA E 119 56.16 -18.72 15.74
C ALA E 119 56.90 -19.55 16.78
N GLN E 120 56.95 -20.86 16.54
CA GLN E 120 57.56 -21.79 17.48
C GLN E 120 58.56 -22.75 16.85
N VAL E 121 58.63 -22.86 15.53
CA VAL E 121 59.51 -23.80 14.86
C VAL E 121 60.41 -23.03 13.91
N GLN E 122 61.71 -23.28 14.00
CA GLN E 122 62.66 -22.67 13.08
C GLN E 122 62.74 -23.49 11.80
N PRO E 123 62.53 -22.89 10.62
CA PRO E 123 62.58 -23.67 9.39
C PRO E 123 63.97 -24.22 9.13
N PRO E 124 64.09 -25.45 8.66
CA PRO E 124 65.42 -26.01 8.36
C PRO E 124 66.03 -25.35 7.14
N TYR E 125 67.33 -25.62 6.95
CA TYR E 125 68.06 -25.04 5.85
C TYR E 125 67.58 -25.60 4.52
N ALA E 126 68.18 -25.14 3.43
CA ALA E 126 67.80 -25.51 2.08
C ALA E 126 68.91 -26.31 1.41
N THR E 127 68.51 -27.23 0.54
CA THR E 127 69.43 -28.05 -0.23
C THR E 127 69.29 -27.84 -1.73
N LYS E 128 68.09 -27.51 -2.21
CA LYS E 128 67.85 -27.23 -3.62
C LYS E 128 66.77 -26.17 -3.75
N VAL E 129 66.95 -25.26 -4.70
CA VAL E 129 65.99 -24.21 -4.99
C VAL E 129 65.84 -24.10 -6.50
N THR E 130 64.60 -24.15 -6.98
CA THR E 130 64.29 -23.92 -8.39
C THR E 130 63.78 -22.50 -8.53
N VAL E 131 64.48 -21.69 -9.32
CA VAL E 131 64.26 -20.25 -9.39
C VAL E 131 63.61 -19.91 -10.72
N GLY E 132 62.53 -19.13 -10.67
CA GLY E 132 61.78 -18.76 -11.85
C GLY E 132 62.05 -17.34 -12.30
N SER E 133 61.28 -16.90 -13.29
CA SER E 133 61.40 -15.57 -13.86
C SER E 133 60.03 -15.11 -14.34
N LEU E 134 59.89 -13.79 -14.52
CA LEU E 134 58.61 -13.23 -14.93
C LEU E 134 58.20 -13.72 -16.31
N GLN E 135 59.08 -13.58 -17.30
CA GLN E 135 58.73 -13.74 -18.70
C GLN E 135 59.50 -14.88 -19.38
N GLY E 136 60.17 -15.73 -18.62
CA GLY E 136 60.88 -16.84 -19.21
C GLY E 136 62.24 -16.51 -19.79
N TYR E 137 62.75 -15.30 -19.56
CA TYR E 137 64.07 -14.93 -20.06
C TYR E 137 65.12 -15.88 -19.50
N ASN E 138 66.10 -16.23 -20.34
CA ASN E 138 67.16 -17.14 -19.95
C ASN E 138 67.95 -16.50 -18.81
N ILE E 139 67.72 -16.96 -17.59
CA ILE E 139 68.36 -16.34 -16.44
C ILE E 139 69.86 -16.48 -16.50
N LEU E 140 70.36 -17.60 -17.02
CA LEU E 140 71.81 -17.78 -17.16
C LEU E 140 72.40 -16.69 -18.04
N GLU E 141 71.74 -16.39 -19.17
CA GLU E 141 72.31 -15.51 -20.17
C GLU E 141 72.26 -14.04 -19.77
N CYS E 142 71.29 -13.64 -18.95
CA CYS E 142 71.06 -12.22 -18.69
C CYS E 142 71.80 -11.70 -17.46
N MET E 143 71.86 -12.47 -16.38
CA MET E 143 72.40 -11.99 -15.12
C MET E 143 73.42 -12.97 -14.56
N GLU E 144 74.33 -12.43 -13.75
CA GLU E 144 75.35 -13.24 -13.10
C GLU E 144 74.73 -14.11 -12.01
N GLU E 145 75.36 -15.26 -11.76
CA GLU E 145 74.96 -16.09 -10.63
C GLU E 145 75.35 -15.45 -9.31
N LYS E 146 76.39 -14.61 -9.30
CA LYS E 146 76.88 -14.04 -8.05
C LYS E 146 75.86 -13.09 -7.43
N VAL E 147 75.30 -12.19 -8.24
CA VAL E 147 74.34 -11.23 -7.70
C VAL E 147 73.07 -11.95 -7.24
N ILE E 148 72.63 -12.95 -7.99
CA ILE E 148 71.46 -13.73 -7.59
C ILE E 148 71.72 -14.43 -6.27
N GLN E 149 72.89 -15.05 -6.13
CA GLN E 149 73.24 -15.71 -4.88
C GLN E 149 73.32 -14.70 -3.74
N LYS E 150 73.83 -13.50 -4.02
CA LYS E 150 73.88 -12.47 -2.99
C LYS E 150 72.49 -12.13 -2.49
N LEU E 151 71.56 -11.87 -3.42
CA LEU E 151 70.19 -11.60 -3.02
C LEU E 151 69.63 -12.75 -2.20
N LEU E 152 69.82 -13.98 -2.68
CA LEU E 152 69.21 -15.13 -2.01
C LEU E 152 69.79 -15.35 -0.62
N ASP E 153 71.10 -15.25 -0.48
CA ASP E 153 71.73 -15.42 0.84
C ASP E 153 71.29 -14.31 1.78
N ASP E 154 71.40 -13.05 1.36
CA ASP E 154 70.98 -11.96 2.21
C ASP E 154 69.51 -12.05 2.58
N SER E 155 68.70 -12.72 1.75
CA SER E 155 67.31 -12.94 2.12
C SER E 155 67.20 -13.78 3.38
N GLY E 156 68.04 -14.80 3.50
CA GLY E 156 68.07 -15.62 4.70
C GLY E 156 67.09 -16.77 4.67
N VAL E 157 65.80 -16.46 4.79
CA VAL E 157 64.73 -17.45 4.77
C VAL E 157 63.93 -17.25 3.49
N ILE E 158 63.75 -18.32 2.73
CA ILE E 158 63.10 -18.26 1.42
C ILE E 158 61.98 -19.28 1.40
N MET E 159 60.75 -18.78 1.30
CA MET E 159 59.57 -19.57 0.99
C MET E 159 59.24 -19.41 -0.49
N PRO E 160 58.55 -20.37 -1.08
CA PRO E 160 58.22 -20.24 -2.51
C PRO E 160 57.16 -19.18 -2.76
N GLY E 161 57.53 -18.09 -3.42
CA GLY E 161 56.53 -17.11 -3.80
C GLY E 161 56.93 -15.65 -3.77
N MET E 162 58.12 -15.30 -3.26
CA MET E 162 58.49 -13.90 -3.22
C MET E 162 58.89 -13.42 -4.61
N ILE E 163 59.41 -12.19 -4.66
CA ILE E 163 59.98 -11.62 -5.86
C ILE E 163 61.11 -10.70 -5.42
N PHE E 164 62.21 -10.70 -6.17
CA PHE E 164 63.32 -9.77 -5.97
C PHE E 164 63.32 -8.83 -7.16
N GLN E 165 62.97 -7.57 -6.92
CA GLN E 165 62.66 -6.64 -8.00
C GLN E 165 63.78 -5.65 -8.23
N ASN E 166 63.68 -4.92 -9.34
CA ASN E 166 64.62 -3.86 -9.69
C ASN E 166 66.05 -4.39 -9.69
N LEU E 167 66.24 -5.57 -10.25
CA LEU E 167 67.56 -6.21 -10.28
C LEU E 167 68.34 -5.70 -11.48
N LYS E 168 69.48 -5.05 -11.21
CA LYS E 168 70.34 -4.58 -12.28
C LYS E 168 71.05 -5.77 -12.94
N THR E 169 71.05 -5.78 -14.27
CA THR E 169 71.59 -6.88 -15.05
C THR E 169 73.01 -6.55 -15.49
N LYS E 170 73.60 -7.44 -16.29
CA LYS E 170 74.95 -7.22 -16.79
C LYS E 170 75.01 -5.97 -17.67
N ALA E 171 74.02 -5.80 -18.55
CA ALA E 171 73.97 -4.62 -19.40
C ALA E 171 73.65 -3.36 -18.61
N GLY E 172 72.98 -3.49 -17.47
CA GLY E 172 72.63 -2.34 -16.65
C GLY E 172 71.37 -1.62 -17.07
N ASP E 173 70.68 -2.08 -18.11
CA ASP E 173 69.48 -1.43 -18.62
C ASP E 173 68.29 -2.37 -18.68
N GLU E 174 68.37 -3.51 -18.01
CA GLU E 174 67.31 -4.52 -18.03
C GLU E 174 66.86 -4.83 -16.61
N SER E 175 65.54 -4.85 -16.42
CA SER E 175 64.93 -5.20 -15.13
C SER E 175 64.31 -6.57 -15.25
N ILE E 176 64.93 -7.55 -14.62
CA ILE E 176 64.41 -8.92 -14.53
C ILE E 176 64.23 -9.25 -13.07
N ASP E 177 63.10 -9.87 -12.73
CA ASP E 177 62.71 -10.09 -11.35
C ASP E 177 62.83 -11.58 -11.04
N VAL E 178 63.45 -11.89 -9.90
CA VAL E 178 63.75 -13.27 -9.53
C VAL E 178 62.63 -13.78 -8.63
N VAL E 179 61.70 -14.54 -9.21
CA VAL E 179 60.75 -15.32 -8.45
C VAL E 179 61.42 -16.65 -8.11
N ILE E 180 60.85 -17.35 -7.14
CA ILE E 180 61.39 -18.62 -6.67
C ILE E 180 60.27 -19.66 -6.74
N THR E 181 60.45 -20.66 -7.60
CA THR E 181 59.38 -21.63 -7.85
C THR E 181 59.24 -22.62 -6.71
N ASP E 182 60.35 -23.13 -6.18
CA ASP E 182 60.29 -24.18 -5.18
C ASP E 182 61.63 -24.31 -4.48
N ALA E 183 61.59 -24.90 -3.29
CA ALA E 183 62.78 -25.24 -2.52
C ALA E 183 62.56 -26.59 -1.86
N SER E 184 63.54 -27.48 -1.99
CA SER E 184 63.43 -28.84 -1.48
C SER E 184 64.58 -29.14 -0.53
N ASP E 185 64.26 -29.85 0.55
CA ASP E 185 65.23 -30.23 1.56
C ASP E 185 65.43 -31.73 1.52
N ASP E 186 66.69 -32.17 1.41
CA ASP E 186 67.01 -33.60 1.35
C ASP E 186 67.47 -34.10 2.70
N ASN E 207 54.53 -27.12 8.61
CA ASN E 207 53.70 -26.97 7.42
C ASN E 207 52.34 -26.39 7.79
N LEU E 208 51.76 -26.88 8.89
CA LEU E 208 50.45 -26.41 9.33
C LEU E 208 50.50 -24.94 9.70
N PHE E 209 49.43 -24.23 9.38
CA PHE E 209 49.27 -22.79 9.66
C PHE E 209 50.34 -21.94 8.98
N TYR E 210 51.08 -22.50 8.05
CA TYR E 210 51.97 -21.74 7.16
C TYR E 210 51.49 -21.93 5.73
N LEU E 211 51.20 -20.82 5.06
CA LEU E 211 50.75 -20.90 3.68
C LEU E 211 51.76 -21.66 2.83
N SER E 212 53.05 -21.45 3.08
CA SER E 212 54.11 -22.24 2.49
C SER E 212 55.20 -22.39 3.55
N PRO E 213 55.91 -23.53 3.57
CA PRO E 213 57.05 -23.68 4.47
C PRO E 213 58.32 -23.15 3.82
N PRO E 214 58.96 -22.14 4.39
CA PRO E 214 60.23 -21.65 3.85
C PRO E 214 61.34 -22.67 4.03
N PHE E 215 62.53 -22.29 3.55
CA PHE E 215 63.77 -22.97 3.85
C PHE E 215 64.86 -21.92 3.97
N ILE E 216 65.72 -22.06 4.97
CA ILE E 216 66.71 -21.04 5.30
C ILE E 216 67.86 -21.19 4.32
N PHE E 217 67.81 -20.43 3.23
CA PHE E 217 68.80 -20.55 2.18
C PHE E 217 70.20 -20.32 2.73
N ARG E 218 71.09 -21.27 2.50
CA ARG E 218 72.46 -21.20 2.98
C ARG E 218 73.41 -21.62 1.87
N LYS E 219 74.55 -20.92 1.80
CA LYS E 219 75.47 -21.04 0.68
C LYS E 219 76.32 -22.30 0.83
N GLY E 220 76.65 -22.91 -0.30
CA GLY E 220 77.55 -24.05 -0.33
C GLY E 220 77.03 -25.24 -1.10
N SER E 221 75.76 -25.60 -0.92
CA SER E 221 75.22 -26.79 -1.57
C SER E 221 73.82 -26.57 -2.12
N THR E 222 73.27 -25.37 -2.05
CA THR E 222 71.93 -25.13 -2.57
C THR E 222 72.01 -25.03 -4.08
N HIS E 223 71.44 -26.01 -4.77
CA HIS E 223 71.51 -26.09 -6.23
C HIS E 223 70.46 -25.16 -6.80
N ILE E 224 70.90 -23.99 -7.27
CA ILE E 224 70.00 -22.96 -7.77
C ILE E 224 69.80 -23.23 -9.25
N THR E 225 68.80 -24.05 -9.56
CA THR E 225 68.50 -24.47 -10.93
C THR E 225 67.42 -23.55 -11.48
N PHE E 226 67.81 -22.66 -12.38
CA PHE E 226 66.88 -21.68 -12.90
C PHE E 226 65.86 -22.35 -13.82
N SER E 227 64.65 -21.81 -13.84
CA SER E 227 63.56 -22.43 -14.59
C SER E 227 62.75 -21.37 -15.33
N LYS E 228 62.04 -21.81 -16.36
CA LYS E 228 61.22 -20.95 -17.19
C LYS E 228 59.81 -20.77 -16.65
N GLU E 229 59.45 -21.44 -15.55
CA GLU E 229 58.13 -21.28 -14.98
C GLU E 229 57.94 -19.87 -14.45
N THR E 230 56.75 -19.32 -14.65
CA THR E 230 56.42 -17.96 -14.25
C THR E 230 55.57 -17.92 -12.98
N GLN E 231 55.47 -19.01 -12.24
CA GLN E 231 54.65 -19.09 -11.05
C GLN E 231 55.32 -20.00 -10.03
N ALA E 232 54.97 -19.79 -8.77
CA ALA E 232 55.52 -20.61 -7.69
C ALA E 232 55.04 -22.04 -7.83
N ASN E 233 55.52 -22.91 -6.93
CA ASN E 233 55.13 -24.32 -6.99
C ASN E 233 53.62 -24.45 -6.90
N ARG E 234 53.07 -25.29 -7.78
CA ARG E 234 51.63 -25.35 -7.96
C ARG E 234 50.92 -26.11 -6.85
N LYS E 235 51.61 -27.05 -6.20
CA LYS E 235 50.95 -27.87 -5.18
C LYS E 235 50.39 -27.01 -4.06
N TYR E 236 51.16 -26.02 -3.61
CA TYR E 236 50.72 -25.17 -2.51
C TYR E 236 49.70 -24.13 -2.97
N ASN E 237 49.78 -23.66 -4.20
CA ASN E 237 48.85 -22.69 -4.76
C ASN E 237 48.82 -21.42 -3.92
N LEU E 238 49.97 -20.77 -3.83
CA LEU E 238 50.00 -19.45 -3.22
C LEU E 238 49.11 -18.50 -4.03
N PRO E 239 48.38 -17.60 -3.38
CA PRO E 239 47.39 -16.79 -4.11
C PRO E 239 47.98 -16.12 -5.34
N GLU E 240 47.36 -16.32 -6.48
CA GLU E 240 47.85 -15.75 -7.73
C GLU E 240 47.35 -14.31 -7.86
N PRO E 241 48.22 -13.35 -8.16
CA PRO E 241 47.73 -11.98 -8.37
C PRO E 241 46.77 -11.92 -9.54
N LEU E 242 45.76 -11.07 -9.42
CA LEU E 242 44.80 -10.83 -10.50
C LEU E 242 45.29 -9.58 -11.20
N SER E 243 46.20 -9.77 -12.16
CA SER E 243 46.83 -8.66 -12.85
C SER E 243 46.00 -8.25 -14.06
N TYR E 244 46.56 -7.36 -14.87
CA TYR E 244 45.84 -6.81 -16.01
C TYR E 244 45.69 -7.85 -17.11
N ALA E 245 46.63 -8.77 -17.23
CA ALA E 245 46.62 -9.80 -18.27
C ALA E 245 45.61 -10.91 -17.99
N ALA E 246 44.75 -10.75 -16.99
CA ALA E 246 43.65 -11.68 -16.75
C ALA E 246 42.30 -10.98 -16.88
N VAL E 247 42.26 -9.90 -17.67
CA VAL E 247 41.12 -8.98 -17.69
C VAL E 247 40.68 -8.80 -19.13
N GLY E 248 41.11 -9.71 -20.00
CA GLY E 248 40.96 -9.47 -21.42
C GLY E 248 39.52 -9.16 -21.82
N GLY E 249 39.39 -8.48 -22.96
CA GLY E 249 38.09 -8.13 -23.51
C GLY E 249 37.68 -6.69 -23.29
N LEU E 250 38.32 -5.98 -22.36
CA LEU E 250 37.95 -4.62 -21.99
C LEU E 250 39.16 -3.70 -22.05
N ASP E 251 39.92 -3.77 -23.15
CA ASP E 251 41.12 -2.95 -23.27
C ASP E 251 40.79 -1.46 -23.30
N LYS E 252 39.78 -1.08 -24.08
CA LYS E 252 39.42 0.33 -24.14
C LYS E 252 38.82 0.80 -22.82
N GLU E 253 37.94 -0.02 -22.23
CA GLU E 253 37.33 0.34 -20.97
C GLU E 253 38.36 0.40 -19.85
N ILE E 254 39.30 -0.56 -19.85
CA ILE E 254 40.34 -0.52 -18.83
C ILE E 254 41.23 0.70 -19.04
N GLU E 255 41.48 1.09 -20.30
CA GLU E 255 42.25 2.31 -20.54
C GLU E 255 41.54 3.53 -19.94
N SER E 256 40.24 3.63 -20.15
CA SER E 256 39.50 4.75 -19.57
C SER E 256 39.56 4.72 -18.05
N LEU E 257 39.41 3.53 -17.46
CA LEU E 257 39.50 3.41 -16.02
C LEU E 257 40.88 3.81 -15.52
N LYS E 258 41.92 3.43 -16.25
CA LYS E 258 43.28 3.79 -15.86
C LYS E 258 43.44 5.30 -15.84
N SER E 259 42.94 5.98 -16.87
CA SER E 259 43.04 7.43 -16.89
C SER E 259 42.29 8.04 -15.71
N ALA E 260 41.07 7.55 -15.47
CA ALA E 260 40.25 8.11 -14.39
C ALA E 260 40.87 7.88 -13.02
N ILE E 261 41.62 6.80 -12.84
CA ILE E 261 42.27 6.55 -11.56
C ILE E 261 43.53 7.39 -11.43
N GLU E 262 44.36 7.39 -12.47
CA GLU E 262 45.63 8.13 -12.40
C GLU E 262 45.40 9.61 -12.17
N ILE E 263 44.44 10.20 -12.88
CA ILE E 263 44.32 11.67 -12.85
C ILE E 263 44.02 12.19 -11.46
N PRO E 264 43.02 11.67 -10.71
CA PRO E 264 42.85 12.15 -9.33
C PRO E 264 43.84 11.55 -8.34
N LEU E 265 44.45 10.41 -8.65
CA LEU E 265 45.23 9.69 -7.67
C LEU E 265 46.66 10.21 -7.56
N HIS E 266 47.37 10.27 -8.67
CA HIS E 266 48.78 10.63 -8.64
C HIS E 266 49.01 12.12 -8.78
N GLN E 267 48.25 12.81 -9.63
CA GLN E 267 48.49 14.22 -9.93
C GLN E 267 47.23 15.05 -9.71
N PRO E 268 46.73 15.11 -8.47
CA PRO E 268 45.63 16.03 -8.17
C PRO E 268 46.08 17.46 -7.91
N THR E 269 47.35 17.67 -7.54
CA THR E 269 47.81 19.01 -7.17
C THR E 269 47.65 19.97 -8.34
N LEU E 270 48.19 19.61 -9.50
CA LEU E 270 48.11 20.50 -10.65
C LEU E 270 46.67 20.71 -11.12
N PHE E 271 45.77 19.78 -10.81
CA PHE E 271 44.36 20.05 -11.09
C PHE E 271 43.80 21.05 -10.10
N SER E 272 44.26 20.99 -8.86
CA SER E 272 43.68 21.76 -7.76
C SER E 272 44.06 23.24 -7.84
N SER E 273 45.08 23.59 -8.62
CA SER E 273 45.44 24.99 -8.76
C SER E 273 44.32 25.82 -9.37
N PHE E 274 43.35 25.17 -10.00
CA PHE E 274 42.24 25.87 -10.64
C PHE E 274 41.08 26.14 -9.70
N GLY E 275 41.12 25.63 -8.47
CA GLY E 275 40.11 25.95 -7.49
C GLY E 275 38.80 25.18 -7.62
N VAL E 276 38.79 24.07 -8.33
CA VAL E 276 37.61 23.21 -8.45
C VAL E 276 38.07 21.77 -8.26
N SER E 277 37.27 20.99 -7.53
CA SER E 277 37.76 19.73 -7.00
C SER E 277 37.99 18.69 -8.11
N PRO E 278 38.98 17.81 -7.94
CA PRO E 278 39.29 16.81 -8.98
C PRO E 278 38.12 15.90 -9.27
N PRO E 279 38.22 15.08 -10.32
CA PRO E 279 37.20 14.06 -10.59
C PRO E 279 37.39 12.83 -9.71
N ARG E 280 37.27 13.01 -8.40
CA ARG E 280 37.56 11.93 -7.47
C ARG E 280 36.61 10.75 -7.63
N GLY E 281 35.35 11.00 -7.97
CA GLY E 281 34.37 9.94 -8.00
C GLY E 281 34.21 9.28 -9.36
N ILE E 282 34.58 8.00 -9.43
CA ILE E 282 34.41 7.18 -10.63
C ILE E 282 33.34 6.15 -10.34
N LEU E 283 32.51 5.85 -11.33
CA LEU E 283 31.41 4.90 -11.17
C LEU E 283 31.45 3.90 -12.32
N LEU E 284 31.38 2.62 -11.97
CA LEU E 284 31.34 1.53 -12.93
C LEU E 284 29.93 0.96 -12.96
N HIS E 285 29.34 0.83 -14.14
CA HIS E 285 28.05 0.15 -14.25
C HIS E 285 27.95 -0.54 -15.59
N GLY E 286 26.95 -1.42 -15.70
CA GLY E 286 26.79 -2.29 -16.84
C GLY E 286 26.14 -3.61 -16.43
N PRO E 287 26.11 -4.57 -17.34
CA PRO E 287 25.47 -5.85 -17.03
C PRO E 287 26.05 -6.45 -15.77
N PRO E 288 25.23 -7.18 -14.98
CA PRO E 288 25.74 -7.71 -13.71
C PRO E 288 26.47 -9.03 -13.85
N GLY E 289 27.33 -9.16 -14.85
CA GLY E 289 28.15 -10.35 -14.97
C GLY E 289 29.48 -10.10 -15.65
N THR E 290 29.80 -8.84 -15.92
CA THR E 290 30.92 -8.49 -16.79
C THR E 290 32.01 -7.76 -16.01
N GLY E 291 32.95 -8.54 -15.49
CA GLY E 291 34.20 -8.02 -14.95
C GLY E 291 34.12 -6.72 -14.16
N LYS E 292 33.15 -6.62 -13.24
CA LYS E 292 33.01 -5.39 -12.46
C LYS E 292 33.86 -5.46 -11.19
N THR E 293 33.54 -6.42 -10.32
CA THR E 293 34.36 -6.64 -9.12
C THR E 293 35.76 -7.08 -9.49
N MET E 294 35.89 -7.76 -10.62
CA MET E 294 37.21 -8.20 -11.08
C MET E 294 38.07 -7.03 -11.51
N LEU E 295 37.46 -6.02 -12.16
CA LEU E 295 38.21 -4.83 -12.49
C LEU E 295 38.63 -4.05 -11.24
N LEU E 296 37.73 -3.97 -10.25
CA LEU E 296 38.11 -3.35 -8.99
C LEU E 296 39.27 -4.10 -8.34
N ARG E 297 39.23 -5.43 -8.39
CA ARG E 297 40.28 -6.22 -7.76
C ARG E 297 41.61 -6.02 -8.48
N VAL E 298 41.60 -5.95 -9.81
CA VAL E 298 42.84 -5.72 -10.52
C VAL E 298 43.37 -4.31 -10.25
N VAL E 299 42.48 -3.32 -10.12
CA VAL E 299 42.93 -1.98 -9.77
C VAL E 299 43.56 -1.99 -8.39
N ALA E 300 43.02 -2.79 -7.47
CA ALA E 300 43.63 -2.94 -6.16
C ALA E 300 45.02 -3.54 -6.28
N ASN E 301 45.14 -4.66 -7.00
CA ASN E 301 46.41 -5.36 -7.07
C ASN E 301 47.50 -4.53 -7.72
N THR E 302 47.24 -4.00 -8.92
CA THR E 302 48.33 -3.44 -9.71
C THR E 302 48.91 -2.20 -9.04
N SER E 303 48.06 -1.25 -8.66
CA SER E 303 48.55 -0.03 -8.05
C SER E 303 49.28 -0.35 -6.75
N ASN E 304 50.22 0.54 -6.39
CA ASN E 304 50.89 0.49 -5.11
C ASN E 304 50.22 1.41 -4.09
N ALA E 305 48.99 1.82 -4.37
CA ALA E 305 48.28 2.77 -3.52
C ALA E 305 47.50 2.02 -2.45
N HIS E 306 47.58 2.54 -1.22
CA HIS E 306 46.91 1.92 -0.08
C HIS E 306 45.45 1.63 -0.40
N VAL E 307 45.07 0.35 -0.40
CA VAL E 307 43.72 -0.06 -0.76
C VAL E 307 42.90 -0.20 0.50
N LEU E 308 41.96 0.73 0.70
CA LEU E 308 40.95 0.58 1.73
C LEU E 308 39.75 -0.14 1.12
N THR E 309 38.70 -0.31 1.91
CA THR E 309 37.50 -0.98 1.40
C THR E 309 36.30 -0.54 2.22
N ILE E 310 35.24 -0.13 1.53
CA ILE E 310 33.98 0.22 2.18
C ILE E 310 33.08 -0.99 1.97
N ASN E 311 33.15 -1.94 2.90
CA ASN E 311 32.27 -3.09 2.79
C ASN E 311 30.84 -2.64 3.01
N GLY E 312 29.91 -3.36 2.38
CA GLY E 312 28.51 -3.00 2.47
C GLY E 312 27.93 -3.24 3.85
N PRO E 313 27.84 -4.50 4.24
CA PRO E 313 27.18 -4.83 5.51
C PRO E 313 28.07 -4.70 6.73
N SER E 314 29.36 -5.02 6.59
CA SER E 314 30.22 -5.18 7.76
C SER E 314 30.65 -3.85 8.37
N ILE E 315 30.58 -2.75 7.62
CA ILE E 315 31.00 -1.46 8.16
C ILE E 315 29.98 -0.88 9.14
N VAL E 316 28.80 -1.47 9.20
CA VAL E 316 27.77 -0.91 10.03
C VAL E 316 27.48 -1.78 11.23
N SER E 317 27.59 -1.19 12.42
CA SER E 317 27.29 -1.93 13.64
C SER E 317 25.83 -1.71 14.00
N LYS E 318 25.46 -0.82 14.91
CA LYS E 318 24.11 -0.64 15.44
C LYS E 318 24.02 0.79 15.99
N TYR E 319 22.79 1.23 16.27
CA TYR E 319 22.50 2.52 16.90
C TYR E 319 23.11 3.68 16.13
N LEU E 320 23.57 4.69 16.86
CA LEU E 320 24.13 5.86 16.21
C LEU E 320 25.63 5.85 16.28
N GLY E 321 26.26 6.92 15.81
CA GLY E 321 27.70 7.02 15.85
C GLY E 321 28.44 5.71 15.67
N GLU E 322 28.24 5.08 14.52
CA GLU E 322 28.95 3.85 14.24
C GLU E 322 29.13 3.80 12.76
N THR E 323 28.06 4.08 12.03
CA THR E 323 28.17 4.15 10.57
C THR E 323 28.98 5.36 10.15
N GLU E 324 28.60 6.54 10.65
CA GLU E 324 29.37 7.74 10.36
C GLU E 324 30.77 7.65 10.96
N ALA E 325 30.90 7.02 12.12
CA ALA E 325 32.23 6.82 12.69
C ALA E 325 33.08 5.96 11.77
N ALA E 326 32.51 4.90 11.22
CA ALA E 326 33.27 4.03 10.32
C ALA E 326 33.71 4.78 9.07
N LEU E 327 32.78 5.51 8.45
CA LEU E 327 33.12 6.23 7.23
C LEU E 327 34.17 7.31 7.50
N ARG E 328 34.00 8.08 8.59
CA ARG E 328 34.99 9.09 8.94
C ARG E 328 36.36 8.45 9.15
N ASP E 329 36.41 7.37 9.93
CA ASP E 329 37.69 6.75 10.25
C ASP E 329 38.37 6.22 9.00
N ILE E 330 37.61 5.59 8.10
CA ILE E 330 38.22 4.99 6.93
C ILE E 330 38.71 6.07 5.97
N PHE E 331 37.92 7.12 5.76
CA PHE E 331 38.40 8.19 4.89
C PHE E 331 39.58 8.92 5.50
N ASN E 332 39.59 9.07 6.82
CA ASN E 332 40.72 9.71 7.49
C ASN E 332 41.98 8.88 7.34
N GLU E 333 41.86 7.56 7.48
CA GLU E 333 43.02 6.69 7.29
C GLU E 333 43.49 6.72 5.85
N ALA E 334 42.57 6.74 4.89
CA ALA E 334 42.94 6.90 3.49
C ALA E 334 43.64 8.23 3.25
N ARG E 335 43.34 9.24 4.05
CA ARG E 335 44.07 10.51 3.99
C ARG E 335 45.44 10.43 4.63
N LYS E 336 45.58 9.72 5.76
CA LYS E 336 46.90 9.61 6.40
C LYS E 336 47.88 8.88 5.49
N TYR E 337 47.50 7.70 5.03
CA TYR E 337 48.33 6.89 4.15
C TYR E 337 47.94 7.18 2.71
N GLN E 338 48.87 7.71 1.94
CA GLN E 338 48.62 8.11 0.56
C GLN E 338 49.74 7.59 -0.31
N PRO E 339 49.47 7.34 -1.61
CA PRO E 339 48.15 7.42 -2.23
C PRO E 339 47.26 6.27 -1.81
N SER E 340 45.94 6.45 -1.86
CA SER E 340 45.00 5.44 -1.40
C SER E 340 43.82 5.37 -2.35
N ILE E 341 43.24 4.18 -2.45
CA ILE E 341 42.02 3.95 -3.23
C ILE E 341 40.94 3.48 -2.26
N ILE E 342 39.75 4.06 -2.39
CA ILE E 342 38.60 3.67 -1.57
C ILE E 342 37.61 2.98 -2.47
N PHE E 343 37.45 1.67 -2.27
CA PHE E 343 36.58 0.86 -3.11
C PHE E 343 35.21 0.72 -2.46
N ILE E 344 34.16 0.96 -3.24
CA ILE E 344 32.80 0.70 -2.79
C ILE E 344 32.14 -0.20 -3.82
N ASP E 345 32.25 -1.51 -3.62
CA ASP E 345 31.64 -2.46 -4.54
C ASP E 345 30.17 -2.62 -4.19
N GLU E 346 29.31 -2.56 -5.22
CA GLU E 346 27.87 -2.54 -5.02
C GLU E 346 27.48 -1.37 -4.10
N ILE E 347 27.77 -0.16 -4.59
CA ILE E 347 27.43 1.04 -3.84
C ILE E 347 25.92 1.19 -3.70
N ASP E 348 25.16 0.53 -4.58
CA ASP E 348 23.71 0.62 -4.51
C ASP E 348 23.16 0.06 -3.21
N SER E 349 23.78 -0.98 -2.66
CA SER E 349 23.23 -1.62 -1.46
C SER E 349 23.30 -0.71 -0.26
N ILE E 350 24.03 0.40 -0.34
CA ILE E 350 24.14 1.34 0.77
C ILE E 350 23.74 2.76 0.39
N ALA E 351 23.52 3.07 -0.88
CA ALA E 351 23.03 4.39 -1.30
C ALA E 351 21.92 4.25 -2.34
N PRO E 352 20.78 3.67 -1.97
CA PRO E 352 19.61 3.72 -2.86
C PRO E 352 19.10 5.15 -3.01
N ASN E 353 18.12 5.30 -3.91
CA ASN E 353 17.65 6.64 -4.27
C ASN E 353 17.07 7.41 -3.09
N ARG E 354 16.71 6.77 -1.97
CA ARG E 354 15.81 7.36 -0.94
C ARG E 354 14.41 7.64 -1.49
N ALA E 355 14.16 7.20 -2.73
CA ALA E 355 12.82 7.30 -3.29
C ALA E 355 12.08 5.97 -3.25
N ASN E 356 12.70 4.92 -2.72
CA ASN E 356 12.10 3.61 -2.62
C ASN E 356 11.84 3.26 -1.15
N ASP E 357 10.89 2.35 -0.94
CA ASP E 357 10.59 1.90 0.41
C ASP E 357 11.77 1.17 1.05
N ASP E 358 12.74 0.73 0.25
CA ASP E 358 13.92 0.08 0.82
C ASP E 358 14.69 1.03 1.73
N SER E 359 14.84 2.28 1.32
CA SER E 359 15.64 3.24 2.09
C SER E 359 15.01 3.47 3.46
N GLY E 360 15.82 3.38 4.50
CA GLY E 360 15.41 3.73 5.84
C GLY E 360 16.30 4.76 6.46
N GLU E 361 16.58 4.62 7.76
CA GLU E 361 17.51 5.49 8.48
C GLU E 361 18.93 5.27 7.97
N VAL E 362 19.38 4.01 7.85
CA VAL E 362 20.78 3.68 7.61
C VAL E 362 21.24 4.24 6.28
N GLU E 363 20.39 4.17 5.25
CA GLU E 363 20.75 4.74 3.96
C GLU E 363 20.97 6.24 4.06
N SER E 364 20.12 6.91 4.84
CA SER E 364 20.21 8.35 5.09
C SER E 364 21.54 8.66 5.81
N ARG E 365 21.97 7.81 6.75
CA ARG E 365 23.24 7.98 7.44
C ARG E 365 24.40 7.84 6.47
N VAL E 366 24.40 6.77 5.68
CA VAL E 366 25.52 6.49 4.78
C VAL E 366 25.67 7.62 3.77
N VAL E 367 24.55 8.03 3.16
CA VAL E 367 24.63 9.02 2.09
C VAL E 367 25.02 10.38 2.66
N ALA E 368 24.48 10.76 3.82
CA ALA E 368 24.86 12.03 4.43
C ALA E 368 26.34 12.05 4.76
N THR E 369 26.85 10.98 5.36
CA THR E 369 28.27 10.94 5.70
C THR E 369 29.14 11.01 4.45
N LEU E 370 28.77 10.26 3.41
CA LEU E 370 29.57 10.28 2.18
C LEU E 370 29.54 11.66 1.54
N LEU E 371 28.38 12.31 1.53
CA LEU E 371 28.30 13.66 0.99
C LEU E 371 29.18 14.61 1.77
N THR E 372 29.17 14.50 3.11
CA THR E 372 30.02 15.36 3.93
C THR E 372 31.50 15.12 3.63
N LEU E 373 31.90 13.86 3.50
CA LEU E 373 33.32 13.53 3.37
C LEU E 373 33.84 13.81 1.97
N MET E 374 33.26 13.15 0.97
CA MET E 374 33.84 13.15 -0.37
C MET E 374 33.91 14.54 -0.97
N ASP E 375 32.98 15.42 -0.60
CA ASP E 375 33.00 16.80 -1.05
C ASP E 375 33.83 17.71 -0.15
N GLY E 376 34.34 17.19 0.97
CA GLY E 376 35.12 18.00 1.86
C GLY E 376 36.62 17.86 1.63
N MET E 377 37.09 16.62 1.58
CA MET E 377 38.50 16.36 1.31
C MET E 377 38.84 16.75 -0.12
N GLY E 378 40.04 17.31 -0.31
CA GLY E 378 40.51 17.48 -1.67
C GLY E 378 41.64 18.49 -1.76
N ALA E 379 42.15 18.61 -2.98
CA ALA E 379 43.13 19.61 -3.38
C ALA E 379 44.54 19.33 -2.87
N ALA E 380 44.69 18.37 -1.96
CA ALA E 380 46.02 17.83 -1.67
C ALA E 380 46.02 16.32 -1.54
N GLY E 381 44.92 15.74 -1.05
CA GLY E 381 44.88 14.31 -0.82
C GLY E 381 45.00 13.54 -2.13
N LYS E 382 45.88 12.54 -2.14
CA LYS E 382 46.04 11.67 -3.30
C LYS E 382 45.21 10.40 -3.09
N VAL E 383 43.90 10.59 -3.18
CA VAL E 383 42.93 9.52 -2.89
C VAL E 383 41.85 9.53 -3.95
N VAL E 384 41.42 8.33 -4.36
CA VAL E 384 40.37 8.15 -5.35
C VAL E 384 39.29 7.26 -4.76
N VAL E 385 38.05 7.49 -5.16
CA VAL E 385 36.91 6.68 -4.73
C VAL E 385 36.29 6.08 -5.97
N ILE E 386 36.29 4.74 -6.04
CA ILE E 386 35.79 4.00 -7.20
C ILE E 386 34.57 3.22 -6.74
N ALA E 387 33.44 3.44 -7.42
CA ALA E 387 32.21 2.73 -7.13
C ALA E 387 31.80 1.89 -8.33
N ALA E 388 31.18 0.75 -8.03
CA ALA E 388 30.64 -0.14 -9.05
C ALA E 388 29.24 -0.56 -8.65
N THR E 389 28.42 -0.88 -9.66
CA THR E 389 27.03 -1.23 -9.40
C THR E 389 26.49 -2.07 -10.54
N ASN E 390 25.59 -2.99 -10.20
CA ASN E 390 24.90 -3.76 -11.23
C ASN E 390 24.16 -2.84 -12.19
N ARG E 391 23.48 -1.83 -11.68
CA ARG E 391 22.93 -0.77 -12.51
C ARG E 391 22.89 0.53 -11.71
N PRO E 392 23.27 1.66 -12.32
CA PRO E 392 23.51 2.87 -11.54
C PRO E 392 22.26 3.68 -11.25
N ASN E 393 21.20 3.48 -12.02
CA ASN E 393 20.08 4.40 -12.05
C ASN E 393 19.30 4.47 -10.74
N SER E 394 19.56 3.55 -9.79
CA SER E 394 18.89 3.58 -8.50
C SER E 394 19.78 4.08 -7.38
N VAL E 395 20.86 4.80 -7.70
CA VAL E 395 21.74 5.39 -6.71
C VAL E 395 21.33 6.83 -6.48
N ASP E 396 21.23 7.22 -5.21
CA ASP E 396 20.82 8.55 -4.83
C ASP E 396 21.56 9.60 -5.66
N PRO E 397 20.86 10.50 -6.35
CA PRO E 397 21.58 11.50 -7.17
C PRO E 397 22.54 12.35 -6.38
N ALA E 398 22.34 12.52 -5.07
CA ALA E 398 23.24 13.35 -4.29
C ALA E 398 24.68 12.86 -4.42
N LEU E 399 24.87 11.56 -4.63
CA LEU E 399 26.19 11.01 -4.87
C LEU E 399 26.59 11.04 -6.33
N ARG E 400 25.74 11.59 -7.21
CA ARG E 400 25.99 11.55 -8.64
C ARG E 400 26.29 12.92 -9.24
N ARG E 401 26.05 14.01 -8.52
CA ARG E 401 26.34 15.33 -9.04
C ARG E 401 27.85 15.52 -9.19
N PRO E 402 28.28 16.48 -10.01
CA PRO E 402 29.72 16.70 -10.20
C PRO E 402 30.41 17.01 -8.87
N GLY E 403 31.66 16.57 -8.77
CA GLY E 403 32.37 16.53 -7.51
C GLY E 403 32.15 15.25 -6.72
N ARG E 404 30.94 14.72 -6.74
CA ARG E 404 30.66 13.37 -6.27
C ARG E 404 30.91 12.44 -7.46
N PHE E 405 30.48 11.18 -7.39
CA PHE E 405 30.67 10.27 -8.51
C PHE E 405 30.02 10.89 -9.73
N ASP E 406 30.85 11.38 -10.65
CA ASP E 406 30.36 11.94 -11.91
C ASP E 406 31.02 11.36 -13.14
N GLN E 407 32.29 10.94 -13.07
CA GLN E 407 32.91 10.24 -14.16
C GLN E 407 32.30 8.85 -14.29
N GLU E 408 32.36 8.29 -15.49
CA GLU E 408 31.72 7.02 -15.77
C GLU E 408 32.62 6.11 -16.60
N VAL E 409 32.51 4.82 -16.32
CA VAL E 409 33.13 3.77 -17.12
C VAL E 409 32.03 2.79 -17.48
N GLU E 410 31.69 2.73 -18.77
CA GLU E 410 30.67 1.80 -19.24
C GLU E 410 31.31 0.46 -19.54
N ILE E 411 30.88 -0.58 -18.84
CA ILE E 411 31.37 -1.95 -19.08
C ILE E 411 30.26 -2.68 -19.80
N GLY E 412 30.47 -2.96 -21.09
CA GLY E 412 29.42 -3.43 -21.96
C GLY E 412 29.49 -4.93 -22.24
N ILE E 413 28.38 -5.44 -22.78
CA ILE E 413 28.28 -6.86 -23.10
C ILE E 413 29.38 -7.23 -24.09
N PRO E 414 30.11 -8.32 -23.88
CA PRO E 414 31.14 -8.70 -24.86
C PRO E 414 30.50 -9.27 -26.13
N ASP E 415 30.96 -8.76 -27.27
CA ASP E 415 30.43 -9.16 -28.57
C ASP E 415 31.03 -10.49 -29.00
N VAL E 416 30.76 -10.89 -30.24
CA VAL E 416 31.33 -12.13 -30.76
C VAL E 416 32.85 -12.02 -30.84
N ASP E 417 33.37 -10.89 -31.33
CA ASP E 417 34.82 -10.72 -31.41
C ASP E 417 35.44 -10.49 -30.05
N ALA E 418 34.65 -10.01 -29.09
CA ALA E 418 35.18 -9.76 -27.75
C ALA E 418 35.44 -11.06 -26.99
N ARG E 419 34.63 -12.09 -27.26
CA ARG E 419 34.77 -13.33 -26.50
C ARG E 419 36.13 -13.99 -26.68
N PHE E 420 36.83 -13.72 -27.78
CA PHE E 420 38.06 -14.45 -28.06
C PHE E 420 39.10 -14.22 -26.97
N ASP E 421 39.32 -12.96 -26.60
CA ASP E 421 40.33 -12.67 -25.59
C ASP E 421 39.94 -13.27 -24.25
N ILE E 422 38.68 -13.15 -23.87
CA ILE E 422 38.22 -13.75 -22.62
C ILE E 422 38.51 -15.24 -22.62
N LEU E 423 38.14 -15.92 -23.71
CA LEU E 423 38.32 -17.36 -23.76
C LEU E 423 39.79 -17.74 -23.69
N THR E 424 40.61 -17.10 -24.51
CA THR E 424 42.01 -17.51 -24.58
C THR E 424 42.75 -17.23 -23.27
N LYS E 425 42.57 -16.03 -22.70
CA LYS E 425 43.26 -15.73 -21.45
C LYS E 425 42.72 -16.54 -20.29
N GLN E 426 41.41 -16.75 -20.23
CA GLN E 426 40.85 -17.67 -19.24
C GLN E 426 41.45 -19.06 -19.39
N PHE E 427 41.56 -19.53 -20.63
CA PHE E 427 42.10 -20.85 -20.93
C PHE E 427 43.59 -20.95 -20.65
N SER E 428 44.23 -19.86 -20.22
CA SER E 428 45.68 -19.86 -20.04
C SER E 428 46.10 -20.62 -18.80
N ARG E 429 45.34 -20.48 -17.71
CA ARG E 429 45.79 -20.97 -16.41
C ARG E 429 46.27 -22.41 -16.45
N MET E 430 45.79 -23.21 -17.42
CA MET E 430 46.28 -24.58 -17.52
C MET E 430 46.49 -24.98 -18.98
N SER E 431 46.65 -24.02 -19.89
CA SER E 431 46.74 -24.35 -21.30
C SER E 431 47.84 -25.35 -21.57
N SER E 432 48.87 -25.37 -20.73
CA SER E 432 49.91 -26.39 -20.83
C SER E 432 49.33 -27.78 -20.70
N ASP E 433 48.16 -27.93 -20.06
CA ASP E 433 47.51 -29.22 -19.89
C ASP E 433 46.22 -29.34 -20.70
N ARG E 434 45.76 -28.27 -21.34
CA ARG E 434 44.76 -28.41 -22.39
C ARG E 434 45.32 -29.18 -23.58
N HIS E 435 46.31 -28.60 -24.26
CA HIS E 435 46.90 -29.19 -25.45
C HIS E 435 45.85 -29.53 -26.50
N VAL E 436 44.71 -28.83 -26.46
CA VAL E 436 43.59 -29.12 -27.36
C VAL E 436 43.11 -27.92 -28.14
N LEU E 437 43.42 -26.68 -27.72
CA LEU E 437 42.76 -25.51 -28.28
C LEU E 437 43.03 -25.35 -29.76
N ASP E 438 44.28 -25.09 -30.11
CA ASP E 438 44.69 -24.71 -31.46
C ASP E 438 43.99 -23.44 -31.94
N SER E 439 43.23 -22.78 -31.07
CA SER E 439 42.61 -21.47 -31.26
C SER E 439 41.41 -21.47 -32.19
N GLU E 440 41.08 -22.59 -32.85
CA GLU E 440 39.96 -22.58 -33.78
C GLU E 440 38.63 -22.89 -33.12
N ALA E 441 38.60 -23.80 -32.15
CA ALA E 441 37.37 -24.04 -31.40
C ALA E 441 36.93 -22.80 -30.65
N ILE E 442 37.88 -21.95 -30.28
CA ILE E 442 37.54 -20.75 -29.51
C ILE E 442 36.62 -19.84 -30.30
N LYS E 443 36.89 -19.65 -31.60
CA LYS E 443 35.99 -18.86 -32.42
C LYS E 443 34.61 -19.50 -32.49
N TYR E 444 34.54 -20.82 -32.61
CA TYR E 444 33.24 -21.49 -32.63
C TYR E 444 32.48 -21.22 -31.34
N ILE E 445 33.15 -21.36 -30.20
CA ILE E 445 32.50 -21.10 -28.92
C ILE E 445 32.01 -19.66 -28.88
N ALA E 446 32.87 -18.71 -29.25
CA ALA E 446 32.45 -17.31 -29.26
C ALA E 446 31.25 -17.10 -30.17
N SER E 447 31.16 -17.86 -31.26
CA SER E 447 30.04 -17.73 -32.18
C SER E 447 28.76 -18.32 -31.64
N LYS E 448 28.86 -19.30 -30.74
CA LYS E 448 27.69 -19.99 -30.22
C LYS E 448 27.32 -19.59 -28.79
N THR E 449 28.01 -18.62 -28.20
CA THR E 449 27.78 -18.22 -26.81
C THR E 449 27.18 -16.83 -26.72
N HIS E 450 26.18 -16.56 -27.55
CA HIS E 450 25.45 -15.30 -27.46
C HIS E 450 24.67 -15.25 -26.15
N GLY E 451 25.08 -14.35 -25.27
CA GLY E 451 24.45 -14.20 -23.97
C GLY E 451 25.44 -14.31 -22.83
N TYR E 452 26.44 -15.20 -22.94
CA TYR E 452 27.43 -15.32 -21.89
C TYR E 452 28.15 -13.99 -21.69
N VAL E 453 28.41 -13.66 -20.43
CA VAL E 453 28.89 -12.33 -20.05
C VAL E 453 30.29 -12.43 -19.46
N GLY E 454 31.06 -13.41 -19.92
CA GLY E 454 32.38 -13.65 -19.34
C GLY E 454 32.32 -14.47 -18.07
N ALA E 455 31.45 -14.09 -17.14
CA ALA E 455 31.27 -14.90 -15.95
C ALA E 455 30.78 -16.29 -16.31
N ASP E 456 29.74 -16.37 -17.14
CA ASP E 456 29.25 -17.66 -17.59
C ASP E 456 30.30 -18.40 -18.41
N LEU E 457 31.19 -17.68 -19.08
CA LEU E 457 32.29 -18.34 -19.77
C LEU E 457 33.23 -19.03 -18.79
N THR E 458 33.54 -18.34 -17.69
CA THR E 458 34.37 -18.98 -16.66
C THR E 458 33.65 -20.18 -16.06
N ALA E 459 32.34 -20.06 -15.83
CA ALA E 459 31.58 -21.21 -15.33
C ALA E 459 31.58 -22.35 -16.36
N LEU E 460 31.57 -22.01 -17.65
CA LEU E 460 31.69 -23.02 -18.69
C LEU E 460 33.03 -23.73 -18.58
N CYS E 461 34.10 -22.97 -18.32
CA CYS E 461 35.41 -23.59 -18.11
C CYS E 461 35.36 -24.54 -16.91
N ARG E 462 34.76 -24.09 -15.80
CA ARG E 462 34.65 -24.94 -14.62
C ARG E 462 33.92 -26.25 -14.95
N GLU E 463 32.75 -26.13 -15.59
CA GLU E 463 31.95 -27.32 -15.86
C GLU E 463 32.61 -28.21 -16.90
N SER E 464 33.37 -27.64 -17.83
CA SER E 464 34.13 -28.45 -18.76
C SER E 464 35.21 -29.23 -18.03
N VAL E 465 35.88 -28.61 -17.05
CA VAL E 465 36.88 -29.33 -16.27
C VAL E 465 36.23 -30.46 -15.48
N MET E 466 35.05 -30.19 -14.89
CA MET E 466 34.31 -31.26 -14.25
C MET E 466 34.00 -32.40 -15.21
N LYS E 467 33.51 -32.08 -16.41
CA LYS E 467 33.14 -33.14 -17.34
C LYS E 467 34.37 -33.87 -17.84
N THR E 468 35.54 -33.23 -17.85
CA THR E 468 36.77 -33.94 -18.18
C THR E 468 37.15 -34.90 -17.06
N ILE E 469 36.99 -34.48 -15.80
CA ILE E 469 37.23 -35.40 -14.69
C ILE E 469 36.31 -36.62 -14.81
N GLN E 470 35.03 -36.37 -15.08
CA GLN E 470 34.08 -37.46 -15.17
C GLN E 470 34.32 -38.31 -16.42
N ARG E 471 34.83 -37.70 -17.49
CA ARG E 471 35.24 -38.48 -18.66
C ARG E 471 36.39 -39.42 -18.32
N GLY E 472 37.39 -38.91 -17.59
CA GLY E 472 38.46 -39.79 -17.15
C GLY E 472 37.93 -40.93 -16.29
N LEU E 473 37.02 -40.63 -15.36
CA LEU E 473 36.46 -41.69 -14.53
C LEU E 473 35.66 -42.69 -15.35
N GLY E 474 34.87 -42.23 -16.31
CA GLY E 474 34.07 -43.14 -17.11
C GLY E 474 34.92 -44.03 -18.01
N THR E 475 35.95 -43.45 -18.63
CA THR E 475 36.86 -44.26 -19.45
C THR E 475 37.55 -45.31 -18.61
N ASP E 476 37.96 -44.94 -17.39
CA ASP E 476 38.59 -45.88 -16.47
C ASP E 476 38.31 -45.40 -15.05
N ALA E 477 37.86 -46.32 -14.19
CA ALA E 477 37.49 -45.94 -12.83
C ALA E 477 38.68 -45.33 -12.09
N ASN E 478 39.83 -46.00 -12.15
CA ASN E 478 41.05 -45.51 -11.50
C ASN E 478 41.91 -44.74 -12.50
N ILE E 479 41.32 -43.69 -13.08
CA ILE E 479 42.01 -42.90 -14.08
C ILE E 479 43.08 -42.04 -13.42
N ASP E 480 44.05 -41.61 -14.23
CA ASP E 480 45.04 -40.62 -13.85
C ASP E 480 44.69 -39.33 -14.58
N LYS E 481 44.18 -38.34 -13.84
CA LYS E 481 43.66 -37.13 -14.46
C LYS E 481 44.75 -36.36 -15.19
N PHE E 482 45.96 -36.32 -14.62
CA PHE E 482 47.05 -35.59 -15.28
C PHE E 482 47.40 -36.16 -16.64
N SER E 483 47.04 -37.42 -16.93
CA SER E 483 47.23 -37.95 -18.27
C SER E 483 46.18 -37.45 -19.25
N LEU E 484 45.16 -36.77 -18.76
CA LEU E 484 44.05 -36.34 -19.61
C LEU E 484 44.31 -34.96 -20.21
N LYS E 485 43.91 -34.80 -21.46
CA LYS E 485 43.81 -33.50 -22.12
C LYS E 485 42.34 -33.22 -22.40
N VAL E 486 41.87 -32.06 -21.96
CA VAL E 486 40.45 -31.75 -22.12
C VAL E 486 40.11 -31.73 -23.61
N THR E 487 38.85 -32.00 -23.93
CA THR E 487 38.42 -32.18 -25.31
C THR E 487 37.15 -31.39 -25.55
N LEU E 488 36.95 -30.99 -26.80
CA LEU E 488 35.82 -30.11 -27.12
C LEU E 488 34.49 -30.85 -27.02
N LYS E 489 34.48 -32.16 -27.29
CA LYS E 489 33.24 -32.92 -27.15
C LYS E 489 32.74 -32.90 -25.71
N ASP E 490 33.64 -33.11 -24.75
CA ASP E 490 33.21 -33.09 -23.36
C ASP E 490 32.90 -31.67 -22.90
N VAL E 491 33.54 -30.66 -23.50
CA VAL E 491 33.18 -29.27 -23.23
C VAL E 491 31.76 -29.00 -23.71
N GLU E 492 31.36 -29.64 -24.81
CA GLU E 492 29.99 -29.50 -25.29
C GLU E 492 29.02 -30.20 -24.35
N SER E 493 29.35 -31.45 -23.98
CA SER E 493 28.61 -32.15 -22.94
C SER E 493 28.54 -31.35 -21.65
N ALA E 494 29.48 -30.42 -21.48
CA ALA E 494 29.49 -29.54 -20.32
C ALA E 494 28.45 -28.43 -20.48
N MET E 495 28.59 -27.57 -21.50
CA MET E 495 27.70 -26.41 -21.46
C MET E 495 26.28 -26.77 -21.86
N VAL E 496 26.02 -28.02 -22.27
CA VAL E 496 24.63 -28.41 -22.54
C VAL E 496 23.83 -28.44 -21.25
N ASP E 497 24.44 -28.11 -20.10
CA ASP E 497 23.74 -28.14 -18.82
C ASP E 497 24.01 -26.89 -17.99
N ILE E 498 24.14 -25.72 -18.63
CA ILE E 498 24.18 -24.43 -17.94
C ILE E 498 23.15 -23.50 -18.55
N ARG E 499 22.43 -22.79 -17.69
CA ARG E 499 21.54 -21.70 -18.12
C ARG E 499 22.39 -20.56 -18.66
N PRO E 500 22.24 -20.16 -19.93
CA PRO E 500 23.24 -19.26 -20.53
C PRO E 500 23.46 -17.93 -19.83
N SER E 501 22.45 -17.08 -19.79
CA SER E 501 22.62 -15.71 -19.34
C SER E 501 21.24 -15.05 -19.30
N ALA E 502 21.23 -13.73 -19.10
CA ALA E 502 20.01 -12.94 -19.13
C ALA E 502 19.28 -13.08 -20.48
N MET E 503 19.91 -12.63 -21.56
CA MET E 503 19.27 -12.64 -22.87
C MET E 503 20.28 -12.19 -23.92
N ARG E 504 19.89 -12.37 -25.19
CA ARG E 504 20.69 -11.97 -26.34
C ARG E 504 20.12 -10.68 -26.91
N GLU E 505 20.98 -9.67 -27.09
CA GLU E 505 20.54 -8.32 -27.37
C GLU E 505 20.92 -7.81 -28.76
N ILE E 506 22.19 -7.90 -29.14
CA ILE E 506 22.64 -7.46 -30.46
C ILE E 506 23.13 -8.61 -31.33
N PHE E 507 23.02 -9.86 -30.87
CA PHE E 507 23.42 -11.01 -31.67
C PHE E 507 22.30 -12.04 -31.68
N LEU E 508 22.06 -12.60 -32.86
CA LEU E 508 21.02 -13.60 -33.08
C LEU E 508 21.69 -14.93 -33.44
N GLU E 509 20.84 -15.92 -33.77
CA GLU E 509 21.37 -17.23 -34.14
C GLU E 509 22.22 -17.13 -35.40
N MET E 510 21.80 -16.33 -36.37
CA MET E 510 22.51 -16.10 -37.63
C MET E 510 23.01 -17.42 -38.22
N PRO E 511 22.11 -18.32 -38.61
CA PRO E 511 22.56 -19.60 -39.18
C PRO E 511 23.36 -19.40 -40.47
N LYS E 512 24.27 -20.33 -40.73
CA LYS E 512 25.11 -20.27 -41.93
C LYS E 512 24.27 -20.46 -43.19
N VAL E 513 24.15 -19.41 -43.99
CA VAL E 513 23.51 -19.47 -45.30
C VAL E 513 24.46 -18.79 -46.28
N TYR E 514 24.59 -19.35 -47.48
CA TYR E 514 25.59 -18.91 -48.43
C TYR E 514 24.94 -18.48 -49.74
N TRP E 515 25.64 -17.59 -50.46
CA TRP E 515 25.15 -17.20 -51.78
C TRP E 515 25.25 -18.37 -52.76
N SER E 516 26.02 -19.40 -52.42
CA SER E 516 26.16 -20.58 -53.25
C SER E 516 25.01 -21.57 -53.09
N ASP E 517 24.14 -21.38 -52.10
CA ASP E 517 23.07 -22.33 -51.81
C ASP E 517 21.67 -21.74 -51.93
N ILE E 518 21.51 -20.43 -51.82
CA ILE E 518 20.18 -19.82 -51.89
C ILE E 518 19.50 -20.29 -53.17
N GLY E 519 18.25 -20.73 -53.04
CA GLY E 519 17.60 -21.47 -54.12
C GLY E 519 17.51 -20.65 -55.39
N GLY E 520 18.19 -21.12 -56.44
CA GLY E 520 18.06 -20.58 -57.78
C GLY E 520 17.92 -19.08 -57.83
N GLN E 521 16.96 -18.60 -58.61
CA GLN E 521 16.66 -17.17 -58.71
C GLN E 521 17.93 -16.36 -58.94
N GLU E 522 18.71 -16.79 -59.95
CA GLU E 522 19.90 -16.04 -60.31
C GLU E 522 19.56 -14.61 -60.72
N GLU E 523 18.32 -14.35 -61.14
CA GLU E 523 17.91 -12.97 -61.41
C GLU E 523 17.80 -12.18 -60.11
N LEU E 524 17.12 -12.75 -59.10
CA LEU E 524 17.12 -12.17 -57.77
C LEU E 524 18.54 -11.94 -57.29
N LYS E 525 19.39 -12.95 -57.47
CA LYS E 525 20.76 -12.88 -56.98
C LYS E 525 21.51 -11.74 -57.63
N THR E 526 21.43 -11.66 -58.95
CA THR E 526 22.13 -10.60 -59.69
C THR E 526 21.62 -9.23 -59.27
N LYS E 527 20.31 -9.07 -59.14
CA LYS E 527 19.77 -7.79 -58.72
C LYS E 527 20.30 -7.38 -57.37
N MET E 528 20.19 -8.27 -56.37
CA MET E 528 20.61 -7.91 -55.03
C MET E 528 22.09 -7.59 -54.98
N LYS E 529 22.91 -8.40 -55.66
CA LYS E 529 24.33 -8.07 -55.78
C LYS E 529 24.50 -6.67 -56.32
N GLU E 530 24.09 -6.47 -57.58
CA GLU E 530 24.40 -5.23 -58.28
C GLU E 530 23.98 -4.02 -57.47
N MET E 531 22.89 -4.14 -56.71
CA MET E 531 22.31 -2.94 -56.14
C MET E 531 22.61 -2.73 -54.66
N ILE E 532 23.02 -3.77 -53.92
CA ILE E 532 23.26 -3.59 -52.49
C ILE E 532 24.73 -3.76 -52.13
N GLN E 533 25.52 -4.43 -52.99
CA GLN E 533 26.94 -4.53 -52.69
C GLN E 533 27.74 -3.39 -53.31
N LEU E 534 27.30 -2.87 -54.46
CA LEU E 534 27.99 -1.71 -55.03
C LEU E 534 27.95 -0.50 -54.11
N PRO E 535 26.79 -0.04 -53.61
CA PRO E 535 26.81 1.10 -52.69
C PRO E 535 27.50 0.82 -51.38
N LEU E 536 27.66 -0.44 -51.01
CA LEU E 536 28.46 -0.80 -49.85
C LEU E 536 29.94 -0.89 -50.16
N GLU E 537 30.30 -0.99 -51.44
CA GLU E 537 31.68 -0.87 -51.86
C GLU E 537 32.10 0.59 -51.90
N ALA E 538 31.36 1.40 -52.65
CA ALA E 538 31.68 2.82 -52.78
C ALA E 538 31.29 3.58 -51.51
N SER E 539 32.25 3.72 -50.59
CA SER E 539 32.02 4.47 -49.35
C SER E 539 32.87 5.72 -49.28
N GLU E 540 34.19 5.60 -49.40
CA GLU E 540 35.04 6.78 -49.46
C GLU E 540 34.72 7.62 -50.69
N THR E 541 34.51 6.97 -51.83
CA THR E 541 34.25 7.68 -53.08
C THR E 541 32.94 8.46 -53.05
N PHE E 542 32.07 8.18 -52.09
CA PHE E 542 30.93 9.05 -51.80
C PHE E 542 31.32 10.15 -50.82
N ALA E 543 32.12 9.80 -49.81
CA ALA E 543 32.56 10.80 -48.85
C ALA E 543 33.36 11.90 -49.54
N ARG E 544 34.28 11.51 -50.42
CA ARG E 544 34.82 12.47 -51.37
C ARG E 544 33.84 12.55 -52.54
N LEU E 545 33.85 13.69 -53.23
CA LEU E 545 32.85 13.97 -54.26
C LEU E 545 31.52 14.39 -53.63
N GLY E 546 31.42 14.30 -52.30
CA GLY E 546 30.31 14.88 -51.56
C GLY E 546 28.92 14.47 -52.04
N ILE E 547 28.52 13.23 -51.78
CA ILE E 547 27.18 12.78 -52.14
C ILE E 547 26.77 11.67 -51.19
N SER E 548 25.54 11.76 -50.69
CA SER E 548 25.01 10.72 -49.83
C SER E 548 24.76 9.44 -50.62
N ALA E 549 24.81 8.31 -49.93
CA ALA E 549 24.72 7.01 -50.56
C ALA E 549 23.28 6.51 -50.59
N PRO E 550 22.95 5.59 -51.50
CA PRO E 550 21.62 4.99 -51.49
C PRO E 550 21.31 4.36 -50.14
N LYS E 551 20.04 4.47 -49.72
CA LYS E 551 19.67 4.25 -48.33
C LYS E 551 19.15 2.86 -48.03
N GLY E 552 18.62 2.14 -49.02
CA GLY E 552 18.10 0.82 -48.73
C GLY E 552 17.14 0.25 -49.76
N VAL E 553 16.81 -1.03 -49.62
CA VAL E 553 15.92 -1.75 -50.51
C VAL E 553 14.80 -2.38 -49.70
N LEU E 554 13.66 -2.64 -50.34
CA LEU E 554 12.46 -3.06 -49.65
C LEU E 554 12.03 -4.50 -49.92
N LEU E 555 12.63 -5.17 -50.91
CA LEU E 555 12.49 -6.61 -51.12
C LEU E 555 11.02 -7.03 -51.15
N TYR E 556 10.33 -6.57 -52.21
CA TYR E 556 8.94 -6.93 -52.42
C TYR E 556 8.83 -8.45 -52.55
N GLY E 557 7.72 -9.02 -52.07
CA GLY E 557 7.51 -10.44 -52.20
C GLY E 557 6.38 -11.00 -51.36
N PRO E 558 5.78 -12.10 -51.80
CA PRO E 558 4.72 -12.77 -51.00
C PRO E 558 5.33 -13.48 -49.79
N PRO E 559 4.53 -13.70 -48.74
CA PRO E 559 5.09 -14.31 -47.52
C PRO E 559 5.63 -15.70 -47.77
N GLY E 560 6.54 -16.13 -46.90
CA GLY E 560 7.09 -17.47 -46.95
C GLY E 560 8.24 -17.66 -47.90
N CYS E 561 8.71 -16.60 -48.55
CA CYS E 561 9.81 -16.72 -49.49
C CYS E 561 11.15 -16.82 -48.74
N SER E 562 12.22 -16.82 -49.53
CA SER E 562 13.58 -16.72 -48.98
C SER E 562 13.85 -15.34 -48.37
N LYS E 563 12.79 -14.54 -48.18
CA LYS E 563 12.87 -13.12 -47.85
C LYS E 563 14.04 -12.74 -46.94
N THR E 564 13.99 -13.22 -45.70
CA THR E 564 15.02 -12.91 -44.72
C THR E 564 16.07 -14.00 -44.67
N LEU E 565 15.77 -15.18 -45.20
CA LEU E 565 16.77 -16.23 -45.25
C LEU E 565 17.92 -15.84 -46.18
N THR E 566 17.67 -14.89 -47.10
CA THR E 566 18.77 -14.30 -47.84
C THR E 566 19.54 -13.30 -46.98
N ALA E 567 18.85 -12.63 -46.07
CA ALA E 567 19.55 -11.81 -45.08
C ALA E 567 20.38 -12.66 -44.13
N LYS E 568 20.03 -13.94 -43.98
CA LYS E 568 20.89 -14.84 -43.22
C LYS E 568 22.22 -15.03 -43.94
N ALA E 569 22.18 -15.15 -45.27
CA ALA E 569 23.42 -15.14 -46.03
C ALA E 569 24.13 -13.80 -45.92
N LEU E 570 23.38 -12.70 -45.93
CA LEU E 570 23.98 -11.39 -45.68
C LEU E 570 24.72 -11.38 -44.34
N ALA E 571 24.23 -12.14 -43.37
CA ALA E 571 24.89 -12.29 -42.08
C ALA E 571 25.96 -13.36 -42.07
N THR E 572 26.05 -14.19 -43.12
CA THR E 572 27.02 -15.27 -43.18
C THR E 572 28.12 -15.00 -44.22
N GLU E 573 27.76 -14.75 -45.48
CA GLU E 573 28.75 -14.65 -46.55
C GLU E 573 28.80 -13.30 -47.22
N SER E 574 28.16 -12.26 -46.65
CA SER E 574 28.23 -10.94 -47.24
C SER E 574 29.62 -10.35 -47.15
N GLY E 575 30.41 -10.77 -46.16
CA GLY E 575 31.62 -10.04 -45.82
C GLY E 575 31.35 -8.76 -45.08
N ILE E 576 30.11 -8.56 -44.64
CA ILE E 576 29.69 -7.35 -43.95
C ILE E 576 28.85 -7.76 -42.75
N ASN E 577 29.10 -7.14 -41.60
CA ASN E 577 28.35 -7.50 -40.41
C ASN E 577 26.87 -7.16 -40.59
N PHE E 578 26.03 -7.89 -39.88
CA PHE E 578 24.59 -7.82 -40.09
C PHE E 578 23.89 -7.48 -38.77
N LEU E 579 22.63 -7.09 -38.89
CA LEU E 579 21.78 -6.83 -37.73
C LEU E 579 20.33 -6.82 -38.21
N ALA E 580 19.41 -7.10 -37.28
CA ALA E 580 18.00 -7.17 -37.62
C ALA E 580 17.15 -7.00 -36.38
N VAL E 581 15.88 -6.71 -36.60
CA VAL E 581 14.85 -6.74 -35.57
C VAL E 581 13.61 -7.36 -36.20
N LYS E 582 13.28 -8.57 -35.77
CA LYS E 582 12.34 -9.41 -36.53
C LYS E 582 10.92 -8.90 -36.40
N GLY E 583 10.64 -7.74 -36.98
CA GLY E 583 9.32 -7.17 -36.94
C GLY E 583 9.05 -6.41 -35.65
N PRO E 584 7.80 -6.45 -35.17
CA PRO E 584 7.40 -5.52 -34.10
C PRO E 584 7.89 -5.91 -32.71
N GLU E 585 9.21 -6.06 -32.53
CA GLU E 585 9.76 -6.17 -31.18
C GLU E 585 9.96 -4.78 -30.58
N ILE E 586 10.73 -3.94 -31.27
CA ILE E 586 10.96 -2.58 -30.78
C ILE E 586 9.70 -1.74 -30.93
N PHE E 587 8.80 -2.12 -31.84
CA PHE E 587 7.64 -1.30 -32.14
C PHE E 587 6.72 -1.13 -30.94
N ASN E 588 6.80 -2.01 -29.94
CA ASN E 588 5.87 -1.98 -28.83
C ASN E 588 6.05 -0.71 -27.99
N LYS E 589 4.98 -0.33 -27.30
CA LYS E 589 4.92 0.91 -26.53
C LYS E 589 5.53 0.67 -25.15
N TYR E 590 6.81 1.02 -25.01
CA TYR E 590 7.51 0.96 -23.74
C TYR E 590 8.41 2.18 -23.63
N VAL E 591 8.86 2.47 -22.40
CA VAL E 591 9.68 3.66 -22.17
C VAL E 591 10.90 3.66 -23.07
N GLY E 592 11.61 2.54 -23.16
CA GLY E 592 12.80 2.42 -23.96
C GLY E 592 12.59 1.89 -25.36
N GLU E 593 11.34 1.77 -25.82
CA GLU E 593 11.05 1.25 -27.16
C GLU E 593 10.34 2.26 -28.06
N SER E 594 9.66 3.25 -27.50
CA SER E 594 8.88 4.17 -28.32
C SER E 594 9.77 4.95 -29.28
N GLU E 595 10.84 5.56 -28.76
CA GLU E 595 11.73 6.37 -29.58
C GLU E 595 13.20 6.17 -29.22
N ARG E 596 13.53 5.21 -28.36
CA ARG E 596 14.89 5.02 -27.88
C ARG E 596 15.57 3.81 -28.52
N ALA E 597 14.93 2.65 -28.50
CA ALA E 597 15.58 1.44 -28.96
C ALA E 597 15.99 1.53 -30.44
N ILE E 598 15.20 2.22 -31.26
CA ILE E 598 15.60 2.44 -32.65
C ILE E 598 16.91 3.22 -32.70
N ARG E 599 17.01 4.26 -31.89
CA ARG E 599 18.23 5.06 -31.86
C ARG E 599 19.41 4.23 -31.40
N GLU E 600 19.22 3.39 -30.39
CA GLU E 600 20.32 2.55 -29.91
C GLU E 600 20.75 1.54 -30.98
N ILE E 601 19.78 0.92 -31.65
CA ILE E 601 20.10 -0.04 -32.70
C ILE E 601 20.89 0.64 -33.81
N PHE E 602 20.41 1.79 -34.27
CA PHE E 602 21.14 2.51 -35.32
C PHE E 602 22.50 2.96 -34.84
N ARG E 603 22.64 3.32 -33.57
CA ARG E 603 23.94 3.75 -33.06
C ARG E 603 24.92 2.59 -33.05
N LYS E 604 24.48 1.41 -32.61
CA LYS E 604 25.33 0.24 -32.67
C LYS E 604 25.72 -0.10 -34.11
N ALA E 605 24.75 -0.06 -35.03
CA ALA E 605 25.04 -0.45 -36.40
C ALA E 605 25.98 0.54 -37.08
N ARG E 606 25.70 1.84 -36.97
CA ARG E 606 26.56 2.85 -37.55
C ARG E 606 27.95 2.84 -36.93
N SER E 607 28.03 2.67 -35.61
CA SER E 607 29.33 2.62 -34.95
C SER E 607 30.18 1.46 -35.43
N ALA E 608 29.56 0.44 -36.03
CA ALA E 608 30.29 -0.73 -36.49
C ALA E 608 30.81 -0.48 -37.90
N ALA E 609 31.34 -1.52 -38.53
CA ALA E 609 31.74 -1.48 -39.93
C ALA E 609 30.47 -1.38 -40.76
N PRO E 610 30.56 -1.25 -42.10
CA PRO E 610 29.34 -1.26 -42.93
C PRO E 610 28.32 -2.28 -42.44
N SER E 611 27.03 -1.95 -42.49
CA SER E 611 25.99 -2.81 -41.95
C SER E 611 24.78 -2.82 -42.87
N ILE E 612 24.00 -3.89 -42.76
CA ILE E 612 22.88 -4.16 -43.67
C ILE E 612 21.61 -4.25 -42.83
N ILE E 613 21.48 -3.34 -41.86
CA ILE E 613 20.39 -3.38 -40.88
C ILE E 613 19.08 -3.75 -41.54
N PHE E 614 18.34 -4.65 -40.90
CA PHE E 614 17.16 -5.29 -41.48
C PHE E 614 15.91 -4.95 -40.68
N PHE E 615 14.77 -4.85 -41.38
CA PHE E 615 13.52 -4.32 -40.83
C PHE E 615 12.33 -5.22 -41.23
N ASP E 616 12.44 -6.51 -40.95
CA ASP E 616 11.43 -7.49 -41.33
C ASP E 616 10.01 -6.91 -41.22
N GLU E 617 9.26 -7.05 -42.30
CA GLU E 617 7.85 -6.65 -42.35
C GLU E 617 7.65 -5.21 -41.88
N ILE E 618 8.33 -4.28 -42.57
CA ILE E 618 8.17 -2.88 -42.24
C ILE E 618 6.76 -2.40 -42.55
N ASP E 619 6.08 -3.04 -43.52
CA ASP E 619 4.69 -2.68 -43.81
C ASP E 619 3.81 -2.90 -42.60
N ALA E 620 3.93 -4.07 -41.96
CA ALA E 620 3.14 -4.36 -40.78
C ALA E 620 3.63 -3.58 -39.57
N LEU E 621 4.91 -3.21 -39.56
CA LEU E 621 5.49 -2.52 -38.42
C LEU E 621 4.84 -1.17 -38.25
N SER E 622 4.98 -0.32 -39.26
CA SER E 622 4.35 1.01 -39.27
C SER E 622 3.40 1.07 -40.45
N PRO E 623 2.09 0.97 -40.26
CA PRO E 623 1.17 0.98 -41.39
C PRO E 623 1.02 2.39 -41.96
N ASP E 624 0.14 2.52 -42.96
CA ASP E 624 -0.01 3.80 -43.64
C ASP E 624 -0.45 4.89 -42.68
N ARG E 625 -1.43 4.59 -41.83
CA ARG E 625 -1.91 5.53 -40.82
C ARG E 625 -2.33 6.86 -41.46
N ASP E 626 -2.98 6.78 -42.62
CA ASP E 626 -3.48 7.96 -43.30
C ASP E 626 -4.96 7.78 -43.64
N GLY E 627 -5.73 7.30 -42.66
CA GLY E 627 -7.13 6.99 -42.84
C GLY E 627 -7.42 5.51 -42.99
N SER E 628 -6.41 4.70 -43.27
CA SER E 628 -6.56 3.25 -43.39
C SER E 628 -5.53 2.57 -42.50
N SER E 629 -6.01 1.68 -41.63
CA SER E 629 -5.13 0.92 -40.74
C SER E 629 -4.30 1.86 -39.87
N THR E 630 -5.00 2.64 -39.05
CA THR E 630 -4.36 3.66 -38.21
C THR E 630 -3.97 3.03 -36.88
N SER E 631 -2.69 2.71 -36.74
CA SER E 631 -2.16 2.25 -35.47
C SER E 631 -1.88 3.43 -34.55
N ALA E 632 -1.64 3.13 -33.27
CA ALA E 632 -1.59 4.14 -32.22
C ALA E 632 -0.18 4.49 -31.78
N ALA E 633 0.85 4.06 -32.51
CA ALA E 633 2.21 4.26 -32.03
C ALA E 633 2.64 5.72 -32.16
N ASN E 634 2.73 6.22 -33.39
CA ASN E 634 3.06 7.62 -33.65
C ASN E 634 4.49 7.97 -33.24
N HIS E 635 5.21 7.03 -32.64
CA HIS E 635 6.52 7.35 -32.08
C HIS E 635 7.64 6.72 -32.89
N VAL E 636 7.51 5.43 -33.21
CA VAL E 636 8.61 4.70 -33.83
C VAL E 636 8.93 5.26 -35.22
N LEU E 637 7.90 5.54 -36.01
CA LEU E 637 8.14 6.15 -37.32
C LEU E 637 8.82 7.50 -37.17
N THR E 638 8.44 8.26 -36.14
CA THR E 638 9.10 9.54 -35.90
C THR E 638 10.58 9.33 -35.58
N SER E 639 10.90 8.29 -34.80
CA SER E 639 12.29 8.01 -34.48
C SER E 639 13.08 7.65 -35.73
N LEU E 640 12.51 6.80 -36.58
CA LEU E 640 13.19 6.45 -37.83
C LEU E 640 13.38 7.67 -38.71
N LEU E 641 12.35 8.53 -38.81
CA LEU E 641 12.46 9.71 -39.65
C LEU E 641 13.52 10.65 -39.13
N ASN E 642 13.61 10.82 -37.81
CA ASN E 642 14.60 11.72 -37.23
C ASN E 642 16.00 11.13 -37.23
N GLU E 643 16.12 9.80 -37.34
CA GLU E 643 17.44 9.17 -37.35
C GLU E 643 18.01 9.04 -38.76
N ILE E 644 17.23 8.48 -39.69
CA ILE E 644 17.74 8.24 -41.03
C ILE E 644 18.12 9.55 -41.71
N ASP E 645 17.23 10.54 -41.62
CA ASP E 645 17.47 11.87 -42.20
C ASP E 645 17.91 12.79 -41.07
N GLY E 646 19.19 13.14 -41.05
CA GLY E 646 19.70 13.99 -39.99
C GLY E 646 21.20 14.14 -40.07
N VAL E 647 21.78 14.53 -38.93
CA VAL E 647 23.20 14.88 -38.88
C VAL E 647 24.12 13.68 -38.84
N GLU E 648 23.62 12.49 -38.48
CA GLU E 648 24.49 11.36 -38.25
C GLU E 648 25.24 10.99 -39.53
N GLU E 649 26.45 10.44 -39.34
CA GLU E 649 27.31 10.14 -40.49
C GLU E 649 26.74 9.02 -41.34
N LEU E 650 26.44 7.87 -40.74
CA LEU E 650 25.89 6.73 -41.47
C LEU E 650 26.76 6.39 -42.68
N LYS E 651 28.08 6.42 -42.49
CA LYS E 651 28.99 6.15 -43.58
C LYS E 651 28.78 4.73 -44.10
N GLY E 652 29.07 3.74 -43.27
CA GLY E 652 28.84 2.35 -43.59
C GLY E 652 27.51 1.83 -43.11
N VAL E 653 26.41 2.23 -43.74
CA VAL E 653 25.09 1.75 -43.31
C VAL E 653 24.16 1.76 -44.51
N VAL E 654 23.44 0.65 -44.69
CA VAL E 654 22.31 0.57 -45.60
C VAL E 654 21.16 -0.11 -44.85
N ILE E 655 19.98 0.48 -44.94
CA ILE E 655 18.82 0.00 -44.21
C ILE E 655 18.00 -0.86 -45.17
N VAL E 656 18.18 -2.17 -45.11
CA VAL E 656 17.31 -3.08 -45.85
C VAL E 656 16.07 -3.37 -45.02
N ALA E 657 14.96 -3.64 -45.70
CA ALA E 657 13.71 -3.97 -45.04
C ALA E 657 12.97 -4.99 -45.87
N ALA E 658 11.92 -5.57 -45.29
CA ALA E 658 11.15 -6.63 -45.93
C ALA E 658 9.66 -6.42 -45.69
N THR E 659 8.85 -6.94 -46.61
CA THR E 659 7.41 -6.69 -46.58
C THR E 659 6.68 -7.72 -47.43
N ASN E 660 5.44 -8.04 -47.04
CA ASN E 660 4.51 -8.80 -47.88
C ASN E 660 3.24 -8.04 -48.21
N ARG E 661 3.00 -6.88 -47.58
CA ARG E 661 1.88 -6.02 -47.93
C ARG E 661 2.45 -4.64 -48.18
N PRO E 662 3.20 -4.46 -49.26
CA PRO E 662 3.88 -3.18 -49.48
C PRO E 662 2.96 -1.99 -49.55
N ASP E 663 1.70 -2.19 -49.92
CA ASP E 663 0.77 -1.05 -49.98
C ASP E 663 0.55 -0.41 -48.63
N GLU E 664 0.89 -1.12 -47.54
CA GLU E 664 0.69 -0.62 -46.19
C GLU E 664 1.86 0.21 -45.66
N ILE E 665 2.99 0.27 -46.38
CA ILE E 665 4.13 1.02 -45.87
C ILE E 665 3.74 2.49 -45.79
N ASP E 666 4.27 3.18 -44.79
CA ASP E 666 4.08 4.62 -44.71
C ASP E 666 4.72 5.27 -45.94
N ALA E 667 4.02 6.25 -46.50
CA ALA E 667 4.53 6.93 -47.70
C ALA E 667 5.86 7.62 -47.42
N ALA E 668 6.19 7.86 -46.16
CA ALA E 668 7.47 8.47 -45.81
C ALA E 668 8.65 7.56 -46.05
N LEU E 669 8.42 6.27 -46.31
CA LEU E 669 9.51 5.31 -46.55
C LEU E 669 9.74 5.06 -48.04
N LEU E 670 8.67 4.91 -48.82
CA LEU E 670 8.83 4.53 -50.22
C LEU E 670 9.64 5.57 -50.99
N ARG E 671 9.37 6.85 -50.74
CA ARG E 671 10.01 7.91 -51.52
C ARG E 671 11.50 7.97 -51.19
N PRO E 672 12.34 8.34 -52.15
CA PRO E 672 13.79 8.43 -51.85
C PRO E 672 14.07 9.36 -50.68
N GLY E 673 15.03 8.94 -49.85
CA GLY E 673 15.42 9.70 -48.68
C GLY E 673 15.56 8.80 -47.47
N ARG E 674 14.69 7.79 -47.39
CA ARG E 674 14.77 6.73 -46.40
C ARG E 674 14.98 5.37 -47.05
N LEU E 675 14.12 5.01 -47.99
CA LEU E 675 14.35 3.91 -48.91
C LEU E 675 14.34 4.45 -50.33
N ASP E 676 15.39 4.16 -51.09
CA ASP E 676 15.44 4.61 -52.48
C ASP E 676 15.77 3.51 -53.46
N ARG E 677 15.94 2.27 -53.00
CA ARG E 677 16.02 1.10 -53.87
C ARG E 677 14.82 0.22 -53.60
N HIS E 678 14.34 -0.49 -54.63
CA HIS E 678 13.12 -1.27 -54.51
C HIS E 678 13.17 -2.43 -55.51
N ILE E 679 13.15 -3.67 -55.00
CA ILE E 679 13.16 -4.86 -55.84
C ILE E 679 12.20 -5.89 -55.27
N TYR E 680 11.93 -6.91 -56.09
CA TYR E 680 10.91 -7.92 -55.81
C TYR E 680 11.53 -9.30 -55.74
N VAL E 681 11.12 -10.07 -54.73
CA VAL E 681 11.60 -11.42 -54.48
C VAL E 681 10.43 -12.37 -54.71
N GLY E 682 10.64 -13.36 -55.58
CA GLY E 682 9.59 -14.32 -55.89
C GLY E 682 9.83 -15.67 -55.24
N PRO E 683 8.77 -16.47 -55.10
CA PRO E 683 8.95 -17.82 -54.60
C PRO E 683 9.81 -18.63 -55.54
N PRO E 684 10.47 -19.67 -55.04
CA PRO E 684 11.51 -20.35 -55.84
C PRO E 684 10.95 -20.93 -57.13
N ASP E 685 11.76 -20.89 -58.18
CA ASP E 685 11.43 -21.54 -59.44
C ASP E 685 11.74 -23.03 -59.36
N VAL E 686 11.52 -23.73 -60.47
CA VAL E 686 11.56 -25.19 -60.47
C VAL E 686 12.90 -25.70 -59.96
N ASN E 687 14.01 -25.10 -60.41
CA ASN E 687 15.32 -25.55 -59.93
C ASN E 687 15.60 -25.06 -58.52
N ALA E 688 15.22 -23.80 -58.23
CA ALA E 688 15.25 -23.35 -56.86
C ALA E 688 14.41 -24.26 -55.98
N ARG E 689 13.31 -24.79 -56.52
CA ARG E 689 12.49 -25.72 -55.76
C ARG E 689 13.16 -27.08 -55.63
N LEU E 690 13.93 -27.50 -56.65
CA LEU E 690 14.75 -28.69 -56.51
C LEU E 690 15.67 -28.58 -55.29
N GLU E 691 16.41 -27.48 -55.23
CA GLU E 691 17.41 -27.35 -54.17
C GLU E 691 16.78 -26.98 -52.84
N ILE E 692 15.61 -26.34 -52.81
CA ILE E 692 14.93 -26.16 -51.53
C ILE E 692 14.41 -27.50 -51.01
N LEU E 693 13.92 -28.36 -51.91
CA LEU E 693 13.56 -29.71 -51.49
C LEU E 693 14.76 -30.44 -50.91
N LYS E 694 15.91 -30.33 -51.57
CA LYS E 694 17.13 -30.88 -50.98
C LYS E 694 17.38 -30.30 -49.59
N LYS E 695 17.21 -28.98 -49.44
CA LYS E 695 17.49 -28.33 -48.16
C LYS E 695 16.56 -28.84 -47.06
N CYS E 696 15.28 -29.03 -47.35
CA CYS E 696 14.34 -29.43 -46.32
C CYS E 696 14.81 -30.68 -45.60
N THR E 697 15.15 -31.73 -46.35
CA THR E 697 15.67 -32.93 -45.73
C THR E 697 17.04 -32.65 -45.11
N LYS E 698 17.25 -33.17 -43.91
CA LYS E 698 18.56 -33.06 -43.26
C LYS E 698 19.00 -34.41 -42.71
N LYS E 699 18.04 -35.29 -42.42
CA LYS E 699 18.37 -36.61 -41.89
C LYS E 699 17.49 -37.71 -42.48
N PHE E 700 17.03 -37.57 -43.72
CA PHE E 700 16.18 -38.58 -44.35
C PHE E 700 16.84 -39.09 -45.61
N ASN E 701 16.56 -40.35 -45.94
CA ASN E 701 17.19 -41.04 -47.07
C ASN E 701 16.15 -41.39 -48.12
N THR E 702 15.27 -40.44 -48.44
CA THR E 702 14.19 -40.72 -49.39
C THR E 702 14.75 -41.12 -50.74
N GLU E 703 15.87 -40.53 -51.14
CA GLU E 703 16.38 -40.74 -52.50
C GLU E 703 16.72 -42.21 -52.76
N GLU E 704 17.72 -42.73 -52.05
CA GLU E 704 18.12 -44.11 -52.27
C GLU E 704 17.02 -45.08 -51.86
N SER E 705 16.36 -44.81 -50.74
CA SER E 705 15.25 -45.61 -50.25
C SER E 705 13.98 -44.76 -50.38
N GLY E 706 13.21 -45.01 -51.43
CA GLY E 706 11.98 -44.27 -51.66
C GLY E 706 11.96 -43.53 -52.97
N VAL E 707 11.70 -42.22 -52.93
CA VAL E 707 11.58 -41.39 -54.12
C VAL E 707 12.72 -40.38 -54.12
N ASP E 708 13.28 -40.14 -55.30
CA ASP E 708 14.38 -39.20 -55.44
C ASP E 708 13.95 -37.78 -55.08
N LEU E 709 14.81 -37.07 -54.37
CA LEU E 709 14.58 -35.64 -54.15
C LEU E 709 14.58 -34.89 -55.48
N HIS E 710 15.49 -35.25 -56.38
CA HIS E 710 15.51 -34.66 -57.71
C HIS E 710 14.16 -34.83 -58.42
N GLU E 711 13.47 -35.93 -58.15
CA GLU E 711 12.18 -36.17 -58.77
C GLU E 711 11.15 -35.13 -58.32
N LEU E 712 11.27 -34.65 -57.08
CA LEU E 712 10.31 -33.71 -56.52
C LEU E 712 10.47 -32.30 -57.04
N ALA E 713 11.51 -32.03 -57.84
CA ALA E 713 11.86 -30.65 -58.18
C ALA E 713 10.67 -29.89 -58.75
N ASP E 714 10.04 -30.44 -59.78
CA ASP E 714 8.90 -29.77 -60.42
C ASP E 714 7.56 -30.22 -59.85
N ARG E 715 7.54 -31.24 -59.00
CA ARG E 715 6.28 -31.69 -58.41
C ARG E 715 5.66 -30.63 -57.51
N THR E 716 6.48 -29.76 -56.93
CA THR E 716 6.01 -28.77 -55.97
C THR E 716 5.72 -27.46 -56.71
N GLU E 717 4.44 -27.14 -56.85
CA GLU E 717 3.98 -25.95 -57.55
C GLU E 717 3.10 -25.13 -56.62
N GLY E 718 3.35 -23.83 -56.57
CA GLY E 718 2.60 -22.96 -55.67
C GLY E 718 3.00 -23.08 -54.22
N TYR E 719 4.15 -23.68 -53.95
CA TYR E 719 4.65 -23.90 -52.60
C TYR E 719 5.84 -23.00 -52.37
N SER E 720 5.70 -22.05 -51.45
CA SER E 720 6.75 -21.08 -51.16
C SER E 720 7.88 -21.73 -50.38
N GLY E 721 8.99 -20.99 -50.26
CA GLY E 721 10.18 -21.53 -49.63
C GLY E 721 9.93 -22.02 -48.21
N ALA E 722 8.96 -21.42 -47.51
CA ALA E 722 8.53 -21.89 -46.21
C ALA E 722 7.26 -22.72 -46.29
N GLU E 723 6.92 -23.22 -47.49
CA GLU E 723 5.77 -24.09 -47.67
C GLU E 723 6.14 -25.42 -48.33
N VAL E 724 7.21 -25.48 -49.12
CA VAL E 724 7.84 -26.76 -49.40
C VAL E 724 8.36 -27.36 -48.11
N VAL E 725 8.84 -26.51 -47.20
CA VAL E 725 9.13 -26.95 -45.85
C VAL E 725 7.89 -27.53 -45.20
N LEU E 726 6.72 -26.92 -45.42
CA LEU E 726 5.50 -27.46 -44.83
C LEU E 726 5.16 -28.82 -45.41
N LEU E 727 5.29 -28.99 -46.72
CA LEU E 727 5.07 -30.31 -47.31
C LEU E 727 6.02 -31.36 -46.72
N CYS E 728 7.31 -31.02 -46.66
CA CYS E 728 8.29 -31.96 -46.14
C CYS E 728 8.03 -32.29 -44.68
N GLN E 729 7.61 -31.29 -43.90
CA GLN E 729 7.40 -31.51 -42.46
C GLN E 729 6.13 -32.30 -42.22
N GLU E 730 5.09 -32.08 -43.03
CA GLU E 730 3.91 -32.93 -42.93
C GLU E 730 4.26 -34.37 -43.29
N ALA E 731 5.09 -34.55 -44.32
CA ALA E 731 5.54 -35.91 -44.65
C ALA E 731 6.34 -36.52 -43.50
N GLY E 732 7.15 -35.71 -42.83
CA GLY E 732 7.93 -36.22 -41.71
C GLY E 732 7.05 -36.60 -40.53
N LEU E 733 6.00 -35.82 -40.28
CA LEU E 733 5.06 -36.18 -39.22
C LEU E 733 4.28 -37.43 -39.58
N ALA E 734 3.91 -37.58 -40.85
CA ALA E 734 3.26 -38.80 -41.30
C ALA E 734 4.18 -40.01 -41.25
N ALA E 735 5.49 -39.79 -41.37
CA ALA E 735 6.44 -40.90 -41.28
C ALA E 735 6.37 -41.54 -39.91
N ILE E 736 6.24 -40.74 -38.86
CA ILE E 736 6.20 -41.24 -37.49
C ILE E 736 4.82 -41.80 -37.17
N MET E 737 3.92 -41.82 -38.17
CA MET E 737 2.62 -42.46 -38.00
C MET E 737 2.53 -43.87 -38.58
N GLU E 738 3.43 -44.24 -39.49
CA GLU E 738 3.38 -45.59 -40.07
C GLU E 738 4.27 -46.55 -39.30
N ASP E 739 5.58 -46.27 -39.24
CA ASP E 739 6.48 -47.11 -38.47
C ASP E 739 6.56 -46.66 -37.02
N LEU E 740 6.47 -45.36 -36.78
CA LEU E 740 6.43 -44.72 -35.46
C LEU E 740 7.76 -44.77 -34.73
N ASP E 741 8.75 -45.52 -35.22
CA ASP E 741 10.05 -45.53 -34.56
C ASP E 741 11.19 -45.10 -35.46
N VAL E 742 11.40 -45.84 -36.56
CA VAL E 742 12.51 -45.58 -37.47
C VAL E 742 12.11 -45.99 -38.89
N ALA E 743 11.98 -45.02 -39.78
CA ALA E 743 11.63 -45.35 -41.16
C ALA E 743 11.99 -44.21 -42.08
N LYS E 744 12.05 -44.53 -43.37
CA LYS E 744 12.10 -43.54 -44.44
C LYS E 744 10.70 -42.96 -44.60
N VAL E 745 10.49 -42.19 -45.67
CA VAL E 745 9.16 -41.69 -46.00
C VAL E 745 8.74 -42.36 -47.31
N GLU E 746 7.51 -42.11 -47.73
CA GLU E 746 6.96 -42.70 -48.93
C GLU E 746 6.62 -41.60 -49.94
N LEU E 747 6.37 -42.02 -51.18
CA LEU E 747 5.84 -41.08 -52.16
C LEU E 747 4.47 -40.57 -51.72
N ARG E 748 3.63 -41.47 -51.19
CA ARG E 748 2.31 -41.08 -50.74
C ARG E 748 2.36 -40.12 -49.57
N HIS E 749 3.46 -40.09 -48.82
CA HIS E 749 3.64 -39.05 -47.81
C HIS E 749 3.67 -37.68 -48.46
N PHE E 750 4.43 -37.54 -49.54
CA PHE E 750 4.46 -36.27 -50.26
C PHE E 750 3.16 -36.00 -50.99
N GLU E 751 2.46 -37.05 -51.42
CA GLU E 751 1.15 -36.87 -52.05
C GLU E 751 0.14 -36.31 -51.04
N LYS E 752 0.14 -36.85 -49.83
CA LYS E 752 -0.67 -36.27 -48.76
C LYS E 752 -0.23 -34.86 -48.43
N ALA E 753 1.07 -34.59 -48.50
CA ALA E 753 1.53 -33.20 -48.38
C ALA E 753 0.88 -32.33 -49.44
N PHE E 754 0.77 -32.85 -50.67
CA PHE E 754 0.13 -32.08 -51.73
C PHE E 754 -1.33 -31.81 -51.44
N LYS E 755 -2.08 -32.82 -50.96
CA LYS E 755 -3.48 -32.56 -50.65
C LYS E 755 -3.62 -31.63 -49.44
N GLY E 756 -3.10 -32.05 -48.29
CA GLY E 756 -3.34 -31.31 -47.06
C GLY E 756 -2.93 -29.86 -47.13
N ILE E 757 -1.99 -29.51 -48.00
CA ILE E 757 -1.56 -28.13 -48.22
C ILE E 757 -1.89 -27.79 -49.66
N ALA E 758 -2.85 -26.89 -49.86
CA ALA E 758 -3.29 -26.53 -51.21
C ALA E 758 -2.23 -25.67 -51.87
N ARG E 759 -2.54 -25.20 -53.09
CA ARG E 759 -1.63 -24.35 -53.83
C ARG E 759 -1.44 -23.05 -53.07
N GLY E 760 -0.21 -22.80 -52.61
CA GLY E 760 0.07 -21.65 -51.78
C GLY E 760 0.12 -20.35 -52.57
N ILE E 761 0.95 -20.31 -53.60
CA ILE E 761 1.13 -19.09 -54.39
C ILE E 761 0.00 -19.00 -55.40
N THR E 762 -1.09 -18.33 -55.03
CA THR E 762 -2.27 -18.22 -55.87
C THR E 762 -2.21 -16.96 -56.72
N PRO E 763 -3.02 -16.88 -57.78
CA PRO E 763 -2.99 -15.69 -58.64
C PRO E 763 -3.33 -14.40 -57.91
N GLU E 764 -3.96 -14.46 -56.74
CA GLU E 764 -4.35 -13.23 -56.04
C GLU E 764 -3.13 -12.38 -55.74
N MET E 765 -2.06 -13.01 -55.23
CA MET E 765 -0.85 -12.25 -54.93
C MET E 765 -0.13 -11.81 -56.19
N LEU E 766 -0.17 -12.61 -57.26
CA LEU E 766 0.34 -12.14 -58.54
C LEU E 766 -0.32 -10.84 -58.94
N SER E 767 -1.65 -10.80 -58.88
CA SER E 767 -2.40 -9.60 -59.28
C SER E 767 -2.09 -8.43 -58.35
N TYR E 768 -2.12 -8.68 -57.04
CA TYR E 768 -1.88 -7.60 -56.09
C TYR E 768 -0.49 -7.00 -56.28
N TYR E 769 0.53 -7.85 -56.39
CA TYR E 769 1.85 -7.35 -56.71
C TYR E 769 1.83 -6.55 -58.00
N GLU E 770 1.53 -7.20 -59.13
CA GLU E 770 1.68 -6.50 -60.40
C GLU E 770 0.96 -5.16 -60.39
N GLU E 771 -0.19 -5.08 -59.70
CA GLU E 771 -0.87 -3.80 -59.53
C GLU E 771 0.01 -2.80 -58.79
N PHE E 772 0.63 -3.24 -57.69
CA PHE E 772 1.52 -2.36 -56.93
C PHE E 772 2.82 -2.06 -57.68
N ALA E 773 3.23 -2.98 -58.55
CA ALA E 773 4.52 -2.90 -59.21
C ALA E 773 4.48 -1.94 -60.40
N LEU E 774 3.35 -1.90 -61.10
CA LEU E 774 3.17 -0.88 -62.12
C LEU E 774 3.34 0.52 -61.54
N ARG E 775 3.11 0.67 -60.23
CA ARG E 775 3.37 1.92 -59.52
C ARG E 775 4.82 2.02 -59.07
N SER E 776 5.31 1.02 -58.34
CA SER E 776 6.68 1.06 -57.86
C SER E 776 7.68 1.06 -59.01
N GLY E 777 7.45 0.22 -60.02
CA GLY E 777 8.38 0.13 -61.12
C GLY E 777 8.45 1.41 -61.95
N SER E 778 7.29 2.00 -62.22
CA SER E 778 7.21 3.20 -63.05
C SER E 778 7.18 4.45 -62.18
N SER E 779 7.09 5.61 -62.83
CA SER E 779 7.04 6.89 -62.12
C SER E 779 5.68 7.16 -61.50
N SER E 780 4.65 6.39 -61.84
CA SER E 780 3.32 6.59 -61.29
C SER E 780 3.28 6.18 -59.82
N LYS F 27 41.46 -24.39 36.36
CA LYS F 27 40.94 -25.77 36.61
C LYS F 27 40.16 -26.29 35.42
N PHE F 28 40.29 -27.60 35.17
CA PHE F 28 39.58 -28.22 34.05
C PHE F 28 38.07 -28.18 34.28
N LYS F 29 37.34 -28.01 33.19
CA LYS F 29 35.88 -27.94 33.21
C LYS F 29 35.32 -29.05 32.33
N LEU F 30 34.41 -29.84 32.89
CA LEU F 30 33.80 -30.94 32.15
C LEU F 30 32.70 -30.42 31.25
N PRO F 31 32.76 -30.62 29.93
CA PRO F 31 31.69 -30.15 29.05
C PRO F 31 30.47 -31.05 29.12
N ALA F 32 29.35 -30.50 28.64
CA ALA F 32 28.08 -31.23 28.64
C ALA F 32 27.85 -32.03 27.36
N GLU F 33 28.67 -31.83 26.33
CA GLU F 33 28.46 -32.48 25.04
C GLU F 33 29.80 -32.88 24.45
N PHE F 34 29.76 -33.87 23.55
CA PHE F 34 30.95 -34.46 22.98
C PHE F 34 30.75 -34.70 21.49
N ILE F 35 31.84 -35.02 20.79
CA ILE F 35 31.84 -35.17 19.34
C ILE F 35 32.50 -36.50 18.98
N THR F 36 31.96 -37.17 17.96
CA THR F 36 32.52 -38.42 17.50
C THR F 36 33.59 -38.18 16.44
N ARG F 37 34.69 -38.91 16.50
CA ARG F 37 35.75 -38.95 15.49
C ARG F 37 36.21 -40.40 15.37
N PRO F 38 36.79 -40.80 14.24
CA PRO F 38 37.09 -42.21 14.02
C PRO F 38 38.33 -42.68 14.78
N HIS F 39 38.20 -43.82 15.42
CA HIS F 39 39.35 -44.48 16.02
C HIS F 39 40.39 -44.75 14.94
N PRO F 40 41.57 -44.14 15.00
CA PRO F 40 42.47 -44.17 13.83
C PRO F 40 43.04 -45.53 13.50
N SER F 41 43.09 -46.48 14.44
CA SER F 41 43.72 -47.76 14.20
C SER F 41 42.69 -48.78 13.70
N LYS F 42 43.22 -49.85 13.11
CA LYS F 42 42.36 -50.90 12.57
C LYS F 42 41.51 -51.49 13.69
N ASP F 43 40.23 -51.72 13.38
CA ASP F 43 39.24 -52.12 14.37
C ASP F 43 39.36 -53.61 14.67
N HIS F 44 40.33 -53.94 15.53
CA HIS F 44 40.54 -55.31 15.98
C HIS F 44 41.01 -55.30 17.42
N GLY F 45 40.90 -56.45 18.07
CA GLY F 45 41.36 -56.60 19.44
C GLY F 45 40.37 -56.05 20.45
N LYS F 46 40.83 -56.00 21.71
CA LYS F 46 39.99 -55.54 22.80
C LYS F 46 39.48 -54.12 22.57
N GLU F 47 40.21 -53.33 21.78
CA GLU F 47 39.81 -51.94 21.54
C GLU F 47 38.51 -51.83 20.78
N THR F 48 38.02 -52.91 20.17
CA THR F 48 36.82 -52.85 19.37
C THR F 48 35.59 -52.45 20.18
N CYS F 49 35.63 -52.57 21.50
CA CYS F 49 34.52 -52.16 22.37
C CYS F 49 34.98 -51.14 23.41
N THR F 50 36.00 -50.36 23.07
CA THR F 50 36.53 -49.34 23.96
C THR F 50 36.27 -47.96 23.38
N ALA F 51 35.99 -47.00 24.26
CA ALA F 51 35.80 -45.61 23.88
C ALA F 51 36.96 -44.80 24.45
N TYR F 52 37.89 -44.40 23.60
CA TYR F 52 39.04 -43.61 24.04
C TYR F 52 38.59 -42.17 24.24
N ILE F 53 38.62 -41.71 25.49
CA ILE F 53 38.06 -40.42 25.87
C ILE F 53 39.15 -39.59 26.53
N HIS F 54 38.98 -38.27 26.48
CA HIS F 54 39.99 -37.36 27.00
C HIS F 54 40.24 -37.68 28.48
N PRO F 55 41.50 -37.81 28.91
CA PRO F 55 41.75 -38.21 30.29
C PRO F 55 41.13 -37.27 31.32
N ASN F 56 41.14 -35.96 31.06
CA ASN F 56 40.50 -35.02 31.97
C ASN F 56 39.01 -35.29 32.06
N VAL F 57 38.36 -35.59 30.94
CA VAL F 57 36.93 -35.88 30.96
C VAL F 57 36.66 -37.13 31.80
N LEU F 58 37.43 -38.19 31.57
CA LEU F 58 37.19 -39.43 32.31
C LEU F 58 37.40 -39.23 33.80
N SER F 59 38.53 -38.63 34.18
CA SER F 59 38.80 -38.40 35.60
C SER F 59 37.74 -37.51 36.22
N SER F 60 37.37 -36.42 35.54
CA SER F 60 36.33 -35.54 36.05
C SER F 60 34.99 -36.25 36.14
N LEU F 61 34.75 -37.23 35.28
CA LEU F 61 33.56 -38.07 35.39
C LEU F 61 33.70 -39.16 36.43
N GLU F 62 34.89 -39.28 37.06
CA GLU F 62 35.17 -40.34 38.02
C GLU F 62 35.05 -41.72 37.36
N ILE F 63 35.37 -41.80 36.07
CA ILE F 63 35.37 -43.05 35.33
C ILE F 63 36.83 -43.47 35.13
N ASN F 64 37.20 -44.60 35.72
CA ASN F 64 38.55 -45.09 35.57
C ASN F 64 38.72 -45.75 34.19
N PRO F 65 39.92 -45.67 33.61
CA PRO F 65 40.16 -46.41 32.36
C PRO F 65 40.01 -47.91 32.59
N GLY F 66 39.46 -48.58 31.58
CA GLY F 66 39.17 -50.00 31.71
C GLY F 66 37.88 -50.30 32.44
N SER F 67 36.98 -49.33 32.54
CA SER F 67 35.70 -49.51 33.20
C SER F 67 34.58 -49.21 32.21
N PHE F 68 33.41 -49.78 32.48
CA PHE F 68 32.31 -49.74 31.53
C PHE F 68 31.57 -48.41 31.60
N CYS F 69 31.15 -47.92 30.43
CA CYS F 69 30.33 -46.72 30.33
C CYS F 69 29.45 -46.82 29.10
N THR F 70 28.34 -46.08 29.13
CA THR F 70 27.38 -46.08 28.03
C THR F 70 27.59 -44.82 27.19
N VAL F 71 27.83 -45.01 25.90
CA VAL F 71 28.06 -43.91 24.96
C VAL F 71 26.94 -43.93 23.92
N GLY F 72 26.26 -42.79 23.77
CA GLY F 72 25.17 -42.68 22.83
C GLY F 72 24.81 -41.23 22.60
N LYS F 73 23.92 -41.03 21.63
CA LYS F 73 23.48 -39.68 21.30
C LYS F 73 22.94 -38.97 22.53
N ILE F 74 22.93 -37.63 22.46
CA ILE F 74 22.46 -36.83 23.59
C ILE F 74 20.99 -37.11 23.83
N GLY F 75 20.65 -37.51 25.06
CA GLY F 75 19.28 -37.73 25.44
C GLY F 75 18.64 -39.00 24.92
N GLU F 76 19.44 -39.99 24.54
CA GLU F 76 18.92 -41.23 23.98
C GLU F 76 19.72 -42.41 24.52
N ASN F 77 19.22 -43.61 24.27
CA ASN F 77 19.93 -44.82 24.66
C ASN F 77 21.29 -44.86 23.96
N GLY F 78 22.21 -45.62 24.54
CA GLY F 78 23.59 -45.58 24.10
C GLY F 78 24.22 -46.96 24.12
N ILE F 79 25.52 -46.98 23.81
CA ILE F 79 26.27 -48.21 23.63
C ILE F 79 27.20 -48.37 24.82
N LEU F 80 27.01 -49.44 25.59
CA LEU F 80 27.90 -49.80 26.68
C LEU F 80 29.28 -50.16 26.13
N VAL F 81 30.31 -49.44 26.58
CA VAL F 81 31.67 -49.67 26.09
C VAL F 81 32.64 -49.31 27.21
N ILE F 82 33.82 -49.94 27.16
CA ILE F 82 34.86 -49.68 28.14
C ILE F 82 35.47 -48.31 27.88
N ALA F 83 35.59 -47.50 28.93
CA ALA F 83 36.24 -46.22 28.80
C ALA F 83 37.76 -46.35 28.93
N ARG F 84 38.48 -45.67 28.05
CA ARG F 84 39.94 -45.65 28.09
C ARG F 84 40.42 -44.22 27.90
N ALA F 85 41.55 -43.90 28.52
CA ALA F 85 42.09 -42.54 28.48
C ALA F 85 42.81 -42.30 27.16
N GLY F 86 42.44 -41.23 26.47
CA GLY F 86 43.09 -40.84 25.24
C GLY F 86 44.32 -39.98 25.48
N ASP F 87 44.89 -39.52 24.36
CA ASP F 87 46.04 -38.62 24.38
C ASP F 87 45.55 -37.19 24.17
N GLU F 88 45.96 -36.29 25.06
CA GLU F 88 45.46 -34.92 25.01
C GLU F 88 45.79 -34.23 23.70
N GLU F 89 46.90 -34.61 23.06
CA GLU F 89 47.22 -34.05 21.74
C GLU F 89 46.38 -34.68 20.63
N VAL F 90 45.83 -35.86 20.86
CA VAL F 90 45.03 -36.53 19.84
C VAL F 90 43.53 -36.29 20.06
N HIS F 91 43.10 -36.15 21.31
CA HIS F 91 41.69 -36.02 21.65
C HIS F 91 41.41 -34.63 22.20
N PRO F 92 40.88 -33.71 21.41
CA PRO F 92 40.35 -32.47 21.99
C PRO F 92 39.32 -32.79 23.06
N VAL F 93 38.99 -31.77 23.85
CA VAL F 93 38.25 -32.00 25.10
C VAL F 93 36.95 -32.74 24.82
N ASN F 94 36.21 -32.32 23.79
CA ASN F 94 34.90 -32.91 23.49
C ASN F 94 34.97 -34.11 22.56
N VAL F 95 36.11 -34.33 21.90
CA VAL F 95 36.19 -35.41 20.91
C VAL F 95 36.24 -36.76 21.61
N ILE F 96 35.55 -37.74 21.02
CA ILE F 96 35.55 -39.12 21.49
C ILE F 96 35.72 -40.02 20.28
N THR F 97 36.55 -41.05 20.42
CA THR F 97 36.81 -42.00 19.33
C THR F 97 36.21 -43.34 19.69
N LEU F 98 35.27 -43.81 18.88
CA LEU F 98 34.71 -45.15 19.00
C LEU F 98 35.15 -45.98 17.81
N SER F 99 35.65 -47.18 18.08
CA SER F 99 35.97 -48.11 17.01
C SER F 99 34.73 -48.31 16.14
N THR F 100 34.96 -48.53 14.85
CA THR F 100 33.84 -48.64 13.91
C THR F 100 32.85 -49.71 14.36
N THR F 101 33.34 -50.74 15.06
CA THR F 101 32.45 -51.75 15.61
C THR F 101 31.40 -51.13 16.52
N ILE F 102 31.81 -50.21 17.39
CA ILE F 102 30.88 -49.56 18.31
C ILE F 102 29.91 -48.69 17.53
N ARG F 103 30.42 -47.86 16.64
CA ARG F 103 29.57 -46.93 15.91
C ARG F 103 28.51 -47.66 15.10
N SER F 104 28.89 -48.74 14.43
CA SER F 104 27.95 -49.47 13.58
C SER F 104 26.76 -49.99 14.38
N VAL F 105 26.91 -50.21 15.68
CA VAL F 105 25.77 -50.63 16.50
C VAL F 105 24.70 -49.54 16.52
N GLY F 106 25.12 -48.31 16.83
CA GLY F 106 24.22 -47.18 16.87
C GLY F 106 24.14 -46.41 15.58
N ASN F 107 24.78 -46.89 14.52
CA ASN F 107 24.78 -46.20 13.23
C ASN F 107 25.29 -44.77 13.40
N LEU F 108 26.11 -44.57 14.42
CA LEU F 108 26.62 -43.24 14.76
C LEU F 108 27.49 -42.73 13.61
N ILE F 109 27.14 -41.58 13.07
CA ILE F 109 27.93 -40.96 12.01
C ILE F 109 28.98 -40.05 12.65
N LEU F 110 30.13 -39.93 12.00
CA LEU F 110 31.23 -39.16 12.55
C LEU F 110 30.88 -37.68 12.55
N GLY F 111 30.48 -37.17 13.71
CA GLY F 111 29.93 -35.83 13.84
C GLY F 111 28.78 -35.83 14.82
N ASP F 112 28.20 -37.01 15.05
CA ASP F 112 27.13 -37.15 16.03
C ASP F 112 27.61 -36.67 17.39
N ARG F 113 26.83 -35.80 18.03
CA ARG F 113 27.16 -35.31 19.35
C ARG F 113 26.76 -36.35 20.38
N LEU F 114 27.68 -36.73 21.25
CA LEU F 114 27.49 -37.82 22.20
C LEU F 114 27.18 -37.29 23.60
N GLU F 115 26.81 -38.22 24.47
CA GLU F 115 26.66 -37.98 25.90
C GLU F 115 27.28 -39.15 26.65
N LEU F 116 27.87 -38.87 27.80
CA LEU F 116 28.62 -39.86 28.57
C LEU F 116 27.94 -40.13 29.90
N LYS F 117 27.81 -41.41 30.24
CA LYS F 117 27.27 -41.84 31.53
C LYS F 117 28.01 -43.09 31.99
N LYS F 118 28.26 -43.16 33.29
CA LYS F 118 28.93 -44.33 33.86
C LYS F 118 27.94 -45.48 33.99
N ALA F 119 28.42 -46.69 33.70
CA ALA F 119 27.60 -47.90 33.79
C ALA F 119 27.62 -48.41 35.23
N GLN F 120 26.43 -48.73 35.75
CA GLN F 120 26.29 -49.09 37.16
C GLN F 120 26.54 -50.57 37.42
N VAL F 121 26.16 -51.44 36.50
CA VAL F 121 26.18 -52.89 36.73
C VAL F 121 26.94 -53.56 35.60
N GLN F 122 27.76 -54.55 35.95
CA GLN F 122 28.50 -55.30 34.96
C GLN F 122 27.56 -56.17 34.14
N PRO F 123 27.75 -56.29 32.82
CA PRO F 123 26.84 -57.09 32.00
C PRO F 123 27.01 -58.57 32.28
N PRO F 124 25.99 -59.39 31.98
CA PRO F 124 26.10 -60.84 32.20
C PRO F 124 26.93 -61.52 31.12
N TYR F 125 27.27 -62.77 31.40
CA TYR F 125 28.04 -63.57 30.44
C TYR F 125 27.12 -64.18 29.39
N ALA F 126 27.64 -64.31 28.17
CA ALA F 126 26.88 -64.90 27.08
C ALA F 126 26.88 -66.42 27.18
N THR F 127 25.83 -67.04 26.64
CA THR F 127 25.72 -68.48 26.52
C THR F 127 25.56 -68.95 25.09
N LYS F 128 24.75 -68.26 24.30
CA LYS F 128 24.56 -68.57 22.89
C LYS F 128 24.63 -67.29 22.08
N VAL F 129 25.28 -67.35 20.93
CA VAL F 129 25.47 -66.18 20.07
C VAL F 129 25.21 -66.60 18.62
N THR F 130 24.50 -65.75 17.89
CA THR F 130 24.24 -65.95 16.47
C THR F 130 24.98 -64.86 15.71
N VAL F 131 25.85 -65.26 14.78
CA VAL F 131 26.70 -64.34 14.04
C VAL F 131 26.47 -64.56 12.56
N GLY F 132 26.24 -63.46 11.82
CA GLY F 132 25.98 -63.54 10.40
C GLY F 132 26.66 -62.42 9.65
N SER F 133 26.52 -62.46 8.33
CA SER F 133 27.18 -61.53 7.42
C SER F 133 26.16 -60.63 6.73
N LEU F 134 26.51 -59.34 6.60
CA LEU F 134 25.68 -58.44 5.80
C LEU F 134 25.72 -58.80 4.33
N GLN F 135 26.83 -59.35 3.85
CA GLN F 135 26.91 -59.80 2.46
C GLN F 135 25.93 -60.91 2.17
N GLY F 136 25.42 -61.58 3.19
CA GLY F 136 24.54 -62.72 3.01
C GLY F 136 25.24 -63.98 2.58
N TYR F 137 26.55 -63.93 2.35
CA TYR F 137 27.29 -65.11 1.94
C TYR F 137 27.41 -66.09 3.10
N ASN F 138 27.30 -67.37 2.78
CA ASN F 138 27.33 -68.41 3.81
C ASN F 138 28.70 -68.43 4.47
N ILE F 139 28.77 -68.03 5.74
CA ILE F 139 30.04 -68.07 6.47
C ILE F 139 30.55 -69.49 6.56
N LEU F 140 29.64 -70.45 6.70
CA LEU F 140 30.03 -71.86 6.73
C LEU F 140 30.82 -72.25 5.49
N GLU F 141 30.55 -71.61 4.36
CA GLU F 141 31.23 -71.90 3.11
C GLU F 141 32.53 -71.12 2.94
N CYS F 142 32.83 -70.17 3.84
CA CYS F 142 33.97 -69.29 3.66
C CYS F 142 34.92 -69.26 4.84
N MET F 143 34.42 -69.32 6.07
CA MET F 143 35.24 -69.06 7.26
C MET F 143 35.12 -70.22 8.24
N GLU F 144 36.11 -70.28 9.14
CA GLU F 144 36.08 -71.19 10.27
C GLU F 144 35.56 -70.46 11.50
N GLU F 145 35.04 -71.25 12.46
CA GLU F 145 34.49 -70.67 13.67
C GLU F 145 35.54 -69.97 14.51
N LYS F 146 36.82 -70.30 14.31
CA LYS F 146 37.88 -69.60 15.03
C LYS F 146 37.84 -68.11 14.77
N VAL F 147 37.40 -67.70 13.57
CA VAL F 147 37.27 -66.28 13.27
C VAL F 147 36.24 -65.64 14.20
N ILE F 148 35.09 -66.29 14.38
CA ILE F 148 34.06 -65.75 15.25
C ILE F 148 34.52 -65.75 16.70
N GLN F 149 35.21 -66.82 17.12
CA GLN F 149 35.76 -66.85 18.47
C GLN F 149 36.70 -65.65 18.69
N LYS F 150 37.61 -65.42 17.76
CA LYS F 150 38.54 -64.30 17.86
C LYS F 150 37.78 -62.98 17.95
N LEU F 151 36.83 -62.76 17.05
CA LEU F 151 36.14 -61.48 17.00
C LEU F 151 35.32 -61.23 18.26
N LEU F 152 34.59 -62.25 18.74
CA LEU F 152 33.79 -62.07 19.93
C LEU F 152 34.66 -61.90 21.17
N ASP F 153 35.77 -62.64 21.26
CA ASP F 153 36.69 -62.43 22.39
C ASP F 153 37.24 -61.02 22.37
N ASP F 154 37.61 -60.52 21.19
CA ASP F 154 38.06 -59.14 21.07
C ASP F 154 36.97 -58.17 21.51
N SER F 155 35.72 -58.45 21.14
CA SER F 155 34.63 -57.58 21.55
C SER F 155 34.50 -57.52 23.07
N GLY F 156 34.77 -58.63 23.74
CA GLY F 156 34.57 -58.67 25.17
C GLY F 156 33.10 -58.60 25.51
N VAL F 157 32.62 -57.44 25.95
CA VAL F 157 31.20 -57.25 26.19
C VAL F 157 30.51 -57.21 24.84
N ILE F 158 29.86 -58.32 24.47
CA ILE F 158 29.09 -58.35 23.24
C ILE F 158 27.90 -57.41 23.34
N MET F 159 27.58 -56.74 22.24
CA MET F 159 26.30 -56.09 22.08
C MET F 159 25.81 -56.33 20.66
N PRO F 160 24.59 -56.82 20.47
CA PRO F 160 24.14 -57.13 19.11
C PRO F 160 24.16 -55.91 18.22
N GLY F 161 24.44 -56.15 16.93
CA GLY F 161 24.51 -55.09 15.95
C GLY F 161 25.91 -54.64 15.58
N MET F 162 26.94 -55.07 16.31
CA MET F 162 28.30 -54.71 15.92
C MET F 162 28.61 -55.31 14.55
N ILE F 163 29.44 -54.60 13.78
CA ILE F 163 29.90 -55.07 12.48
C ILE F 163 31.40 -55.31 12.56
N PHE F 164 31.83 -56.50 12.14
CA PHE F 164 33.24 -56.79 11.94
C PHE F 164 33.53 -56.72 10.45
N GLN F 165 34.51 -55.90 10.09
CA GLN F 165 34.56 -55.27 8.78
C GLN F 165 35.75 -55.78 7.97
N ASN F 166 35.47 -56.21 6.73
CA ASN F 166 36.50 -56.55 5.77
C ASN F 166 37.34 -57.74 6.25
N LEU F 167 36.68 -58.87 6.50
CA LEU F 167 37.38 -60.07 6.95
C LEU F 167 37.82 -60.87 5.73
N LYS F 168 39.13 -60.86 5.46
CA LYS F 168 39.66 -61.46 4.24
C LYS F 168 39.52 -62.98 4.27
N THR F 169 39.12 -63.55 3.13
CA THR F 169 38.98 -64.99 3.02
C THR F 169 40.34 -65.65 2.81
N LYS F 170 40.34 -66.99 2.81
CA LYS F 170 41.55 -67.74 2.53
C LYS F 170 42.05 -67.50 1.10
N ALA F 171 41.15 -67.19 0.17
CA ALA F 171 41.56 -66.88 -1.19
C ALA F 171 42.34 -65.58 -1.28
N GLY F 172 42.14 -64.66 -0.33
CA GLY F 172 42.86 -63.40 -0.32
C GLY F 172 42.23 -62.32 -1.18
N ASP F 173 41.55 -62.72 -2.25
CA ASP F 173 40.91 -61.78 -3.17
C ASP F 173 39.51 -61.38 -2.71
N GLU F 174 39.09 -61.75 -1.50
CA GLU F 174 37.76 -61.46 -1.01
C GLU F 174 37.82 -61.07 0.45
N SER F 175 36.76 -60.41 0.92
CA SER F 175 36.60 -60.09 2.33
C SER F 175 35.11 -60.10 2.67
N ILE F 176 34.81 -60.28 3.94
CA ILE F 176 33.45 -60.51 4.41
C ILE F 176 33.13 -59.58 5.57
N ASP F 177 31.87 -59.13 5.62
CA ASP F 177 31.35 -58.33 6.72
C ASP F 177 30.47 -59.20 7.61
N VAL F 178 30.66 -59.10 8.92
CA VAL F 178 30.06 -60.03 9.88
C VAL F 178 29.49 -59.25 11.05
N VAL F 179 28.39 -59.76 11.63
CA VAL F 179 27.69 -59.10 12.73
C VAL F 179 27.17 -60.13 13.72
N ILE F 180 26.99 -59.70 14.96
CA ILE F 180 26.25 -60.45 15.97
C ILE F 180 24.76 -60.27 15.68
N THR F 181 24.15 -61.24 15.00
CA THR F 181 22.73 -61.12 14.68
C THR F 181 21.86 -61.29 15.92
N ASP F 182 22.30 -62.14 16.85
CA ASP F 182 21.54 -62.37 18.08
C ASP F 182 22.49 -62.90 19.14
N ALA F 183 22.07 -62.71 20.40
CA ALA F 183 22.80 -63.24 21.55
C ALA F 183 21.83 -63.41 22.69
N SER F 184 22.17 -64.31 23.62
CA SER F 184 21.29 -64.60 24.74
C SER F 184 22.09 -65.21 25.88
N ASP F 185 21.54 -65.11 27.09
CA ASP F 185 22.09 -65.71 28.28
C ASP F 185 21.05 -66.62 28.90
N ASP F 186 21.41 -67.88 29.13
CA ASP F 186 20.50 -68.84 29.73
C ASP F 186 20.43 -68.66 31.24
N ASN F 207 20.46 -53.47 32.27
CA ASN F 207 19.68 -53.37 31.04
C ASN F 207 19.31 -51.93 30.73
N LEU F 208 19.52 -51.04 31.70
CA LEU F 208 19.06 -49.67 31.57
C LEU F 208 19.85 -48.92 30.50
N PHE F 209 19.12 -48.30 29.57
CA PHE F 209 19.69 -47.42 28.57
C PHE F 209 20.61 -48.14 27.59
N TYR F 210 20.71 -49.47 27.67
CA TYR F 210 21.48 -50.21 26.69
C TYR F 210 20.71 -50.26 25.37
N LEU F 211 21.39 -49.94 24.27
CA LEU F 211 20.72 -49.91 22.98
C LEU F 211 20.25 -51.30 22.57
N SER F 212 21.04 -52.34 22.86
CA SER F 212 20.64 -53.72 22.63
C SER F 212 21.29 -54.57 23.72
N PRO F 213 20.68 -55.70 24.07
CA PRO F 213 21.12 -56.43 25.27
C PRO F 213 22.54 -56.93 25.13
N PRO F 214 23.47 -56.44 25.96
CA PRO F 214 24.86 -56.88 25.86
C PRO F 214 25.16 -58.11 26.70
N PHE F 215 26.27 -58.77 26.33
CA PHE F 215 26.71 -59.97 27.03
C PHE F 215 28.24 -60.03 26.96
N ILE F 216 28.82 -60.79 27.88
CA ILE F 216 30.28 -60.94 27.95
C ILE F 216 30.66 -62.25 27.29
N PHE F 217 31.57 -62.19 26.32
CA PHE F 217 32.10 -63.39 25.70
C PHE F 217 33.18 -64.01 26.58
N ARG F 218 33.13 -65.35 26.69
CA ARG F 218 34.16 -66.11 27.40
C ARG F 218 34.40 -67.39 26.60
N LYS F 219 35.59 -67.52 26.03
CA LYS F 219 35.86 -68.56 25.06
C LYS F 219 35.62 -69.94 25.66
N GLY F 220 35.04 -70.83 24.85
CA GLY F 220 34.80 -72.20 25.25
C GLY F 220 33.44 -72.43 25.88
N SER F 221 32.94 -71.43 26.61
CA SER F 221 31.66 -71.56 27.30
C SER F 221 30.48 -71.05 26.49
N THR F 222 30.70 -70.56 25.27
CA THR F 222 29.66 -69.93 24.46
C THR F 222 29.36 -70.80 23.25
N HIS F 223 28.08 -70.89 22.90
CA HIS F 223 27.65 -71.66 21.73
C HIS F 223 27.57 -70.73 20.52
N ILE F 224 28.66 -70.67 19.77
CA ILE F 224 28.68 -69.87 18.55
C ILE F 224 27.88 -70.58 17.46
N THR F 225 27.08 -69.81 16.72
CA THR F 225 26.26 -70.36 15.65
C THR F 225 26.30 -69.43 14.45
N PHE F 226 26.24 -70.03 13.25
CA PHE F 226 26.25 -69.27 12.01
C PHE F 226 24.83 -68.86 11.62
N SER F 227 24.75 -67.88 10.73
CA SER F 227 23.46 -67.43 10.21
C SER F 227 23.66 -66.70 8.89
N LYS F 228 22.65 -66.78 8.03
CA LYS F 228 22.65 -66.04 6.78
C LYS F 228 22.08 -64.63 6.93
N GLU F 229 21.61 -64.27 8.13
CA GLU F 229 20.92 -63.00 8.32
C GLU F 229 21.88 -61.84 8.15
N THR F 230 21.48 -60.85 7.35
CA THR F 230 22.28 -59.67 7.11
C THR F 230 22.07 -58.58 8.14
N GLN F 231 21.05 -58.69 8.99
CA GLN F 231 20.76 -57.69 10.00
C GLN F 231 20.49 -58.38 11.33
N ALA F 232 20.55 -57.59 12.40
CA ALA F 232 20.34 -58.12 13.74
C ALA F 232 18.85 -58.37 13.99
N ASN F 233 18.59 -59.07 15.10
CA ASN F 233 17.22 -59.41 15.47
C ASN F 233 16.33 -58.18 15.41
N ARG F 234 15.24 -58.29 14.65
CA ARG F 234 14.35 -57.15 14.46
C ARG F 234 13.77 -56.64 15.77
N LYS F 235 13.57 -57.53 16.75
CA LYS F 235 13.00 -57.10 18.02
C LYS F 235 13.92 -56.16 18.78
N TYR F 236 15.18 -56.05 18.39
CA TYR F 236 16.08 -55.09 19.03
C TYR F 236 15.70 -53.65 18.71
N ASN F 237 14.82 -53.42 17.74
CA ASN F 237 14.31 -52.08 17.44
C ASN F 237 15.46 -51.11 17.20
N LEU F 238 16.49 -51.59 16.50
CA LEU F 238 17.69 -50.79 16.33
C LEU F 238 17.43 -49.61 15.40
N PRO F 239 18.16 -48.51 15.57
CA PRO F 239 18.14 -47.44 14.55
C PRO F 239 18.87 -47.88 13.29
N GLU F 240 18.20 -48.67 12.47
CA GLU F 240 18.88 -49.32 11.36
C GLU F 240 19.43 -48.26 10.39
N PRO F 241 20.59 -48.52 9.77
CA PRO F 241 21.15 -47.55 8.82
C PRO F 241 20.17 -47.18 7.71
N LEU F 242 20.51 -46.13 6.98
CA LEU F 242 19.79 -45.71 5.78
C LEU F 242 20.73 -45.85 4.59
N SER F 243 20.18 -46.28 3.45
CA SER F 243 21.01 -46.73 2.33
C SER F 243 20.42 -46.28 1.01
N TYR F 244 21.25 -46.37 -0.04
CA TYR F 244 20.78 -46.13 -1.40
C TYR F 244 19.87 -47.24 -1.91
N ALA F 245 19.83 -48.39 -1.24
CA ALA F 245 18.83 -49.40 -1.59
C ALA F 245 17.42 -48.97 -1.21
N ALA F 246 17.28 -47.87 -0.46
CA ALA F 246 15.99 -47.35 -0.04
C ALA F 246 15.57 -46.15 -0.87
N VAL F 247 16.49 -45.21 -1.12
CA VAL F 247 16.17 -43.98 -1.85
C VAL F 247 16.21 -44.18 -3.36
N GLY F 248 16.39 -45.41 -3.83
CA GLY F 248 16.45 -45.63 -5.27
C GLY F 248 15.19 -45.17 -5.97
N GLY F 249 15.37 -44.69 -7.19
CA GLY F 249 14.31 -44.03 -7.94
C GLY F 249 14.72 -42.68 -8.50
N LEU F 250 15.93 -42.23 -8.23
CA LEU F 250 16.46 -40.95 -8.69
C LEU F 250 17.89 -41.12 -9.20
N ASP F 251 18.12 -42.19 -9.96
CA ASP F 251 19.47 -42.72 -10.15
C ASP F 251 20.46 -41.66 -10.62
N LYS F 252 20.10 -40.93 -11.67
CA LYS F 252 21.08 -40.03 -12.28
C LYS F 252 21.52 -38.95 -11.30
N GLU F 253 20.58 -38.39 -10.53
CA GLU F 253 20.96 -37.39 -9.56
C GLU F 253 21.72 -37.99 -8.39
N ILE F 254 21.47 -39.26 -8.06
CA ILE F 254 22.28 -39.94 -7.06
C ILE F 254 23.73 -40.01 -7.54
N GLU F 255 23.92 -40.40 -8.80
CA GLU F 255 25.27 -40.48 -9.35
C GLU F 255 25.93 -39.10 -9.38
N SER F 256 25.17 -38.07 -9.76
CA SER F 256 25.74 -36.72 -9.75
C SER F 256 26.14 -36.29 -8.35
N LEU F 257 25.32 -36.61 -7.34
CA LEU F 257 25.67 -36.36 -5.95
C LEU F 257 26.96 -37.09 -5.62
N LYS F 258 27.10 -38.35 -6.03
CA LYS F 258 28.32 -39.10 -5.76
C LYS F 258 29.52 -38.40 -6.40
N SER F 259 29.33 -37.81 -7.58
CA SER F 259 30.40 -37.03 -8.20
C SER F 259 30.74 -35.81 -7.35
N ALA F 260 29.71 -35.12 -6.85
CA ALA F 260 29.90 -33.93 -6.03
C ALA F 260 30.46 -34.24 -4.65
N ILE F 261 30.47 -35.50 -4.23
CA ILE F 261 31.19 -35.95 -3.03
C ILE F 261 32.58 -36.44 -3.40
N GLU F 262 32.76 -37.08 -4.57
CA GLU F 262 34.09 -37.48 -5.03
C GLU F 262 35.00 -36.27 -5.14
N ILE F 263 34.56 -35.24 -5.85
CA ILE F 263 35.46 -34.14 -6.22
C ILE F 263 35.95 -33.42 -4.97
N PRO F 264 35.15 -33.06 -3.95
CA PRO F 264 35.65 -32.29 -2.81
C PRO F 264 36.25 -33.12 -1.68
N LEU F 265 35.83 -34.36 -1.50
CA LEU F 265 36.39 -35.25 -0.49
C LEU F 265 37.64 -35.95 -1.02
N HIS F 266 37.53 -36.73 -2.10
CA HIS F 266 38.58 -37.67 -2.46
C HIS F 266 39.66 -37.02 -3.31
N GLN F 267 39.26 -36.12 -4.22
CA GLN F 267 40.21 -35.59 -5.19
C GLN F 267 40.30 -34.07 -5.13
N PRO F 268 40.45 -33.44 -3.94
CA PRO F 268 40.73 -32.03 -3.85
C PRO F 268 42.15 -31.75 -4.35
N THR F 269 43.09 -32.67 -4.11
CA THR F 269 44.45 -32.50 -4.62
C THR F 269 44.46 -32.35 -6.12
N LEU F 270 43.51 -32.99 -6.82
CA LEU F 270 43.54 -33.02 -8.27
C LEU F 270 42.99 -31.73 -8.88
N PHE F 271 42.77 -30.71 -8.05
CA PHE F 271 42.46 -29.36 -8.51
C PHE F 271 43.58 -28.38 -8.20
N SER F 272 44.51 -28.73 -7.31
CA SER F 272 45.71 -27.92 -7.14
C SER F 272 46.44 -27.79 -8.46
N SER F 273 46.59 -28.91 -9.17
CA SER F 273 46.86 -28.86 -10.59
C SER F 273 45.55 -28.60 -11.34
N PHE F 274 45.66 -27.82 -12.40
CA PHE F 274 44.53 -27.18 -13.09
C PHE F 274 44.00 -25.99 -12.31
N GLY F 275 44.38 -25.84 -11.05
CA GLY F 275 44.37 -24.54 -10.41
C GLY F 275 43.02 -23.88 -10.20
N VAL F 276 42.02 -24.24 -11.02
CA VAL F 276 40.82 -23.43 -11.14
C VAL F 276 39.91 -23.66 -9.94
N SER F 277 39.11 -22.65 -9.62
CA SER F 277 38.31 -22.69 -8.41
C SER F 277 37.32 -23.85 -8.47
N PRO F 278 37.16 -24.61 -7.39
CA PRO F 278 36.36 -25.83 -7.45
C PRO F 278 34.90 -25.59 -7.12
N PRO F 279 34.02 -26.48 -7.52
CA PRO F 279 32.59 -26.35 -7.18
C PRO F 279 32.29 -26.85 -5.78
N ARG F 280 32.40 -25.98 -4.78
CA ARG F 280 32.30 -26.38 -3.38
C ARG F 280 31.09 -25.67 -2.75
N GLY F 281 29.96 -25.77 -3.45
CA GLY F 281 28.67 -25.44 -2.91
C GLY F 281 27.58 -26.04 -3.76
N ILE F 282 26.67 -26.78 -3.13
CA ILE F 282 25.68 -27.59 -3.82
C ILE F 282 24.30 -27.18 -3.34
N LEU F 283 23.32 -27.06 -4.24
CA LEU F 283 21.95 -26.69 -3.92
C LEU F 283 21.00 -27.74 -4.48
N LEU F 284 20.59 -28.67 -3.63
CA LEU F 284 19.76 -29.80 -4.02
C LEU F 284 18.29 -29.38 -3.87
N HIS F 285 17.77 -28.75 -4.92
CA HIS F 285 16.40 -28.27 -4.93
C HIS F 285 15.47 -29.29 -5.59
N GLY F 286 14.18 -29.14 -5.31
CA GLY F 286 13.17 -29.97 -5.94
C GLY F 286 11.82 -29.82 -5.27
N PRO F 287 10.79 -30.42 -5.87
CA PRO F 287 9.44 -30.33 -5.30
C PRO F 287 9.41 -30.90 -3.89
N PRO F 288 8.55 -30.38 -3.02
CA PRO F 288 8.49 -30.90 -1.65
C PRO F 288 8.08 -32.36 -1.64
N GLY F 289 8.72 -33.13 -0.76
CA GLY F 289 8.42 -34.53 -0.61
C GLY F 289 9.03 -35.43 -1.65
N THR F 290 9.92 -34.93 -2.50
CA THR F 290 10.47 -35.75 -3.57
C THR F 290 11.57 -36.68 -3.08
N GLY F 291 12.17 -36.42 -1.92
CA GLY F 291 13.20 -37.28 -1.39
C GLY F 291 14.49 -36.55 -1.08
N LYS F 292 14.49 -35.21 -1.02
CA LYS F 292 15.70 -34.41 -0.84
C LYS F 292 16.35 -34.66 0.50
N THR F 293 15.58 -34.56 1.59
CA THR F 293 16.08 -34.82 2.93
C THR F 293 16.55 -36.26 3.06
N MET F 294 15.88 -37.22 2.40
CA MET F 294 16.33 -38.60 2.43
C MET F 294 17.67 -38.75 1.72
N LEU F 295 17.83 -38.09 0.58
CA LEU F 295 19.11 -38.13 -0.13
C LEU F 295 20.22 -37.51 0.70
N LEU F 296 19.98 -36.36 1.33
CA LEU F 296 20.96 -35.73 2.21
C LEU F 296 21.36 -36.69 3.35
N ARG F 297 20.37 -37.38 3.92
CA ARG F 297 20.59 -38.37 4.98
C ARG F 297 21.40 -39.56 4.50
N VAL F 298 21.19 -40.03 3.27
CA VAL F 298 21.94 -41.14 2.72
C VAL F 298 23.37 -40.72 2.40
N VAL F 299 23.58 -39.49 1.91
CA VAL F 299 24.93 -38.95 1.72
C VAL F 299 25.61 -38.91 3.08
N ALA F 300 24.95 -38.39 4.11
CA ALA F 300 25.53 -38.32 5.45
C ALA F 300 25.96 -39.68 5.97
N ASN F 301 25.20 -40.75 5.74
CA ASN F 301 25.48 -42.04 6.36
C ASN F 301 26.30 -42.97 5.48
N THR F 302 26.25 -42.81 4.16
CA THR F 302 26.97 -43.69 3.24
C THR F 302 28.25 -43.07 2.71
N SER F 303 28.42 -41.75 2.79
CA SER F 303 29.74 -41.14 2.62
C SER F 303 30.42 -41.12 3.99
N ASN F 304 31.71 -41.43 4.01
CA ASN F 304 32.44 -41.58 5.27
C ASN F 304 33.23 -40.32 5.64
N ALA F 305 32.73 -39.17 5.22
CA ALA F 305 33.17 -37.87 5.71
C ALA F 305 32.69 -37.61 7.13
N HIS F 306 33.28 -36.65 7.82
CA HIS F 306 32.69 -36.11 9.05
C HIS F 306 31.57 -35.12 8.74
N VAL F 307 30.34 -35.37 9.22
CA VAL F 307 29.22 -34.45 8.99
C VAL F 307 29.19 -33.37 10.05
N LEU F 308 29.46 -32.14 9.64
CA LEU F 308 29.32 -30.96 10.47
C LEU F 308 27.82 -30.72 10.73
N THR F 309 27.47 -30.33 11.95
CA THR F 309 26.09 -30.41 12.44
C THR F 309 25.10 -29.62 11.57
N ILE F 310 23.88 -30.13 11.46
CA ILE F 310 22.84 -29.56 10.61
C ILE F 310 22.57 -28.10 10.98
N ASN F 311 22.57 -27.19 10.00
CA ASN F 311 22.32 -25.77 10.27
C ASN F 311 20.90 -25.54 10.81
N GLY F 312 19.87 -25.97 10.08
CA GLY F 312 18.47 -25.90 10.49
C GLY F 312 17.86 -24.49 10.52
N PRO F 313 16.52 -24.37 10.52
CA PRO F 313 15.83 -23.08 10.73
C PRO F 313 16.08 -22.50 12.13
N SER F 314 16.31 -23.35 13.12
CA SER F 314 16.60 -22.97 14.50
C SER F 314 18.05 -22.54 14.70
N ILE F 315 18.25 -21.51 15.55
CA ILE F 315 19.60 -20.96 15.90
C ILE F 315 19.39 -20.18 17.20
N VAL F 316 20.40 -20.04 18.06
CA VAL F 316 20.29 -19.32 19.37
C VAL F 316 19.69 -17.92 19.11
N SER F 317 18.47 -17.64 19.59
CA SER F 317 17.81 -16.29 19.52
C SER F 317 17.04 -16.05 18.21
N LYS F 318 17.52 -16.52 17.05
CA LYS F 318 16.91 -16.22 15.72
C LYS F 318 16.81 -14.70 15.56
N TYR F 319 17.77 -13.93 16.07
CA TYR F 319 17.82 -12.45 15.96
C TYR F 319 19.24 -12.05 15.55
N LEU F 320 19.40 -11.03 14.69
CA LEU F 320 20.73 -10.58 14.18
C LEU F 320 21.65 -10.21 15.35
N GLY F 321 22.95 -10.03 15.11
CA GLY F 321 23.94 -9.78 16.18
C GLY F 321 24.23 -11.04 16.98
N GLU F 322 23.28 -11.52 17.77
CA GLU F 322 23.43 -12.74 18.63
C GLU F 322 23.73 -13.96 17.75
N THR F 323 22.90 -14.24 16.75
CA THR F 323 23.02 -15.46 15.91
C THR F 323 24.26 -15.41 15.00
N GLU F 324 24.91 -14.28 14.76
CA GLU F 324 25.99 -14.12 13.78
C GLU F 324 27.27 -14.88 14.17
N ALA F 325 27.61 -14.85 15.46
CA ALA F 325 28.70 -15.62 16.04
C ALA F 325 28.32 -17.10 16.23
N ALA F 326 27.09 -17.39 16.70
CA ALA F 326 26.62 -18.75 16.90
C ALA F 326 26.60 -19.57 15.60
N LEU F 327 26.36 -18.91 14.47
CA LEU F 327 26.46 -19.51 13.15
C LEU F 327 27.93 -19.68 12.72
N ARG F 328 28.72 -18.61 12.72
CA ARG F 328 30.12 -18.69 12.20
C ARG F 328 30.83 -19.88 12.85
N ASP F 329 30.54 -20.18 14.12
CA ASP F 329 31.14 -21.33 14.86
C ASP F 329 31.02 -22.65 14.08
N ILE F 330 29.87 -22.91 13.43
CA ILE F 330 29.62 -24.17 12.66
C ILE F 330 30.63 -24.27 11.52
N PHE F 331 30.89 -23.17 10.83
CA PHE F 331 31.83 -23.14 9.66
C PHE F 331 33.26 -23.01 10.16
N ASN F 332 33.48 -22.57 11.40
CA ASN F 332 34.83 -22.53 12.02
C ASN F 332 35.18 -23.97 12.39
N GLU F 333 34.20 -24.79 12.79
CA GLU F 333 34.40 -26.23 13.11
C GLU F 333 34.88 -26.94 11.84
N ALA F 334 34.47 -26.47 10.65
CA ALA F 334 34.89 -27.06 9.35
C ALA F 334 36.39 -26.86 9.13
N ARG F 335 36.96 -27.42 8.06
CA ARG F 335 38.40 -27.28 7.67
C ARG F 335 39.32 -28.12 8.57
N LYS F 336 39.30 -27.94 9.90
CA LYS F 336 40.23 -28.66 10.84
C LYS F 336 40.08 -30.17 10.69
N TYR F 337 38.85 -30.70 10.59
CA TYR F 337 38.60 -32.16 10.57
C TYR F 337 38.98 -32.71 9.20
N GLN F 338 39.22 -34.03 9.12
CA GLN F 338 39.56 -34.70 7.84
C GLN F 338 38.36 -34.54 6.91
N PRO F 339 38.49 -34.65 5.57
CA PRO F 339 37.39 -34.36 4.63
C PRO F 339 35.98 -34.49 5.22
N SER F 340 35.16 -33.43 5.22
CA SER F 340 33.85 -33.31 5.92
C SER F 340 32.73 -32.95 4.93
N ILE F 341 31.47 -32.78 5.40
CA ILE F 341 30.33 -32.30 4.56
C ILE F 341 29.38 -31.50 5.48
N ILE F 342 29.36 -30.16 5.42
CA ILE F 342 28.41 -29.31 6.22
C ILE F 342 27.08 -29.17 5.46
N PHE F 343 25.98 -29.79 5.89
CA PHE F 343 24.68 -29.60 5.20
C PHE F 343 23.89 -28.39 5.72
N ILE F 344 23.42 -27.50 4.84
CA ILE F 344 22.57 -26.32 5.20
C ILE F 344 21.16 -26.55 4.63
N ASP F 345 20.47 -27.59 5.13
CA ASP F 345 19.10 -27.94 4.65
C ASP F 345 18.14 -26.75 4.83
N GLU F 346 17.06 -26.68 4.06
CA GLU F 346 16.07 -25.57 4.12
C GLU F 346 16.87 -24.26 4.07
N ILE F 347 17.47 -23.97 2.92
CA ILE F 347 18.29 -22.74 2.73
C ILE F 347 17.36 -21.55 2.46
N ASP F 348 16.06 -21.79 2.22
CA ASP F 348 15.10 -20.67 2.03
C ASP F 348 14.66 -20.13 3.40
N SER F 349 14.70 -20.93 4.46
CA SER F 349 14.25 -20.54 5.83
C SER F 349 15.37 -19.86 6.61
N ILE F 350 16.63 -20.22 6.33
CA ILE F 350 17.82 -19.63 6.98
C ILE F 350 18.18 -18.36 6.22
N ALA F 351 18.11 -18.36 4.89
CA ALA F 351 18.49 -17.22 4.03
C ALA F 351 17.34 -16.87 3.07
N PRO F 352 16.25 -16.18 3.50
CA PRO F 352 15.15 -15.80 2.64
C PRO F 352 15.51 -14.68 1.65
N ASN F 353 14.58 -14.36 0.75
CA ASN F 353 14.84 -13.66 -0.50
C ASN F 353 15.13 -12.17 -0.31
N ARG F 354 14.79 -11.59 0.85
CA ARG F 354 14.85 -10.14 1.03
C ARG F 354 13.96 -9.44 -0.01
N ALA F 355 12.65 -9.70 0.12
CA ALA F 355 11.70 -9.22 -0.88
C ALA F 355 11.86 -7.73 -1.14
N ASN F 356 11.62 -6.89 -0.13
CA ASN F 356 11.88 -5.46 -0.28
C ASN F 356 12.77 -4.93 0.84
N ASP F 357 12.57 -5.34 2.09
CA ASP F 357 13.43 -4.97 3.22
C ASP F 357 13.49 -6.07 4.29
N ASP F 358 12.99 -7.28 4.02
CA ASP F 358 12.92 -8.30 5.06
C ASP F 358 14.31 -8.91 5.26
N SER F 359 14.98 -8.51 6.33
CA SER F 359 16.29 -9.07 6.64
C SER F 359 16.65 -8.77 8.09
N GLY F 360 17.30 -9.71 8.77
CA GLY F 360 18.09 -9.42 9.97
C GLY F 360 19.47 -8.96 9.50
N GLU F 361 20.46 -9.86 9.60
CA GLU F 361 21.73 -9.78 8.86
C GLU F 361 22.11 -11.13 8.19
N VAL F 362 21.30 -12.18 8.38
CA VAL F 362 21.70 -13.58 8.20
C VAL F 362 22.13 -13.91 6.78
N GLU F 363 21.48 -13.33 5.77
CA GLU F 363 21.80 -13.58 4.36
C GLU F 363 23.24 -13.16 4.05
N SER F 364 23.62 -11.91 4.35
CA SER F 364 24.96 -11.40 4.12
C SER F 364 25.97 -12.10 5.00
N ARG F 365 25.57 -12.51 6.22
CA ARG F 365 26.40 -13.30 7.13
C ARG F 365 26.71 -14.65 6.51
N VAL F 366 25.74 -15.35 5.94
CA VAL F 366 25.99 -16.60 5.18
C VAL F 366 26.99 -16.33 4.07
N VAL F 367 26.81 -15.27 3.25
CA VAL F 367 27.74 -15.01 2.16
C VAL F 367 29.15 -14.77 2.69
N ALA F 368 29.28 -13.87 3.66
CA ALA F 368 30.59 -13.53 4.20
C ALA F 368 31.29 -14.72 4.81
N THR F 369 30.53 -15.71 5.28
CA THR F 369 31.14 -16.90 5.87
C THR F 369 31.48 -17.95 4.82
N LEU F 370 30.59 -18.12 3.83
CA LEU F 370 30.83 -19.01 2.69
C LEU F 370 32.04 -18.56 1.91
N LEU F 371 32.34 -17.26 1.89
CA LEU F 371 33.51 -16.75 1.20
C LEU F 371 34.81 -17.23 1.84
N THR F 372 34.77 -17.60 3.12
CA THR F 372 35.89 -18.28 3.75
C THR F 372 35.76 -19.79 3.71
N LEU F 373 34.53 -20.35 3.81
CA LEU F 373 34.28 -21.78 3.66
C LEU F 373 34.72 -22.28 2.28
N MET F 374 34.75 -21.40 1.28
CA MET F 374 35.17 -21.80 -0.06
C MET F 374 36.68 -21.94 -0.18
N ASP F 375 37.44 -21.73 0.90
CA ASP F 375 38.87 -22.04 0.87
C ASP F 375 39.08 -23.53 0.71
N GLY F 376 40.02 -23.90 -0.17
CA GLY F 376 40.32 -25.30 -0.34
C GLY F 376 41.15 -25.63 -1.56
N MET F 377 41.79 -26.81 -1.51
CA MET F 377 42.45 -27.44 -2.64
C MET F 377 43.78 -26.75 -2.94
N GLY F 378 44.05 -25.63 -2.27
CA GLY F 378 45.41 -25.16 -2.08
C GLY F 378 45.84 -25.57 -0.70
N ALA F 379 44.97 -25.30 0.28
CA ALA F 379 45.08 -25.84 1.61
C ALA F 379 43.69 -25.87 2.24
N ALA F 380 43.49 -26.82 3.14
CA ALA F 380 42.24 -26.97 3.89
C ALA F 380 41.05 -27.28 2.99
N GLY F 381 41.27 -28.02 1.89
CA GLY F 381 40.24 -28.56 0.98
C GLY F 381 39.51 -29.78 1.54
N LYS F 382 38.98 -29.68 2.76
CA LYS F 382 38.47 -30.80 3.57
C LYS F 382 36.98 -30.66 3.91
N VAL F 383 36.19 -29.96 3.10
CA VAL F 383 34.71 -29.86 3.25
C VAL F 383 33.98 -29.55 1.93
N VAL F 384 32.68 -29.85 1.86
CA VAL F 384 31.72 -29.35 0.85
C VAL F 384 30.39 -29.02 1.52
N VAL F 385 29.68 -27.99 1.05
CA VAL F 385 28.37 -27.59 1.60
C VAL F 385 27.24 -28.02 0.68
N ILE F 386 26.24 -28.73 1.23
CA ILE F 386 25.05 -29.13 0.49
C ILE F 386 23.82 -28.50 1.13
N ALA F 387 23.19 -27.61 0.40
CA ALA F 387 21.89 -27.03 0.71
C ALA F 387 20.76 -27.92 0.19
N ALA F 388 19.59 -27.86 0.80
CA ALA F 388 18.35 -28.39 0.24
C ALA F 388 17.28 -27.29 0.16
N THR F 389 16.39 -27.30 -0.82
CA THR F 389 15.23 -26.37 -0.85
C THR F 389 14.04 -26.87 -1.65
N ASN F 390 12.83 -26.45 -1.28
CA ASN F 390 11.60 -26.67 -2.06
C ASN F 390 11.37 -25.65 -3.19
N ARG F 391 12.08 -24.52 -3.16
CA ARG F 391 11.73 -23.30 -3.92
C ARG F 391 12.96 -22.40 -4.10
N PRO F 392 13.89 -22.74 -5.01
CA PRO F 392 15.22 -22.15 -5.03
C PRO F 392 15.22 -20.64 -5.27
N ASN F 393 14.26 -20.13 -6.04
CA ASN F 393 14.13 -18.71 -6.30
C ASN F 393 13.70 -17.91 -5.07
N SER F 394 13.36 -18.53 -3.95
CA SER F 394 13.06 -17.85 -2.68
C SER F 394 14.27 -17.72 -1.72
N VAL F 395 15.45 -18.22 -2.10
CA VAL F 395 16.72 -17.87 -1.45
C VAL F 395 17.18 -16.50 -1.98
N ASP F 396 17.96 -15.73 -1.22
CA ASP F 396 18.64 -14.56 -1.72
C ASP F 396 19.51 -15.00 -2.90
N PRO F 397 19.31 -14.46 -4.11
CA PRO F 397 20.07 -14.96 -5.26
C PRO F 397 21.57 -14.83 -5.11
N ALA F 398 22.04 -14.00 -4.17
CA ALA F 398 23.47 -13.85 -3.97
C ALA F 398 24.13 -15.13 -3.47
N LEU F 399 23.37 -16.09 -2.94
CA LEU F 399 23.89 -17.37 -2.47
C LEU F 399 24.09 -18.40 -3.57
N ARG F 400 23.77 -18.07 -4.83
CA ARG F 400 24.04 -18.94 -5.97
C ARG F 400 25.16 -18.41 -6.85
N ARG F 401 25.82 -17.32 -6.45
CA ARG F 401 26.90 -16.77 -7.23
C ARG F 401 28.12 -17.67 -7.18
N PRO F 402 29.00 -17.60 -8.19
CA PRO F 402 30.23 -18.40 -8.16
C PRO F 402 30.96 -18.34 -6.84
N GLY F 403 31.56 -19.46 -6.43
CA GLY F 403 32.15 -19.60 -5.11
C GLY F 403 31.14 -19.93 -4.03
N ARG F 404 29.91 -19.45 -4.16
CA ARG F 404 28.78 -19.87 -3.34
C ARG F 404 28.11 -21.06 -4.04
N PHE F 405 26.86 -21.42 -3.73
CA PHE F 405 26.21 -22.62 -4.24
C PHE F 405 26.15 -22.62 -5.79
N ASP F 406 27.31 -22.71 -6.44
CA ASP F 406 27.42 -22.64 -7.89
C ASP F 406 27.09 -23.95 -8.59
N GLN F 407 26.45 -24.90 -7.91
CA GLN F 407 26.09 -26.17 -8.52
C GLN F 407 24.76 -26.63 -7.93
N GLU F 408 24.01 -27.38 -8.71
CA GLU F 408 22.67 -27.80 -8.33
C GLU F 408 22.41 -29.23 -8.81
N VAL F 409 21.43 -29.87 -8.19
CA VAL F 409 21.08 -31.25 -8.51
C VAL F 409 19.72 -31.35 -9.17
N GLU F 410 18.75 -30.56 -8.72
CA GLU F 410 17.47 -30.42 -9.41
C GLU F 410 16.72 -31.75 -9.53
N ILE F 411 16.26 -32.29 -8.41
CA ILE F 411 15.33 -33.43 -8.44
C ILE F 411 13.99 -32.97 -8.99
N GLY F 412 13.33 -33.85 -9.73
CA GLY F 412 12.04 -33.58 -10.34
C GLY F 412 10.93 -34.41 -9.74
N ILE F 413 9.91 -34.67 -10.54
CA ILE F 413 8.76 -35.48 -10.14
C ILE F 413 8.92 -36.86 -10.77
N PRO F 414 8.76 -37.94 -10.01
CA PRO F 414 8.96 -39.28 -10.59
C PRO F 414 8.04 -39.51 -11.78
N ASP F 415 8.61 -40.09 -12.84
CA ASP F 415 7.84 -40.40 -14.04
C ASP F 415 7.10 -41.74 -13.86
N VAL F 416 6.61 -42.27 -14.97
CA VAL F 416 5.78 -43.47 -14.91
C VAL F 416 6.59 -44.68 -14.45
N ASP F 417 7.84 -44.79 -14.86
CA ASP F 417 8.69 -45.90 -14.44
C ASP F 417 9.38 -45.60 -13.12
N ALA F 418 9.67 -44.32 -12.87
CA ALA F 418 10.18 -43.93 -11.56
C ALA F 418 9.24 -44.38 -10.46
N ARG F 419 7.94 -44.28 -10.69
CA ARG F 419 6.99 -44.63 -9.64
C ARG F 419 6.96 -46.13 -9.41
N PHE F 420 7.17 -46.92 -10.45
CA PHE F 420 7.33 -48.36 -10.25
C PHE F 420 8.59 -48.67 -9.46
N ASP F 421 9.69 -47.98 -9.75
CA ASP F 421 10.88 -48.15 -8.91
C ASP F 421 10.56 -47.85 -7.46
N ILE F 422 9.88 -46.72 -7.21
CA ILE F 422 9.56 -46.32 -5.85
C ILE F 422 8.70 -47.37 -5.17
N LEU F 423 7.63 -47.80 -5.85
CA LEU F 423 6.70 -48.74 -5.23
C LEU F 423 7.37 -50.09 -4.96
N THR F 424 8.20 -50.55 -5.89
CA THR F 424 8.90 -51.82 -5.66
C THR F 424 9.80 -51.72 -4.44
N LYS F 425 10.70 -50.73 -4.41
CA LYS F 425 11.63 -50.64 -3.29
C LYS F 425 10.89 -50.39 -1.97
N GLN F 426 9.76 -49.69 -2.03
CA GLN F 426 9.01 -49.42 -0.80
C GLN F 426 8.31 -50.66 -0.31
N PHE F 427 7.63 -51.39 -1.22
CA PHE F 427 6.92 -52.60 -0.85
C PHE F 427 7.86 -53.70 -0.43
N SER F 428 9.13 -53.65 -0.85
CA SER F 428 10.08 -54.68 -0.45
C SER F 428 10.19 -54.81 1.07
N ARG F 429 9.84 -53.75 1.80
CA ARG F 429 9.84 -53.82 3.27
C ARG F 429 8.75 -54.73 3.82
N MET F 430 7.83 -55.20 2.99
CA MET F 430 6.81 -56.16 3.38
C MET F 430 6.91 -57.38 2.47
N SER F 431 6.96 -58.57 3.07
CA SER F 431 7.01 -59.79 2.27
C SER F 431 5.93 -60.77 2.70
N SER F 432 5.65 -60.83 4.01
CA SER F 432 4.71 -61.80 4.54
C SER F 432 3.29 -61.28 4.57
N ASP F 433 3.07 -59.99 4.28
CA ASP F 433 1.76 -59.37 4.44
C ASP F 433 1.27 -58.67 3.18
N ARG F 434 1.86 -58.96 2.02
CA ARG F 434 1.42 -58.34 0.78
C ARG F 434 0.83 -59.36 -0.20
N HIS F 435 1.62 -60.36 -0.63
CA HIS F 435 1.12 -61.49 -1.41
C HIS F 435 0.52 -61.10 -2.76
N VAL F 436 0.41 -59.79 -3.05
CA VAL F 436 -0.34 -59.34 -4.21
C VAL F 436 0.50 -58.52 -5.18
N LEU F 437 1.80 -58.42 -4.92
CA LEU F 437 2.66 -57.50 -5.66
C LEU F 437 3.08 -58.08 -7.00
N ASP F 438 2.72 -59.34 -7.27
CA ASP F 438 3.72 -60.30 -7.74
C ASP F 438 4.78 -59.59 -8.56
N SER F 439 4.42 -59.10 -9.75
CA SER F 439 5.04 -57.89 -10.29
C SER F 439 3.93 -57.04 -10.89
N GLU F 440 2.97 -57.70 -11.54
CA GLU F 440 1.86 -57.02 -12.17
C GLU F 440 0.86 -56.54 -11.11
N ALA F 441 -0.02 -55.64 -11.54
CA ALA F 441 -0.91 -54.86 -10.69
C ALA F 441 -0.16 -53.74 -10.01
N ILE F 442 1.17 -53.80 -10.06
CA ILE F 442 1.97 -52.72 -9.48
C ILE F 442 2.36 -51.72 -10.56
N LYS F 443 2.64 -52.21 -11.77
CA LYS F 443 2.58 -51.32 -12.92
C LYS F 443 1.20 -50.69 -13.03
N TYR F 444 0.16 -51.39 -12.57
CA TYR F 444 -1.19 -50.83 -12.59
C TYR F 444 -1.33 -49.70 -11.59
N ILE F 445 -0.85 -49.89 -10.36
CA ILE F 445 -0.83 -48.78 -9.40
C ILE F 445 0.01 -47.62 -9.93
N ALA F 446 1.20 -47.92 -10.45
CA ALA F 446 2.10 -46.87 -10.91
C ALA F 446 1.56 -46.15 -12.14
N SER F 447 0.69 -46.81 -12.91
CA SER F 447 0.09 -46.16 -14.06
C SER F 447 -1.08 -45.27 -13.63
N LYS F 448 -1.94 -45.79 -12.74
CA LYS F 448 -3.06 -44.99 -12.28
C LYS F 448 -2.65 -43.91 -11.27
N THR F 449 -1.55 -44.09 -10.56
CA THR F 449 -1.10 -43.10 -9.58
C THR F 449 -0.28 -41.98 -10.22
N HIS F 450 -0.81 -41.31 -11.24
CA HIS F 450 -0.09 -40.22 -11.87
C HIS F 450 -0.06 -39.00 -10.96
N GLY F 451 1.06 -38.29 -10.98
CA GLY F 451 1.21 -37.06 -10.24
C GLY F 451 1.67 -37.21 -8.80
N TYR F 452 1.94 -38.41 -8.34
CA TYR F 452 2.45 -38.60 -6.98
C TYR F 452 3.95 -38.29 -6.94
N VAL F 453 4.36 -37.56 -5.90
CA VAL F 453 5.72 -37.03 -5.83
C VAL F 453 6.71 -37.97 -5.16
N GLY F 454 6.23 -39.04 -4.51
CA GLY F 454 7.08 -39.98 -3.80
C GLY F 454 6.82 -40.00 -2.30
N ALA F 455 6.64 -38.84 -1.69
CA ALA F 455 6.09 -38.79 -0.35
C ALA F 455 4.65 -39.28 -0.34
N ASP F 456 3.91 -39.04 -1.42
CA ASP F 456 2.53 -39.48 -1.52
C ASP F 456 2.41 -40.96 -1.77
N LEU F 457 3.43 -41.61 -2.33
CA LEU F 457 3.39 -43.07 -2.42
C LEU F 457 3.64 -43.72 -1.07
N THR F 458 4.53 -43.16 -0.25
CA THR F 458 4.66 -43.60 1.13
C THR F 458 3.34 -43.41 1.87
N ALA F 459 2.73 -42.23 1.70
CA ALA F 459 1.42 -41.99 2.30
C ALA F 459 0.40 -43.01 1.81
N LEU F 460 0.45 -43.36 0.53
CA LEU F 460 -0.48 -44.34 -0.02
C LEU F 460 -0.28 -45.70 0.63
N CYS F 461 0.98 -46.10 0.80
CA CYS F 461 1.25 -47.39 1.45
C CYS F 461 0.70 -47.41 2.86
N ARG F 462 0.97 -46.36 3.63
CA ARG F 462 0.50 -46.36 5.02
C ARG F 462 -1.02 -46.28 5.10
N GLU F 463 -1.63 -45.53 4.18
CA GLU F 463 -3.09 -45.45 4.16
C GLU F 463 -3.69 -46.79 3.77
N SER F 464 -3.07 -47.51 2.84
CA SER F 464 -3.54 -48.83 2.48
C SER F 464 -3.44 -49.78 3.67
N VAL F 465 -2.34 -49.69 4.42
CA VAL F 465 -2.20 -50.51 5.62
C VAL F 465 -3.33 -50.19 6.61
N MET F 466 -3.58 -48.90 6.84
CA MET F 466 -4.59 -48.52 7.81
C MET F 466 -5.97 -48.98 7.37
N LYS F 467 -6.29 -48.80 6.08
CA LYS F 467 -7.58 -49.24 5.55
C LYS F 467 -7.70 -50.76 5.62
N THR F 468 -6.58 -51.47 5.41
CA THR F 468 -6.61 -52.93 5.53
C THR F 468 -6.98 -53.34 6.95
N ILE F 469 -6.34 -52.72 7.94
CA ILE F 469 -6.68 -53.05 9.33
C ILE F 469 -8.13 -52.68 9.63
N GLN F 470 -8.57 -51.51 9.16
CA GLN F 470 -9.93 -51.06 9.40
C GLN F 470 -10.94 -52.05 8.85
N ARG F 471 -10.80 -52.43 7.58
CA ARG F 471 -11.75 -53.35 6.98
C ARG F 471 -11.61 -54.76 7.56
N GLY F 472 -10.42 -55.13 8.00
CA GLY F 472 -10.27 -56.42 8.67
C GLY F 472 -11.05 -56.49 9.95
N LEU F 473 -11.01 -55.43 10.75
CA LEU F 473 -11.80 -55.40 11.98
C LEU F 473 -13.25 -54.97 11.74
N GLY F 474 -13.59 -54.56 10.52
CA GLY F 474 -14.96 -54.20 10.20
C GLY F 474 -15.77 -55.37 9.66
N THR F 475 -15.16 -56.21 8.83
CA THR F 475 -15.86 -57.38 8.30
C THR F 475 -16.28 -58.34 9.39
N ASP F 476 -15.53 -58.40 10.50
CA ASP F 476 -15.89 -59.22 11.64
C ASP F 476 -15.42 -58.52 12.90
N ALA F 477 -16.04 -58.89 14.03
CA ALA F 477 -15.70 -58.24 15.30
C ALA F 477 -14.25 -58.46 15.69
N ASN F 478 -13.64 -59.56 15.27
CA ASN F 478 -12.24 -59.83 15.58
C ASN F 478 -11.63 -60.60 14.42
N ILE F 479 -10.32 -60.42 14.23
CA ILE F 479 -9.60 -61.03 13.13
C ILE F 479 -8.17 -61.34 13.58
N ASP F 480 -7.58 -62.37 12.95
CA ASP F 480 -6.19 -62.69 13.21
C ASP F 480 -5.31 -61.60 12.63
N LYS F 481 -4.55 -60.92 13.49
CA LYS F 481 -3.71 -59.81 13.05
C LYS F 481 -2.72 -60.24 11.97
N PHE F 482 -2.17 -61.45 12.08
CA PHE F 482 -1.12 -61.90 11.18
C PHE F 482 -1.66 -62.49 9.89
N SER F 483 -2.97 -62.73 9.80
CA SER F 483 -3.60 -63.04 8.53
C SER F 483 -3.84 -61.80 7.69
N LEU F 484 -3.72 -60.61 8.28
CA LEU F 484 -3.92 -59.37 7.54
C LEU F 484 -2.90 -59.23 6.43
N LYS F 485 -3.33 -58.65 5.31
CA LYS F 485 -2.51 -58.54 4.12
C LYS F 485 -3.08 -57.43 3.24
N VAL F 486 -2.20 -56.60 2.69
CA VAL F 486 -2.62 -55.43 1.91
C VAL F 486 -2.88 -55.91 0.49
N THR F 487 -4.14 -55.92 0.08
CA THR F 487 -4.54 -56.39 -1.23
C THR F 487 -4.64 -55.24 -2.22
N LEU F 488 -4.71 -55.57 -3.51
CA LEU F 488 -4.98 -54.53 -4.51
C LEU F 488 -6.33 -53.89 -4.29
N LYS F 489 -7.29 -54.64 -3.75
CA LYS F 489 -8.56 -54.02 -3.35
C LYS F 489 -8.31 -52.91 -2.34
N ASP F 490 -7.50 -53.19 -1.32
CA ASP F 490 -7.17 -52.19 -0.31
C ASP F 490 -6.52 -50.96 -0.93
N VAL F 491 -5.46 -51.18 -1.71
CA VAL F 491 -4.70 -50.06 -2.25
C VAL F 491 -5.55 -49.23 -3.20
N GLU F 492 -6.31 -49.89 -4.09
CA GLU F 492 -7.11 -49.14 -5.05
C GLU F 492 -8.20 -48.36 -4.34
N SER F 493 -8.68 -48.88 -3.19
CA SER F 493 -9.61 -48.09 -2.39
C SER F 493 -8.92 -46.92 -1.73
N ALA F 494 -7.71 -47.13 -1.22
CA ALA F 494 -6.99 -46.07 -0.53
C ALA F 494 -6.65 -44.92 -1.46
N MET F 495 -6.38 -45.20 -2.73
CA MET F 495 -6.10 -44.10 -3.67
C MET F 495 -7.21 -43.05 -3.66
N VAL F 496 -8.42 -43.42 -3.24
CA VAL F 496 -9.52 -42.47 -3.22
C VAL F 496 -9.26 -41.37 -2.21
N ASP F 497 -8.75 -41.74 -1.03
CA ASP F 497 -8.56 -40.79 0.05
C ASP F 497 -7.27 -39.98 -0.07
N ILE F 498 -6.17 -40.63 -0.45
CA ILE F 498 -4.86 -39.98 -0.46
C ILE F 498 -4.75 -39.17 -1.75
N ARG F 499 -5.05 -37.89 -1.67
CA ARG F 499 -4.77 -37.01 -2.79
C ARG F 499 -3.30 -36.63 -2.80
N PRO F 500 -2.72 -36.36 -3.97
CA PRO F 500 -1.31 -35.97 -4.01
C PRO F 500 -1.06 -34.69 -3.25
N SER F 501 0.14 -34.59 -2.66
CA SER F 501 0.56 -33.34 -2.05
C SER F 501 0.71 -32.25 -3.09
N ALA F 502 0.99 -32.61 -4.34
CA ALA F 502 1.13 -31.62 -5.39
C ALA F 502 -0.14 -30.79 -5.56
N MET F 503 -1.30 -31.40 -5.31
CA MET F 503 -2.57 -30.69 -5.55
C MET F 503 -2.74 -29.49 -4.63
N ARG F 504 -2.03 -29.43 -3.51
CA ARG F 504 -2.15 -28.30 -2.60
C ARG F 504 -1.29 -27.12 -3.02
N GLU F 505 -0.46 -27.27 -4.05
CA GLU F 505 0.27 -26.14 -4.62
C GLU F 505 0.02 -26.08 -6.12
N ILE F 506 -0.01 -27.24 -6.77
CA ILE F 506 -0.41 -27.34 -8.17
C ILE F 506 -1.90 -27.65 -8.22
N PHE F 507 -2.73 -26.61 -8.14
CA PHE F 507 -4.18 -26.81 -8.15
C PHE F 507 -4.67 -27.07 -9.56
N LEU F 508 -5.42 -28.16 -9.73
CA LEU F 508 -5.91 -28.55 -11.05
C LEU F 508 -7.25 -29.27 -10.91
N GLU F 509 -8.15 -29.00 -11.85
CA GLU F 509 -9.48 -29.60 -11.83
C GLU F 509 -9.48 -30.99 -12.47
N MET F 510 -9.16 -31.06 -13.76
CA MET F 510 -9.18 -32.30 -14.53
C MET F 510 -10.38 -33.17 -14.17
N PRO F 511 -11.58 -32.81 -14.66
CA PRO F 511 -12.78 -33.56 -14.28
C PRO F 511 -12.89 -34.96 -14.89
N LYS F 512 -11.80 -35.50 -15.43
CA LYS F 512 -11.79 -36.88 -15.89
C LYS F 512 -12.77 -37.14 -17.03
N VAL F 513 -12.55 -36.52 -18.19
CA VAL F 513 -13.26 -36.86 -19.40
C VAL F 513 -12.41 -37.82 -20.22
N TYR F 514 -13.05 -38.60 -21.07
CA TYR F 514 -12.38 -39.53 -21.97
C TYR F 514 -12.83 -39.25 -23.40
N TRP F 515 -12.12 -39.86 -24.36
CA TRP F 515 -12.51 -39.70 -25.76
C TRP F 515 -13.81 -40.41 -26.09
N SER F 516 -14.24 -41.35 -25.25
CA SER F 516 -15.56 -41.93 -25.43
C SER F 516 -16.66 -40.94 -25.09
N ASP F 517 -16.32 -39.87 -24.37
CA ASP F 517 -17.26 -38.86 -23.95
C ASP F 517 -17.25 -37.63 -24.84
N ILE F 518 -16.58 -37.70 -25.99
CA ILE F 518 -16.53 -36.60 -26.95
C ILE F 518 -17.03 -37.12 -28.28
N GLY F 519 -18.33 -36.99 -28.54
CA GLY F 519 -18.87 -37.48 -29.79
C GLY F 519 -18.26 -36.75 -30.97
N GLY F 520 -18.08 -37.48 -32.07
CA GLY F 520 -17.47 -36.89 -33.24
C GLY F 520 -16.04 -36.48 -32.96
N GLN F 521 -15.58 -35.46 -33.68
CA GLN F 521 -14.25 -34.90 -33.49
C GLN F 521 -13.17 -35.95 -33.68
N GLU F 522 -13.46 -36.98 -34.49
CA GLU F 522 -12.42 -37.92 -34.87
C GLU F 522 -11.26 -37.18 -35.51
N GLU F 523 -11.57 -36.20 -36.37
CA GLU F 523 -10.53 -35.38 -36.97
C GLU F 523 -9.73 -34.66 -35.90
N LEU F 524 -10.41 -34.09 -34.90
CA LEU F 524 -9.70 -33.34 -33.87
C LEU F 524 -8.91 -34.26 -32.94
N LYS F 525 -9.42 -35.45 -32.66
CA LYS F 525 -8.63 -36.40 -31.87
C LYS F 525 -7.37 -36.78 -32.63
N THR F 526 -7.49 -37.03 -33.93
CA THR F 526 -6.32 -37.34 -34.75
C THR F 526 -5.33 -36.19 -34.72
N LYS F 527 -5.82 -34.96 -34.93
CA LYS F 527 -4.93 -33.80 -34.96
C LYS F 527 -4.24 -33.60 -33.62
N MET F 528 -4.97 -33.76 -32.51
CA MET F 528 -4.37 -33.58 -31.20
C MET F 528 -3.30 -34.64 -30.96
N LYS F 529 -3.61 -35.90 -31.27
CA LYS F 529 -2.57 -36.92 -31.25
C LYS F 529 -1.33 -36.43 -31.99
N GLU F 530 -1.48 -36.20 -33.30
CA GLU F 530 -0.35 -35.85 -34.14
C GLU F 530 0.45 -34.71 -33.55
N MET F 531 -0.22 -33.66 -33.10
CA MET F 531 0.38 -32.37 -32.94
C MET F 531 0.78 -32.07 -31.51
N ILE F 532 0.33 -32.87 -30.54
CA ILE F 532 0.68 -32.63 -29.15
C ILE F 532 1.21 -33.92 -28.53
N GLN F 533 0.53 -35.05 -28.74
CA GLN F 533 0.87 -36.23 -27.97
C GLN F 533 2.15 -36.87 -28.49
N LEU F 534 2.32 -36.92 -29.81
CA LEU F 534 3.58 -37.43 -30.37
C LEU F 534 4.76 -36.56 -29.97
N PRO F 535 4.77 -35.25 -30.26
CA PRO F 535 5.92 -34.43 -29.83
C PRO F 535 6.13 -34.40 -28.33
N LEU F 536 5.08 -34.55 -27.52
CA LEU F 536 5.25 -34.66 -26.09
C LEU F 536 6.05 -35.91 -25.74
N GLU F 537 5.53 -37.08 -26.13
CA GLU F 537 6.10 -38.33 -25.68
C GLU F 537 7.34 -38.72 -26.51
N ALA F 538 7.33 -38.39 -27.81
CA ALA F 538 8.34 -38.86 -28.74
C ALA F 538 9.51 -37.88 -28.87
N SER F 539 9.81 -37.11 -27.81
CA SER F 539 10.81 -36.06 -27.92
C SER F 539 12.15 -36.61 -28.37
N GLU F 540 12.57 -37.75 -27.83
CA GLU F 540 13.85 -38.32 -28.22
C GLU F 540 13.87 -38.69 -29.70
N THR F 541 12.76 -39.25 -30.20
CA THR F 541 12.71 -39.63 -31.60
C THR F 541 12.81 -38.40 -32.51
N PHE F 542 12.26 -37.27 -32.07
CA PHE F 542 12.40 -36.04 -32.85
C PHE F 542 13.81 -35.48 -32.75
N ALA F 543 14.46 -35.62 -31.58
CA ALA F 543 15.88 -35.30 -31.50
C ALA F 543 16.67 -36.16 -32.47
N ARG F 544 16.20 -37.38 -32.76
CA ARG F 544 16.82 -38.19 -33.79
C ARG F 544 16.42 -37.72 -35.18
N LEU F 545 15.11 -37.63 -35.43
CA LEU F 545 14.59 -37.44 -36.78
C LEU F 545 14.62 -35.99 -37.24
N GLY F 546 14.97 -35.05 -36.36
CA GLY F 546 15.05 -33.66 -36.76
C GLY F 546 13.72 -32.99 -36.99
N ILE F 547 12.61 -33.63 -36.62
CA ILE F 547 11.31 -33.01 -36.79
C ILE F 547 11.20 -31.80 -35.86
N SER F 548 10.35 -30.86 -36.23
CA SER F 548 10.04 -29.70 -35.40
C SER F 548 8.65 -29.88 -34.80
N ALA F 549 8.58 -29.88 -33.47
CA ALA F 549 7.29 -30.01 -32.81
C ALA F 549 6.55 -28.68 -32.89
N PRO F 550 5.25 -28.71 -33.19
CA PRO F 550 4.49 -27.45 -33.23
C PRO F 550 4.28 -26.85 -31.85
N LYS F 551 5.32 -26.22 -31.32
CA LYS F 551 5.19 -25.52 -30.04
C LYS F 551 4.03 -24.53 -30.11
N GLY F 552 3.01 -24.78 -29.30
CA GLY F 552 1.86 -23.90 -29.25
C GLY F 552 0.77 -24.28 -30.23
N VAL F 553 -0.35 -24.79 -29.74
CA VAL F 553 -1.54 -24.99 -30.54
C VAL F 553 -2.66 -24.18 -29.91
N LEU F 554 -3.27 -23.31 -30.71
CA LEU F 554 -4.37 -22.47 -30.26
C LEU F 554 -5.68 -23.08 -30.76
N LEU F 555 -6.57 -23.42 -29.83
CA LEU F 555 -7.86 -23.97 -30.16
C LEU F 555 -8.88 -22.84 -30.24
N TYR F 556 -9.43 -22.59 -31.41
CA TYR F 556 -10.40 -21.53 -31.61
C TYR F 556 -11.64 -22.08 -32.29
N GLY F 557 -12.79 -21.62 -31.83
CA GLY F 557 -14.07 -22.10 -32.33
C GLY F 557 -15.24 -21.53 -31.57
N PRO F 558 -16.45 -21.77 -32.05
CA PRO F 558 -17.63 -21.13 -31.47
C PRO F 558 -17.83 -21.57 -30.04
N PRO F 559 -18.65 -20.85 -29.27
CA PRO F 559 -18.96 -21.29 -27.91
C PRO F 559 -19.70 -22.62 -27.92
N GLY F 560 -19.40 -23.45 -26.92
CA GLY F 560 -20.14 -24.68 -26.74
C GLY F 560 -19.66 -25.85 -27.56
N CYS F 561 -18.55 -25.71 -28.28
CA CYS F 561 -17.97 -26.81 -29.03
C CYS F 561 -16.96 -27.53 -28.12
N SER F 562 -16.14 -28.41 -28.69
CA SER F 562 -15.36 -29.36 -27.92
C SER F 562 -14.01 -28.83 -27.45
N LYS F 563 -13.82 -27.52 -27.33
CA LYS F 563 -12.49 -27.01 -27.00
C LYS F 563 -12.01 -27.46 -25.63
N THR F 564 -12.64 -26.98 -24.55
CA THR F 564 -12.15 -27.34 -23.22
C THR F 564 -12.45 -28.79 -22.91
N LEU F 565 -13.52 -29.34 -23.49
CA LEU F 565 -13.80 -30.77 -23.28
C LEU F 565 -12.68 -31.63 -23.85
N THR F 566 -12.22 -31.31 -25.06
CA THR F 566 -11.07 -32.03 -25.62
C THR F 566 -9.81 -31.77 -24.80
N ALA F 567 -9.64 -30.54 -24.30
CA ALA F 567 -8.49 -30.27 -23.44
C ALA F 567 -8.50 -31.19 -22.23
N LYS F 568 -9.64 -31.30 -21.55
CA LYS F 568 -9.71 -32.16 -20.37
C LYS F 568 -9.48 -33.63 -20.73
N ALA F 569 -10.12 -34.10 -21.80
CA ALA F 569 -9.95 -35.49 -22.19
C ALA F 569 -8.48 -35.79 -22.49
N LEU F 570 -7.82 -34.90 -23.23
CA LEU F 570 -6.39 -35.03 -23.45
C LEU F 570 -5.62 -35.04 -22.14
N ALA F 571 -6.04 -34.21 -21.18
CA ALA F 571 -5.32 -34.12 -19.90
C ALA F 571 -5.38 -35.43 -19.14
N THR F 572 -6.54 -36.09 -19.13
CA THR F 572 -6.70 -37.33 -18.38
C THR F 572 -6.53 -38.58 -19.21
N GLU F 573 -7.19 -38.69 -20.36
CA GLU F 573 -6.89 -39.77 -21.30
C GLU F 573 -5.49 -39.56 -21.85
N SER F 574 -4.73 -40.66 -21.94
CA SER F 574 -3.34 -40.58 -22.39
C SER F 574 -2.55 -39.62 -21.51
N GLY F 575 -2.50 -39.93 -20.21
CA GLY F 575 -2.11 -38.96 -19.20
C GLY F 575 -0.79 -38.24 -19.41
N ILE F 576 -0.80 -36.93 -19.15
CA ILE F 576 0.39 -36.11 -19.01
C ILE F 576 0.12 -35.11 -17.91
N ASN F 577 1.18 -34.47 -17.41
CA ASN F 577 0.97 -33.36 -16.50
C ASN F 577 0.30 -32.21 -17.26
N PHE F 578 -0.61 -31.52 -16.58
CA PHE F 578 -1.53 -30.61 -17.25
C PHE F 578 -1.82 -29.44 -16.31
N LEU F 579 -1.05 -28.37 -16.46
CA LEU F 579 -1.11 -27.21 -15.59
C LEU F 579 -1.76 -26.04 -16.31
N ALA F 580 -2.68 -25.35 -15.64
CA ALA F 580 -3.42 -24.25 -16.24
C ALA F 580 -3.49 -23.09 -15.25
N VAL F 581 -3.94 -21.95 -15.76
CA VAL F 581 -4.16 -20.75 -14.95
C VAL F 581 -5.49 -20.13 -15.36
N LYS F 582 -5.86 -19.08 -14.65
CA LYS F 582 -7.04 -18.28 -14.97
C LYS F 582 -6.68 -16.81 -14.93
N GLY F 583 -7.39 -16.00 -15.71
CA GLY F 583 -7.15 -14.59 -15.72
C GLY F 583 -7.42 -13.94 -14.38
N PRO F 584 -8.61 -14.16 -13.82
CA PRO F 584 -8.98 -13.49 -12.56
C PRO F 584 -8.17 -13.90 -11.34
N GLU F 585 -7.28 -14.88 -11.46
CA GLU F 585 -6.46 -15.30 -10.32
C GLU F 585 -5.02 -14.86 -10.43
N ILE F 586 -4.48 -14.67 -11.63
CA ILE F 586 -3.14 -14.12 -11.77
C ILE F 586 -3.06 -12.65 -11.39
N PHE F 587 -4.20 -11.97 -11.29
CA PHE F 587 -4.25 -10.54 -11.03
C PHE F 587 -4.57 -10.29 -9.57
N ASN F 588 -3.80 -9.41 -8.94
CA ASN F 588 -3.98 -9.08 -7.54
C ASN F 588 -3.86 -7.57 -7.35
N LYS F 589 -4.49 -7.10 -6.27
CA LYS F 589 -4.59 -5.66 -6.04
C LYS F 589 -3.22 -5.01 -5.88
N TYR F 590 -2.29 -5.68 -5.21
CA TYR F 590 -1.02 -5.06 -4.86
C TYR F 590 -0.08 -5.00 -6.06
N VAL F 591 0.94 -4.15 -5.93
CA VAL F 591 1.82 -3.83 -7.06
C VAL F 591 2.76 -5.00 -7.33
N GLY F 592 2.86 -5.39 -8.60
CA GLY F 592 3.80 -6.39 -9.03
C GLY F 592 3.47 -7.81 -8.64
N GLU F 593 2.31 -8.04 -8.00
CA GLU F 593 1.96 -9.39 -7.59
C GLU F 593 1.50 -10.24 -8.75
N SER F 594 1.07 -9.62 -9.86
CA SER F 594 0.69 -10.39 -11.04
C SER F 594 1.91 -10.91 -11.78
N GLU F 595 2.96 -10.10 -11.91
CA GLU F 595 4.20 -10.55 -12.53
C GLU F 595 4.77 -11.75 -11.79
N ARG F 596 4.89 -11.61 -10.46
CA ARG F 596 5.43 -12.70 -9.64
C ARG F 596 4.63 -13.97 -9.86
N ALA F 597 3.30 -13.85 -9.98
CA ALA F 597 2.47 -15.02 -10.15
C ALA F 597 2.78 -15.74 -11.45
N ILE F 598 2.96 -15.00 -12.54
CA ILE F 598 3.22 -15.63 -13.83
C ILE F 598 4.58 -16.32 -13.82
N ARG F 599 5.60 -15.62 -13.32
CA ARG F 599 6.92 -16.25 -13.31
C ARG F 599 6.92 -17.47 -12.41
N GLU F 600 6.15 -17.42 -11.31
CA GLU F 600 6.05 -18.58 -10.42
C GLU F 600 5.29 -19.72 -11.08
N ILE F 601 4.29 -19.41 -11.90
CA ILE F 601 3.57 -20.45 -12.63
C ILE F 601 4.52 -21.19 -13.55
N PHE F 602 5.35 -20.46 -14.29
CA PHE F 602 6.31 -21.14 -15.15
C PHE F 602 7.36 -21.90 -14.33
N ARG F 603 7.81 -21.30 -13.22
CA ARG F 603 8.76 -21.98 -12.34
C ARG F 603 8.22 -23.34 -11.92
N LYS F 604 6.97 -23.38 -11.42
CA LYS F 604 6.36 -24.64 -11.03
C LYS F 604 6.16 -25.55 -12.23
N ALA F 605 5.86 -24.98 -13.40
CA ALA F 605 5.69 -25.78 -14.60
C ALA F 605 6.96 -26.53 -14.96
N ARG F 606 8.13 -25.99 -14.59
CA ARG F 606 9.39 -26.67 -14.90
C ARG F 606 9.49 -28.05 -14.27
N SER F 607 8.55 -28.43 -13.40
CA SER F 607 8.70 -29.61 -12.54
C SER F 607 8.69 -30.94 -13.30
N ALA F 608 8.18 -31.00 -14.53
CA ALA F 608 7.98 -32.29 -15.18
C ALA F 608 8.05 -32.14 -16.68
N ALA F 609 8.02 -33.29 -17.35
CA ALA F 609 7.97 -33.36 -18.81
C ALA F 609 7.70 -34.80 -19.20
N PRO F 610 6.94 -35.04 -20.28
CA PRO F 610 6.22 -34.06 -21.10
C PRO F 610 5.11 -33.38 -20.31
N SER F 611 4.65 -32.22 -20.77
CA SER F 611 3.69 -31.43 -20.01
C SER F 611 3.02 -30.41 -20.92
N ILE F 612 1.72 -30.23 -20.72
CA ILE F 612 0.93 -29.24 -21.45
C ILE F 612 0.54 -28.14 -20.48
N ILE F 613 0.89 -26.90 -20.82
CA ILE F 613 0.33 -25.73 -20.16
C ILE F 613 -0.92 -25.33 -20.91
N PHE F 614 -2.00 -25.07 -20.18
CA PHE F 614 -3.30 -24.81 -20.78
C PHE F 614 -3.77 -23.43 -20.34
N PHE F 615 -3.86 -22.51 -21.29
CA PHE F 615 -4.35 -21.16 -21.05
C PHE F 615 -5.74 -21.05 -21.68
N ASP F 616 -6.75 -21.42 -20.89
CA ASP F 616 -8.13 -21.26 -21.32
C ASP F 616 -8.48 -19.78 -21.29
N GLU F 617 -9.23 -19.34 -22.29
CA GLU F 617 -9.59 -17.93 -22.44
C GLU F 617 -8.33 -17.06 -22.34
N ILE F 618 -7.37 -17.35 -23.22
CA ILE F 618 -6.15 -16.57 -23.26
C ILE F 618 -6.44 -15.12 -23.65
N ASP F 619 -7.61 -14.85 -24.22
CA ASP F 619 -7.96 -13.50 -24.61
C ASP F 619 -8.18 -12.59 -23.40
N ALA F 620 -8.32 -13.15 -22.21
CA ALA F 620 -8.44 -12.36 -20.99
C ALA F 620 -7.13 -12.30 -20.22
N LEU F 621 -6.02 -12.71 -20.84
CA LEU F 621 -4.69 -12.41 -20.35
C LEU F 621 -4.03 -11.29 -21.13
N SER F 622 -4.37 -11.14 -22.41
CA SER F 622 -3.90 -10.07 -23.26
C SER F 622 -5.09 -9.28 -23.82
N PRO F 623 -6.00 -8.80 -22.97
CA PRO F 623 -7.15 -8.06 -23.52
C PRO F 623 -6.78 -6.71 -24.08
N ASP F 624 -5.95 -5.95 -23.38
CA ASP F 624 -5.61 -4.59 -23.80
C ASP F 624 -4.33 -4.17 -23.09
N ARG F 625 -4.04 -2.86 -23.10
CA ARG F 625 -2.83 -2.26 -22.56
C ARG F 625 -1.61 -2.50 -23.44
N ASP F 626 -1.78 -3.14 -24.60
CA ASP F 626 -0.72 -3.25 -25.58
C ASP F 626 -1.16 -2.58 -26.87
N GLY F 627 -2.31 -2.98 -27.39
CA GLY F 627 -2.86 -2.30 -28.56
C GLY F 627 -3.48 -0.96 -28.23
N SER F 628 -3.96 -0.80 -26.99
CA SER F 628 -4.57 0.45 -26.56
C SER F 628 -4.51 0.51 -25.05
N SER F 629 -4.69 1.71 -24.51
CA SER F 629 -4.65 1.95 -23.06
C SER F 629 -3.31 1.49 -22.47
N THR F 630 -2.22 1.86 -23.14
CA THR F 630 -0.88 1.41 -22.76
C THR F 630 -0.31 2.29 -21.64
N SER F 631 -1.01 2.32 -20.51
CA SER F 631 -0.62 3.27 -19.47
C SER F 631 0.52 2.77 -18.59
N ALA F 632 0.24 1.80 -17.70
CA ALA F 632 1.34 1.25 -16.89
C ALA F 632 1.15 -0.20 -16.46
N ALA F 633 0.25 -0.98 -17.07
CA ALA F 633 -0.15 -2.23 -16.44
C ALA F 633 -0.22 -3.43 -17.39
N ASN F 634 0.53 -3.40 -18.49
CA ASN F 634 0.63 -4.55 -19.38
C ASN F 634 1.70 -5.54 -18.94
N HIS F 635 2.12 -5.49 -17.66
CA HIS F 635 3.22 -6.33 -17.20
C HIS F 635 2.90 -7.81 -17.32
N VAL F 636 1.64 -8.20 -17.17
CA VAL F 636 1.29 -9.61 -17.27
C VAL F 636 1.59 -10.14 -18.66
N LEU F 637 1.20 -9.39 -19.69
CA LEU F 637 1.52 -9.77 -21.05
C LEU F 637 3.03 -9.80 -21.26
N THR F 638 3.74 -8.79 -20.72
CA THR F 638 5.19 -8.77 -20.83
C THR F 638 5.79 -10.07 -20.31
N SER F 639 5.37 -10.49 -19.10
CA SER F 639 5.97 -11.66 -18.48
C SER F 639 5.62 -12.93 -19.24
N LEU F 640 4.35 -13.10 -19.58
CA LEU F 640 3.95 -14.31 -20.29
C LEU F 640 4.65 -14.40 -21.64
N LEU F 641 4.74 -13.28 -22.36
CA LEU F 641 5.35 -13.24 -23.67
C LEU F 641 6.86 -13.37 -23.60
N ASN F 642 7.47 -13.03 -22.45
CA ASN F 642 8.87 -13.37 -22.24
C ASN F 642 9.04 -14.86 -22.04
N GLU F 643 8.23 -15.45 -21.16
CA GLU F 643 8.39 -16.86 -20.84
C GLU F 643 8.17 -17.74 -22.08
N ILE F 644 7.16 -17.43 -22.88
CA ILE F 644 6.83 -18.29 -24.02
C ILE F 644 8.04 -18.54 -24.92
N ASP F 645 9.05 -17.67 -24.87
CA ASP F 645 10.24 -17.87 -25.68
C ASP F 645 11.26 -18.76 -24.98
N GLY F 646 11.38 -18.65 -23.66
CA GLY F 646 12.41 -19.39 -22.95
C GLY F 646 12.26 -20.90 -23.04
N VAL F 647 11.02 -21.39 -23.08
CA VAL F 647 10.78 -22.82 -23.17
C VAL F 647 11.39 -23.33 -24.47
N GLU F 648 12.12 -24.44 -24.40
CA GLU F 648 12.78 -24.97 -25.57
C GLU F 648 11.76 -25.67 -26.47
N GLU F 649 12.13 -25.82 -27.75
CA GLU F 649 11.17 -26.24 -28.76
C GLU F 649 10.71 -27.68 -28.59
N LEU F 650 11.60 -28.59 -28.17
CA LEU F 650 11.24 -30.00 -27.99
C LEU F 650 11.72 -30.56 -26.66
N LYS F 651 12.06 -29.71 -25.69
CA LYS F 651 12.51 -30.20 -24.39
C LYS F 651 11.49 -31.08 -23.71
N GLY F 652 10.21 -30.97 -24.07
CA GLY F 652 9.18 -31.82 -23.50
C GLY F 652 7.91 -31.08 -23.15
N VAL F 653 8.02 -29.79 -22.84
CA VAL F 653 6.86 -28.98 -22.52
C VAL F 653 6.24 -28.45 -23.80
N VAL F 654 4.91 -28.52 -23.88
CA VAL F 654 4.14 -27.90 -24.95
C VAL F 654 3.07 -27.05 -24.27
N ILE F 655 2.49 -26.13 -25.04
CA ILE F 655 1.55 -25.17 -24.50
C ILE F 655 0.31 -25.13 -25.40
N VAL F 656 -0.86 -25.33 -24.79
CA VAL F 656 -2.14 -25.29 -25.49
C VAL F 656 -2.94 -24.10 -24.95
N ALA F 657 -3.70 -23.47 -25.83
CA ALA F 657 -4.56 -22.34 -25.46
C ALA F 657 -5.89 -22.47 -26.17
N ALA F 658 -6.88 -21.73 -25.68
CA ALA F 658 -8.22 -21.77 -26.24
C ALA F 658 -8.82 -20.38 -26.23
N THR F 659 -9.68 -20.12 -27.22
CA THR F 659 -10.36 -18.84 -27.31
C THR F 659 -11.55 -18.96 -28.26
N ASN F 660 -12.62 -18.26 -27.94
CA ASN F 660 -13.70 -17.99 -28.87
C ASN F 660 -13.72 -16.53 -29.31
N ARG F 661 -12.68 -15.77 -28.97
CA ARG F 661 -12.48 -14.41 -29.46
C ARG F 661 -11.09 -14.32 -30.08
N PRO F 662 -10.86 -14.98 -31.20
CA PRO F 662 -9.48 -15.11 -31.70
C PRO F 662 -8.76 -13.79 -31.93
N ASP F 663 -9.43 -12.77 -32.43
CA ASP F 663 -8.76 -11.51 -32.72
C ASP F 663 -8.56 -10.65 -31.48
N GLU F 664 -9.10 -11.06 -30.34
CA GLU F 664 -8.80 -10.39 -29.08
C GLU F 664 -7.42 -10.76 -28.55
N ILE F 665 -6.83 -11.85 -29.07
CA ILE F 665 -5.50 -12.25 -28.66
C ILE F 665 -4.48 -11.30 -29.27
N ASP F 666 -3.61 -10.74 -28.44
CA ASP F 666 -2.57 -9.85 -28.94
C ASP F 666 -1.72 -10.57 -29.97
N ALA F 667 -1.40 -9.87 -31.06
CA ALA F 667 -0.61 -10.49 -32.12
C ALA F 667 0.76 -10.93 -31.63
N ALA F 668 1.21 -10.42 -30.49
CA ALA F 668 2.50 -10.85 -29.95
C ALA F 668 2.53 -12.35 -29.70
N LEU F 669 1.40 -12.94 -29.31
CA LEU F 669 1.37 -14.37 -29.02
C LEU F 669 1.39 -15.23 -30.28
N LEU F 670 0.84 -14.73 -31.38
CA LEU F 670 0.75 -15.53 -32.61
C LEU F 670 1.98 -15.40 -33.49
N ARG F 671 3.01 -14.70 -33.04
CA ARG F 671 4.27 -14.68 -33.77
C ARG F 671 4.86 -16.09 -33.80
N PRO F 672 5.31 -16.59 -34.96
CA PRO F 672 5.83 -17.96 -35.02
C PRO F 672 6.98 -18.16 -34.05
N GLY F 673 7.14 -19.41 -33.61
CA GLY F 673 7.91 -19.72 -32.43
C GLY F 673 7.13 -19.59 -31.14
N ARG F 674 6.17 -18.67 -31.10
CA ARG F 674 5.32 -18.57 -29.91
C ARG F 674 4.12 -19.49 -30.09
N LEU F 675 2.97 -18.92 -30.47
CA LEU F 675 1.79 -19.73 -30.70
C LEU F 675 1.21 -19.43 -32.06
N ASP F 676 1.69 -20.10 -33.09
CA ASP F 676 1.24 -19.84 -34.45
C ASP F 676 0.33 -20.94 -34.97
N ARG F 677 0.40 -22.11 -34.36
CA ARG F 677 -0.42 -23.24 -34.81
C ARG F 677 -1.85 -23.06 -34.33
N HIS F 678 -2.80 -23.23 -35.24
CA HIS F 678 -4.20 -23.04 -34.88
C HIS F 678 -5.01 -24.24 -35.36
N ILE F 679 -5.97 -24.68 -34.54
CA ILE F 679 -6.88 -25.75 -34.90
C ILE F 679 -8.30 -25.23 -34.72
N TYR F 680 -9.14 -25.46 -35.72
CA TYR F 680 -10.52 -25.01 -35.69
C TYR F 680 -11.42 -26.09 -35.10
N VAL F 681 -12.19 -25.72 -34.08
CA VAL F 681 -13.15 -26.62 -33.46
C VAL F 681 -14.54 -26.11 -33.79
N GLY F 682 -15.12 -26.58 -34.89
CA GLY F 682 -16.36 -26.05 -35.37
C GLY F 682 -17.55 -26.84 -34.87
N PRO F 683 -18.74 -26.39 -35.25
CA PRO F 683 -19.95 -27.10 -34.84
C PRO F 683 -19.93 -28.53 -35.34
N PRO F 684 -20.48 -29.47 -34.58
CA PRO F 684 -20.42 -30.88 -34.98
C PRO F 684 -21.27 -31.17 -36.21
N ASP F 685 -20.80 -32.10 -37.03
CA ASP F 685 -21.55 -32.54 -38.19
C ASP F 685 -22.62 -33.54 -37.77
N VAL F 686 -23.38 -34.04 -38.75
CA VAL F 686 -24.55 -34.87 -38.46
C VAL F 686 -24.14 -36.08 -37.64
N ASN F 687 -23.04 -36.73 -38.01
CA ASN F 687 -22.64 -37.96 -37.33
C ASN F 687 -22.16 -37.69 -35.91
N ALA F 688 -21.47 -36.56 -35.69
CA ALA F 688 -21.03 -36.21 -34.35
C ALA F 688 -22.22 -35.97 -33.43
N ARG F 689 -23.22 -35.22 -33.93
CA ARG F 689 -24.39 -34.94 -33.13
C ARG F 689 -25.10 -36.23 -32.73
N LEU F 690 -25.13 -37.21 -33.63
CA LEU F 690 -25.79 -38.47 -33.29
C LEU F 690 -25.02 -39.24 -32.23
N GLU F 691 -23.69 -39.16 -32.24
CA GLU F 691 -22.92 -39.77 -31.15
C GLU F 691 -23.20 -39.09 -29.83
N ILE F 692 -23.27 -37.76 -29.82
CA ILE F 692 -23.63 -37.04 -28.60
C ILE F 692 -25.00 -37.48 -28.13
N LEU F 693 -25.96 -37.57 -29.06
CA LEU F 693 -27.31 -37.98 -28.71
C LEU F 693 -27.33 -39.39 -28.13
N LYS F 694 -26.59 -40.31 -28.74
CA LYS F 694 -26.56 -41.68 -28.26
C LYS F 694 -25.98 -41.75 -26.85
N LYS F 695 -24.91 -41.01 -26.59
CA LYS F 695 -24.33 -41.01 -25.25
C LYS F 695 -25.32 -40.43 -24.24
N CYS F 696 -25.85 -39.24 -24.51
CA CYS F 696 -26.62 -38.52 -23.50
C CYS F 696 -28.05 -39.01 -23.36
N THR F 697 -28.54 -39.81 -24.31
CA THR F 697 -29.83 -40.48 -24.18
C THR F 697 -29.69 -41.93 -23.76
N LYS F 698 -28.53 -42.31 -23.21
CA LYS F 698 -28.27 -43.72 -22.94
C LYS F 698 -29.36 -44.35 -22.08
N LYS F 699 -29.69 -43.73 -20.95
CA LYS F 699 -30.65 -44.31 -20.03
C LYS F 699 -32.08 -44.00 -20.41
N PHE F 700 -32.30 -43.13 -21.38
CA PHE F 700 -33.59 -43.06 -22.04
C PHE F 700 -33.81 -44.33 -22.85
N ASN F 701 -34.98 -44.94 -22.68
CA ASN F 701 -35.34 -46.11 -23.48
C ASN F 701 -35.83 -45.66 -24.86
N THR F 702 -34.93 -44.98 -25.58
CA THR F 702 -35.24 -44.51 -26.92
C THR F 702 -35.64 -45.66 -27.84
N GLU F 703 -35.04 -46.83 -27.66
CA GLU F 703 -35.40 -47.98 -28.48
C GLU F 703 -36.86 -48.36 -28.26
N GLU F 704 -37.26 -48.55 -27.01
CA GLU F 704 -38.63 -48.95 -26.71
C GLU F 704 -39.63 -47.89 -27.15
N SER F 705 -39.32 -46.61 -26.89
CA SER F 705 -40.24 -45.53 -27.20
C SER F 705 -40.28 -45.18 -28.68
N GLY F 706 -39.37 -45.72 -29.48
CA GLY F 706 -39.36 -45.42 -30.89
C GLY F 706 -38.78 -44.07 -31.24
N VAL F 707 -38.00 -43.47 -30.35
CA VAL F 707 -37.35 -42.20 -30.64
C VAL F 707 -36.19 -42.48 -31.57
N ASP F 708 -36.39 -42.25 -32.86
CA ASP F 708 -35.38 -42.57 -33.87
C ASP F 708 -34.37 -41.44 -33.90
N LEU F 709 -33.18 -41.69 -33.35
CA LEU F 709 -32.17 -40.63 -33.27
C LEU F 709 -31.87 -40.06 -34.64
N HIS F 710 -31.82 -40.89 -35.68
CA HIS F 710 -31.47 -40.40 -37.01
C HIS F 710 -32.42 -39.33 -37.52
N GLU F 711 -33.51 -39.05 -36.81
CA GLU F 711 -34.34 -37.88 -37.11
C GLU F 711 -33.86 -36.67 -36.34
N LEU F 712 -33.53 -36.86 -35.06
CA LEU F 712 -33.07 -35.75 -34.23
C LEU F 712 -31.73 -35.22 -34.71
N ALA F 713 -30.83 -36.12 -35.13
CA ALA F 713 -29.50 -35.70 -35.55
C ALA F 713 -29.56 -34.76 -36.75
N ASP F 714 -30.55 -34.92 -37.62
CA ASP F 714 -30.66 -34.02 -38.76
C ASP F 714 -31.51 -32.80 -38.44
N ARG F 715 -32.59 -32.96 -37.65
CA ARG F 715 -33.35 -31.78 -37.25
C ARG F 715 -32.47 -30.81 -36.48
N THR F 716 -31.55 -31.32 -35.68
CA THR F 716 -30.62 -30.48 -34.92
C THR F 716 -29.41 -30.05 -35.74
N GLU F 717 -29.65 -29.47 -36.91
CA GLU F 717 -28.55 -28.99 -37.73
C GLU F 717 -28.18 -27.57 -37.33
N GLY F 718 -26.87 -27.34 -37.18
CA GLY F 718 -26.37 -26.09 -36.64
C GLY F 718 -26.37 -26.02 -35.13
N TYR F 719 -26.82 -27.06 -34.44
CA TYR F 719 -26.74 -27.10 -32.99
C TYR F 719 -25.29 -27.33 -32.58
N SER F 720 -24.74 -26.41 -31.81
CA SER F 720 -23.31 -26.44 -31.47
C SER F 720 -23.11 -27.17 -30.16
N GLY F 721 -22.87 -28.47 -30.22
CA GLY F 721 -22.45 -29.20 -29.06
C GLY F 721 -23.43 -29.10 -27.90
N ALA F 722 -23.06 -28.29 -26.91
CA ALA F 722 -23.87 -28.13 -25.70
C ALA F 722 -25.36 -28.10 -25.99
N GLU F 723 -25.77 -27.52 -27.11
CA GLU F 723 -27.20 -27.42 -27.40
C GLU F 723 -27.80 -28.78 -27.74
N VAL F 724 -27.01 -29.68 -28.34
CA VAL F 724 -27.49 -31.05 -28.51
C VAL F 724 -27.65 -31.73 -27.17
N VAL F 725 -26.72 -31.49 -26.25
CA VAL F 725 -26.86 -32.01 -24.89
C VAL F 725 -28.08 -31.39 -24.21
N LEU F 726 -28.28 -30.08 -24.37
CA LEU F 726 -29.41 -29.42 -23.73
C LEU F 726 -30.73 -29.99 -24.23
N LEU F 727 -30.83 -30.27 -25.54
CA LEU F 727 -32.07 -30.80 -26.09
C LEU F 727 -32.46 -32.09 -25.40
N CYS F 728 -31.48 -32.83 -24.88
CA CYS F 728 -31.79 -34.09 -24.22
C CYS F 728 -32.14 -33.89 -22.75
N GLN F 729 -31.54 -32.91 -22.08
CA GLN F 729 -32.00 -32.56 -20.75
C GLN F 729 -33.45 -32.06 -20.80
N GLU F 730 -33.75 -31.18 -21.75
CA GLU F 730 -35.09 -30.62 -21.83
C GLU F 730 -36.12 -31.70 -22.15
N ALA F 731 -35.75 -32.67 -23.00
CA ALA F 731 -36.65 -33.78 -23.26
C ALA F 731 -36.95 -34.54 -21.97
N GLY F 732 -35.92 -34.77 -21.15
CA GLY F 732 -36.14 -35.47 -19.90
C GLY F 732 -37.03 -34.70 -18.95
N LEU F 733 -36.82 -33.39 -18.82
CA LEU F 733 -37.71 -32.60 -17.98
C LEU F 733 -39.14 -32.62 -18.50
N ALA F 734 -39.31 -32.55 -19.82
CA ALA F 734 -40.66 -32.66 -20.38
C ALA F 734 -41.28 -34.01 -20.02
N ALA F 735 -40.47 -35.07 -19.99
CA ALA F 735 -40.98 -36.38 -19.60
C ALA F 735 -41.36 -36.42 -18.13
N ILE F 736 -40.51 -35.90 -17.25
CA ILE F 736 -40.76 -35.98 -15.82
C ILE F 736 -41.96 -35.14 -15.43
N MET F 737 -42.07 -33.94 -15.99
CA MET F 737 -43.23 -33.10 -15.67
C MET F 737 -44.54 -33.72 -16.11
N GLU F 738 -44.53 -34.55 -17.15
CA GLU F 738 -45.77 -35.20 -17.59
C GLU F 738 -46.23 -36.23 -16.57
N ASP F 739 -45.34 -37.10 -16.12
CA ASP F 739 -45.68 -38.07 -15.08
C ASP F 739 -44.40 -38.41 -14.32
N LEU F 740 -44.21 -37.75 -13.18
CA LEU F 740 -43.10 -38.09 -12.29
C LEU F 740 -43.11 -39.60 -12.05
N ASP F 741 -41.94 -40.16 -11.74
CA ASP F 741 -41.74 -41.61 -11.80
C ASP F 741 -41.80 -42.09 -13.25
N VAL F 742 -40.99 -41.47 -14.11
CA VAL F 742 -40.94 -41.82 -15.52
C VAL F 742 -40.21 -43.14 -15.69
N ALA F 743 -40.61 -43.90 -16.71
CA ALA F 743 -39.90 -45.10 -17.13
C ALA F 743 -39.10 -44.85 -18.40
N LYS F 744 -39.65 -44.06 -19.32
CA LYS F 744 -39.01 -43.79 -20.60
C LYS F 744 -39.43 -42.42 -21.08
N VAL F 745 -38.67 -41.89 -22.04
CA VAL F 745 -38.99 -40.64 -22.70
C VAL F 745 -39.32 -40.93 -24.16
N GLU F 746 -40.07 -40.02 -24.77
CA GLU F 746 -40.73 -40.28 -26.05
C GLU F 746 -40.57 -39.09 -26.97
N LEU F 747 -40.96 -39.30 -28.24
CA LEU F 747 -40.68 -38.31 -29.28
C LEU F 747 -41.37 -36.99 -29.00
N ARG F 748 -42.61 -37.01 -28.49
CA ARG F 748 -43.31 -35.76 -28.22
C ARG F 748 -42.53 -34.89 -27.22
N HIS F 749 -41.87 -35.51 -26.25
CA HIS F 749 -41.01 -34.76 -25.34
C HIS F 749 -39.88 -34.09 -26.09
N PHE F 750 -39.29 -34.80 -27.06
CA PHE F 750 -38.24 -34.20 -27.87
C PHE F 750 -38.76 -33.07 -28.74
N GLU F 751 -40.00 -33.18 -29.21
CA GLU F 751 -40.61 -32.06 -29.94
C GLU F 751 -40.73 -30.84 -29.04
N LYS F 752 -41.23 -31.04 -27.82
CA LYS F 752 -41.34 -29.93 -26.88
C LYS F 752 -39.98 -29.31 -26.60
N ALA F 753 -38.95 -30.16 -26.47
CA ALA F 753 -37.60 -29.65 -26.23
C ALA F 753 -37.12 -28.84 -27.42
N PHE F 754 -37.31 -29.36 -28.64
CA PHE F 754 -36.81 -28.69 -29.82
C PHE F 754 -37.46 -27.32 -30.01
N LYS F 755 -38.78 -27.24 -29.78
CA LYS F 755 -39.46 -25.97 -30.02
C LYS F 755 -39.03 -24.86 -29.08
N GLY F 756 -38.14 -25.13 -28.12
CA GLY F 756 -37.76 -24.13 -27.15
C GLY F 756 -36.29 -23.71 -27.17
N ILE F 757 -35.51 -24.24 -28.10
CA ILE F 757 -34.07 -24.02 -28.14
C ILE F 757 -33.73 -23.17 -29.35
N ALA F 758 -32.84 -22.20 -29.16
CA ALA F 758 -32.35 -21.32 -30.22
C ALA F 758 -30.84 -21.51 -30.38
N ARG F 759 -30.35 -21.10 -31.55
CA ARG F 759 -28.97 -21.39 -31.96
C ARG F 759 -28.11 -20.13 -31.96
N GLY F 760 -26.89 -20.28 -32.47
CA GLY F 760 -25.93 -19.19 -32.50
C GLY F 760 -26.09 -18.30 -33.72
N ILE F 761 -25.12 -17.38 -33.87
CA ILE F 761 -25.23 -16.27 -34.81
C ILE F 761 -24.34 -16.55 -36.03
N THR F 762 -24.96 -16.69 -37.21
CA THR F 762 -24.19 -17.02 -38.41
C THR F 762 -23.35 -15.85 -38.95
N PRO F 763 -23.67 -14.57 -38.67
CA PRO F 763 -22.68 -13.50 -38.99
C PRO F 763 -21.56 -13.42 -37.96
N GLU F 764 -21.55 -14.33 -36.98
CA GLU F 764 -20.49 -14.36 -35.98
C GLU F 764 -19.89 -15.75 -35.92
N MET F 765 -20.69 -16.75 -36.26
CA MET F 765 -20.24 -18.13 -36.38
C MET F 765 -20.35 -18.58 -37.84
N LEU F 766 -19.28 -19.22 -38.32
CA LEU F 766 -18.97 -19.41 -39.73
C LEU F 766 -18.47 -18.12 -40.37
N SER F 767 -18.56 -17.01 -39.63
CA SER F 767 -17.81 -15.81 -39.99
C SER F 767 -17.01 -15.36 -38.78
N TYR F 768 -15.95 -14.58 -39.04
CA TYR F 768 -15.04 -14.14 -37.99
C TYR F 768 -14.17 -15.31 -37.53
N TYR F 769 -14.47 -16.52 -38.03
CA TYR F 769 -13.54 -17.63 -37.90
C TYR F 769 -13.03 -18.07 -39.26
N GLU F 770 -13.89 -18.04 -40.27
CA GLU F 770 -13.43 -18.17 -41.65
C GLU F 770 -12.47 -17.04 -42.00
N GLU F 771 -12.79 -15.82 -41.57
CA GLU F 771 -11.87 -14.70 -41.75
C GLU F 771 -10.57 -14.92 -40.96
N PHE F 772 -10.68 -15.40 -39.72
CA PHE F 772 -9.48 -15.64 -38.94
C PHE F 772 -8.65 -16.79 -39.51
N ALA F 773 -9.28 -17.66 -40.29
CA ALA F 773 -8.51 -18.67 -41.02
C ALA F 773 -7.66 -18.05 -42.12
N LEU F 774 -7.85 -16.77 -42.42
CA LEU F 774 -7.10 -16.09 -43.45
C LEU F 774 -6.33 -14.91 -42.86
N UNK G 1 7.06 -6.57 31.56
CA UNK G 1 6.72 -7.09 30.21
C UNK G 1 7.82 -6.74 29.23
N UNK G 2 8.02 -7.60 28.22
CA UNK G 2 9.16 -7.47 27.31
C UNK G 2 8.73 -7.15 25.89
N UNK G 3 7.84 -7.93 25.29
CA UNK G 3 7.53 -7.79 23.88
C UNK G 3 6.41 -6.77 23.70
N UNK G 4 6.77 -5.58 23.24
CA UNK G 4 5.81 -4.53 22.94
C UNK G 4 5.52 -4.53 21.44
N UNK G 5 4.26 -4.72 21.08
CA UNK G 5 3.88 -4.78 19.68
C UNK G 5 3.82 -3.39 19.08
N UNK G 6 4.34 -3.20 17.87
CA UNK G 6 4.45 -1.89 17.20
C UNK G 6 3.67 -1.86 15.89
N UNK G 7 2.93 -0.79 15.64
CA UNK G 7 2.09 -0.60 14.47
C UNK G 7 2.87 0.09 13.35
N UNK G 8 2.97 -0.57 12.19
CA UNK G 8 3.66 -0.09 11.02
C UNK G 8 2.67 0.55 10.03
N UNK G 9 2.96 1.76 9.57
CA UNK G 9 2.20 2.42 8.51
C UNK G 9 2.46 1.70 7.19
N UNK G 10 1.41 1.19 6.53
CA UNK G 10 1.55 0.46 5.29
C UNK G 10 0.34 0.74 4.39
N UNK G 11 0.60 0.90 3.10
CA UNK G 11 -0.45 1.03 2.11
C UNK G 11 0.15 0.89 0.72
N UNK G 12 -0.50 0.11 -0.14
CA UNK G 12 -0.05 -0.04 -1.52
C UNK G 12 -1.17 -0.73 -2.31
N UNK G 13 -1.54 -0.17 -3.45
CA UNK G 13 -2.61 -0.73 -4.25
C UNK G 13 -2.61 -0.09 -5.64
N UNK G 14 -2.68 -0.92 -6.66
CA UNK G 14 -2.88 -0.46 -8.03
C UNK G 14 -4.36 -0.22 -8.26
N UNK G 15 -4.70 0.93 -8.83
CA UNK G 15 -6.08 1.35 -9.01
C UNK G 15 -6.42 1.39 -10.49
N UNK G 16 -7.52 0.75 -10.86
CA UNK G 16 -7.98 0.74 -12.25
C UNK G 16 -8.74 2.04 -12.52
N UNK G 17 -8.41 2.68 -13.63
CA UNK G 17 -9.02 3.95 -14.00
C UNK G 17 -9.72 3.82 -15.35
N UNK G 18 -10.92 4.40 -15.43
CA UNK G 18 -11.68 4.43 -16.67
C UNK G 18 -11.29 5.68 -17.46
N UNK G 19 -10.84 5.49 -18.69
CA UNK G 19 -10.44 6.59 -19.57
C UNK G 19 -11.32 6.59 -20.81
N UNK G 20 -11.81 7.76 -21.19
CA UNK G 20 -12.67 7.88 -22.36
C UNK G 20 -11.84 7.75 -23.64
#